data_7JYZ
#
_entry.id   7JYZ
#
loop_
_entity.id
_entity.type
_entity.pdbx_description
1 polymer Integrase
2 polymer 'Bromodomain-containing protein 3'
#
loop_
_entity_poly.entity_id
_entity_poly.type
_entity_poly.pdbx_seq_one_letter_code
_entity_poly.pdbx_strand_id
1 'polypeptide(L)'
;HHHHHHSHMVGDTVWVRRHQTKNLEPRWKGPYTVLLTTPTALKVDGIAAWIHAAHVKAADPGGGPSSRLTWRVQRSQNPL
KIRLTREAP
;
A
2 'polypeptide(L)'
;HHHHHHSHMGKQASASYDSEEEEEGLPMSYDEKRQLSLDINRLPGEKLGRVVHIIQSREPSLRDSNPDEIEIDFETLKPT
TLRELERYVKSCLQKK
;
B
#
# COMPACT_ATOMS: atom_id res chain seq x y z
N HIS A 1 46.60 -6.07 -7.98
CA HIS A 1 46.88 -5.25 -6.78
C HIS A 1 45.72 -5.39 -5.79
N HIS A 2 45.93 -6.26 -4.78
CA HIS A 2 44.98 -6.49 -3.69
C HIS A 2 45.77 -6.55 -2.38
N HIS A 3 45.70 -5.48 -1.59
CA HIS A 3 46.31 -5.43 -0.25
C HIS A 3 45.54 -6.37 0.68
N HIS A 4 46.28 -7.24 1.40
CA HIS A 4 45.70 -8.16 2.39
C HIS A 4 45.27 -7.33 3.63
N HIS A 5 44.10 -6.71 3.51
CA HIS A 5 43.53 -5.83 4.55
C HIS A 5 42.02 -5.84 4.45
N HIS A 6 41.38 -6.00 5.62
CA HIS A 6 39.93 -5.92 5.75
C HIS A 6 39.63 -4.80 6.73
N SER A 7 38.95 -3.72 6.28
CA SER A 7 38.61 -2.62 7.17
C SER A 7 37.41 -3.05 8.03
N HIS A 8 37.72 -3.42 9.28
CA HIS A 8 36.73 -3.73 10.32
C HIS A 8 36.70 -2.59 11.33
N MET A 9 35.53 -1.98 11.53
CA MET A 9 35.37 -0.85 12.43
C MET A 9 35.31 -1.35 13.88
N VAL A 10 36.18 -0.79 14.74
CA VAL A 10 36.15 -1.05 16.19
C VAL A 10 34.89 -0.42 16.80
N GLY A 11 34.09 -1.23 17.50
CA GLY A 11 32.79 -0.83 18.05
C GLY A 11 31.62 -1.48 17.31
N ASP A 12 31.88 -1.97 16.08
CA ASP A 12 30.85 -2.60 15.22
C ASP A 12 30.57 -4.04 15.69
N THR A 13 29.31 -4.48 15.55
CA THR A 13 28.92 -5.88 15.81
C THR A 13 29.20 -6.74 14.57
N VAL A 14 30.02 -7.77 14.72
CA VAL A 14 30.46 -8.64 13.62
C VAL A 14 30.23 -10.13 13.98
N TRP A 15 29.80 -10.90 12.98
CA TRP A 15 29.59 -12.34 13.09
C TRP A 15 30.95 -13.06 12.89
N VAL A 16 31.36 -13.84 13.89
CA VAL A 16 32.66 -14.55 13.88
C VAL A 16 32.44 -16.04 13.50
N ARG A 17 32.91 -16.42 12.30
CA ARG A 17 32.79 -17.79 11.75
C ARG A 17 33.80 -18.70 12.47
N ARG A 18 33.30 -19.86 12.94
CA ARG A 18 34.05 -20.81 13.75
C ARG A 18 35.27 -21.36 12.97
N HIS A 19 36.48 -20.98 13.45
CA HIS A 19 37.76 -21.27 12.78
C HIS A 19 38.12 -22.78 12.88
N GLN A 20 38.06 -23.46 11.73
CA GLN A 20 38.38 -24.90 11.58
C GLN A 20 38.33 -25.26 10.06
N THR A 21 38.03 -26.53 9.74
CA THR A 21 37.86 -27.00 8.34
C THR A 21 36.68 -26.29 7.63
N LYS A 22 36.81 -26.11 6.29
CA LYS A 22 35.83 -25.37 5.47
C LYS A 22 34.56 -26.24 5.22
N ASN A 23 33.63 -26.15 6.17
CA ASN A 23 32.29 -26.79 6.08
C ASN A 23 31.24 -25.72 6.34
N LEU A 24 30.09 -25.83 5.66
CA LEU A 24 28.99 -24.85 5.78
C LEU A 24 28.28 -24.96 7.15
N GLU A 25 28.48 -26.09 7.88
CA GLU A 25 27.82 -26.36 9.17
C GLU A 25 28.44 -25.53 10.34
N PRO A 26 29.82 -25.47 10.53
CA PRO A 26 30.47 -24.43 11.36
C PRO A 26 30.21 -23.04 10.77
N ARG A 27 29.20 -22.37 11.32
CA ARG A 27 28.80 -21.02 10.91
C ARG A 27 29.28 -19.99 11.94
N TRP A 28 29.01 -18.72 11.65
CA TRP A 28 29.29 -17.62 12.58
C TRP A 28 28.27 -17.53 13.71
N LYS A 29 28.67 -16.84 14.80
CA LYS A 29 27.80 -16.60 15.95
C LYS A 29 28.12 -15.23 16.58
N GLY A 30 27.20 -14.75 17.44
CA GLY A 30 27.29 -13.43 18.04
C GLY A 30 26.00 -12.64 17.77
N PRO A 31 26.04 -11.43 17.10
CA PRO A 31 27.29 -10.75 16.68
C PRO A 31 27.99 -10.02 17.84
N TYR A 32 29.33 -9.96 17.78
CA TYR A 32 30.18 -9.47 18.88
C TYR A 32 30.76 -8.09 18.56
N THR A 33 30.92 -7.26 19.60
CA THR A 33 31.48 -5.92 19.48
C THR A 33 33.01 -5.98 19.32
N VAL A 34 33.53 -5.38 18.22
CA VAL A 34 34.98 -5.35 17.94
C VAL A 34 35.69 -4.48 18.99
N LEU A 35 36.67 -5.07 19.68
CA LEU A 35 37.45 -4.38 20.72
C LEU A 35 38.80 -3.89 20.17
N LEU A 36 39.45 -4.76 19.37
CA LEU A 36 40.81 -4.53 18.83
C LEU A 36 40.82 -4.77 17.32
N THR A 37 41.71 -4.06 16.60
CA THR A 37 41.76 -4.06 15.12
C THR A 37 43.22 -4.05 14.63
N THR A 38 43.60 -5.08 13.82
CA THR A 38 44.90 -5.18 13.14
C THR A 38 44.64 -5.36 11.61
N PRO A 39 45.62 -5.05 10.68
CA PRO A 39 45.38 -5.05 9.19
C PRO A 39 44.71 -6.34 8.61
N THR A 40 44.84 -7.45 9.32
CA THR A 40 44.49 -8.80 8.82
C THR A 40 43.62 -9.59 9.82
N ALA A 41 43.50 -9.07 11.04
CA ALA A 41 42.77 -9.74 12.13
C ALA A 41 42.08 -8.69 13.03
N LEU A 42 41.28 -9.16 13.97
CA LEU A 42 40.59 -8.30 14.94
C LEU A 42 40.22 -9.14 16.14
N LYS A 43 40.19 -8.55 17.33
CA LYS A 43 39.73 -9.22 18.55
C LYS A 43 38.38 -8.64 18.93
N VAL A 44 37.43 -9.51 19.26
CA VAL A 44 36.06 -9.09 19.62
C VAL A 44 35.70 -9.59 21.02
N ASP A 45 34.60 -9.05 21.56
CA ASP A 45 34.04 -9.44 22.85
C ASP A 45 33.34 -10.81 22.75
N GLY A 46 33.17 -11.49 23.88
CA GLY A 46 32.38 -12.73 23.97
C GLY A 46 33.19 -13.98 23.64
N ILE A 47 33.96 -13.94 22.53
CA ILE A 47 34.79 -15.07 22.08
C ILE A 47 36.12 -15.12 22.89
N ALA A 48 36.60 -13.92 23.34
CA ALA A 48 37.83 -13.76 24.14
C ALA A 48 39.09 -14.34 23.43
N ALA A 49 39.17 -14.11 22.11
CA ALA A 49 40.28 -14.60 21.26
C ALA A 49 40.43 -13.72 20.01
N TRP A 50 41.64 -13.72 19.41
CA TRP A 50 41.91 -13.05 18.13
C TRP A 50 41.35 -13.90 16.96
N ILE A 51 40.63 -13.23 16.04
CA ILE A 51 40.02 -13.87 14.85
C ILE A 51 40.61 -13.24 13.58
N HIS A 52 40.89 -14.05 12.55
CA HIS A 52 41.33 -13.56 11.23
C HIS A 52 40.10 -12.99 10.50
N ALA A 53 40.27 -11.79 9.92
CA ALA A 53 39.17 -10.96 9.39
C ALA A 53 38.50 -11.57 8.13
N ALA A 54 39.19 -12.52 7.47
CA ALA A 54 38.62 -13.28 6.35
C ALA A 54 37.48 -14.20 6.82
N HIS A 55 37.56 -14.61 8.11
CA HIS A 55 36.61 -15.53 8.76
C HIS A 55 35.53 -14.74 9.53
N VAL A 56 35.34 -13.45 9.21
CA VAL A 56 34.42 -12.57 9.94
C VAL A 56 33.57 -11.77 8.93
N LYS A 57 32.33 -11.44 9.32
CA LYS A 57 31.38 -10.71 8.48
C LYS A 57 30.69 -9.62 9.33
N ALA A 58 30.55 -8.40 8.81
CA ALA A 58 29.89 -7.28 9.53
C ALA A 58 28.36 -7.45 9.49
N ALA A 59 27.71 -7.29 10.66
CA ALA A 59 26.26 -7.48 10.81
C ALA A 59 25.46 -6.35 10.13
N ASP A 60 24.20 -6.66 9.76
CA ASP A 60 23.28 -5.69 9.12
C ASP A 60 22.59 -4.81 10.18
N PRO A 61 22.34 -3.49 9.88
CA PRO A 61 21.51 -2.60 10.75
C PRO A 61 20.09 -3.16 11.01
N GLY A 62 19.34 -3.44 9.92
CA GLY A 62 17.97 -3.95 10.02
C GLY A 62 17.29 -4.08 8.66
N GLY A 63 17.13 -2.94 7.98
CA GLY A 63 16.53 -2.91 6.63
C GLY A 63 15.71 -1.65 6.39
N GLY A 64 14.67 -1.78 5.54
CA GLY A 64 13.80 -0.66 5.19
C GLY A 64 12.43 -1.15 4.74
N PRO A 65 11.44 -1.34 5.69
CA PRO A 65 10.07 -1.79 5.35
C PRO A 65 9.35 -0.76 4.45
N SER A 66 9.33 -1.05 3.14
CA SER A 66 8.74 -0.17 2.12
C SER A 66 8.09 -1.02 1.01
N SER A 67 6.76 -1.05 1.00
CA SER A 67 5.96 -1.83 0.05
C SER A 67 4.63 -1.12 -0.25
N ARG A 68 4.22 -1.17 -1.53
CA ARG A 68 2.90 -0.70 -2.00
C ARG A 68 2.74 -1.05 -3.49
N LEU A 69 1.74 -1.90 -3.79
CA LEU A 69 1.34 -2.18 -5.18
C LEU A 69 0.48 -1.02 -5.68
N THR A 70 0.93 -0.41 -6.77
CA THR A 70 0.41 0.89 -7.27
C THR A 70 0.17 0.81 -8.79
N TRP A 71 -0.52 1.82 -9.36
CA TRP A 71 -0.88 1.85 -10.79
C TRP A 71 -0.13 2.96 -11.50
N ARG A 72 0.33 2.68 -12.73
CA ARG A 72 1.17 3.60 -13.52
C ARG A 72 0.46 3.88 -14.86
N VAL A 73 0.31 5.17 -15.22
CA VAL A 73 -0.45 5.60 -16.42
C VAL A 73 0.46 5.60 -17.66
N GLN A 74 0.19 4.71 -18.62
CA GLN A 74 0.88 4.75 -19.94
C GLN A 74 -0.08 5.33 -20.99
N ARG A 75 0.53 6.01 -21.97
CA ARG A 75 -0.16 6.52 -23.16
C ARG A 75 -0.55 5.30 -24.04
N SER A 76 -1.85 5.17 -24.31
CA SER A 76 -2.40 4.09 -25.14
C SER A 76 -3.07 4.70 -26.37
N GLN A 77 -3.54 3.88 -27.32
CA GLN A 77 -4.41 4.38 -28.41
C GLN A 77 -5.76 4.79 -27.78
N ASN A 78 -5.88 6.09 -27.37
CA ASN A 78 -6.99 6.56 -26.53
C ASN A 78 -7.47 7.98 -26.92
N PRO A 79 -8.80 8.27 -26.77
CA PRO A 79 -9.34 9.65 -26.75
C PRO A 79 -9.08 10.32 -25.37
N LEU A 80 -9.61 9.70 -24.29
CA LEU A 80 -9.37 10.13 -22.89
C LEU A 80 -9.24 8.91 -21.94
N LYS A 81 -9.08 7.73 -22.52
CA LYS A 81 -8.85 6.47 -21.77
C LYS A 81 -7.39 6.38 -21.26
N ILE A 82 -7.15 5.59 -20.20
CA ILE A 82 -5.80 5.38 -19.62
C ILE A 82 -5.52 3.86 -19.46
N ARG A 83 -4.23 3.48 -19.46
CA ARG A 83 -3.80 2.10 -19.16
C ARG A 83 -2.97 2.11 -17.87
N LEU A 84 -3.55 1.55 -16.80
CA LEU A 84 -2.94 1.48 -15.46
C LEU A 84 -2.23 0.14 -15.28
N THR A 85 -0.91 0.18 -15.08
CA THR A 85 -0.07 -1.01 -14.91
C THR A 85 0.41 -1.11 -13.45
N ARG A 86 0.11 -2.24 -12.81
CA ARG A 86 0.49 -2.55 -11.43
C ARG A 86 2.03 -2.71 -11.32
N GLU A 87 2.68 -1.75 -10.63
CA GLU A 87 4.13 -1.75 -10.37
C GLU A 87 4.49 -2.56 -9.13
N ALA A 88 5.79 -2.86 -9.03
CA ALA A 88 6.39 -3.62 -7.91
C ALA A 88 6.38 -2.77 -6.60
N PRO A 89 6.47 -3.43 -5.39
CA PRO A 89 6.54 -2.72 -4.08
C PRO A 89 7.69 -1.68 -4.02
N HIS B 1 -10.78 23.19 38.57
CA HIS B 1 -11.76 24.21 38.17
C HIS B 1 -11.23 25.01 36.97
N HIS B 2 -11.78 24.71 35.78
CA HIS B 2 -11.51 25.44 34.54
C HIS B 2 -12.78 25.41 33.68
N HIS B 3 -13.25 26.59 33.26
CA HIS B 3 -14.51 26.75 32.53
C HIS B 3 -14.24 27.45 31.19
N HIS B 4 -14.54 26.75 30.10
CA HIS B 4 -14.53 27.29 28.73
C HIS B 4 -15.78 26.77 28.01
N HIS B 5 -16.48 27.66 27.29
CA HIS B 5 -17.75 27.30 26.62
C HIS B 5 -17.48 26.87 25.15
N HIS B 6 -18.17 25.81 24.72
CA HIS B 6 -18.32 25.46 23.29
C HIS B 6 -19.48 26.30 22.70
N SER B 7 -19.80 26.08 21.40
CA SER B 7 -20.95 26.74 20.75
C SER B 7 -21.27 26.06 19.41
N HIS B 8 -22.44 25.41 19.33
CA HIS B 8 -22.96 24.84 18.08
C HIS B 8 -24.50 24.90 18.12
N MET B 9 -25.09 25.71 17.24
CA MET B 9 -26.53 25.91 17.18
C MET B 9 -27.00 26.00 15.72
N GLY B 10 -28.13 25.34 15.42
CA GLY B 10 -28.70 25.30 14.08
C GLY B 10 -28.20 24.12 13.26
N LYS B 11 -29.12 23.49 12.51
CA LYS B 11 -28.84 22.38 11.60
C LYS B 11 -30.05 22.17 10.68
N GLN B 12 -29.82 22.17 9.36
CA GLN B 12 -30.89 22.01 8.37
C GLN B 12 -30.32 21.47 7.05
N ALA B 13 -31.01 20.48 6.48
CA ALA B 13 -30.65 19.86 5.20
C ALA B 13 -31.83 20.01 4.22
N SER B 14 -31.56 20.56 3.03
CA SER B 14 -32.56 20.74 1.96
C SER B 14 -31.95 20.28 0.64
N ALA B 15 -32.41 19.12 0.14
CA ALA B 15 -32.02 18.58 -1.17
C ALA B 15 -33.07 17.57 -1.68
N SER B 16 -33.10 17.41 -3.00
CA SER B 16 -34.01 16.52 -3.70
C SER B 16 -33.25 15.94 -4.92
N TYR B 17 -33.98 15.50 -5.97
CA TYR B 17 -33.39 15.02 -7.22
C TYR B 17 -32.60 16.13 -7.96
N ASP B 18 -31.64 15.71 -8.79
CA ASP B 18 -30.91 16.64 -9.69
C ASP B 18 -31.81 16.98 -10.90
N SER B 19 -32.19 15.92 -11.62
CA SER B 19 -33.14 15.97 -12.76
C SER B 19 -34.15 14.83 -12.62
N GLU B 20 -35.16 14.81 -13.51
CA GLU B 20 -36.16 13.71 -13.60
C GLU B 20 -35.46 12.33 -13.60
N GLU B 21 -34.50 12.17 -14.54
CA GLU B 21 -33.62 10.99 -14.67
C GLU B 21 -34.45 9.69 -14.69
N GLU B 22 -35.34 9.62 -15.69
CA GLU B 22 -36.20 8.46 -15.95
C GLU B 22 -35.36 7.28 -16.48
N GLU B 23 -34.21 7.63 -17.08
CA GLU B 23 -33.17 6.66 -17.48
C GLU B 23 -32.30 6.27 -16.27
N GLU B 24 -31.28 5.44 -16.53
CA GLU B 24 -30.31 5.00 -15.50
C GLU B 24 -29.51 6.20 -14.99
N GLY B 25 -29.19 7.14 -15.90
CA GLY B 25 -28.36 8.29 -15.61
C GLY B 25 -27.30 8.47 -16.68
N LEU B 26 -27.68 9.15 -17.79
CA LEU B 26 -26.75 9.53 -18.88
C LEU B 26 -26.89 11.03 -19.29
N PRO B 27 -26.82 12.03 -18.35
CA PRO B 27 -26.83 13.47 -18.70
C PRO B 27 -25.40 14.06 -18.77
N MET B 28 -24.40 13.17 -18.97
CA MET B 28 -22.98 13.53 -18.95
C MET B 28 -22.52 13.98 -20.33
N SER B 29 -21.89 15.16 -20.38
CA SER B 29 -21.19 15.65 -21.58
C SER B 29 -19.86 14.88 -21.77
N TYR B 30 -19.32 14.95 -23.00
CA TYR B 30 -17.97 14.46 -23.30
C TYR B 30 -16.94 15.17 -22.40
N ASP B 31 -17.19 16.49 -22.13
CA ASP B 31 -16.37 17.32 -21.22
C ASP B 31 -16.32 16.74 -19.79
N GLU B 32 -17.43 16.11 -19.35
CA GLU B 32 -17.52 15.49 -18.01
C GLU B 32 -16.61 14.25 -17.95
N LYS B 33 -16.66 13.43 -19.02
CA LYS B 33 -15.76 12.26 -19.18
C LYS B 33 -14.28 12.70 -19.24
N ARG B 34 -14.02 13.85 -19.89
CA ARG B 34 -12.68 14.44 -20.02
C ARG B 34 -12.16 14.96 -18.68
N GLN B 35 -13.07 15.50 -17.84
CA GLN B 35 -12.71 16.12 -16.56
C GLN B 35 -12.29 15.08 -15.52
N LEU B 36 -13.11 14.02 -15.37
CA LEU B 36 -12.77 12.90 -14.48
C LEU B 36 -11.54 12.14 -15.01
N SER B 37 -11.37 12.13 -16.34
CA SER B 37 -10.23 11.48 -17.02
C SER B 37 -8.87 12.00 -16.53
N LEU B 38 -8.60 13.33 -16.74
CA LEU B 38 -7.29 13.90 -16.37
C LEU B 38 -7.14 13.90 -14.84
N ASP B 39 -8.23 14.27 -14.13
CA ASP B 39 -8.22 14.41 -12.66
C ASP B 39 -7.79 13.11 -11.94
N ILE B 40 -8.21 11.96 -12.49
CA ILE B 40 -7.84 10.64 -11.96
C ILE B 40 -6.37 10.33 -12.28
N ASN B 41 -6.00 10.34 -13.57
CA ASN B 41 -4.72 9.76 -14.04
C ASN B 41 -3.49 10.63 -13.68
N ARG B 42 -3.73 11.93 -13.41
CA ARG B 42 -2.64 12.85 -13.01
C ARG B 42 -2.22 12.62 -11.56
N LEU B 43 -3.19 12.14 -10.74
CA LEU B 43 -2.98 11.88 -9.32
C LEU B 43 -2.49 10.43 -9.13
N PRO B 44 -1.62 10.17 -8.10
CA PRO B 44 -0.88 8.89 -7.95
C PRO B 44 -1.76 7.65 -7.68
N GLY B 45 -1.09 6.54 -7.32
CA GLY B 45 -1.73 5.25 -7.03
C GLY B 45 -2.81 5.29 -5.95
N GLU B 46 -2.94 6.43 -5.24
CA GLU B 46 -4.03 6.63 -4.29
C GLU B 46 -5.38 6.79 -5.01
N LYS B 47 -5.45 7.67 -6.03
CA LYS B 47 -6.73 7.93 -6.76
C LYS B 47 -6.90 6.90 -7.87
N LEU B 48 -5.75 6.42 -8.40
CA LEU B 48 -5.72 5.27 -9.32
C LEU B 48 -6.17 3.98 -8.59
N GLY B 49 -5.91 3.95 -7.27
CA GLY B 49 -6.42 2.91 -6.38
C GLY B 49 -7.95 2.96 -6.26
N ARG B 50 -8.50 4.19 -6.13
CA ARG B 50 -9.97 4.40 -6.02
C ARG B 50 -10.71 4.10 -7.35
N VAL B 51 -10.12 4.47 -8.52
CA VAL B 51 -10.79 4.26 -9.83
C VAL B 51 -10.89 2.76 -10.15
N VAL B 52 -9.78 2.00 -9.94
CA VAL B 52 -9.75 0.56 -10.20
C VAL B 52 -10.60 -0.19 -9.16
N HIS B 53 -10.70 0.38 -7.95
CA HIS B 53 -11.54 -0.18 -6.87
C HIS B 53 -13.01 -0.25 -7.32
N ILE B 54 -13.54 0.88 -7.82
CA ILE B 54 -14.97 1.04 -8.17
C ILE B 54 -15.32 0.23 -9.44
N ILE B 55 -14.50 0.34 -10.52
CA ILE B 55 -14.77 -0.37 -11.78
C ILE B 55 -14.73 -1.91 -11.57
N GLN B 56 -13.78 -2.39 -10.74
CA GLN B 56 -13.61 -3.85 -10.49
C GLN B 56 -14.58 -4.36 -9.40
N SER B 57 -15.15 -3.43 -8.60
CA SER B 57 -16.14 -3.77 -7.56
C SER B 57 -17.52 -4.01 -8.19
N ARG B 58 -17.78 -3.31 -9.31
CA ARG B 58 -19.05 -3.44 -10.07
C ARG B 58 -18.89 -4.52 -11.16
N GLU B 59 -17.77 -4.46 -11.90
CA GLU B 59 -17.44 -5.37 -13.02
C GLU B 59 -15.95 -5.77 -12.95
N PRO B 60 -15.60 -6.98 -12.42
CA PRO B 60 -14.20 -7.44 -12.36
C PRO B 60 -13.67 -7.85 -13.77
N SER B 61 -12.35 -7.73 -13.98
CA SER B 61 -11.71 -7.93 -15.28
C SER B 61 -10.26 -8.44 -15.12
N LEU B 62 -9.40 -7.59 -14.48
CA LEU B 62 -7.94 -7.84 -14.39
C LEU B 62 -7.61 -9.17 -13.69
N ARG B 63 -8.40 -9.50 -12.64
CA ARG B 63 -8.16 -10.68 -11.78
C ARG B 63 -8.31 -11.99 -12.59
N ASP B 64 -9.17 -11.94 -13.61
CA ASP B 64 -9.42 -13.06 -14.53
C ASP B 64 -8.39 -13.07 -15.67
N SER B 65 -8.10 -11.87 -16.22
CA SER B 65 -7.29 -11.71 -17.44
C SER B 65 -6.21 -10.62 -17.21
N ASN B 66 -4.98 -11.11 -16.90
CA ASN B 66 -3.77 -10.28 -16.70
C ASN B 66 -3.95 -9.27 -15.54
N PRO B 67 -3.72 -9.70 -14.25
CA PRO B 67 -3.98 -8.86 -13.05
C PRO B 67 -2.98 -7.70 -12.87
N ASP B 68 -1.90 -7.74 -13.65
CA ASP B 68 -0.81 -6.75 -13.61
C ASP B 68 -1.15 -5.48 -14.42
N GLU B 69 -2.26 -5.52 -15.18
CA GLU B 69 -2.74 -4.36 -15.98
C GLU B 69 -4.27 -4.28 -15.96
N ILE B 70 -4.78 -3.04 -16.06
CA ILE B 70 -6.20 -2.73 -16.23
C ILE B 70 -6.34 -1.48 -17.11
N GLU B 71 -7.36 -1.45 -17.95
CA GLU B 71 -7.70 -0.28 -18.77
C GLU B 71 -9.12 0.19 -18.39
N ILE B 72 -9.26 1.44 -17.95
CA ILE B 72 -10.56 2.03 -17.62
C ILE B 72 -10.99 2.90 -18.82
N ASP B 73 -11.91 2.35 -19.61
CA ASP B 73 -12.40 2.93 -20.86
C ASP B 73 -13.60 3.85 -20.57
N PHE B 74 -13.33 5.13 -20.22
CA PHE B 74 -14.37 6.07 -19.75
C PHE B 74 -15.40 6.39 -20.87
N GLU B 75 -14.91 6.54 -22.10
CA GLU B 75 -15.72 6.96 -23.27
C GLU B 75 -16.76 5.88 -23.66
N THR B 76 -16.53 4.61 -23.28
CA THR B 76 -17.50 3.51 -23.51
C THR B 76 -17.97 2.87 -22.17
N LEU B 77 -17.54 3.45 -21.04
CA LEU B 77 -17.96 3.04 -19.68
C LEU B 77 -19.42 3.53 -19.45
N LYS B 78 -20.18 2.82 -18.60
CA LYS B 78 -21.56 3.20 -18.26
C LYS B 78 -21.58 4.62 -17.60
N PRO B 79 -22.44 5.56 -18.12
CA PRO B 79 -22.50 6.96 -17.61
C PRO B 79 -22.98 7.07 -16.15
N THR B 80 -23.65 6.02 -15.67
CA THR B 80 -23.97 5.85 -14.25
C THR B 80 -22.70 5.76 -13.41
N THR B 81 -21.83 4.78 -13.77
CA THR B 81 -20.59 4.49 -13.06
C THR B 81 -19.61 5.67 -13.20
N LEU B 82 -19.64 6.35 -14.37
CA LEU B 82 -18.83 7.54 -14.63
C LEU B 82 -19.17 8.69 -13.69
N ARG B 83 -20.47 9.03 -13.63
CA ARG B 83 -21.00 10.16 -12.84
C ARG B 83 -20.87 9.89 -11.32
N GLU B 84 -20.95 8.60 -10.97
CA GLU B 84 -20.79 8.08 -9.59
C GLU B 84 -19.32 8.19 -9.13
N LEU B 85 -18.40 7.76 -10.02
CA LEU B 85 -16.95 7.74 -9.77
C LEU B 85 -16.41 9.19 -9.78
N GLU B 86 -17.07 10.04 -10.59
CA GLU B 86 -16.75 11.47 -10.77
C GLU B 86 -16.99 12.24 -9.47
N ARG B 87 -18.24 12.16 -8.96
CA ARG B 87 -18.63 12.84 -7.72
C ARG B 87 -17.86 12.28 -6.51
N TYR B 88 -17.49 10.97 -6.60
CA TYR B 88 -16.73 10.30 -5.55
C TYR B 88 -15.32 10.91 -5.43
N VAL B 89 -14.58 10.97 -6.56
CA VAL B 89 -13.20 11.50 -6.57
C VAL B 89 -13.18 13.01 -6.26
N LYS B 90 -14.24 13.73 -6.70
CA LYS B 90 -14.45 15.16 -6.44
C LYS B 90 -14.62 15.44 -4.93
N SER B 91 -15.36 14.57 -4.23
CA SER B 91 -15.59 14.68 -2.79
C SER B 91 -14.42 14.06 -2.00
N CYS B 92 -13.62 13.22 -2.67
CA CYS B 92 -12.41 12.61 -2.09
C CYS B 92 -11.26 13.64 -2.00
N LEU B 93 -11.21 14.58 -2.97
CA LEU B 93 -10.16 15.62 -3.00
C LEU B 93 -10.60 16.91 -2.28
N GLN B 94 -11.89 17.28 -2.43
CA GLN B 94 -12.49 18.53 -1.85
C GLN B 94 -11.70 19.84 -2.21
N LYS B 95 -10.79 19.74 -3.20
CA LYS B 95 -9.92 20.84 -3.67
C LYS B 95 -10.64 21.61 -4.78
N LYS B 96 -10.32 22.91 -4.91
CA LYS B 96 -10.90 23.80 -5.93
C LYS B 96 -9.74 24.48 -6.70
N HIS A 1 42.42 -5.19 12.06
CA HIS A 1 42.18 -6.23 13.09
C HIS A 1 40.89 -5.91 13.85
N HIS A 2 39.78 -6.57 13.48
CA HIS A 2 38.48 -6.40 14.17
C HIS A 2 37.78 -7.76 14.22
N HIS A 3 37.49 -8.25 15.43
CA HIS A 3 36.82 -9.54 15.65
C HIS A 3 35.30 -9.37 15.43
N HIS A 4 34.67 -10.40 14.84
CA HIS A 4 33.24 -10.39 14.47
C HIS A 4 32.41 -11.04 15.59
N HIS A 5 31.64 -10.22 16.32
CA HIS A 5 30.73 -10.70 17.38
C HIS A 5 29.34 -10.91 16.79
N HIS A 6 29.02 -12.18 16.48
CA HIS A 6 27.68 -12.58 15.99
C HIS A 6 26.77 -12.93 17.17
N SER A 7 25.91 -11.96 17.55
CA SER A 7 24.92 -12.16 18.60
C SER A 7 23.75 -12.98 18.03
N HIS A 8 23.68 -14.25 18.44
CA HIS A 8 22.58 -15.18 18.09
C HIS A 8 21.66 -15.36 19.31
N MET A 9 20.35 -15.29 19.09
CA MET A 9 19.33 -15.35 20.16
C MET A 9 19.12 -16.81 20.62
N VAL A 10 19.20 -17.04 21.94
CA VAL A 10 18.88 -18.34 22.54
C VAL A 10 17.34 -18.54 22.57
N GLY A 11 16.88 -19.72 22.14
CA GLY A 11 15.46 -20.04 22.00
C GLY A 11 14.99 -19.90 20.56
N ASP A 12 15.83 -19.27 19.71
CA ASP A 12 15.54 -19.01 18.30
C ASP A 12 15.86 -20.26 17.46
N THR A 13 15.19 -20.40 16.30
CA THR A 13 15.49 -21.48 15.34
C THR A 13 16.54 -21.03 14.33
N VAL A 14 17.66 -21.76 14.25
CA VAL A 14 18.76 -21.48 13.31
C VAL A 14 19.06 -22.74 12.47
N TRP A 15 19.56 -22.52 11.26
CA TRP A 15 19.98 -23.59 10.34
C TRP A 15 21.46 -23.87 10.52
N VAL A 16 21.82 -25.12 10.83
CA VAL A 16 23.22 -25.52 11.01
C VAL A 16 23.73 -26.21 9.75
N ARG A 17 24.74 -25.60 9.11
CA ARG A 17 25.36 -26.14 7.89
C ARG A 17 26.13 -27.42 8.27
N ARG A 18 25.84 -28.51 7.53
CA ARG A 18 26.47 -29.83 7.75
C ARG A 18 27.99 -29.71 7.56
N HIS A 19 28.72 -29.76 8.70
CA HIS A 19 30.19 -29.62 8.75
C HIS A 19 30.89 -30.57 7.73
N GLN A 20 31.28 -29.99 6.58
CA GLN A 20 31.98 -30.71 5.50
C GLN A 20 32.47 -29.68 4.45
N THR A 21 33.67 -29.12 4.71
CA THR A 21 34.29 -28.13 3.82
C THR A 21 35.01 -28.86 2.68
N LYS A 22 34.31 -28.97 1.55
CA LYS A 22 34.77 -29.75 0.37
C LYS A 22 33.96 -29.32 -0.86
N ASN A 23 32.63 -29.29 -0.70
CA ASN A 23 31.67 -28.79 -1.71
C ASN A 23 30.51 -28.12 -0.98
N LEU A 24 29.79 -27.22 -1.68
CA LEU A 24 28.59 -26.54 -1.13
C LEU A 24 27.38 -27.49 -1.09
N GLU A 25 27.55 -28.71 -1.63
CA GLU A 25 26.52 -29.76 -1.72
C GLU A 25 25.75 -30.01 -0.37
N PRO A 26 26.44 -30.20 0.80
CA PRO A 26 25.75 -30.29 2.11
C PRO A 26 25.17 -28.92 2.55
N ARG A 27 23.86 -28.72 2.33
CA ARG A 27 23.14 -27.54 2.85
C ARG A 27 22.92 -27.66 4.36
N TRP A 28 22.39 -26.60 4.96
CA TRP A 28 22.07 -26.57 6.39
C TRP A 28 20.79 -27.36 6.72
N LYS A 29 20.86 -28.18 7.77
CA LYS A 29 19.72 -28.98 8.24
C LYS A 29 19.14 -28.36 9.53
N GLY A 30 17.91 -28.76 9.85
CA GLY A 30 17.17 -28.24 10.99
C GLY A 30 15.81 -27.70 10.55
N PRO A 31 15.37 -26.47 11.00
CA PRO A 31 16.13 -25.60 11.91
C PRO A 31 16.01 -26.06 13.37
N TYR A 32 17.07 -25.87 14.14
CA TYR A 32 17.17 -26.34 15.53
C TYR A 32 17.01 -25.16 16.49
N THR A 33 16.47 -25.45 17.68
CA THR A 33 16.27 -24.47 18.74
C THR A 33 17.57 -24.29 19.54
N VAL A 34 18.12 -23.08 19.52
CA VAL A 34 19.34 -22.72 20.27
C VAL A 34 19.09 -22.89 21.78
N LEU A 35 19.89 -23.73 22.45
CA LEU A 35 19.81 -23.93 23.90
C LEU A 35 20.90 -23.16 24.65
N LEU A 36 22.05 -22.99 23.98
CA LEU A 36 23.26 -22.38 24.57
C LEU A 36 23.86 -21.38 23.59
N THR A 37 24.38 -20.25 24.11
CA THR A 37 24.96 -19.16 23.31
C THR A 37 26.27 -18.67 23.94
N THR A 38 27.29 -18.50 23.08
CA THR A 38 28.60 -17.91 23.45
C THR A 38 28.99 -16.89 22.35
N PRO A 39 29.95 -15.92 22.60
CA PRO A 39 30.33 -14.86 21.60
C PRO A 39 30.87 -15.40 20.24
N THR A 40 31.11 -16.71 20.16
CA THR A 40 31.75 -17.37 19.02
C THR A 40 30.90 -18.56 18.51
N ALA A 41 30.43 -19.40 19.45
CA ALA A 41 29.70 -20.63 19.14
C ALA A 41 28.31 -20.61 19.75
N LEU A 42 27.51 -21.62 19.45
CA LEU A 42 26.19 -21.84 20.05
C LEU A 42 25.89 -23.33 19.98
N LYS A 43 25.16 -23.85 20.96
CA LYS A 43 24.72 -25.24 20.96
C LYS A 43 23.22 -25.28 20.74
N VAL A 44 22.77 -26.11 19.80
CA VAL A 44 21.35 -26.23 19.44
C VAL A 44 20.86 -27.66 19.74
N ASP A 45 19.57 -27.78 20.03
CA ASP A 45 18.91 -29.07 20.34
C ASP A 45 18.90 -29.98 19.10
N GLY A 46 19.09 -31.29 19.30
CA GLY A 46 18.92 -32.28 18.25
C GLY A 46 20.18 -32.64 17.48
N ILE A 47 21.21 -31.76 17.52
CA ILE A 47 22.44 -31.96 16.72
C ILE A 47 23.52 -32.74 17.55
N ALA A 48 23.40 -32.66 18.89
CA ALA A 48 24.30 -33.39 19.84
C ALA A 48 25.76 -32.86 19.83
N ALA A 49 25.94 -31.56 19.51
CA ALA A 49 27.28 -30.93 19.39
C ALA A 49 27.21 -29.38 19.48
N TRP A 50 28.35 -28.76 19.86
CA TRP A 50 28.54 -27.30 19.73
C TRP A 50 28.86 -26.96 18.28
N ILE A 51 28.36 -25.82 17.79
CA ILE A 51 28.57 -25.36 16.41
C ILE A 51 29.14 -23.94 16.45
N HIS A 52 30.22 -23.68 15.71
CA HIS A 52 30.70 -22.32 15.47
C HIS A 52 29.75 -21.61 14.48
N ALA A 53 29.33 -20.39 14.85
CA ALA A 53 28.27 -19.63 14.14
C ALA A 53 28.66 -19.20 12.73
N ALA A 54 29.95 -19.35 12.38
CA ALA A 54 30.44 -19.13 11.00
C ALA A 54 29.78 -20.12 10.01
N HIS A 55 29.39 -21.29 10.53
CA HIS A 55 28.75 -22.37 9.76
C HIS A 55 27.25 -22.46 10.10
N VAL A 56 26.66 -21.35 10.57
CA VAL A 56 25.24 -21.33 10.99
C VAL A 56 24.55 -20.08 10.44
N LYS A 57 23.33 -20.26 9.93
CA LYS A 57 22.48 -19.19 9.40
C LYS A 57 21.22 -19.07 10.26
N ALA A 58 20.55 -17.92 10.19
CA ALA A 58 19.29 -17.68 10.90
C ALA A 58 18.09 -17.99 9.98
N ALA A 59 16.98 -18.41 10.59
CA ALA A 59 15.76 -18.83 9.87
C ALA A 59 14.78 -17.66 9.61
N ASP A 60 14.99 -16.52 10.29
CA ASP A 60 14.04 -15.38 10.25
C ASP A 60 13.94 -14.77 8.83
N PRO A 61 12.73 -14.21 8.44
CA PRO A 61 12.53 -13.53 7.13
C PRO A 61 13.45 -12.31 6.93
N GLY A 62 13.75 -11.61 8.04
CA GLY A 62 14.59 -10.41 8.02
C GLY A 62 13.77 -9.13 7.99
N GLY A 63 13.16 -8.81 9.14
CA GLY A 63 12.28 -7.65 9.26
C GLY A 63 10.85 -8.02 8.85
N GLY A 64 10.62 -8.08 7.52
CA GLY A 64 9.30 -8.38 6.96
C GLY A 64 9.10 -7.63 5.64
N PRO A 65 8.97 -8.34 4.47
CA PRO A 65 8.83 -7.69 3.14
C PRO A 65 7.47 -6.94 3.02
N SER A 66 7.51 -5.63 3.28
CA SER A 66 6.33 -4.75 3.30
C SER A 66 6.10 -4.08 1.93
N SER A 67 6.85 -4.51 0.90
CA SER A 67 6.78 -3.94 -0.44
C SER A 67 5.60 -4.55 -1.24
N ARG A 68 4.50 -3.79 -1.35
CA ARG A 68 3.37 -4.13 -2.23
C ARG A 68 3.54 -3.39 -3.55
N LEU A 69 3.33 -4.10 -4.68
CA LEU A 69 3.48 -3.51 -6.01
C LEU A 69 2.33 -2.54 -6.32
N THR A 70 2.64 -1.50 -7.09
CA THR A 70 1.70 -0.41 -7.44
C THR A 70 1.39 -0.41 -8.94
N TRP A 71 0.35 0.34 -9.32
CA TRP A 71 -0.02 0.57 -10.72
C TRP A 71 0.80 1.73 -11.32
N ARG A 72 0.88 1.79 -12.66
CA ARG A 72 1.51 2.92 -13.37
C ARG A 72 0.81 3.15 -14.71
N VAL A 73 0.62 4.43 -15.08
CA VAL A 73 -0.11 4.82 -16.29
C VAL A 73 0.84 4.86 -17.51
N GLN A 74 0.47 4.12 -18.55
CA GLN A 74 1.08 4.21 -19.87
C GLN A 74 0.03 4.78 -20.81
N ARG A 75 0.27 6.01 -21.29
CA ARG A 75 -0.60 6.65 -22.30
C ARG A 75 -0.49 5.86 -23.61
N SER A 76 -1.58 5.20 -23.98
CA SER A 76 -1.68 4.43 -25.21
C SER A 76 -2.34 5.30 -26.31
N GLN A 77 -2.38 4.78 -27.55
CA GLN A 77 -2.95 5.51 -28.71
C GLN A 77 -4.48 5.64 -28.65
N ASN A 78 -5.11 4.98 -27.66
CA ASN A 78 -6.54 5.11 -27.35
C ASN A 78 -6.91 6.56 -26.92
N PRO A 79 -8.17 7.02 -27.19
CA PRO A 79 -8.59 8.46 -27.01
C PRO A 79 -8.34 9.03 -25.60
N LEU A 80 -8.86 8.36 -24.56
CA LEU A 80 -8.81 8.87 -23.15
C LEU A 80 -8.72 7.71 -22.11
N LYS A 81 -8.62 6.48 -22.62
CA LYS A 81 -8.47 5.26 -21.82
C LYS A 81 -6.99 5.10 -21.40
N ILE A 82 -6.75 4.64 -20.16
CA ILE A 82 -5.38 4.50 -19.60
C ILE A 82 -5.04 3.02 -19.36
N ARG A 83 -3.73 2.73 -19.33
CA ARG A 83 -3.20 1.38 -19.06
C ARG A 83 -2.41 1.39 -17.75
N LEU A 84 -2.96 0.73 -16.72
CA LEU A 84 -2.31 0.61 -15.40
C LEU A 84 -1.57 -0.72 -15.33
N THR A 85 -0.24 -0.66 -15.25
CA THR A 85 0.64 -1.85 -15.25
C THR A 85 1.18 -2.13 -13.85
N ARG A 86 1.49 -3.42 -13.61
CA ARG A 86 2.09 -3.90 -12.35
C ARG A 86 3.58 -3.51 -12.33
N GLU A 87 3.96 -2.56 -11.47
CA GLU A 87 5.36 -2.16 -11.29
C GLU A 87 6.07 -3.10 -10.33
N ALA A 88 7.24 -3.57 -10.76
CA ALA A 88 8.17 -4.33 -9.92
C ALA A 88 9.09 -3.34 -9.14
N PRO A 89 9.71 -3.76 -8.00
CA PRO A 89 10.63 -2.88 -7.23
C PRO A 89 12.02 -2.79 -7.93
N HIS B 1 -44.55 -36.78 29.95
CA HIS B 1 -44.29 -36.82 28.50
C HIS B 1 -45.21 -35.80 27.82
N HIS B 2 -44.61 -34.70 27.32
CA HIS B 2 -45.32 -33.59 26.67
C HIS B 2 -44.50 -33.08 25.48
N HIS B 3 -45.17 -32.87 24.34
CA HIS B 3 -44.58 -32.28 23.14
C HIS B 3 -45.71 -31.71 22.25
N HIS B 4 -45.55 -30.46 21.83
CA HIS B 4 -46.53 -29.76 20.98
C HIS B 4 -45.89 -28.46 20.45
N HIS B 5 -46.26 -28.08 19.21
CA HIS B 5 -45.81 -26.83 18.59
C HIS B 5 -46.76 -26.47 17.44
N HIS B 6 -47.35 -25.27 17.51
CA HIS B 6 -48.30 -24.77 16.50
C HIS B 6 -48.29 -23.22 16.55
N SER B 7 -47.53 -22.64 15.62
CA SER B 7 -47.42 -21.18 15.44
C SER B 7 -46.78 -20.91 14.07
N HIS B 8 -47.31 -19.91 13.35
CA HIS B 8 -46.81 -19.55 12.01
C HIS B 8 -47.14 -18.07 11.72
N MET B 9 -46.12 -17.31 11.24
CA MET B 9 -46.25 -15.90 10.86
C MET B 9 -45.22 -15.56 9.77
N GLY B 10 -45.68 -14.84 8.72
CA GLY B 10 -44.84 -14.48 7.58
C GLY B 10 -45.65 -14.49 6.29
N LYS B 11 -46.72 -13.68 6.24
CA LYS B 11 -47.62 -13.60 5.07
C LYS B 11 -48.02 -12.13 4.79
N GLN B 12 -47.22 -11.19 5.27
CA GLN B 12 -47.41 -9.75 5.06
C GLN B 12 -46.28 -9.22 4.18
N ALA B 13 -46.64 -8.79 2.96
CA ALA B 13 -45.68 -8.32 1.94
C ALA B 13 -46.32 -7.20 1.11
N SER B 14 -45.62 -6.06 1.05
CA SER B 14 -46.04 -4.86 0.29
C SER B 14 -44.81 -4.24 -0.38
N ALA B 15 -44.90 -3.99 -1.70
CA ALA B 15 -43.75 -3.52 -2.51
C ALA B 15 -44.19 -2.50 -3.58
N SER B 16 -43.20 -1.77 -4.10
CA SER B 16 -43.38 -0.79 -5.18
C SER B 16 -41.99 -0.39 -5.72
N TYR B 17 -41.87 -0.26 -7.05
CA TYR B 17 -40.62 0.11 -7.73
C TYR B 17 -40.23 1.57 -7.43
N ASP B 18 -38.96 1.93 -7.69
CA ASP B 18 -38.42 3.28 -7.42
C ASP B 18 -38.97 4.28 -8.47
N SER B 19 -38.44 4.17 -9.70
CA SER B 19 -38.81 5.01 -10.85
C SER B 19 -38.80 4.16 -12.13
N GLU B 20 -39.21 4.77 -13.27
CA GLU B 20 -39.13 4.12 -14.60
C GLU B 20 -37.71 3.53 -14.83
N GLU B 21 -36.68 4.40 -14.70
CA GLU B 21 -35.26 4.00 -14.58
C GLU B 21 -34.78 3.17 -15.81
N GLU B 22 -35.48 3.37 -16.93
CA GLU B 22 -35.12 2.80 -18.23
C GLU B 22 -33.87 3.54 -18.76
N GLU B 23 -33.73 4.77 -18.26
CA GLU B 23 -32.52 5.59 -18.33
C GLU B 23 -31.93 5.67 -16.90
N GLU B 24 -30.71 5.12 -16.72
CA GLU B 24 -30.05 4.98 -15.39
C GLU B 24 -29.41 6.30 -14.91
N GLY B 25 -29.58 7.38 -15.68
CA GLY B 25 -29.07 8.69 -15.33
C GLY B 25 -27.74 8.97 -16.03
N LEU B 26 -27.84 9.40 -17.30
CA LEU B 26 -26.68 9.71 -18.15
C LEU B 26 -26.74 11.16 -18.75
N PRO B 27 -26.82 12.25 -17.89
CA PRO B 27 -26.86 13.65 -18.40
C PRO B 27 -25.47 14.15 -18.84
N MET B 28 -24.42 13.47 -18.34
CA MET B 28 -23.02 13.76 -18.67
C MET B 28 -22.67 13.05 -19.99
N SER B 29 -22.10 13.80 -20.92
CA SER B 29 -21.68 13.30 -22.23
C SER B 29 -20.19 12.87 -22.17
N TYR B 30 -19.68 12.38 -23.32
CA TYR B 30 -18.30 11.88 -23.49
C TYR B 30 -17.23 12.89 -23.02
N ASP B 31 -17.50 14.18 -23.27
CA ASP B 31 -16.57 15.27 -22.91
C ASP B 31 -16.45 15.45 -21.38
N GLU B 32 -17.58 15.31 -20.67
CA GLU B 32 -17.62 15.36 -19.19
C GLU B 32 -16.81 14.20 -18.61
N LYS B 33 -16.91 13.03 -19.28
CA LYS B 33 -16.13 11.84 -18.93
C LYS B 33 -14.62 12.11 -19.10
N ARG B 34 -14.23 12.73 -20.24
CA ARG B 34 -12.83 13.04 -20.55
C ARG B 34 -12.22 14.00 -19.52
N GLN B 35 -13.03 15.00 -19.11
CA GLN B 35 -12.57 16.06 -18.21
C GLN B 35 -12.22 15.51 -16.83
N LEU B 36 -13.09 14.63 -16.29
CA LEU B 36 -12.80 13.99 -15.00
C LEU B 36 -11.68 12.95 -15.16
N SER B 37 -11.54 12.35 -16.36
CA SER B 37 -10.52 11.33 -16.63
C SER B 37 -9.10 11.89 -16.44
N LEU B 38 -8.75 13.01 -17.13
CA LEU B 38 -7.38 13.58 -17.03
C LEU B 38 -7.19 14.34 -15.71
N ASP B 39 -8.29 14.92 -15.15
CA ASP B 39 -8.25 15.69 -13.89
C ASP B 39 -7.91 14.77 -12.69
N ILE B 40 -8.67 13.68 -12.56
CA ILE B 40 -8.45 12.62 -11.55
C ILE B 40 -7.12 11.88 -11.83
N ASN B 41 -6.73 11.85 -13.12
CA ASN B 41 -5.42 11.33 -13.55
C ASN B 41 -4.25 12.14 -12.92
N ARG B 42 -4.45 13.45 -12.69
CA ARG B 42 -3.42 14.31 -12.07
C ARG B 42 -3.16 13.97 -10.58
N LEU B 43 -4.10 13.22 -9.94
CA LEU B 43 -3.97 12.79 -8.53
C LEU B 43 -2.84 11.73 -8.39
N PRO B 44 -2.16 11.60 -7.19
CA PRO B 44 -1.06 10.61 -6.94
C PRO B 44 -1.60 9.15 -6.80
N GLY B 45 -1.06 8.37 -5.82
CA GLY B 45 -1.48 6.96 -5.60
C GLY B 45 -2.96 6.80 -5.23
N GLU B 46 -3.55 7.88 -4.65
CA GLU B 46 -5.00 7.96 -4.35
C GLU B 46 -5.85 7.65 -5.60
N LYS B 47 -5.39 8.18 -6.74
CA LYS B 47 -5.96 7.91 -8.06
C LYS B 47 -5.98 6.42 -8.36
N LEU B 48 -4.78 5.78 -8.35
CA LEU B 48 -4.59 4.38 -8.79
C LEU B 48 -5.56 3.42 -8.07
N GLY B 49 -5.57 3.53 -6.73
CA GLY B 49 -6.43 2.69 -5.90
C GLY B 49 -7.91 2.87 -6.18
N ARG B 50 -8.35 4.14 -6.33
CA ARG B 50 -9.77 4.49 -6.52
C ARG B 50 -10.29 4.15 -7.94
N VAL B 51 -9.46 4.39 -8.96
CA VAL B 51 -9.84 4.17 -10.38
C VAL B 51 -10.07 2.66 -10.62
N VAL B 52 -9.11 1.83 -10.17
CA VAL B 52 -9.20 0.36 -10.25
C VAL B 52 -10.41 -0.14 -9.44
N HIS B 53 -10.59 0.42 -8.23
CA HIS B 53 -11.66 0.00 -7.31
C HIS B 53 -13.05 0.20 -7.93
N ILE B 54 -13.31 1.42 -8.46
CA ILE B 54 -14.63 1.80 -9.00
C ILE B 54 -15.00 0.92 -10.20
N ILE B 55 -14.08 0.78 -11.18
CA ILE B 55 -14.36 -0.05 -12.38
C ILE B 55 -14.63 -1.52 -11.98
N GLN B 56 -13.85 -2.09 -11.01
CA GLN B 56 -14.09 -3.49 -10.55
C GLN B 56 -15.45 -3.63 -9.84
N SER B 57 -15.88 -2.54 -9.18
CA SER B 57 -17.17 -2.48 -8.44
C SER B 57 -18.38 -2.46 -9.40
N ARG B 58 -18.16 -1.93 -10.61
CA ARG B 58 -19.23 -1.80 -11.64
C ARG B 58 -19.18 -2.98 -12.64
N GLU B 59 -17.97 -3.51 -12.86
CA GLU B 59 -17.68 -4.51 -13.89
C GLU B 59 -16.27 -5.12 -13.64
N PRO B 60 -16.18 -6.39 -13.12
CA PRO B 60 -14.88 -7.08 -12.91
C PRO B 60 -14.08 -7.24 -14.24
N SER B 61 -12.82 -6.76 -14.26
CA SER B 61 -11.98 -6.75 -15.47
C SER B 61 -10.73 -7.65 -15.30
N LEU B 62 -9.77 -7.22 -14.44
CA LEU B 62 -8.42 -7.82 -14.36
C LEU B 62 -8.47 -9.31 -13.92
N ARG B 63 -9.48 -9.67 -13.12
CA ARG B 63 -9.55 -10.99 -12.45
C ARG B 63 -9.81 -12.13 -13.45
N ASP B 64 -10.35 -11.81 -14.63
CA ASP B 64 -10.65 -12.82 -15.68
C ASP B 64 -9.82 -12.62 -16.94
N SER B 65 -9.07 -11.52 -17.03
CA SER B 65 -8.29 -11.19 -18.21
C SER B 65 -7.11 -10.29 -17.83
N ASN B 66 -5.91 -10.91 -17.81
CA ASN B 66 -4.61 -10.24 -17.56
C ASN B 66 -4.62 -9.48 -16.21
N PRO B 67 -4.48 -10.21 -15.06
CA PRO B 67 -4.65 -9.63 -13.69
C PRO B 67 -3.67 -8.50 -13.36
N ASP B 68 -2.45 -8.61 -13.88
CA ASP B 68 -1.33 -7.70 -13.53
C ASP B 68 -1.47 -6.33 -14.21
N GLU B 69 -2.38 -6.19 -15.19
CA GLU B 69 -2.62 -4.89 -15.86
C GLU B 69 -4.13 -4.67 -16.00
N ILE B 70 -4.59 -3.50 -15.56
CA ILE B 70 -6.00 -3.10 -15.69
C ILE B 70 -6.07 -1.84 -16.55
N GLU B 71 -6.80 -1.92 -17.65
CA GLU B 71 -7.12 -0.79 -18.51
C GLU B 71 -8.56 -0.41 -18.26
N ILE B 72 -8.78 0.85 -17.91
CA ILE B 72 -10.11 1.35 -17.58
C ILE B 72 -10.62 2.11 -18.80
N ASP B 73 -11.51 1.45 -19.55
CA ASP B 73 -12.16 2.01 -20.71
C ASP B 73 -13.25 2.97 -20.25
N PHE B 74 -12.87 4.21 -19.90
CA PHE B 74 -13.83 5.26 -19.52
C PHE B 74 -14.84 5.55 -20.65
N GLU B 75 -14.42 5.22 -21.88
CA GLU B 75 -15.20 5.37 -23.11
C GLU B 75 -16.37 4.34 -23.20
N THR B 76 -16.13 3.07 -22.76
CA THR B 76 -17.14 1.99 -22.87
C THR B 76 -17.92 1.82 -21.56
N LEU B 77 -17.28 2.21 -20.45
CA LEU B 77 -17.92 2.25 -19.13
C LEU B 77 -18.98 3.35 -19.16
N LYS B 78 -20.21 2.95 -18.80
CA LYS B 78 -21.40 3.81 -18.83
C LYS B 78 -21.20 5.07 -17.95
N PRO B 79 -21.83 6.23 -18.32
CA PRO B 79 -21.63 7.54 -17.63
C PRO B 79 -21.81 7.50 -16.10
N THR B 80 -22.64 6.56 -15.63
CA THR B 80 -22.94 6.35 -14.20
C THR B 80 -21.69 5.90 -13.42
N THR B 81 -20.85 5.05 -14.04
CA THR B 81 -19.57 4.57 -13.45
C THR B 81 -18.65 5.76 -13.10
N LEU B 82 -18.54 6.71 -14.04
CA LEU B 82 -17.67 7.88 -13.90
C LEU B 82 -18.35 8.95 -13.04
N ARG B 83 -19.68 8.90 -12.97
CA ARG B 83 -20.49 9.74 -12.07
C ARG B 83 -20.19 9.34 -10.61
N GLU B 84 -20.05 8.01 -10.36
CA GLU B 84 -19.68 7.46 -9.03
C GLU B 84 -18.30 7.99 -8.62
N LEU B 85 -17.34 7.83 -9.55
CA LEU B 85 -15.93 8.24 -9.37
C LEU B 85 -15.80 9.77 -9.14
N GLU B 86 -16.64 10.56 -9.83
CA GLU B 86 -16.64 12.04 -9.77
C GLU B 86 -17.13 12.52 -8.39
N ARG B 87 -18.22 11.88 -7.89
CA ARG B 87 -18.76 12.16 -6.54
C ARG B 87 -17.73 11.78 -5.46
N TYR B 88 -17.02 10.66 -5.72
CA TYR B 88 -16.05 10.07 -4.80
C TYR B 88 -14.87 11.03 -4.59
N VAL B 89 -14.26 11.46 -5.72
CA VAL B 89 -13.02 12.26 -5.68
C VAL B 89 -13.26 13.67 -5.12
N LYS B 90 -14.43 14.29 -5.43
CA LYS B 90 -14.78 15.62 -4.87
C LYS B 90 -15.05 15.51 -3.35
N SER B 91 -15.48 14.30 -2.91
CA SER B 91 -15.65 13.97 -1.48
C SER B 91 -14.30 13.76 -0.78
N CYS B 92 -13.25 13.42 -1.56
CA CYS B 92 -11.90 13.18 -1.03
C CYS B 92 -11.09 14.50 -0.90
N LEU B 93 -11.05 15.31 -1.99
CA LEU B 93 -10.23 16.54 -2.01
C LEU B 93 -10.98 17.74 -1.40
N GLN B 94 -12.33 17.78 -1.60
CA GLN B 94 -13.25 18.81 -1.05
C GLN B 94 -12.76 20.26 -1.28
N LYS B 95 -12.02 20.46 -2.37
CA LYS B 95 -11.33 21.73 -2.69
C LYS B 95 -11.84 22.28 -4.02
N LYS B 96 -11.78 23.60 -4.21
CA LYS B 96 -12.17 24.25 -5.47
C LYS B 96 -10.94 24.28 -6.41
N HIS A 1 24.34 -25.28 19.08
CA HIS A 1 24.34 -24.56 20.36
C HIS A 1 24.29 -23.04 20.12
N HIS A 2 23.86 -22.28 21.15
CA HIS A 2 23.84 -20.80 21.10
C HIS A 2 23.76 -20.22 22.52
N HIS A 3 23.90 -18.89 22.62
CA HIS A 3 23.88 -18.17 23.90
C HIS A 3 22.98 -16.92 23.79
N HIS A 4 22.65 -16.33 24.95
CA HIS A 4 21.87 -15.07 25.03
C HIS A 4 22.81 -13.87 24.85
N HIS A 5 22.58 -13.08 23.78
CA HIS A 5 23.40 -11.89 23.47
C HIS A 5 22.47 -10.75 23.04
N HIS A 6 22.62 -9.58 23.68
CA HIS A 6 21.76 -8.41 23.43
C HIS A 6 22.62 -7.15 23.38
N SER A 7 22.86 -6.62 22.16
CA SER A 7 23.52 -5.33 22.00
C SER A 7 22.47 -4.21 22.13
N HIS A 8 22.49 -3.58 23.30
CA HIS A 8 21.70 -2.37 23.63
C HIS A 8 22.66 -1.17 23.69
N MET A 9 22.27 -0.02 23.12
CA MET A 9 23.14 1.17 23.08
C MET A 9 23.08 1.92 24.42
N VAL A 10 24.24 2.39 24.90
CA VAL A 10 24.33 3.29 26.06
C VAL A 10 23.85 4.71 25.67
N GLY A 11 23.10 5.36 26.57
CA GLY A 11 22.49 6.67 26.30
C GLY A 11 21.12 6.56 25.64
N ASP A 12 20.66 5.31 25.43
CA ASP A 12 19.32 5.03 24.88
C ASP A 12 18.30 4.94 26.03
N THR A 13 17.03 5.25 25.75
CA THR A 13 15.94 5.08 26.73
C THR A 13 15.31 3.68 26.58
N VAL A 14 15.31 2.90 27.68
CA VAL A 14 14.81 1.51 27.68
C VAL A 14 13.82 1.30 28.86
N TRP A 15 12.97 0.27 28.73
CA TRP A 15 11.95 -0.08 29.72
C TRP A 15 12.42 -1.24 30.60
N VAL A 16 12.21 -1.15 31.92
CA VAL A 16 12.60 -2.21 32.88
C VAL A 16 11.35 -2.92 33.42
N ARG A 17 11.26 -4.23 33.13
CA ARG A 17 10.19 -5.11 33.65
C ARG A 17 10.45 -5.46 35.12
N ARG A 18 9.40 -5.30 35.96
CA ARG A 18 9.44 -5.74 37.37
C ARG A 18 9.56 -7.27 37.42
N HIS A 19 10.81 -7.75 37.63
CA HIS A 19 11.11 -9.17 37.86
C HIS A 19 10.66 -9.59 39.28
N GLN A 20 10.68 -8.63 40.22
CA GLN A 20 10.28 -8.85 41.62
C GLN A 20 8.75 -9.01 41.77
N THR A 21 7.99 -8.78 40.68
CA THR A 21 6.54 -9.04 40.65
C THR A 21 6.14 -9.74 39.34
N LYS A 22 5.85 -11.05 39.46
CA LYS A 22 5.56 -11.94 38.33
C LYS A 22 4.04 -11.92 38.00
N ASN A 23 3.53 -10.72 37.69
CA ASN A 23 2.11 -10.50 37.28
C ASN A 23 2.07 -9.60 36.04
N LEU A 24 1.09 -9.86 35.16
CA LEU A 24 0.88 -9.09 33.92
C LEU A 24 0.49 -7.62 34.21
N GLU A 25 -0.15 -7.38 35.38
CA GLU A 25 -0.73 -6.07 35.74
C GLU A 25 0.31 -4.94 35.95
N PRO A 26 1.41 -5.12 36.77
CA PRO A 26 2.52 -4.16 36.80
C PRO A 26 3.41 -4.27 35.54
N ARG A 27 3.04 -3.53 34.48
CA ARG A 27 3.83 -3.44 33.23
C ARG A 27 5.21 -2.78 33.52
N TRP A 28 6.11 -2.82 32.53
CA TRP A 28 7.46 -2.23 32.67
C TRP A 28 7.40 -0.69 32.80
N LYS A 29 8.44 -0.09 33.42
CA LYS A 29 8.46 1.35 33.72
C LYS A 29 9.73 2.02 33.19
N GLY A 30 9.72 3.35 33.23
CA GLY A 30 10.78 4.19 32.69
C GLY A 30 10.19 5.26 31.75
N PRO A 31 10.77 5.48 30.53
CA PRO A 31 12.00 4.79 30.07
C PRO A 31 13.29 5.48 30.61
N TYR A 32 14.27 4.66 31.01
CA TYR A 32 15.48 5.12 31.71
C TYR A 32 16.68 5.15 30.75
N THR A 33 17.56 6.13 30.96
CA THR A 33 18.78 6.33 30.16
C THR A 33 19.86 5.31 30.57
N VAL A 34 20.31 4.48 29.62
CA VAL A 34 21.35 3.47 29.87
C VAL A 34 22.69 4.15 30.21
N LEU A 35 23.31 3.75 31.34
CA LEU A 35 24.62 4.27 31.77
C LEU A 35 25.73 3.25 31.51
N LEU A 36 25.41 1.96 31.73
CA LEU A 36 26.37 0.84 31.62
C LEU A 36 25.79 -0.25 30.72
N THR A 37 26.66 -0.87 29.90
CA THR A 37 26.27 -1.89 28.92
C THR A 37 27.23 -3.10 28.98
N THR A 38 26.65 -4.30 29.10
CA THR A 38 27.37 -5.59 28.97
C THR A 38 26.62 -6.44 27.91
N PRO A 39 27.24 -7.51 27.29
CA PRO A 39 26.58 -8.28 26.17
C PRO A 39 25.38 -9.18 26.61
N THR A 40 24.89 -8.99 27.86
CA THR A 40 23.86 -9.85 28.47
C THR A 40 22.93 -9.02 29.39
N ALA A 41 23.48 -7.94 30.01
CA ALA A 41 22.75 -7.09 30.96
C ALA A 41 23.14 -5.61 30.75
N LEU A 42 22.48 -4.71 31.48
CA LEU A 42 22.76 -3.26 31.41
C LEU A 42 22.28 -2.58 32.69
N LYS A 43 22.97 -1.50 33.08
CA LYS A 43 22.55 -0.67 34.20
C LYS A 43 22.02 0.66 33.65
N VAL A 44 20.91 1.14 34.21
CA VAL A 44 20.25 2.37 33.75
C VAL A 44 20.07 3.35 34.92
N ASP A 45 20.05 4.65 34.56
CA ASP A 45 19.86 5.79 35.49
C ASP A 45 18.45 5.77 36.09
N GLY A 46 18.32 6.29 37.31
CA GLY A 46 17.04 6.38 37.99
C GLY A 46 16.76 5.16 38.86
N ILE A 47 16.85 3.97 38.24
CA ILE A 47 16.51 2.69 38.90
C ILE A 47 17.59 2.30 39.95
N ALA A 48 18.86 2.73 39.69
CA ALA A 48 20.02 2.53 40.58
C ALA A 48 20.33 1.03 40.81
N ALA A 49 20.15 0.22 39.75
CA ALA A 49 20.31 -1.26 39.83
C ALA A 49 20.67 -1.84 38.46
N TRP A 50 21.34 -3.00 38.46
CA TRP A 50 21.62 -3.78 37.23
C TRP A 50 20.39 -4.63 36.84
N ILE A 51 20.05 -4.65 35.54
CA ILE A 51 18.92 -5.45 35.00
C ILE A 51 19.43 -6.32 33.84
N HIS A 52 19.03 -7.60 33.79
CA HIS A 52 19.30 -8.48 32.64
C HIS A 52 18.42 -8.06 31.45
N ALA A 53 19.03 -8.06 30.25
CA ALA A 53 18.42 -7.53 29.01
C ALA A 53 17.20 -8.34 28.52
N ALA A 54 16.98 -9.53 29.12
CA ALA A 54 15.77 -10.35 28.89
C ALA A 54 14.48 -9.66 29.37
N HIS A 55 14.64 -8.77 30.37
CA HIS A 55 13.53 -8.02 30.99
C HIS A 55 13.48 -6.57 30.47
N VAL A 56 14.31 -6.26 29.45
CA VAL A 56 14.55 -4.86 29.03
C VAL A 56 14.28 -4.70 27.52
N LYS A 57 13.55 -3.63 27.16
CA LYS A 57 13.18 -3.34 25.77
C LYS A 57 13.50 -1.87 25.45
N ALA A 58 14.17 -1.60 24.33
CA ALA A 58 14.39 -0.23 23.83
C ALA A 58 13.02 0.42 23.53
N ALA A 59 12.87 1.69 23.93
CA ALA A 59 11.62 2.46 23.77
C ALA A 59 11.21 2.60 22.29
N ASP A 60 12.21 2.64 21.40
CA ASP A 60 12.03 2.69 19.94
C ASP A 60 11.86 1.26 19.40
N PRO A 61 10.79 0.98 18.59
CA PRO A 61 10.52 -0.38 18.03
C PRO A 61 11.69 -0.93 17.19
N GLY A 62 12.45 -0.03 16.53
CA GLY A 62 13.57 -0.42 15.68
C GLY A 62 13.14 -1.17 14.42
N GLY A 63 12.10 -0.64 13.77
CA GLY A 63 11.56 -1.23 12.55
C GLY A 63 10.32 -0.51 12.08
N GLY A 64 10.11 -0.53 10.75
CA GLY A 64 8.92 0.08 10.13
C GLY A 64 9.06 0.19 8.61
N PRO A 65 9.03 -0.96 7.86
CA PRO A 65 9.14 -0.96 6.38
C PRO A 65 7.80 -0.63 5.69
N SER A 66 7.85 -0.37 4.38
CA SER A 66 6.67 -0.11 3.55
C SER A 66 7.01 -0.36 2.07
N SER A 67 6.26 -1.26 1.43
CA SER A 67 6.48 -1.65 0.04
C SER A 67 5.18 -2.27 -0.51
N ARG A 68 4.82 -1.90 -1.75
CA ARG A 68 3.60 -2.36 -2.41
C ARG A 68 3.77 -2.19 -3.94
N LEU A 69 3.21 -3.13 -4.72
CA LEU A 69 3.21 -3.05 -6.19
C LEU A 69 2.15 -2.04 -6.65
N THR A 70 2.62 -0.99 -7.33
CA THR A 70 1.78 0.11 -7.82
C THR A 70 1.48 -0.09 -9.31
N TRP A 71 0.55 0.71 -9.84
CA TRP A 71 0.21 0.69 -11.27
C TRP A 71 1.03 1.77 -12.02
N ARG A 72 1.50 1.43 -13.21
CA ARG A 72 2.25 2.34 -14.09
C ARG A 72 1.28 2.84 -15.17
N VAL A 73 1.16 4.17 -15.34
CA VAL A 73 0.31 4.74 -16.39
C VAL A 73 1.04 4.57 -17.74
N GLN A 74 0.61 3.55 -18.49
CA GLN A 74 1.15 3.17 -19.80
C GLN A 74 0.52 4.04 -20.88
N ARG A 75 1.37 4.72 -21.69
CA ARG A 75 0.88 5.50 -22.83
C ARG A 75 0.24 4.57 -23.89
N SER A 76 -1.01 4.85 -24.22
CA SER A 76 -1.75 4.16 -25.29
C SER A 76 -2.43 5.23 -26.15
N GLN A 77 -2.42 5.03 -27.48
CA GLN A 77 -2.99 5.99 -28.44
C GLN A 77 -4.53 5.97 -28.34
N ASN A 78 -5.04 6.73 -27.35
CA ASN A 78 -6.45 6.76 -26.96
C ASN A 78 -6.89 8.21 -26.70
N PRO A 79 -8.19 8.57 -26.94
CA PRO A 79 -8.72 9.93 -26.65
C PRO A 79 -8.74 10.27 -25.14
N LEU A 80 -9.22 9.31 -24.31
CA LEU A 80 -9.31 9.51 -22.84
C LEU A 80 -9.27 8.17 -22.07
N LYS A 81 -9.08 7.04 -22.78
CA LYS A 81 -8.85 5.73 -22.16
C LYS A 81 -7.38 5.61 -21.71
N ILE A 82 -7.15 5.01 -20.53
CA ILE A 82 -5.78 4.76 -20.01
C ILE A 82 -5.54 3.24 -19.86
N ARG A 83 -4.27 2.89 -19.59
CA ARG A 83 -3.85 1.51 -19.38
C ARG A 83 -2.90 1.50 -18.18
N LEU A 84 -3.21 0.67 -17.17
CA LEU A 84 -2.43 0.57 -15.94
C LEU A 84 -1.74 -0.79 -15.89
N THR A 85 -0.41 -0.79 -15.97
CA THR A 85 0.41 -2.01 -16.01
C THR A 85 1.05 -2.27 -14.62
N ARG A 86 1.59 -3.49 -14.39
CA ARG A 86 2.26 -3.83 -13.12
C ARG A 86 3.66 -3.18 -13.07
N GLU A 87 3.84 -2.22 -12.15
CA GLU A 87 5.13 -1.56 -11.93
C GLU A 87 6.02 -2.46 -11.04
N ALA A 88 7.32 -2.53 -11.37
CA ALA A 88 8.30 -3.39 -10.67
C ALA A 88 8.77 -2.73 -9.36
N PRO A 89 9.04 -3.52 -8.26
CA PRO A 89 9.53 -2.97 -6.98
C PRO A 89 10.91 -2.29 -7.13
N HIS B 1 -8.17 -14.72 34.72
CA HIS B 1 -8.49 -15.02 33.31
C HIS B 1 -10.00 -14.86 33.07
N HIS B 2 -10.42 -13.63 32.74
CA HIS B 2 -11.81 -13.30 32.34
C HIS B 2 -11.80 -11.88 31.72
N HIS B 3 -12.40 -11.75 30.52
CA HIS B 3 -12.58 -10.44 29.83
C HIS B 3 -13.42 -10.68 28.55
N HIS B 4 -14.70 -10.23 28.57
CA HIS B 4 -15.65 -10.50 27.46
C HIS B 4 -16.43 -9.23 27.08
N HIS B 5 -16.62 -9.00 25.76
CA HIS B 5 -17.28 -7.79 25.22
C HIS B 5 -17.86 -8.04 23.83
N HIS B 6 -18.83 -7.20 23.45
CA HIS B 6 -19.45 -7.17 22.10
C HIS B 6 -20.24 -5.87 21.90
N SER B 7 -20.12 -5.27 20.70
CA SER B 7 -20.77 -4.02 20.35
C SER B 7 -20.68 -3.81 18.82
N HIS B 8 -21.83 -3.73 18.15
CA HIS B 8 -21.92 -3.40 16.72
C HIS B 8 -23.36 -2.99 16.36
N MET B 9 -23.62 -1.68 16.36
CA MET B 9 -24.93 -1.10 15.97
C MET B 9 -24.72 -0.03 14.88
N GLY B 10 -25.85 0.51 14.38
CA GLY B 10 -25.83 1.46 13.26
C GLY B 10 -25.60 0.77 11.91
N LYS B 11 -25.97 -0.53 11.86
CA LYS B 11 -25.72 -1.38 10.67
C LYS B 11 -26.69 -1.08 9.52
N GLN B 12 -27.86 -0.55 9.88
CA GLN B 12 -28.98 -0.32 8.93
C GLN B 12 -28.81 1.01 8.18
N ALA B 13 -29.33 1.05 6.92
CA ALA B 13 -29.23 2.24 6.05
C ALA B 13 -30.24 2.16 4.88
N SER B 14 -31.54 2.29 5.21
CA SER B 14 -32.62 2.39 4.21
C SER B 14 -32.91 3.86 3.89
N ALA B 15 -33.26 4.17 2.63
CA ALA B 15 -33.50 5.54 2.16
C ALA B 15 -34.42 5.53 0.93
N SER B 16 -35.29 6.54 0.84
CA SER B 16 -36.19 6.71 -0.31
C SER B 16 -35.40 7.18 -1.56
N TYR B 17 -35.72 6.57 -2.72
CA TYR B 17 -35.13 6.93 -4.03
C TYR B 17 -35.51 8.38 -4.41
N ASP B 18 -34.70 8.99 -5.30
CA ASP B 18 -34.88 10.39 -5.75
C ASP B 18 -36.17 10.52 -6.59
N SER B 19 -36.25 9.77 -7.69
CA SER B 19 -37.41 9.75 -8.59
C SER B 19 -37.57 8.34 -9.18
N GLU B 20 -38.65 8.14 -9.98
CA GLU B 20 -38.85 6.89 -10.77
C GLU B 20 -37.57 6.56 -11.58
N GLU B 21 -37.14 7.56 -12.36
CA GLU B 21 -35.82 7.60 -13.02
C GLU B 21 -35.72 6.56 -14.15
N GLU B 22 -35.87 7.04 -15.41
CA GLU B 22 -35.81 6.20 -16.61
C GLU B 22 -34.36 5.81 -16.93
N GLU B 23 -33.48 6.82 -17.03
CA GLU B 23 -32.07 6.63 -17.38
C GLU B 23 -31.22 6.35 -16.13
N GLU B 24 -30.18 5.53 -16.31
CA GLU B 24 -29.32 5.06 -15.20
C GLU B 24 -28.59 6.23 -14.50
N GLY B 25 -28.14 7.21 -15.30
CA GLY B 25 -27.36 8.34 -14.80
C GLY B 25 -26.31 8.75 -15.81
N LEU B 26 -26.77 9.47 -16.87
CA LEU B 26 -25.89 10.10 -17.87
C LEU B 26 -26.12 11.64 -17.96
N PRO B 27 -25.84 12.44 -16.86
CA PRO B 27 -25.95 13.92 -16.92
C PRO B 27 -24.71 14.58 -17.55
N MET B 28 -23.64 13.80 -17.75
CA MET B 28 -22.35 14.29 -18.24
C MET B 28 -22.16 13.90 -19.71
N SER B 29 -21.61 14.83 -20.49
CA SER B 29 -21.32 14.66 -21.92
C SER B 29 -19.92 14.07 -22.11
N TYR B 30 -19.53 13.86 -23.38
CA TYR B 30 -18.20 13.36 -23.76
C TYR B 30 -17.08 14.29 -23.28
N ASP B 31 -17.37 15.60 -23.27
CA ASP B 31 -16.43 16.63 -22.84
C ASP B 31 -16.09 16.47 -21.34
N GLU B 32 -17.07 16.03 -20.55
CA GLU B 32 -16.89 15.73 -19.12
C GLU B 32 -16.14 14.42 -18.91
N LYS B 33 -16.27 13.47 -19.85
CA LYS B 33 -15.51 12.20 -19.83
C LYS B 33 -14.00 12.49 -20.03
N ARG B 34 -13.72 13.47 -20.91
CA ARG B 34 -12.37 13.98 -21.15
C ARG B 34 -11.84 14.71 -19.90
N GLN B 35 -12.72 15.55 -19.32
CA GLN B 35 -12.40 16.38 -18.14
C GLN B 35 -12.00 15.50 -16.94
N LEU B 36 -12.84 14.50 -16.62
CA LEU B 36 -12.60 13.62 -15.45
C LEU B 36 -11.34 12.79 -15.66
N SER B 37 -11.11 12.28 -16.90
CA SER B 37 -9.96 11.42 -17.23
C SER B 37 -8.60 12.12 -16.92
N LEU B 38 -8.44 13.37 -17.42
CA LEU B 38 -7.20 14.13 -17.24
C LEU B 38 -7.05 14.59 -15.77
N ASP B 39 -8.21 14.91 -15.14
CA ASP B 39 -8.28 15.41 -13.75
C ASP B 39 -7.92 14.29 -12.76
N ILE B 40 -8.27 13.05 -13.15
CA ILE B 40 -7.91 11.82 -12.38
C ILE B 40 -6.40 11.61 -12.53
N ASN B 41 -5.92 11.70 -13.78
CA ASN B 41 -4.48 11.62 -14.14
C ASN B 41 -3.62 12.64 -13.33
N ARG B 42 -4.19 13.81 -13.02
CA ARG B 42 -3.52 14.89 -12.24
C ARG B 42 -3.47 14.60 -10.72
N LEU B 43 -4.33 13.70 -10.23
CA LEU B 43 -4.31 13.23 -8.81
C LEU B 43 -3.04 12.37 -8.52
N PRO B 44 -2.61 12.26 -7.21
CA PRO B 44 -1.50 11.35 -6.75
C PRO B 44 -1.77 9.84 -7.08
N GLY B 45 -1.03 8.92 -6.42
CA GLY B 45 -1.23 7.45 -6.61
C GLY B 45 -2.63 6.96 -6.27
N GLU B 46 -3.39 7.79 -5.54
CA GLU B 46 -4.79 7.51 -5.19
C GLU B 46 -5.69 7.50 -6.43
N LYS B 47 -5.27 8.18 -7.52
CA LYS B 47 -6.01 8.13 -8.81
C LYS B 47 -6.19 6.68 -9.27
N LEU B 48 -5.13 5.88 -9.04
CA LEU B 48 -5.10 4.46 -9.37
C LEU B 48 -6.05 3.73 -8.41
N GLY B 49 -5.84 3.93 -7.09
CA GLY B 49 -6.63 3.25 -6.05
C GLY B 49 -8.15 3.40 -6.19
N ARG B 50 -8.61 4.66 -6.36
CA ARG B 50 -10.04 4.98 -6.53
C ARG B 50 -10.60 4.39 -7.84
N VAL B 51 -9.91 4.69 -8.99
CA VAL B 51 -10.45 4.34 -10.32
C VAL B 51 -10.59 2.82 -10.47
N VAL B 52 -9.56 2.06 -10.02
CA VAL B 52 -9.54 0.60 -10.13
C VAL B 52 -10.61 0.00 -9.21
N HIS B 53 -10.78 0.54 -8.00
CA HIS B 53 -11.70 -0.04 -7.02
C HIS B 53 -13.17 0.04 -7.50
N ILE B 54 -13.54 1.17 -8.13
CA ILE B 54 -14.94 1.43 -8.56
C ILE B 54 -15.29 0.65 -9.86
N ILE B 55 -14.37 0.63 -10.85
CA ILE B 55 -14.61 -0.14 -12.09
C ILE B 55 -14.69 -1.65 -11.79
N GLN B 56 -13.84 -2.14 -10.86
CA GLN B 56 -13.82 -3.57 -10.47
C GLN B 56 -14.98 -3.89 -9.50
N SER B 57 -15.52 -2.85 -8.82
CA SER B 57 -16.74 -2.97 -8.01
C SER B 57 -17.96 -3.29 -8.92
N ARG B 58 -17.91 -2.77 -10.17
CA ARG B 58 -18.92 -3.08 -11.20
C ARG B 58 -18.63 -4.43 -11.88
N GLU B 59 -17.37 -4.63 -12.26
CA GLU B 59 -16.93 -5.80 -13.02
C GLU B 59 -15.39 -5.94 -12.89
N PRO B 60 -14.87 -6.94 -12.10
CA PRO B 60 -13.41 -7.14 -11.90
C PRO B 60 -12.69 -7.61 -13.20
N SER B 61 -12.43 -6.66 -14.10
CA SER B 61 -11.81 -6.90 -15.43
C SER B 61 -10.43 -7.60 -15.33
N LEU B 62 -9.73 -7.39 -14.20
CA LEU B 62 -8.37 -7.88 -13.98
C LEU B 62 -8.29 -9.42 -13.95
N ARG B 63 -9.32 -10.11 -13.40
CA ARG B 63 -9.32 -11.60 -13.33
C ARG B 63 -9.74 -12.21 -14.68
N ASP B 64 -10.36 -11.38 -15.54
CA ASP B 64 -10.78 -11.79 -16.89
C ASP B 64 -9.59 -11.79 -17.86
N SER B 65 -8.63 -10.89 -17.59
CA SER B 65 -7.49 -10.65 -18.46
C SER B 65 -6.31 -10.10 -17.63
N ASN B 66 -5.52 -11.02 -17.01
CA ASN B 66 -4.21 -10.70 -16.38
C ASN B 66 -4.34 -9.68 -15.22
N PRO B 67 -4.36 -10.14 -13.91
CA PRO B 67 -4.57 -9.23 -12.73
C PRO B 67 -3.46 -8.17 -12.50
N ASP B 68 -2.35 -8.31 -13.25
CA ASP B 68 -1.22 -7.36 -13.21
C ASP B 68 -1.47 -6.11 -14.05
N GLU B 69 -2.45 -6.17 -14.96
CA GLU B 69 -2.77 -5.06 -15.88
C GLU B 69 -4.29 -4.84 -15.93
N ILE B 70 -4.73 -3.59 -15.74
CA ILE B 70 -6.15 -3.20 -15.81
C ILE B 70 -6.30 -1.98 -16.72
N GLU B 71 -7.25 -2.03 -17.65
CA GLU B 71 -7.60 -0.90 -18.53
C GLU B 71 -8.97 -0.35 -18.09
N ILE B 72 -9.05 0.98 -17.86
CA ILE B 72 -10.32 1.64 -17.50
C ILE B 72 -10.76 2.48 -18.71
N ASP B 73 -11.76 1.97 -19.45
CA ASP B 73 -12.27 2.59 -20.66
C ASP B 73 -13.52 3.40 -20.32
N PHE B 74 -13.34 4.65 -19.86
CA PHE B 74 -14.48 5.54 -19.52
C PHE B 74 -15.40 5.74 -20.75
N GLU B 75 -14.76 5.71 -21.92
CA GLU B 75 -15.39 5.88 -23.24
C GLU B 75 -16.51 4.85 -23.52
N THR B 76 -16.37 3.61 -23.01
CA THR B 76 -17.40 2.55 -23.20
C THR B 76 -18.01 2.10 -21.85
N LEU B 77 -17.42 2.55 -20.72
CA LEU B 77 -17.88 2.21 -19.35
C LEU B 77 -19.26 2.86 -19.11
N LYS B 78 -20.03 2.26 -18.17
CA LYS B 78 -21.36 2.75 -17.79
C LYS B 78 -21.26 4.19 -17.26
N PRO B 79 -22.11 5.15 -17.77
CA PRO B 79 -22.08 6.54 -17.31
C PRO B 79 -22.42 6.71 -15.82
N THR B 80 -23.04 5.67 -15.21
CA THR B 80 -23.19 5.57 -13.74
C THR B 80 -21.82 5.51 -13.04
N THR B 81 -20.91 4.69 -13.58
CA THR B 81 -19.58 4.46 -13.02
C THR B 81 -18.70 5.73 -13.14
N LEU B 82 -18.85 6.46 -14.28
CA LEU B 82 -18.13 7.75 -14.50
C LEU B 82 -18.65 8.84 -13.57
N ARG B 83 -20.00 8.96 -13.51
CA ARG B 83 -20.71 9.94 -12.68
C ARG B 83 -20.33 9.73 -11.21
N GLU B 84 -20.35 8.45 -10.77
CA GLU B 84 -20.13 8.10 -9.38
C GLU B 84 -18.66 8.25 -9.01
N LEU B 85 -17.74 7.90 -9.93
CA LEU B 85 -16.28 8.11 -9.73
C LEU B 85 -15.99 9.60 -9.56
N GLU B 86 -16.61 10.42 -10.43
CA GLU B 86 -16.44 11.88 -10.45
C GLU B 86 -16.80 12.46 -9.07
N ARG B 87 -18.06 12.28 -8.65
CA ARG B 87 -18.55 12.85 -7.38
C ARG B 87 -17.93 12.15 -6.15
N TYR B 88 -17.39 10.92 -6.32
CA TYR B 88 -16.72 10.19 -5.23
C TYR B 88 -15.40 10.89 -4.89
N VAL B 89 -14.50 10.97 -5.89
CA VAL B 89 -13.15 11.52 -5.72
C VAL B 89 -13.21 13.02 -5.34
N LYS B 90 -14.10 13.76 -6.02
CA LYS B 90 -14.30 15.20 -5.82
C LYS B 90 -14.77 15.49 -4.37
N SER B 91 -15.72 14.67 -3.87
CA SER B 91 -16.25 14.80 -2.50
C SER B 91 -15.30 14.18 -1.45
N CYS B 92 -14.37 13.30 -1.89
CA CYS B 92 -13.41 12.62 -1.00
C CYS B 92 -12.24 13.55 -0.63
N LEU B 93 -11.63 14.18 -1.64
CA LEU B 93 -10.49 15.10 -1.42
C LEU B 93 -10.95 16.42 -0.79
N GLN B 94 -12.24 16.79 -1.01
CA GLN B 94 -12.93 17.94 -0.35
C GLN B 94 -12.36 19.33 -0.76
N LYS B 95 -11.30 19.34 -1.57
CA LYS B 95 -10.59 20.56 -1.98
C LYS B 95 -11.08 20.99 -3.38
N LYS B 96 -10.88 22.25 -3.74
CA LYS B 96 -11.28 22.78 -5.05
C LYS B 96 -10.21 23.75 -5.59
N HIS A 1 33.28 -32.25 11.24
CA HIS A 1 33.71 -30.86 11.02
C HIS A 1 32.97 -29.94 11.97
N HIS A 2 33.72 -29.29 12.89
CA HIS A 2 33.17 -28.31 13.83
C HIS A 2 34.13 -27.11 13.90
N HIS A 3 33.83 -26.08 13.10
CA HIS A 3 34.54 -24.79 13.14
C HIS A 3 33.72 -23.81 13.99
N HIS A 4 34.14 -23.60 15.24
CA HIS A 4 33.42 -22.73 16.18
C HIS A 4 33.79 -21.25 15.94
N HIS A 5 32.77 -20.37 15.90
CA HIS A 5 32.95 -18.92 15.78
C HIS A 5 31.62 -18.20 16.05
N HIS A 6 31.66 -17.06 16.76
CA HIS A 6 30.51 -16.17 16.96
C HIS A 6 30.96 -14.73 16.62
N SER A 7 30.37 -14.12 15.59
CA SER A 7 30.71 -12.74 15.22
C SER A 7 29.83 -11.76 16.02
N HIS A 8 30.46 -11.13 17.01
CA HIS A 8 29.89 -10.04 17.82
C HIS A 8 30.56 -8.71 17.44
N MET A 9 29.79 -7.63 17.32
CA MET A 9 30.32 -6.30 16.99
C MET A 9 30.79 -5.57 18.27
N VAL A 10 32.05 -5.11 18.25
CA VAL A 10 32.59 -4.21 19.29
C VAL A 10 31.99 -2.81 19.11
N GLY A 11 31.59 -2.18 20.22
CA GLY A 11 30.94 -0.87 20.20
C GLY A 11 29.42 -0.98 20.24
N ASP A 12 28.88 -2.20 19.99
CA ASP A 12 27.43 -2.46 20.00
C ASP A 12 26.97 -2.84 21.40
N THR A 13 25.70 -2.51 21.70
CA THR A 13 25.05 -2.87 22.96
C THR A 13 24.51 -4.30 22.87
N VAL A 14 24.85 -5.14 23.87
CA VAL A 14 24.46 -6.57 23.92
C VAL A 14 23.78 -6.89 25.25
N TRP A 15 23.38 -8.16 25.40
CA TRP A 15 22.72 -8.69 26.60
C TRP A 15 23.52 -9.91 27.08
N VAL A 16 23.96 -9.90 28.34
CA VAL A 16 24.77 -10.98 28.93
C VAL A 16 23.87 -11.90 29.75
N ARG A 17 23.78 -13.18 29.36
CA ARG A 17 22.96 -14.17 30.08
C ARG A 17 23.86 -14.93 31.07
N ARG A 18 23.63 -14.69 32.36
CA ARG A 18 24.39 -15.30 33.46
C ARG A 18 23.92 -16.76 33.67
N HIS A 19 24.74 -17.56 34.41
CA HIS A 19 24.57 -19.01 34.60
C HIS A 19 24.90 -19.70 33.28
N GLN A 20 26.20 -19.69 32.97
CA GLN A 20 26.75 -20.09 31.67
C GLN A 20 26.59 -21.61 31.47
N THR A 21 25.42 -21.99 30.88
CA THR A 21 25.01 -23.38 30.54
C THR A 21 24.37 -24.08 31.77
N LYS A 22 24.31 -23.38 32.91
CA LYS A 22 23.81 -23.92 34.18
C LYS A 22 22.28 -23.88 34.25
N ASN A 23 21.69 -22.68 34.10
CA ASN A 23 20.25 -22.45 34.39
C ASN A 23 19.55 -21.67 33.25
N LEU A 24 18.25 -21.95 33.05
CA LEU A 24 17.41 -21.30 32.01
C LEU A 24 16.55 -20.16 32.62
N GLU A 25 16.23 -20.28 33.92
CA GLU A 25 15.37 -19.32 34.64
C GLU A 25 15.89 -17.85 34.61
N PRO A 26 17.19 -17.56 34.94
CA PRO A 26 17.72 -16.17 34.93
C PRO A 26 17.78 -15.61 33.48
N ARG A 27 17.31 -14.39 33.30
CA ARG A 27 17.29 -13.72 31.99
C ARG A 27 18.44 -12.71 31.91
N TRP A 28 18.89 -12.44 30.67
CA TRP A 28 20.06 -11.59 30.41
C TRP A 28 19.88 -10.13 30.89
N LYS A 29 20.97 -9.58 31.45
CA LYS A 29 21.03 -8.20 31.96
C LYS A 29 21.78 -7.32 30.94
N GLY A 30 21.57 -5.99 31.05
CA GLY A 30 22.25 -5.04 30.17
C GLY A 30 21.43 -3.76 29.99
N PRO A 31 21.55 -3.05 28.80
CA PRO A 31 22.49 -3.41 27.72
C PRO A 31 23.92 -2.90 28.00
N TYR A 32 24.93 -3.66 27.55
CA TYR A 32 26.35 -3.36 27.78
C TYR A 32 27.08 -3.22 26.45
N THR A 33 27.92 -2.19 26.34
CA THR A 33 28.71 -1.94 25.14
C THR A 33 29.91 -2.89 25.11
N VAL A 34 30.07 -3.64 23.99
CA VAL A 34 31.19 -4.56 23.79
C VAL A 34 32.50 -3.76 23.70
N LEU A 35 33.48 -4.13 24.52
CA LEU A 35 34.77 -3.44 24.60
C LEU A 35 35.88 -4.30 23.96
N LEU A 36 35.80 -5.62 24.20
CA LEU A 36 36.80 -6.61 23.74
C LEU A 36 36.07 -7.74 22.99
N THR A 37 36.71 -8.25 21.94
CA THR A 37 36.13 -9.29 21.06
C THR A 37 37.17 -10.40 20.79
N THR A 38 36.82 -11.65 21.12
CA THR A 38 37.61 -12.85 20.76
C THR A 38 36.69 -13.81 19.94
N PRO A 39 37.25 -14.74 19.11
CA PRO A 39 36.44 -15.52 18.11
C PRO A 39 35.35 -16.45 18.71
N THR A 40 35.30 -16.58 20.05
CA THR A 40 34.34 -17.47 20.76
C THR A 40 33.74 -16.80 22.01
N ALA A 41 34.33 -15.66 22.44
CA ALA A 41 33.94 -14.95 23.67
C ALA A 41 34.08 -13.44 23.46
N LEU A 42 33.68 -12.64 24.46
CA LEU A 42 33.81 -11.17 24.40
C LEU A 42 33.75 -10.60 25.81
N LYS A 43 34.36 -9.42 26.02
CA LYS A 43 34.27 -8.72 27.30
C LYS A 43 33.53 -7.40 27.07
N VAL A 44 32.48 -7.15 27.85
CA VAL A 44 31.62 -5.97 27.68
C VAL A 44 31.65 -5.12 28.96
N ASP A 45 31.16 -3.88 28.83
CA ASP A 45 31.14 -2.87 29.90
C ASP A 45 30.20 -3.34 31.04
N GLY A 46 30.50 -2.91 32.28
CA GLY A 46 29.64 -3.17 33.43
C GLY A 46 29.84 -4.55 34.06
N ILE A 47 29.70 -5.60 33.21
CA ILE A 47 29.74 -7.00 33.64
C ILE A 47 31.16 -7.38 34.15
N ALA A 48 32.19 -6.71 33.58
CA ALA A 48 33.60 -6.83 34.01
C ALA A 48 34.15 -8.26 33.88
N ALA A 49 33.54 -9.06 32.98
CA ALA A 49 33.87 -10.49 32.82
C ALA A 49 33.86 -10.89 31.35
N TRP A 50 34.71 -11.86 31.00
CA TRP A 50 34.68 -12.52 29.69
C TRP A 50 33.51 -13.51 29.66
N ILE A 51 32.55 -13.27 28.75
CA ILE A 51 31.35 -14.10 28.60
C ILE A 51 31.50 -14.95 27.33
N HIS A 52 31.10 -16.24 27.40
CA HIS A 52 31.00 -17.10 26.21
C HIS A 52 29.84 -16.59 25.35
N ALA A 53 30.12 -16.36 24.06
CA ALA A 53 29.25 -15.64 23.12
C ALA A 53 27.94 -16.40 22.78
N ALA A 54 27.85 -17.68 23.20
CA ALA A 54 26.63 -18.49 23.08
C ALA A 54 25.52 -18.00 24.04
N HIS A 55 25.90 -17.16 25.02
CA HIS A 55 25.00 -16.62 26.06
C HIS A 55 24.78 -15.11 25.87
N VAL A 56 25.31 -14.55 24.77
CA VAL A 56 25.35 -13.09 24.57
C VAL A 56 24.62 -12.75 23.28
N LYS A 57 23.64 -11.85 23.38
CA LYS A 57 22.80 -11.46 22.24
C LYS A 57 22.95 -9.97 21.97
N ALA A 58 23.30 -9.63 20.72
CA ALA A 58 23.35 -8.24 20.25
C ALA A 58 21.93 -7.65 20.23
N ALA A 59 21.81 -6.41 20.75
CA ALA A 59 20.52 -5.70 20.84
C ALA A 59 20.13 -5.13 19.46
N ASP A 60 19.76 -6.05 18.56
CA ASP A 60 19.36 -5.73 17.18
C ASP A 60 17.87 -5.37 17.17
N PRO A 61 17.47 -4.13 16.75
CA PRO A 61 16.05 -3.70 16.75
C PRO A 61 15.24 -4.37 15.61
N GLY A 62 15.58 -4.04 14.35
CA GLY A 62 14.78 -4.45 13.19
C GLY A 62 13.50 -3.63 13.03
N GLY A 63 13.30 -3.04 11.85
CA GLY A 63 12.14 -2.21 11.56
C GLY A 63 12.39 -1.26 10.39
N GLY A 64 12.04 -1.71 9.19
CA GLY A 64 12.22 -0.91 7.98
C GLY A 64 11.36 -1.44 6.84
N PRO A 65 10.10 -0.91 6.65
CA PRO A 65 9.20 -1.37 5.56
C PRO A 65 9.55 -0.70 4.20
N SER A 66 9.69 -1.52 3.14
CA SER A 66 9.96 -1.04 1.77
C SER A 66 9.57 -2.13 0.75
N SER A 67 8.25 -2.30 0.55
CA SER A 67 7.70 -3.26 -0.42
C SER A 67 6.21 -2.95 -0.65
N ARG A 68 5.82 -2.75 -1.92
CA ARG A 68 4.43 -2.52 -2.31
C ARG A 68 4.31 -2.69 -3.83
N LEU A 69 3.15 -3.18 -4.29
CA LEU A 69 2.79 -3.20 -5.72
C LEU A 69 2.05 -1.89 -6.05
N THR A 70 2.26 -1.37 -7.26
CA THR A 70 1.59 -0.13 -7.70
C THR A 70 1.25 -0.21 -9.19
N TRP A 71 0.31 0.66 -9.61
CA TRP A 71 -0.08 0.78 -11.01
C TRP A 71 0.80 1.82 -11.71
N ARG A 72 1.08 1.59 -13.00
CA ARG A 72 1.87 2.51 -13.84
C ARG A 72 1.00 2.93 -15.02
N VAL A 73 0.91 4.24 -15.29
CA VAL A 73 0.11 4.79 -16.40
C VAL A 73 0.91 4.70 -17.72
N GLN A 74 0.40 3.94 -18.69
CA GLN A 74 0.92 3.93 -20.07
C GLN A 74 -0.13 4.52 -21.00
N ARG A 75 0.35 5.30 -21.97
CA ARG A 75 -0.48 5.82 -23.05
C ARG A 75 -0.57 4.77 -24.18
N SER A 76 -1.74 4.71 -24.79
CA SER A 76 -2.03 3.88 -25.96
C SER A 76 -2.58 4.80 -27.06
N GLN A 77 -2.88 4.24 -28.25
CA GLN A 77 -3.70 4.94 -29.26
C GLN A 77 -5.15 5.05 -28.71
N ASN A 78 -5.36 6.06 -27.86
CA ASN A 78 -6.62 6.30 -27.15
C ASN A 78 -6.87 7.81 -27.08
N PRO A 79 -8.15 8.26 -27.00
CA PRO A 79 -8.48 9.67 -26.76
C PRO A 79 -8.21 10.11 -25.28
N LEU A 80 -8.80 9.39 -24.29
CA LEU A 80 -8.67 9.75 -22.84
C LEU A 80 -8.52 8.51 -21.91
N LYS A 81 -8.32 7.31 -22.47
CA LYS A 81 -8.14 6.05 -21.68
C LYS A 81 -6.70 5.94 -21.10
N ILE A 82 -6.56 5.20 -19.99
CA ILE A 82 -5.26 4.87 -19.39
C ILE A 82 -5.09 3.33 -19.30
N ARG A 83 -3.84 2.87 -19.39
CA ARG A 83 -3.47 1.46 -19.18
C ARG A 83 -2.61 1.36 -17.91
N LEU A 84 -3.17 0.77 -16.85
CA LEU A 84 -2.50 0.64 -15.56
C LEU A 84 -1.85 -0.76 -15.43
N THR A 85 -0.51 -0.80 -15.44
CA THR A 85 0.26 -2.05 -15.40
C THR A 85 0.85 -2.29 -14.00
N ARG A 86 1.29 -3.52 -13.73
CA ARG A 86 1.82 -3.92 -12.41
C ARG A 86 3.33 -3.69 -12.33
N GLU A 87 3.75 -2.75 -11.48
CA GLU A 87 5.16 -2.58 -11.10
C GLU A 87 5.47 -3.41 -9.86
N ALA A 88 6.57 -4.14 -9.95
CA ALA A 88 7.14 -4.93 -8.84
C ALA A 88 8.04 -4.02 -8.00
N PRO A 89 8.11 -4.20 -6.64
CA PRO A 89 9.02 -3.41 -5.77
C PRO A 89 10.52 -3.64 -6.13
N HIS B 1 -19.96 -5.20 44.04
CA HIS B 1 -19.62 -5.41 42.62
C HIS B 1 -20.34 -4.37 41.77
N HIS B 2 -19.65 -3.84 40.75
CA HIS B 2 -20.19 -2.87 39.78
C HIS B 2 -20.17 -3.46 38.35
N HIS B 3 -21.13 -2.99 37.53
CA HIS B 3 -21.24 -3.33 36.11
C HIS B 3 -21.95 -2.15 35.41
N HIS B 4 -21.37 -1.67 34.30
CA HIS B 4 -21.86 -0.47 33.59
C HIS B 4 -21.29 -0.40 32.16
N HIS B 5 -22.17 -0.59 31.16
CA HIS B 5 -21.86 -0.33 29.73
C HIS B 5 -23.18 -0.39 28.93
N HIS B 6 -23.65 0.78 28.47
CA HIS B 6 -24.84 0.91 27.62
C HIS B 6 -24.75 2.25 26.87
N SER B 7 -24.15 2.22 25.67
CA SER B 7 -24.07 3.37 24.76
C SER B 7 -23.85 2.84 23.34
N HIS B 8 -24.66 3.33 22.39
CA HIS B 8 -24.68 2.84 21.00
C HIS B 8 -25.21 3.96 20.10
N MET B 9 -24.37 4.99 19.90
CA MET B 9 -24.67 6.14 19.03
C MET B 9 -23.83 6.06 17.75
N GLY B 10 -23.96 7.08 16.87
CA GLY B 10 -23.22 7.12 15.61
C GLY B 10 -24.01 6.54 14.45
N LYS B 11 -25.33 6.42 14.63
CA LYS B 11 -26.26 5.95 13.60
C LYS B 11 -27.20 7.09 13.19
N GLN B 12 -27.77 7.00 11.98
CA GLN B 12 -28.66 8.03 11.44
C GLN B 12 -29.41 7.47 10.21
N ALA B 13 -30.59 6.85 10.47
CA ALA B 13 -31.42 6.23 9.42
C ALA B 13 -32.42 7.24 8.85
N SER B 14 -32.01 7.94 7.78
CA SER B 14 -32.84 8.96 7.09
C SER B 14 -32.17 9.30 5.74
N ALA B 15 -32.95 9.31 4.65
CA ALA B 15 -32.44 9.59 3.30
C ALA B 15 -33.49 10.32 2.44
N SER B 16 -33.04 10.82 1.29
CA SER B 16 -33.88 11.54 0.31
C SER B 16 -33.25 11.44 -1.10
N TYR B 17 -34.06 11.70 -2.14
CA TYR B 17 -33.60 11.63 -3.55
C TYR B 17 -33.37 13.04 -4.11
N ASP B 18 -32.65 13.11 -5.24
CA ASP B 18 -32.38 14.37 -5.97
C ASP B 18 -33.59 14.75 -6.85
N SER B 19 -33.92 13.86 -7.79
CA SER B 19 -35.07 13.99 -8.69
C SER B 19 -35.66 12.60 -8.94
N GLU B 20 -36.78 12.54 -9.69
CA GLU B 20 -37.43 11.29 -10.12
C GLU B 20 -36.42 10.38 -10.85
N GLU B 21 -35.86 10.93 -11.96
CA GLU B 21 -34.75 10.34 -12.74
C GLU B 21 -35.06 8.88 -13.15
N GLU B 22 -35.86 8.74 -14.21
CA GLU B 22 -36.28 7.42 -14.73
C GLU B 22 -35.07 6.62 -15.23
N GLU B 23 -34.13 7.34 -15.86
CA GLU B 23 -32.82 6.80 -16.28
C GLU B 23 -31.93 6.57 -15.04
N GLU B 24 -30.90 5.72 -15.18
CA GLU B 24 -29.92 5.45 -14.10
C GLU B 24 -29.00 6.66 -13.84
N GLY B 25 -28.97 7.61 -14.80
CA GLY B 25 -28.23 8.85 -14.64
C GLY B 25 -26.92 8.82 -15.38
N LEU B 26 -26.98 9.17 -16.68
CA LEU B 26 -25.82 9.24 -17.58
C LEU B 26 -25.75 10.59 -18.37
N PRO B 27 -26.02 11.80 -17.73
CA PRO B 27 -26.19 13.06 -18.49
C PRO B 27 -24.83 13.70 -18.85
N MET B 28 -23.74 13.08 -18.40
CA MET B 28 -22.38 13.56 -18.63
C MET B 28 -21.90 13.09 -19.99
N SER B 29 -21.79 14.04 -20.92
CA SER B 29 -21.37 13.82 -22.31
C SER B 29 -19.87 13.51 -22.38
N TYR B 30 -19.39 13.36 -23.63
CA TYR B 30 -17.97 13.10 -23.92
C TYR B 30 -17.05 14.15 -23.27
N ASP B 31 -17.55 15.41 -23.16
CA ASP B 31 -16.79 16.56 -22.62
C ASP B 31 -16.50 16.39 -21.11
N GLU B 32 -17.53 16.07 -20.33
CA GLU B 32 -17.39 15.82 -18.88
C GLU B 32 -16.48 14.60 -18.65
N LYS B 33 -16.64 13.58 -19.52
CA LYS B 33 -15.83 12.35 -19.49
C LYS B 33 -14.33 12.65 -19.70
N ARG B 34 -14.04 13.56 -20.64
CA ARG B 34 -12.67 14.07 -20.88
C ARG B 34 -12.15 14.77 -19.62
N GLN B 35 -12.96 15.74 -19.13
CA GLN B 35 -12.56 16.64 -18.05
C GLN B 35 -12.24 15.88 -16.74
N LEU B 36 -13.05 14.87 -16.40
CA LEU B 36 -12.84 14.10 -15.19
C LEU B 36 -11.59 13.23 -15.33
N SER B 37 -11.40 12.63 -16.51
CA SER B 37 -10.32 11.66 -16.73
C SER B 37 -8.92 12.31 -16.58
N LEU B 38 -8.66 13.44 -17.29
CA LEU B 38 -7.33 14.10 -17.23
C LEU B 38 -7.14 14.75 -15.85
N ASP B 39 -8.24 15.20 -15.22
CA ASP B 39 -8.21 15.82 -13.87
C ASP B 39 -7.74 14.80 -12.82
N ILE B 40 -8.40 13.63 -12.77
CA ILE B 40 -8.04 12.53 -11.84
C ILE B 40 -6.61 12.03 -12.17
N ASN B 41 -6.26 12.08 -13.47
CA ASN B 41 -4.93 11.72 -14.00
C ASN B 41 -3.81 12.64 -13.42
N ARG B 42 -4.16 13.91 -13.13
CA ARG B 42 -3.22 14.87 -12.53
C ARG B 42 -2.92 14.51 -11.05
N LEU B 43 -3.80 13.72 -10.42
CA LEU B 43 -3.54 13.10 -9.11
C LEU B 43 -2.68 11.83 -9.32
N PRO B 44 -1.64 11.57 -8.47
CA PRO B 44 -0.75 10.39 -8.63
C PRO B 44 -1.45 9.04 -8.20
N GLY B 45 -1.30 8.64 -6.90
CA GLY B 45 -1.84 7.36 -6.41
C GLY B 45 -3.35 7.40 -6.18
N GLU B 46 -3.93 8.62 -6.24
CA GLU B 46 -5.38 8.82 -6.17
C GLU B 46 -6.04 8.41 -7.49
N LYS B 47 -5.31 8.54 -8.61
CA LYS B 47 -5.77 8.07 -9.94
C LYS B 47 -5.87 6.55 -9.88
N LEU B 48 -4.75 5.95 -9.50
CA LEU B 48 -4.55 4.50 -9.50
C LEU B 48 -5.57 3.83 -8.58
N GLY B 49 -5.57 4.28 -7.31
CA GLY B 49 -6.38 3.70 -6.24
C GLY B 49 -7.88 3.86 -6.46
N ARG B 50 -8.34 5.12 -6.66
CA ARG B 50 -9.79 5.44 -6.72
C ARG B 50 -10.47 4.83 -7.96
N VAL B 51 -9.80 4.93 -9.12
CA VAL B 51 -10.39 4.45 -10.39
C VAL B 51 -10.53 2.90 -10.37
N VAL B 52 -9.44 2.17 -10.04
CA VAL B 52 -9.48 0.68 -10.03
C VAL B 52 -10.47 0.14 -8.96
N HIS B 53 -10.59 0.89 -7.85
CA HIS B 53 -11.50 0.54 -6.76
C HIS B 53 -12.97 0.55 -7.23
N ILE B 54 -13.37 1.64 -7.89
CA ILE B 54 -14.76 1.85 -8.33
C ILE B 54 -15.13 0.88 -9.47
N ILE B 55 -14.33 0.87 -10.57
CA ILE B 55 -14.63 0.05 -11.77
C ILE B 55 -14.71 -1.45 -11.43
N GLN B 56 -13.81 -1.93 -10.56
CA GLN B 56 -13.75 -3.37 -10.21
C GLN B 56 -14.75 -3.73 -9.11
N SER B 57 -15.29 -2.71 -8.40
CA SER B 57 -16.43 -2.90 -7.49
C SER B 57 -17.75 -2.92 -8.28
N ARG B 58 -17.72 -2.41 -9.52
CA ARG B 58 -18.85 -2.49 -10.46
C ARG B 58 -18.78 -3.79 -11.29
N GLU B 59 -17.53 -4.21 -11.59
CA GLU B 59 -17.25 -5.41 -12.40
C GLU B 59 -15.73 -5.72 -12.34
N PRO B 60 -15.29 -6.80 -11.61
CA PRO B 60 -13.86 -7.20 -11.55
C PRO B 60 -13.38 -7.79 -12.90
N SER B 61 -12.97 -6.90 -13.81
CA SER B 61 -12.50 -7.25 -15.16
C SER B 61 -11.10 -7.92 -15.12
N LEU B 62 -10.14 -7.23 -14.45
CA LEU B 62 -8.71 -7.64 -14.41
C LEU B 62 -8.56 -9.10 -13.95
N ARG B 63 -9.47 -9.53 -13.07
CA ARG B 63 -9.39 -10.80 -12.32
C ARG B 63 -9.10 -11.99 -13.26
N ASP B 64 -9.71 -11.98 -14.45
CA ASP B 64 -9.50 -13.04 -15.46
C ASP B 64 -8.79 -12.48 -16.68
N SER B 65 -9.02 -11.18 -16.95
CA SER B 65 -8.37 -10.43 -18.04
C SER B 65 -7.03 -9.89 -17.55
N ASN B 66 -6.10 -10.82 -17.23
CA ASN B 66 -4.74 -10.55 -16.74
C ASN B 66 -4.80 -9.88 -15.33
N PRO B 67 -4.79 -10.69 -14.21
CA PRO B 67 -5.09 -10.19 -12.83
C PRO B 67 -4.08 -9.15 -12.27
N ASP B 68 -2.95 -8.96 -12.94
CA ASP B 68 -1.91 -7.98 -12.52
C ASP B 68 -2.11 -6.61 -13.17
N GLU B 69 -2.84 -6.55 -14.29
CA GLU B 69 -2.99 -5.31 -15.09
C GLU B 69 -4.48 -5.02 -15.35
N ILE B 70 -4.83 -3.73 -15.43
CA ILE B 70 -6.20 -3.27 -15.69
C ILE B 70 -6.16 -2.12 -16.72
N GLU B 71 -7.13 -2.14 -17.63
CA GLU B 71 -7.37 -1.07 -18.59
C GLU B 71 -8.78 -0.52 -18.37
N ILE B 72 -8.87 0.77 -18.05
CA ILE B 72 -10.17 1.43 -17.83
C ILE B 72 -10.52 2.23 -19.09
N ASP B 73 -11.43 1.67 -19.88
CA ASP B 73 -11.87 2.22 -21.15
C ASP B 73 -13.09 3.12 -20.93
N PHE B 74 -12.86 4.39 -20.57
CA PHE B 74 -13.94 5.35 -20.25
C PHE B 74 -14.82 5.63 -21.48
N GLU B 75 -14.18 5.74 -22.66
CA GLU B 75 -14.83 6.12 -23.92
C GLU B 75 -15.75 5.01 -24.47
N THR B 76 -15.76 3.83 -23.84
CA THR B 76 -16.79 2.79 -24.07
C THR B 76 -17.58 2.50 -22.77
N LEU B 77 -17.02 2.93 -21.61
CA LEU B 77 -17.66 2.76 -20.27
C LEU B 77 -18.88 3.68 -20.15
N LYS B 78 -19.82 3.26 -19.29
CA LYS B 78 -21.08 3.98 -19.07
C LYS B 78 -20.81 5.26 -18.24
N PRO B 79 -21.35 6.45 -18.67
CA PRO B 79 -21.16 7.74 -17.95
C PRO B 79 -21.71 7.72 -16.51
N THR B 80 -22.59 6.74 -16.24
CA THR B 80 -23.16 6.49 -14.91
C THR B 80 -22.07 6.09 -13.91
N THR B 81 -21.15 5.18 -14.33
CA THR B 81 -20.03 4.71 -13.50
C THR B 81 -19.06 5.87 -13.17
N LEU B 82 -18.88 6.75 -14.16
CA LEU B 82 -18.04 7.95 -14.05
C LEU B 82 -18.70 9.00 -13.12
N ARG B 83 -20.03 8.96 -13.06
CA ARG B 83 -20.84 9.85 -12.19
C ARG B 83 -20.66 9.46 -10.72
N GLU B 84 -20.65 8.13 -10.47
CA GLU B 84 -20.40 7.55 -9.14
C GLU B 84 -18.98 7.91 -8.69
N LEU B 85 -18.03 7.78 -9.64
CA LEU B 85 -16.61 8.10 -9.45
C LEU B 85 -16.43 9.59 -9.10
N GLU B 86 -17.16 10.47 -9.81
CA GLU B 86 -17.07 11.94 -9.64
C GLU B 86 -17.41 12.38 -8.20
N ARG B 87 -18.64 12.06 -7.74
CA ARG B 87 -19.11 12.46 -6.40
C ARG B 87 -18.22 11.84 -5.31
N TYR B 88 -17.75 10.60 -5.57
CA TYR B 88 -16.91 9.84 -4.64
C TYR B 88 -15.56 10.55 -4.40
N VAL B 89 -14.80 10.76 -5.49
CA VAL B 89 -13.41 11.27 -5.40
C VAL B 89 -13.36 12.70 -4.81
N LYS B 90 -14.30 13.58 -5.23
CA LYS B 90 -14.36 14.97 -4.72
C LYS B 90 -14.78 14.98 -3.24
N SER B 91 -15.56 13.96 -2.83
CA SER B 91 -16.00 13.79 -1.43
C SER B 91 -14.88 13.17 -0.57
N CYS B 92 -13.90 12.50 -1.21
CA CYS B 92 -12.76 11.88 -0.52
C CYS B 92 -11.66 12.93 -0.22
N LEU B 93 -11.26 13.70 -1.26
CA LEU B 93 -10.22 14.75 -1.10
C LEU B 93 -10.83 16.07 -0.58
N GLN B 94 -12.16 16.24 -0.75
CA GLN B 94 -12.95 17.36 -0.15
C GLN B 94 -12.45 18.74 -0.61
N LYS B 95 -11.99 18.81 -1.86
CA LYS B 95 -11.36 20.01 -2.45
C LYS B 95 -11.70 20.05 -3.96
N LYS B 96 -11.33 21.15 -4.64
CA LYS B 96 -11.49 21.27 -6.09
C LYS B 96 -10.21 21.91 -6.69
N HIS A 1 42.56 -27.83 13.13
CA HIS A 1 42.97 -26.65 13.91
C HIS A 1 41.85 -25.60 13.87
N HIS A 2 40.98 -25.63 14.90
CA HIS A 2 39.84 -24.70 15.03
C HIS A 2 39.47 -24.56 16.51
N HIS A 3 39.36 -23.31 16.99
CA HIS A 3 38.92 -23.00 18.35
C HIS A 3 37.38 -22.89 18.40
N HIS A 4 36.79 -23.25 19.55
CA HIS A 4 35.30 -23.29 19.72
C HIS A 4 34.75 -21.96 20.27
N HIS A 5 35.31 -20.83 19.80
CA HIS A 5 34.90 -19.50 20.27
C HIS A 5 33.57 -19.08 19.61
N HIS A 6 32.48 -19.15 20.39
CA HIS A 6 31.13 -18.79 19.94
C HIS A 6 30.76 -17.40 20.50
N SER A 7 30.90 -16.35 19.66
CA SER A 7 30.48 -15.00 20.05
C SER A 7 29.00 -14.79 19.66
N HIS A 8 28.14 -14.83 20.67
CA HIS A 8 26.68 -14.57 20.58
C HIS A 8 26.36 -13.22 21.26
N MET A 9 25.39 -12.47 20.72
CA MET A 9 25.03 -11.15 21.28
C MET A 9 24.01 -11.26 22.43
N VAL A 10 24.24 -10.48 23.50
CA VAL A 10 23.32 -10.37 24.64
C VAL A 10 22.12 -9.49 24.29
N GLY A 11 20.94 -9.81 24.86
CA GLY A 11 19.74 -9.01 24.70
C GLY A 11 18.74 -9.63 23.74
N ASP A 12 19.25 -10.32 22.71
CA ASP A 12 18.44 -10.92 21.64
C ASP A 12 17.63 -12.12 22.15
N THR A 13 16.51 -12.42 21.46
CA THR A 13 15.71 -13.62 21.69
C THR A 13 16.38 -14.81 20.99
N VAL A 14 16.59 -15.93 21.73
CA VAL A 14 17.23 -17.15 21.22
C VAL A 14 16.46 -18.41 21.69
N TRP A 15 16.54 -19.46 20.88
CA TRP A 15 15.87 -20.74 21.13
C TRP A 15 16.81 -21.64 21.96
N VAL A 16 16.32 -22.11 23.11
CA VAL A 16 17.09 -22.96 24.03
C VAL A 16 16.69 -24.43 23.85
N ARG A 17 17.63 -25.23 23.33
CA ARG A 17 17.41 -26.65 23.05
C ARG A 17 17.79 -27.45 24.31
N ARG A 18 16.88 -28.36 24.70
CA ARG A 18 17.02 -29.22 25.89
C ARG A 18 18.26 -30.17 25.78
N HIS A 19 18.58 -30.88 26.87
CA HIS A 19 19.67 -31.89 26.90
C HIS A 19 19.59 -32.86 25.71
N GLN A 20 20.70 -32.99 24.97
CA GLN A 20 20.77 -33.84 23.75
C GLN A 20 21.00 -35.32 24.13
N THR A 21 21.67 -35.53 25.28
CA THR A 21 21.85 -36.87 25.87
C THR A 21 20.49 -37.50 26.28
N LYS A 22 19.45 -36.64 26.40
CA LYS A 22 18.05 -37.09 26.61
C LYS A 22 17.57 -37.87 25.37
N ASN A 23 17.19 -37.13 24.31
CA ASN A 23 16.75 -37.68 23.00
C ASN A 23 17.06 -36.61 21.92
N LEU A 24 16.80 -36.94 20.64
CA LEU A 24 16.89 -35.95 19.52
C LEU A 24 15.55 -35.20 19.34
N GLU A 25 14.48 -35.76 19.95
CA GLU A 25 13.10 -35.27 19.80
C GLU A 25 12.80 -33.91 20.53
N PRO A 26 13.32 -33.66 21.81
CA PRO A 26 13.21 -32.33 22.47
C PRO A 26 13.63 -31.15 21.57
N ARG A 27 12.63 -30.44 21.03
CA ARG A 27 12.86 -29.20 20.25
C ARG A 27 13.21 -28.05 21.20
N TRP A 28 13.85 -27.02 20.66
CA TRP A 28 14.14 -25.78 21.39
C TRP A 28 12.86 -25.01 21.73
N LYS A 29 12.81 -24.46 22.95
CA LYS A 29 11.67 -23.66 23.44
C LYS A 29 12.12 -22.19 23.64
N GLY A 30 11.13 -21.32 23.86
CA GLY A 30 11.36 -19.90 24.06
C GLY A 30 10.60 -19.08 23.00
N PRO A 31 11.23 -18.07 22.31
CA PRO A 31 12.64 -17.68 22.51
C PRO A 31 12.82 -16.72 23.72
N TYR A 32 13.95 -16.87 24.42
CA TYR A 32 14.24 -16.14 25.67
C TYR A 32 15.27 -15.04 25.44
N THR A 33 15.23 -14.02 26.31
CA THR A 33 16.11 -12.86 26.26
C THR A 33 17.48 -13.20 26.89
N VAL A 34 18.58 -13.14 26.09
CA VAL A 34 19.94 -13.40 26.60
C VAL A 34 20.31 -12.33 27.66
N LEU A 35 20.66 -12.78 28.86
CA LEU A 35 21.05 -11.89 29.98
C LEU A 35 22.57 -11.85 30.13
N LEU A 36 23.21 -13.03 29.97
CA LEU A 36 24.64 -13.23 30.25
C LEU A 36 25.33 -13.91 29.06
N THR A 37 26.58 -13.54 28.78
CA THR A 37 27.36 -14.07 27.63
C THR A 37 28.79 -14.44 28.05
N THR A 38 29.25 -15.64 27.64
CA THR A 38 30.64 -16.12 27.80
C THR A 38 31.15 -16.60 26.41
N PRO A 39 32.50 -16.81 26.18
CA PRO A 39 33.06 -17.11 24.81
C PRO A 39 32.69 -18.51 24.22
N THR A 40 31.75 -19.24 24.84
CA THR A 40 31.32 -20.59 24.39
C THR A 40 29.86 -20.91 24.83
N ALA A 41 29.43 -20.33 25.98
CA ALA A 41 28.07 -20.53 26.54
C ALA A 41 27.40 -19.17 26.80
N LEU A 42 26.13 -19.18 27.17
CA LEU A 42 25.34 -17.97 27.45
C LEU A 42 24.16 -18.32 28.35
N LYS A 43 23.79 -17.41 29.26
CA LYS A 43 22.60 -17.58 30.09
C LYS A 43 21.49 -16.68 29.55
N VAL A 44 20.26 -17.17 29.57
CA VAL A 44 19.07 -16.42 29.13
C VAL A 44 18.05 -16.33 30.28
N ASP A 45 17.00 -15.56 30.04
CA ASP A 45 15.90 -15.36 30.99
C ASP A 45 14.96 -16.58 30.97
N GLY A 46 14.22 -16.79 32.07
CA GLY A 46 13.17 -17.80 32.14
C GLY A 46 13.68 -19.19 32.52
N ILE A 47 14.70 -19.67 31.79
CA ILE A 47 15.19 -21.07 31.89
C ILE A 47 15.93 -21.33 33.23
N ALA A 48 16.43 -20.24 33.86
CA ALA A 48 17.12 -20.27 35.18
C ALA A 48 18.42 -21.12 35.18
N ALA A 49 19.06 -21.24 34.00
CA ALA A 49 20.25 -22.10 33.82
C ALA A 49 21.12 -21.58 32.65
N TRP A 50 22.41 -22.00 32.64
CA TRP A 50 23.36 -21.68 31.57
C TRP A 50 23.23 -22.70 30.42
N ILE A 51 23.25 -22.20 29.17
CA ILE A 51 23.05 -23.00 27.95
C ILE A 51 24.30 -22.87 27.07
N HIS A 52 24.84 -23.99 26.55
CA HIS A 52 25.95 -23.97 25.59
C HIS A 52 25.42 -23.53 24.22
N ALA A 53 26.25 -22.80 23.44
CA ALA A 53 25.87 -22.23 22.12
C ALA A 53 25.57 -23.32 21.07
N ALA A 54 26.01 -24.56 21.36
CA ALA A 54 25.71 -25.75 20.54
C ALA A 54 24.21 -26.14 20.59
N HIS A 55 23.51 -25.63 21.63
CA HIS A 55 22.07 -25.89 21.88
C HIS A 55 21.25 -24.60 21.63
N VAL A 56 21.84 -23.56 21.04
CA VAL A 56 21.20 -22.24 20.96
C VAL A 56 21.12 -21.76 19.52
N LYS A 57 19.97 -21.18 19.14
CA LYS A 57 19.73 -20.68 17.79
C LYS A 57 19.19 -19.25 17.86
N ALA A 58 19.79 -18.32 17.11
CA ALA A 58 19.36 -16.91 17.06
C ALA A 58 18.01 -16.79 16.33
N ALA A 59 17.00 -16.19 17.01
CA ALA A 59 15.68 -15.94 16.42
C ALA A 59 15.78 -14.80 15.39
N ASP A 60 15.46 -15.12 14.12
CA ASP A 60 15.57 -14.16 12.99
C ASP A 60 14.28 -13.32 12.88
N PRO A 61 14.37 -11.97 12.66
CA PRO A 61 13.17 -11.09 12.57
C PRO A 61 12.37 -11.27 11.25
N GLY A 62 13.08 -11.50 10.13
CA GLY A 62 12.45 -11.66 8.81
C GLY A 62 11.74 -10.41 8.32
N GLY A 63 12.53 -9.39 7.94
CA GLY A 63 12.01 -8.11 7.46
C GLY A 63 11.60 -8.16 6.00
N GLY A 64 10.29 -8.15 5.74
CA GLY A 64 9.72 -8.15 4.39
C GLY A 64 8.90 -6.89 4.11
N PRO A 65 9.53 -5.78 3.58
CA PRO A 65 8.82 -4.51 3.29
C PRO A 65 8.04 -4.53 1.97
N SER A 66 7.96 -5.71 1.33
CA SER A 66 7.16 -5.95 0.12
C SER A 66 5.66 -5.91 0.49
N SER A 67 5.06 -4.70 0.42
CA SER A 67 3.69 -4.46 0.84
C SER A 67 2.71 -4.70 -0.32
N ARG A 68 2.87 -3.92 -1.40
CA ARG A 68 1.92 -3.93 -2.53
C ARG A 68 2.64 -3.59 -3.85
N LEU A 69 2.19 -4.24 -4.95
CA LEU A 69 2.53 -3.84 -6.32
C LEU A 69 1.53 -2.76 -6.75
N THR A 70 2.07 -1.60 -7.08
CA THR A 70 1.27 -0.41 -7.42
C THR A 70 1.02 -0.35 -8.94
N TRP A 71 0.09 0.52 -9.38
CA TRP A 71 -0.27 0.66 -10.80
C TRP A 71 0.59 1.74 -11.47
N ARG A 72 1.05 1.44 -12.68
CA ARG A 72 1.89 2.34 -13.49
C ARG A 72 0.97 2.97 -14.54
N VAL A 73 0.98 4.30 -14.69
CA VAL A 73 0.19 4.99 -15.72
C VAL A 73 1.03 5.12 -17.00
N GLN A 74 0.53 4.53 -18.10
CA GLN A 74 1.14 4.66 -19.42
C GLN A 74 0.18 5.42 -20.35
N ARG A 75 0.78 6.26 -21.21
CA ARG A 75 0.05 6.96 -22.28
C ARG A 75 -0.37 5.95 -23.37
N SER A 76 -1.48 6.25 -24.04
CA SER A 76 -2.03 5.40 -25.09
C SER A 76 -2.88 6.25 -26.03
N GLN A 77 -2.99 5.82 -27.31
CA GLN A 77 -3.82 6.49 -28.33
C GLN A 77 -5.30 6.14 -28.07
N ASN A 78 -5.89 6.89 -27.13
CA ASN A 78 -7.29 6.72 -26.69
C ASN A 78 -7.86 8.10 -26.27
N PRO A 79 -9.21 8.34 -26.44
CA PRO A 79 -9.83 9.69 -26.30
C PRO A 79 -9.64 10.32 -24.91
N LEU A 80 -9.86 9.52 -23.84
CA LEU A 80 -9.72 9.99 -22.44
C LEU A 80 -9.52 8.81 -21.45
N LYS A 81 -9.07 7.67 -21.99
CA LYS A 81 -8.79 6.43 -21.20
C LYS A 81 -7.30 6.43 -20.74
N ILE A 82 -7.01 5.69 -19.63
CA ILE A 82 -5.61 5.43 -19.18
C ILE A 82 -5.33 3.91 -19.18
N ARG A 83 -4.05 3.54 -19.17
CA ARG A 83 -3.59 2.13 -19.08
C ARG A 83 -2.73 1.95 -17.82
N LEU A 84 -3.20 1.09 -16.90
CA LEU A 84 -2.49 0.80 -15.65
C LEU A 84 -1.87 -0.61 -15.72
N THR A 85 -0.56 -0.72 -15.43
CA THR A 85 0.17 -1.99 -15.44
C THR A 85 0.74 -2.28 -14.05
N ARG A 86 1.28 -3.49 -13.85
CA ARG A 86 1.87 -3.89 -12.56
C ARG A 86 3.30 -3.32 -12.48
N GLU A 87 3.48 -2.28 -11.66
CA GLU A 87 4.79 -1.64 -11.45
C GLU A 87 5.55 -2.33 -10.31
N ALA A 88 6.85 -2.56 -10.53
CA ALA A 88 7.76 -3.15 -9.53
C ALA A 88 8.08 -2.13 -8.42
N PRO A 89 8.28 -2.60 -7.14
CA PRO A 89 8.66 -1.71 -6.01
C PRO A 89 10.06 -1.07 -6.25
N HIS B 1 -55.20 -44.01 16.21
CA HIS B 1 -55.53 -42.56 16.12
C HIS B 1 -55.13 -42.00 14.74
N HIS B 2 -55.91 -40.99 14.29
CA HIS B 2 -55.57 -40.16 13.14
C HIS B 2 -55.55 -38.68 13.60
N HIS B 3 -54.36 -38.05 13.53
CA HIS B 3 -54.12 -36.69 14.03
C HIS B 3 -52.80 -36.16 13.46
N HIS B 4 -52.88 -35.56 12.26
CA HIS B 4 -51.71 -35.01 11.54
C HIS B 4 -52.12 -33.73 10.79
N HIS B 5 -51.73 -32.55 11.34
CA HIS B 5 -51.92 -31.24 10.68
C HIS B 5 -50.92 -30.21 11.26
N HIS B 6 -50.07 -29.65 10.37
CA HIS B 6 -49.10 -28.58 10.67
C HIS B 6 -48.50 -28.06 9.33
N SER B 7 -49.25 -27.14 8.67
CA SER B 7 -48.91 -26.64 7.33
C SER B 7 -49.20 -25.13 7.19
N HIS B 8 -48.12 -24.32 7.19
CA HIS B 8 -48.16 -22.86 6.91
C HIS B 8 -46.73 -22.33 6.60
N MET B 9 -45.82 -23.26 6.23
CA MET B 9 -44.41 -22.95 5.90
C MET B 9 -44.28 -22.59 4.41
N GLY B 10 -43.19 -21.88 4.05
CA GLY B 10 -42.90 -21.55 2.65
C GLY B 10 -43.86 -20.52 2.06
N LYS B 11 -44.20 -19.52 2.88
CA LYS B 11 -45.16 -18.44 2.52
C LYS B 11 -44.42 -17.15 2.09
N GLN B 12 -43.09 -17.20 2.03
CA GLN B 12 -42.23 -16.05 1.69
C GLN B 12 -42.26 -15.83 0.17
N ALA B 13 -43.01 -14.79 -0.27
CA ALA B 13 -43.22 -14.49 -1.70
C ALA B 13 -43.76 -13.05 -1.89
N SER B 14 -42.83 -12.09 -2.02
CA SER B 14 -43.15 -10.66 -2.23
C SER B 14 -41.90 -9.92 -2.71
N ALA B 15 -42.05 -9.11 -3.77
CA ALA B 15 -40.95 -8.30 -4.36
C ALA B 15 -41.54 -7.11 -5.14
N SER B 16 -40.85 -5.97 -5.06
CA SER B 16 -41.22 -4.73 -5.79
C SER B 16 -39.93 -4.04 -6.30
N TYR B 17 -40.11 -2.91 -6.99
CA TYR B 17 -38.99 -2.10 -7.54
C TYR B 17 -39.04 -0.70 -6.92
N ASP B 18 -37.89 -0.01 -6.87
CA ASP B 18 -37.79 1.35 -6.28
C ASP B 18 -38.48 2.37 -7.20
N SER B 19 -38.00 2.41 -8.45
CA SER B 19 -38.55 3.25 -9.51
C SER B 19 -38.44 2.50 -10.84
N GLU B 20 -39.34 2.84 -11.77
CA GLU B 20 -39.34 2.34 -13.17
C GLU B 20 -37.93 2.43 -13.78
N GLU B 21 -37.39 3.66 -13.83
CA GLU B 21 -36.00 3.99 -14.24
C GLU B 21 -35.62 3.34 -15.59
N GLU B 22 -36.14 3.93 -16.67
CA GLU B 22 -35.79 3.51 -18.04
C GLU B 22 -34.36 3.96 -18.39
N GLU B 23 -34.02 5.18 -17.94
CA GLU B 23 -32.67 5.75 -18.08
C GLU B 23 -31.96 5.60 -16.73
N GLU B 24 -30.92 4.75 -16.66
CA GLU B 24 -30.16 4.50 -15.42
C GLU B 24 -29.41 5.75 -14.91
N GLY B 25 -28.92 6.58 -15.85
CA GLY B 25 -28.25 7.83 -15.52
C GLY B 25 -27.10 8.14 -16.46
N LEU B 26 -27.26 9.22 -17.25
CA LEU B 26 -26.23 9.76 -18.17
C LEU B 26 -26.04 11.30 -17.96
N PRO B 27 -25.64 11.76 -16.71
CA PRO B 27 -25.62 13.19 -16.34
C PRO B 27 -24.28 13.89 -16.64
N MET B 28 -23.65 13.49 -17.75
CA MET B 28 -22.34 14.03 -18.17
C MET B 28 -22.15 13.89 -19.68
N SER B 29 -21.57 14.95 -20.29
CA SER B 29 -21.19 14.98 -21.72
C SER B 29 -19.74 14.47 -21.90
N TYR B 30 -19.29 14.35 -23.17
CA TYR B 30 -17.90 13.95 -23.52
C TYR B 30 -16.87 14.93 -22.90
N ASP B 31 -17.29 16.20 -22.78
CA ASP B 31 -16.49 17.26 -22.14
C ASP B 31 -16.20 16.91 -20.67
N GLU B 32 -17.25 16.48 -19.95
CA GLU B 32 -17.16 16.10 -18.53
C GLU B 32 -16.25 14.87 -18.33
N LYS B 33 -16.26 13.98 -19.33
CA LYS B 33 -15.42 12.76 -19.33
C LYS B 33 -13.94 13.13 -19.49
N ARG B 34 -13.68 14.08 -20.41
CA ARG B 34 -12.33 14.65 -20.62
C ARG B 34 -11.83 15.32 -19.32
N GLN B 35 -12.76 16.03 -18.63
CA GLN B 35 -12.47 16.74 -17.39
C GLN B 35 -12.00 15.76 -16.31
N LEU B 36 -12.82 14.73 -16.01
CA LEU B 36 -12.50 13.76 -14.94
C LEU B 36 -11.25 12.95 -15.31
N SER B 37 -11.05 12.70 -16.62
CA SER B 37 -9.87 11.97 -17.14
C SER B 37 -8.55 12.61 -16.66
N LEU B 38 -8.36 13.90 -17.02
CA LEU B 38 -7.12 14.64 -16.76
C LEU B 38 -7.00 14.99 -15.27
N ASP B 39 -8.14 15.34 -14.63
CA ASP B 39 -8.18 15.87 -13.25
C ASP B 39 -7.80 14.77 -12.25
N ILE B 40 -8.29 13.56 -12.54
CA ILE B 40 -7.98 12.35 -11.75
C ILE B 40 -6.54 11.92 -12.07
N ASN B 41 -6.15 12.01 -13.36
CA ASN B 41 -4.77 11.69 -13.85
C ASN B 41 -3.68 12.54 -13.14
N ARG B 42 -4.06 13.74 -12.65
CA ARG B 42 -3.11 14.67 -11.98
C ARG B 42 -3.07 14.48 -10.45
N LEU B 43 -3.87 13.53 -9.92
CA LEU B 43 -3.84 13.15 -8.49
C LEU B 43 -2.63 12.21 -8.22
N PRO B 44 -2.15 12.08 -6.94
CA PRO B 44 -1.10 11.08 -6.54
C PRO B 44 -1.60 9.61 -6.67
N GLY B 45 -1.03 8.68 -5.85
CA GLY B 45 -1.47 7.26 -5.84
C GLY B 45 -2.95 7.07 -5.46
N GLU B 46 -3.54 8.13 -4.87
CA GLU B 46 -4.98 8.20 -4.56
C GLU B 46 -5.87 7.90 -5.79
N LYS B 47 -5.45 8.40 -6.98
CA LYS B 47 -6.20 8.19 -8.25
C LYS B 47 -6.25 6.72 -8.63
N LEU B 48 -5.14 5.99 -8.37
CA LEU B 48 -4.99 4.58 -8.72
C LEU B 48 -6.02 3.77 -7.96
N GLY B 49 -5.99 3.90 -6.62
CA GLY B 49 -6.90 3.17 -5.74
C GLY B 49 -8.37 3.53 -5.96
N ARG B 50 -8.63 4.80 -6.27
CA ARG B 50 -10.00 5.32 -6.55
C ARG B 50 -10.58 4.65 -7.82
N VAL B 51 -9.84 4.78 -8.94
CA VAL B 51 -10.34 4.39 -10.26
C VAL B 51 -10.48 2.86 -10.36
N VAL B 52 -9.48 2.12 -9.82
CA VAL B 52 -9.45 0.64 -9.90
C VAL B 52 -10.53 0.02 -9.00
N HIS B 53 -10.69 0.54 -7.76
CA HIS B 53 -11.64 -0.02 -6.77
C HIS B 53 -13.07 0.06 -7.31
N ILE B 54 -13.41 1.23 -7.87
CA ILE B 54 -14.76 1.51 -8.41
C ILE B 54 -15.08 0.62 -9.62
N ILE B 55 -14.23 0.69 -10.69
CA ILE B 55 -14.47 -0.08 -11.93
C ILE B 55 -14.60 -1.60 -11.64
N GLN B 56 -13.82 -2.11 -10.66
CA GLN B 56 -13.80 -3.55 -10.31
C GLN B 56 -14.99 -3.97 -9.46
N SER B 57 -15.63 -3.00 -8.76
CA SER B 57 -16.88 -3.24 -8.02
C SER B 57 -18.05 -3.47 -9.01
N ARG B 58 -18.00 -2.77 -10.17
CA ARG B 58 -19.04 -2.94 -11.24
C ARG B 58 -18.72 -4.14 -12.16
N GLU B 59 -17.45 -4.24 -12.54
CA GLU B 59 -16.95 -5.24 -13.50
C GLU B 59 -15.47 -5.50 -13.14
N PRO B 60 -15.15 -6.63 -12.44
CA PRO B 60 -13.77 -6.96 -12.04
C PRO B 60 -12.93 -7.48 -13.23
N SER B 61 -12.39 -6.53 -14.02
CA SER B 61 -11.56 -6.79 -15.21
C SER B 61 -10.35 -7.73 -14.91
N LEU B 62 -9.52 -7.34 -13.91
CA LEU B 62 -8.27 -8.08 -13.56
C LEU B 62 -8.56 -9.48 -12.96
N ARG B 63 -9.80 -9.71 -12.47
CA ARG B 63 -10.23 -11.00 -11.87
C ARG B 63 -10.24 -12.12 -12.93
N ASP B 64 -10.31 -11.73 -14.21
CA ASP B 64 -10.31 -12.66 -15.35
C ASP B 64 -9.27 -12.20 -16.40
N SER B 65 -9.51 -11.01 -16.97
CA SER B 65 -8.72 -10.43 -18.07
C SER B 65 -7.37 -9.83 -17.54
N ASN B 66 -6.34 -10.70 -17.50
CA ASN B 66 -4.94 -10.35 -17.20
C ASN B 66 -4.81 -9.57 -15.86
N PRO B 67 -4.65 -10.30 -14.70
CA PRO B 67 -4.50 -9.67 -13.35
C PRO B 67 -3.38 -8.61 -13.24
N ASP B 68 -2.39 -8.74 -14.11
CA ASP B 68 -1.17 -7.91 -14.09
C ASP B 68 -1.43 -6.49 -14.60
N GLU B 69 -2.55 -6.30 -15.29
CA GLU B 69 -2.95 -4.99 -15.85
C GLU B 69 -4.44 -4.73 -15.59
N ILE B 70 -4.80 -3.45 -15.62
CA ILE B 70 -6.20 -3.00 -15.61
C ILE B 70 -6.31 -1.73 -16.49
N GLU B 71 -7.19 -1.77 -17.47
CA GLU B 71 -7.47 -0.62 -18.35
C GLU B 71 -8.90 -0.16 -18.09
N ILE B 72 -9.04 1.11 -17.70
CA ILE B 72 -10.34 1.71 -17.42
C ILE B 72 -10.78 2.50 -18.65
N ASP B 73 -11.69 1.90 -19.42
CA ASP B 73 -12.23 2.46 -20.67
C ASP B 73 -13.46 3.30 -20.34
N PHE B 74 -13.23 4.56 -19.92
CA PHE B 74 -14.30 5.48 -19.47
C PHE B 74 -15.40 5.70 -20.53
N GLU B 75 -14.98 5.71 -21.80
CA GLU B 75 -15.87 6.05 -22.94
C GLU B 75 -16.87 4.92 -23.27
N THR B 76 -16.56 3.68 -22.85
CA THR B 76 -17.44 2.52 -23.12
C THR B 76 -18.11 1.99 -21.82
N LEU B 77 -17.54 2.34 -20.64
CA LEU B 77 -18.18 2.02 -19.33
C LEU B 77 -19.55 2.70 -19.24
N LYS B 78 -20.46 2.12 -18.44
CA LYS B 78 -21.77 2.71 -18.16
C LYS B 78 -21.62 4.15 -17.60
N PRO B 79 -22.43 5.14 -18.09
CA PRO B 79 -22.35 6.55 -17.64
C PRO B 79 -22.66 6.70 -16.13
N THR B 80 -23.30 5.65 -15.57
CA THR B 80 -23.52 5.52 -14.13
C THR B 80 -22.19 5.26 -13.40
N THR B 81 -21.40 4.29 -13.91
CA THR B 81 -20.06 3.96 -13.36
C THR B 81 -19.13 5.20 -13.38
N LEU B 82 -19.32 6.03 -14.43
CA LEU B 82 -18.63 7.32 -14.57
C LEU B 82 -19.00 8.30 -13.45
N ARG B 83 -20.31 8.41 -13.12
CA ARG B 83 -20.79 9.34 -12.07
C ARG B 83 -20.62 8.77 -10.64
N GLU B 84 -20.33 7.46 -10.52
CA GLU B 84 -19.86 6.85 -9.25
C GLU B 84 -18.46 7.43 -8.93
N LEU B 85 -17.57 7.31 -9.94
CA LEU B 85 -16.19 7.78 -9.87
C LEU B 85 -16.16 9.31 -9.70
N GLU B 86 -17.01 10.02 -10.47
CA GLU B 86 -17.06 11.49 -10.54
C GLU B 86 -17.37 12.09 -9.16
N ARG B 87 -18.48 11.63 -8.55
CA ARG B 87 -18.92 12.14 -7.24
C ARG B 87 -17.89 11.83 -6.14
N TYR B 88 -17.29 10.63 -6.22
CA TYR B 88 -16.36 10.13 -5.19
C TYR B 88 -15.04 10.91 -5.19
N VAL B 89 -14.46 11.08 -6.39
CA VAL B 89 -13.16 11.74 -6.54
C VAL B 89 -13.24 13.22 -6.13
N LYS B 90 -14.29 13.95 -6.57
CA LYS B 90 -14.45 15.39 -6.22
C LYS B 90 -14.73 15.59 -4.72
N SER B 91 -15.40 14.58 -4.11
CA SER B 91 -15.66 14.55 -2.66
C SER B 91 -14.35 14.33 -1.87
N CYS B 92 -13.39 13.66 -2.52
CA CYS B 92 -12.07 13.35 -1.93
C CYS B 92 -11.09 14.52 -2.09
N LEU B 93 -10.96 15.04 -3.32
CA LEU B 93 -9.90 16.02 -3.69
C LEU B 93 -10.32 17.47 -3.37
N GLN B 94 -11.64 17.75 -3.51
CA GLN B 94 -12.25 19.08 -3.27
C GLN B 94 -11.50 20.23 -3.96
N LYS B 95 -11.69 20.40 -5.28
CA LYS B 95 -10.92 21.38 -6.08
C LYS B 95 -11.58 21.59 -7.45
N LYS B 96 -11.86 22.87 -7.78
CA LYS B 96 -12.37 23.28 -9.08
C LYS B 96 -12.21 24.81 -9.22
N HIS A 1 53.48 -0.48 -7.36
CA HIS A 1 53.22 0.09 -6.01
C HIS A 1 52.73 -1.02 -5.05
N HIS A 2 53.42 -2.18 -5.04
CA HIS A 2 53.05 -3.36 -4.22
C HIS A 2 53.30 -3.11 -2.71
N HIS A 3 52.38 -2.35 -2.09
CA HIS A 3 52.48 -1.92 -0.69
C HIS A 3 51.68 -2.90 0.19
N HIS A 4 52.38 -3.57 1.12
CA HIS A 4 51.80 -4.62 1.97
C HIS A 4 51.05 -4.01 3.16
N HIS A 5 49.77 -3.66 2.92
CA HIS A 5 48.87 -3.12 3.94
C HIS A 5 47.46 -3.67 3.68
N HIS A 6 46.93 -4.37 4.66
CA HIS A 6 45.58 -4.95 4.60
C HIS A 6 44.71 -4.29 5.67
N SER A 7 43.89 -3.30 5.25
CA SER A 7 43.00 -2.60 6.18
C SER A 7 41.78 -3.49 6.47
N HIS A 8 41.81 -4.10 7.67
CA HIS A 8 40.68 -4.83 8.29
C HIS A 8 40.15 -3.99 9.47
N MET A 9 38.85 -4.15 9.80
CA MET A 9 38.21 -3.39 10.88
C MET A 9 38.40 -4.15 12.23
N VAL A 10 38.52 -3.38 13.32
CA VAL A 10 38.37 -3.89 14.70
C VAL A 10 36.87 -3.92 15.12
N GLY A 11 36.45 -4.96 15.87
CA GLY A 11 35.11 -5.04 16.48
C GLY A 11 34.12 -5.91 15.70
N ASP A 12 34.30 -6.03 14.39
CA ASP A 12 33.41 -6.79 13.50
C ASP A 12 33.70 -8.31 13.62
N THR A 13 32.69 -9.13 13.24
CA THR A 13 32.84 -10.59 13.21
C THR A 13 33.45 -11.03 11.88
N VAL A 14 34.60 -11.69 11.96
CA VAL A 14 35.36 -12.14 10.79
C VAL A 14 35.56 -13.66 10.83
N TRP A 15 35.55 -14.27 9.65
CA TRP A 15 35.76 -15.70 9.48
C TRP A 15 37.25 -15.98 9.42
N VAL A 16 37.76 -16.67 10.44
CA VAL A 16 39.18 -16.98 10.56
C VAL A 16 39.44 -18.39 10.05
N ARG A 17 40.27 -18.50 9.00
CA ARG A 17 40.66 -19.78 8.41
C ARG A 17 41.46 -20.63 9.43
N ARG A 18 41.37 -21.96 9.30
CA ARG A 18 42.13 -22.89 10.13
C ARG A 18 43.60 -22.93 9.68
N HIS A 19 44.50 -23.31 10.59
CA HIS A 19 45.97 -23.29 10.36
C HIS A 19 46.46 -24.51 9.52
N GLN A 20 45.52 -25.15 8.79
CA GLN A 20 45.82 -26.24 7.87
C GLN A 20 46.56 -25.65 6.64
N THR A 21 47.91 -25.67 6.74
CA THR A 21 48.84 -24.90 5.90
C THR A 21 48.69 -25.18 4.38
N LYS A 22 48.28 -26.42 4.02
CA LYS A 22 48.12 -26.85 2.62
C LYS A 22 46.69 -27.34 2.34
N ASN A 23 45.80 -27.22 3.34
CA ASN A 23 44.43 -27.77 3.25
C ASN A 23 43.39 -26.65 3.43
N LEU A 24 42.71 -26.31 2.33
CA LEU A 24 41.63 -25.31 2.31
C LEU A 24 40.28 -25.95 2.65
N GLU A 25 40.23 -27.32 2.60
CA GLU A 25 38.98 -28.09 2.79
C GLU A 25 38.46 -27.92 4.25
N PRO A 26 39.35 -28.07 5.33
CA PRO A 26 39.01 -27.59 6.70
C PRO A 26 38.87 -26.06 6.73
N ARG A 27 37.67 -25.58 6.37
CA ARG A 27 37.40 -24.15 6.15
C ARG A 27 37.23 -23.37 7.45
N TRP A 28 37.06 -22.05 7.30
CA TRP A 28 37.07 -21.08 8.41
C TRP A 28 35.98 -21.34 9.46
N LYS A 29 36.25 -20.91 10.70
CA LYS A 29 35.39 -21.15 11.88
C LYS A 29 35.10 -19.83 12.60
N GLY A 30 34.12 -19.88 13.52
CA GLY A 30 33.68 -18.72 14.29
C GLY A 30 32.25 -18.31 13.88
N PRO A 31 31.99 -17.02 13.43
CA PRO A 31 33.00 -15.96 13.26
C PRO A 31 33.39 -15.30 14.60
N TYR A 32 34.56 -14.66 14.63
CA TYR A 32 35.14 -14.10 15.86
C TYR A 32 35.18 -12.57 15.79
N THR A 33 34.96 -11.93 16.95
CA THR A 33 35.01 -10.46 17.11
C THR A 33 36.47 -9.97 17.23
N VAL A 34 36.88 -9.05 16.34
CA VAL A 34 38.27 -8.52 16.30
C VAL A 34 38.53 -7.60 17.51
N LEU A 35 39.67 -7.80 18.19
CA LEU A 35 40.11 -6.96 19.33
C LEU A 35 41.29 -6.06 18.92
N LEU A 36 42.22 -6.63 18.16
CA LEU A 36 43.51 -6.00 17.82
C LEU A 36 43.68 -6.00 16.29
N THR A 37 44.24 -4.91 15.75
CA THR A 37 44.45 -4.71 14.31
C THR A 37 45.85 -4.15 14.06
N THR A 38 46.58 -4.77 13.11
CA THR A 38 47.93 -4.34 12.67
C THR A 38 47.96 -4.36 11.11
N PRO A 39 48.98 -3.73 10.40
CA PRO A 39 48.99 -3.62 8.89
C PRO A 39 49.07 -4.98 8.13
N THR A 40 49.24 -6.06 8.89
CA THR A 40 49.64 -7.38 8.37
C THR A 40 48.82 -8.51 9.04
N ALA A 41 48.45 -8.30 10.31
CA ALA A 41 47.73 -9.31 11.12
C ALA A 41 46.60 -8.63 11.94
N LEU A 42 45.81 -9.45 12.63
CA LEU A 42 44.75 -8.99 13.53
C LEU A 42 44.48 -10.09 14.56
N LYS A 43 44.26 -9.72 15.83
CA LYS A 43 43.94 -10.70 16.87
C LYS A 43 42.45 -10.61 17.19
N VAL A 44 41.77 -11.76 17.22
CA VAL A 44 40.32 -11.83 17.49
C VAL A 44 40.07 -12.69 18.74
N ASP A 45 38.94 -12.43 19.42
CA ASP A 45 38.55 -13.11 20.67
C ASP A 45 37.89 -14.46 20.35
N GLY A 46 38.10 -15.46 21.22
CA GLY A 46 37.58 -16.81 21.01
C GLY A 46 38.69 -17.77 20.58
N ILE A 47 39.37 -17.41 19.47
CA ILE A 47 40.47 -18.20 18.91
C ILE A 47 41.75 -18.03 19.79
N ALA A 48 41.85 -16.83 20.45
CA ALA A 48 42.93 -16.47 21.39
C ALA A 48 44.33 -16.43 20.72
N ALA A 49 44.35 -16.11 19.41
CA ALA A 49 45.56 -16.18 18.57
C ALA A 49 45.59 -15.00 17.59
N TRP A 50 46.81 -14.66 17.09
CA TRP A 50 46.99 -13.68 16.01
C TRP A 50 46.83 -14.38 14.64
N ILE A 51 46.01 -13.77 13.78
CA ILE A 51 45.66 -14.28 12.44
C ILE A 51 46.25 -13.32 11.40
N HIS A 52 46.76 -13.85 10.28
CA HIS A 52 47.15 -13.01 9.13
C HIS A 52 45.90 -12.62 8.33
N ALA A 53 45.94 -11.43 7.72
CA ALA A 53 44.79 -10.81 7.03
C ALA A 53 44.39 -11.56 5.74
N ALA A 54 45.35 -12.33 5.19
CA ALA A 54 45.11 -13.20 4.03
C ALA A 54 44.40 -14.51 4.42
N HIS A 55 44.35 -14.79 5.74
CA HIS A 55 43.73 -16.00 6.31
C HIS A 55 42.44 -15.65 7.08
N VAL A 56 41.84 -14.49 6.75
CA VAL A 56 40.60 -14.02 7.40
C VAL A 56 39.69 -13.32 6.36
N LYS A 57 38.39 -13.12 6.68
CA LYS A 57 37.45 -12.45 5.76
C LYS A 57 36.28 -11.81 6.56
N ALA A 58 35.89 -10.58 6.16
CA ALA A 58 34.82 -9.81 6.85
C ALA A 58 33.42 -10.37 6.51
N ALA A 59 32.68 -10.80 7.55
CA ALA A 59 31.29 -11.29 7.41
C ALA A 59 30.31 -10.11 7.39
N ASP A 60 29.76 -9.80 6.21
CA ASP A 60 28.73 -8.74 6.06
C ASP A 60 27.41 -9.20 6.74
N PRO A 61 26.73 -8.32 7.53
CA PRO A 61 25.42 -8.66 8.17
C PRO A 61 24.27 -8.78 7.15
N GLY A 62 24.41 -8.09 6.00
CA GLY A 62 23.39 -8.06 4.96
C GLY A 62 22.37 -6.96 5.19
N GLY A 63 21.10 -7.26 4.86
CA GLY A 63 19.99 -6.30 5.03
C GLY A 63 18.64 -6.91 4.65
N GLY A 64 17.71 -6.07 4.19
CA GLY A 64 16.38 -6.52 3.78
C GLY A 64 15.53 -5.38 3.18
N PRO A 65 15.87 -4.88 1.95
CA PRO A 65 15.09 -3.80 1.28
C PRO A 65 13.72 -4.32 0.78
N SER A 66 12.65 -4.01 1.53
CA SER A 66 11.28 -4.45 1.21
C SER A 66 10.73 -3.66 0.01
N SER A 67 10.98 -4.19 -1.20
CA SER A 67 10.52 -3.59 -2.46
C SER A 67 9.01 -3.82 -2.65
N ARG A 68 8.35 -2.89 -3.36
CA ARG A 68 6.90 -2.93 -3.59
C ARG A 68 6.59 -2.56 -5.05
N LEU A 69 5.34 -2.81 -5.45
CA LEU A 69 4.85 -2.57 -6.83
C LEU A 69 3.82 -1.41 -6.82
N THR A 70 3.48 -0.93 -8.03
CA THR A 70 2.48 0.15 -8.23
C THR A 70 1.91 0.05 -9.66
N TRP A 71 0.84 0.81 -9.96
CA TRP A 71 0.27 0.86 -11.33
C TRP A 71 1.01 1.92 -12.18
N ARG A 72 1.50 1.49 -13.34
CA ARG A 72 2.16 2.36 -14.33
C ARG A 72 1.13 2.75 -15.40
N VAL A 73 1.04 4.06 -15.70
CA VAL A 73 0.17 4.60 -16.74
C VAL A 73 0.92 4.54 -18.10
N GLN A 74 0.30 3.92 -19.11
CA GLN A 74 0.85 3.85 -20.49
C GLN A 74 -0.15 4.47 -21.48
N ARG A 75 0.38 5.21 -22.47
CA ARG A 75 -0.42 5.89 -23.49
C ARG A 75 -0.71 4.94 -24.67
N SER A 76 -1.91 5.08 -25.24
CA SER A 76 -2.34 4.42 -26.47
C SER A 76 -3.04 5.47 -27.36
N GLN A 77 -3.40 5.07 -28.60
CA GLN A 77 -4.06 5.97 -29.60
C GLN A 77 -5.39 6.57 -29.07
N ASN A 78 -6.01 5.85 -28.11
CA ASN A 78 -7.26 6.27 -27.44
C ASN A 78 -7.11 7.68 -26.78
N PRO A 79 -8.15 8.56 -26.89
CA PRO A 79 -8.05 10.02 -26.56
C PRO A 79 -7.73 10.31 -25.07
N LEU A 80 -8.49 9.69 -24.14
CA LEU A 80 -8.39 10.00 -22.68
C LEU A 80 -8.32 8.73 -21.81
N LYS A 81 -8.51 7.55 -22.44
CA LYS A 81 -8.40 6.25 -21.76
C LYS A 81 -6.91 5.88 -21.59
N ILE A 82 -6.57 5.18 -20.47
CA ILE A 82 -5.19 4.77 -20.16
C ILE A 82 -5.10 3.23 -20.04
N ARG A 83 -3.85 2.72 -19.95
CA ARG A 83 -3.56 1.30 -19.63
C ARG A 83 -2.66 1.26 -18.38
N LEU A 84 -3.19 0.68 -17.29
CA LEU A 84 -2.41 0.46 -16.06
C LEU A 84 -1.78 -0.95 -16.09
N THR A 85 -0.50 -1.03 -15.73
CA THR A 85 0.25 -2.32 -15.64
C THR A 85 0.90 -2.44 -14.25
N ARG A 86 1.31 -3.67 -13.89
CA ARG A 86 2.04 -3.90 -12.63
C ARG A 86 3.51 -3.54 -12.86
N GLU A 87 3.91 -2.39 -12.34
CA GLU A 87 5.24 -1.82 -12.51
C GLU A 87 6.25 -2.48 -11.55
N ALA A 88 7.45 -2.79 -12.07
CA ALA A 88 8.58 -3.33 -11.29
C ALA A 88 9.24 -2.21 -10.45
N PRO A 89 9.81 -2.51 -9.23
CA PRO A 89 10.36 -1.48 -8.29
C PRO A 89 11.52 -0.66 -8.93
N HIS B 1 0.76 3.49 16.38
CA HIS B 1 -0.03 3.80 15.17
C HIS B 1 -1.40 4.35 15.59
N HIS B 2 -1.75 5.57 15.11
CA HIS B 2 -3.07 6.19 15.38
C HIS B 2 -4.10 5.63 14.39
N HIS B 3 -5.33 5.38 14.88
CA HIS B 3 -6.43 4.88 14.04
C HIS B 3 -7.17 6.06 13.41
N HIS B 4 -7.87 5.80 12.30
CA HIS B 4 -8.79 6.77 11.68
C HIS B 4 -10.13 6.71 12.44
N HIS B 5 -10.95 5.68 12.13
CA HIS B 5 -12.21 5.34 12.83
C HIS B 5 -13.25 6.53 12.80
N HIS B 6 -12.97 7.56 11.98
CA HIS B 6 -13.77 8.80 11.94
C HIS B 6 -15.05 8.58 11.13
N SER B 7 -16.07 8.09 11.85
CA SER B 7 -17.40 7.80 11.32
C SER B 7 -18.45 8.26 12.35
N HIS B 8 -19.40 9.06 11.87
CA HIS B 8 -20.49 9.64 12.69
C HIS B 8 -21.53 8.55 13.03
N MET B 9 -21.74 7.64 12.08
CA MET B 9 -22.62 6.47 12.25
C MET B 9 -22.22 5.38 11.22
N GLY B 10 -22.20 5.76 9.93
CA GLY B 10 -21.90 4.83 8.83
C GLY B 10 -21.71 5.58 7.52
N LYS B 11 -22.43 5.16 6.46
CA LYS B 11 -22.35 5.77 5.13
C LYS B 11 -23.67 5.51 4.34
N GLN B 12 -24.68 6.35 4.63
CA GLN B 12 -26.01 6.26 4.02
C GLN B 12 -26.67 7.64 4.02
N ALA B 13 -27.54 7.89 3.04
CA ALA B 13 -28.19 9.20 2.85
C ALA B 13 -29.64 9.00 2.36
N SER B 14 -30.61 9.23 3.27
CA SER B 14 -32.04 9.22 2.95
C SER B 14 -32.38 10.45 2.09
N ALA B 15 -32.37 10.25 0.76
CA ALA B 15 -32.67 11.29 -0.23
C ALA B 15 -33.56 10.71 -1.35
N SER B 16 -34.64 11.43 -1.68
CA SER B 16 -35.52 11.10 -2.80
C SER B 16 -34.81 11.38 -4.14
N TYR B 17 -35.45 11.00 -5.27
CA TYR B 17 -34.86 11.25 -6.61
C TYR B 17 -34.76 12.77 -6.89
N ASP B 18 -33.71 13.18 -7.62
CA ASP B 18 -33.56 14.59 -8.07
C ASP B 18 -34.54 14.85 -9.21
N SER B 19 -34.45 14.00 -10.23
CA SER B 19 -35.40 13.92 -11.34
C SER B 19 -35.77 12.45 -11.52
N GLU B 20 -36.91 12.20 -12.20
CA GLU B 20 -37.44 10.85 -12.51
C GLU B 20 -36.32 9.89 -12.96
N GLU B 21 -35.59 10.31 -14.03
CA GLU B 21 -34.37 9.66 -14.53
C GLU B 21 -34.60 8.15 -14.78
N GLU B 22 -35.45 7.87 -15.79
CA GLU B 22 -35.78 6.49 -16.21
C GLU B 22 -34.54 5.81 -16.82
N GLU B 23 -33.71 6.62 -17.48
CA GLU B 23 -32.36 6.23 -17.93
C GLU B 23 -31.45 6.02 -16.69
N GLU B 24 -30.52 5.06 -16.79
CA GLU B 24 -29.62 4.65 -15.68
C GLU B 24 -28.89 5.85 -15.02
N GLY B 25 -28.47 6.82 -15.85
CA GLY B 25 -27.81 8.04 -15.38
C GLY B 25 -26.81 8.56 -16.40
N LEU B 26 -27.32 9.33 -17.38
CA LEU B 26 -26.49 9.97 -18.44
C LEU B 26 -26.88 11.46 -18.73
N PRO B 27 -26.94 12.37 -17.71
CA PRO B 27 -27.16 13.83 -17.97
C PRO B 27 -25.86 14.53 -18.41
N MET B 28 -24.72 13.86 -18.16
CA MET B 28 -23.37 14.36 -18.46
C MET B 28 -22.99 14.09 -19.93
N SER B 29 -22.05 14.88 -20.45
CA SER B 29 -21.54 14.75 -21.83
C SER B 29 -20.21 13.97 -21.85
N TYR B 30 -19.76 13.60 -23.07
CA TYR B 30 -18.47 12.90 -23.27
C TYR B 30 -17.29 13.78 -22.81
N ASP B 31 -17.35 15.09 -23.13
CA ASP B 31 -16.33 16.07 -22.73
C ASP B 31 -16.24 16.19 -21.19
N GLU B 32 -17.39 15.98 -20.51
CA GLU B 32 -17.45 15.97 -19.04
C GLU B 32 -16.76 14.71 -18.47
N LYS B 33 -16.96 13.57 -19.17
CA LYS B 33 -16.31 12.29 -18.83
C LYS B 33 -14.78 12.44 -18.96
N ARG B 34 -14.34 13.16 -20.01
CA ARG B 34 -12.92 13.48 -20.27
C ARG B 34 -12.36 14.38 -19.15
N GLN B 35 -13.18 15.38 -18.75
CA GLN B 35 -12.80 16.41 -17.78
C GLN B 35 -12.43 15.80 -16.42
N LEU B 36 -13.32 14.93 -15.89
CA LEU B 36 -13.06 14.26 -14.61
C LEU B 36 -11.86 13.29 -14.74
N SER B 37 -11.80 12.54 -15.86
CA SER B 37 -10.76 11.51 -16.07
C SER B 37 -9.31 12.10 -16.08
N LEU B 38 -9.13 13.28 -16.70
CA LEU B 38 -7.82 13.95 -16.77
C LEU B 38 -7.48 14.59 -15.41
N ASP B 39 -8.51 15.11 -14.72
CA ASP B 39 -8.41 15.74 -13.40
C ASP B 39 -7.90 14.69 -12.39
N ILE B 40 -8.50 13.50 -12.49
CA ILE B 40 -8.20 12.35 -11.63
C ILE B 40 -6.80 11.81 -11.97
N ASN B 41 -6.47 11.84 -13.29
CA ASN B 41 -5.12 11.52 -13.81
C ASN B 41 -4.03 12.41 -13.17
N ARG B 42 -4.40 13.66 -12.79
CA ARG B 42 -3.48 14.60 -12.11
C ARG B 42 -3.24 14.27 -10.63
N LEU B 43 -4.19 13.53 -10.00
CA LEU B 43 -4.02 13.03 -8.60
C LEU B 43 -2.84 12.01 -8.53
N PRO B 44 -2.17 11.84 -7.34
CA PRO B 44 -1.05 10.86 -7.15
C PRO B 44 -1.54 9.39 -7.20
N GLY B 45 -0.87 8.45 -6.49
CA GLY B 45 -1.25 7.02 -6.48
C GLY B 45 -2.66 6.75 -5.97
N GLU B 46 -3.29 7.78 -5.37
CA GLU B 46 -4.69 7.74 -4.91
C GLU B 46 -5.66 7.47 -6.07
N LYS B 47 -5.38 8.06 -7.25
CA LYS B 47 -6.21 7.85 -8.46
C LYS B 47 -6.21 6.36 -8.87
N LEU B 48 -5.03 5.72 -8.74
CA LEU B 48 -4.80 4.35 -9.19
C LEU B 48 -5.66 3.38 -8.35
N GLY B 49 -5.57 3.54 -7.02
CA GLY B 49 -6.33 2.72 -6.08
C GLY B 49 -7.83 2.88 -6.21
N ARG B 50 -8.28 4.14 -6.35
CA ARG B 50 -9.70 4.51 -6.43
C ARG B 50 -10.35 4.01 -7.72
N VAL B 51 -9.68 4.24 -8.88
CA VAL B 51 -10.25 3.93 -10.19
C VAL B 51 -10.40 2.41 -10.36
N VAL B 52 -9.33 1.64 -10.02
CA VAL B 52 -9.34 0.17 -10.15
C VAL B 52 -10.35 -0.44 -9.17
N HIS B 53 -10.55 0.20 -8.01
CA HIS B 53 -11.49 -0.31 -6.99
C HIS B 53 -12.94 -0.27 -7.50
N ILE B 54 -13.36 0.88 -8.09
CA ILE B 54 -14.77 1.12 -8.49
C ILE B 54 -15.15 0.26 -9.71
N ILE B 55 -14.28 0.26 -10.76
CA ILE B 55 -14.54 -0.51 -12.00
C ILE B 55 -14.57 -2.03 -11.69
N GLN B 56 -13.67 -2.51 -10.80
CA GLN B 56 -13.59 -3.94 -10.44
C GLN B 56 -14.64 -4.34 -9.38
N SER B 57 -15.22 -3.33 -8.70
CA SER B 57 -16.32 -3.54 -7.75
C SER B 57 -17.58 -3.98 -8.50
N ARG B 58 -17.85 -3.29 -9.62
CA ARG B 58 -19.03 -3.55 -10.47
C ARG B 58 -18.73 -4.60 -11.58
N GLU B 59 -17.44 -4.76 -11.95
CA GLU B 59 -17.03 -5.68 -13.04
C GLU B 59 -15.53 -6.01 -12.88
N PRO B 60 -15.16 -7.20 -12.27
CA PRO B 60 -13.74 -7.58 -12.05
C PRO B 60 -13.03 -8.08 -13.34
N SER B 61 -12.72 -7.11 -14.23
CA SER B 61 -12.07 -7.33 -15.54
C SER B 61 -10.72 -8.07 -15.40
N LEU B 62 -9.79 -7.47 -14.62
CA LEU B 62 -8.42 -8.01 -14.41
C LEU B 62 -8.47 -9.41 -13.78
N ARG B 63 -9.47 -9.65 -12.93
CA ARG B 63 -9.60 -10.92 -12.18
C ARG B 63 -9.85 -12.08 -13.17
N ASP B 64 -10.63 -11.80 -14.23
CA ASP B 64 -11.00 -12.80 -15.25
C ASP B 64 -9.78 -13.13 -16.13
N SER B 65 -9.16 -12.08 -16.66
CA SER B 65 -8.11 -12.18 -17.68
C SER B 65 -6.70 -12.25 -17.05
N ASN B 66 -6.26 -11.13 -16.46
CA ASN B 66 -4.86 -10.93 -16.04
C ASN B 66 -4.80 -9.83 -14.96
N PRO B 67 -4.64 -10.19 -13.64
CA PRO B 67 -4.60 -9.19 -12.52
C PRO B 67 -3.36 -8.27 -12.53
N ASP B 68 -2.40 -8.57 -13.42
CA ASP B 68 -1.17 -7.76 -13.58
C ASP B 68 -1.48 -6.43 -14.29
N GLU B 69 -2.56 -6.40 -15.09
CA GLU B 69 -2.91 -5.23 -15.94
C GLU B 69 -4.43 -4.96 -15.89
N ILE B 70 -4.79 -3.67 -15.99
CA ILE B 70 -6.19 -3.24 -16.10
C ILE B 70 -6.26 -1.99 -16.99
N GLU B 71 -7.14 -2.05 -17.99
CA GLU B 71 -7.46 -0.91 -18.87
C GLU B 71 -8.82 -0.36 -18.47
N ILE B 72 -8.85 0.88 -17.98
CA ILE B 72 -10.09 1.53 -17.60
C ILE B 72 -10.56 2.39 -18.79
N ASP B 73 -11.55 1.85 -19.51
CA ASP B 73 -12.14 2.50 -20.67
C ASP B 73 -13.16 3.55 -20.20
N PHE B 74 -12.70 4.76 -19.85
CA PHE B 74 -13.62 5.84 -19.37
C PHE B 74 -14.68 6.19 -20.44
N GLU B 75 -14.25 6.13 -21.70
CA GLU B 75 -15.07 6.46 -22.88
C GLU B 75 -16.11 5.35 -23.16
N THR B 76 -15.72 4.08 -22.93
CA THR B 76 -16.57 2.91 -23.22
C THR B 76 -17.46 2.52 -22.01
N LEU B 77 -17.02 2.93 -20.81
CA LEU B 77 -17.80 2.80 -19.57
C LEU B 77 -18.98 3.77 -19.66
N LYS B 78 -20.19 3.26 -19.37
CA LYS B 78 -21.43 4.05 -19.40
C LYS B 78 -21.39 5.15 -18.31
N PRO B 79 -22.02 6.34 -18.57
CA PRO B 79 -21.84 7.57 -17.73
C PRO B 79 -22.17 7.43 -16.22
N THR B 80 -22.85 6.34 -15.81
CA THR B 80 -23.13 6.05 -14.38
C THR B 80 -21.83 5.84 -13.58
N THR B 81 -20.88 5.09 -14.18
CA THR B 81 -19.59 4.78 -13.56
C THR B 81 -18.74 6.06 -13.40
N LEU B 82 -18.86 6.96 -14.38
CA LEU B 82 -18.09 8.23 -14.43
C LEU B 82 -18.71 9.27 -13.49
N ARG B 83 -20.05 9.20 -13.34
CA ARG B 83 -20.83 10.08 -12.45
C ARG B 83 -20.61 9.66 -10.99
N GLU B 84 -20.42 8.33 -10.79
CA GLU B 84 -20.12 7.74 -9.49
C GLU B 84 -18.72 8.14 -9.03
N LEU B 85 -17.75 7.92 -9.95
CA LEU B 85 -16.33 8.25 -9.79
C LEU B 85 -16.16 9.77 -9.54
N GLU B 86 -16.96 10.58 -10.26
CA GLU B 86 -16.97 12.05 -10.14
C GLU B 86 -17.27 12.50 -8.69
N ARG B 87 -18.47 12.12 -8.18
CA ARG B 87 -18.94 12.52 -6.84
C ARG B 87 -17.96 12.05 -5.75
N TYR B 88 -17.43 10.84 -5.95
CA TYR B 88 -16.53 10.18 -5.00
C TYR B 88 -15.20 10.95 -4.86
N VAL B 89 -14.52 11.19 -6.00
CA VAL B 89 -13.19 11.79 -6.01
C VAL B 89 -13.24 13.26 -5.51
N LYS B 90 -14.22 14.06 -6.00
CA LYS B 90 -14.34 15.49 -5.63
C LYS B 90 -14.65 15.66 -4.13
N SER B 91 -15.36 14.66 -3.56
CA SER B 91 -15.64 14.60 -2.12
C SER B 91 -14.33 14.45 -1.30
N CYS B 92 -13.37 13.71 -1.87
CA CYS B 92 -12.09 13.40 -1.20
C CYS B 92 -11.04 14.52 -1.38
N LEU B 93 -10.87 15.02 -2.62
CA LEU B 93 -9.80 15.99 -2.96
C LEU B 93 -10.23 17.44 -2.61
N GLN B 94 -11.54 17.74 -2.77
CA GLN B 94 -12.16 19.07 -2.51
C GLN B 94 -11.29 20.22 -3.05
N LYS B 95 -11.26 20.33 -4.39
CA LYS B 95 -10.31 21.21 -5.12
C LYS B 95 -11.02 21.87 -6.33
N LYS B 96 -10.57 23.08 -6.65
CA LYS B 96 -11.00 23.86 -7.83
C LYS B 96 -9.84 23.85 -8.85
N HIS A 1 9.98 19.01 41.35
CA HIS A 1 9.73 17.71 42.02
C HIS A 1 8.52 16.99 41.34
N HIS A 2 8.82 16.03 40.46
CA HIS A 2 7.82 15.15 39.82
C HIS A 2 8.36 13.71 39.75
N HIS A 3 7.50 12.78 39.34
CA HIS A 3 7.86 11.37 39.13
C HIS A 3 7.33 10.91 37.75
N HIS A 4 8.21 10.95 36.74
CA HIS A 4 7.87 10.50 35.38
C HIS A 4 8.05 8.99 35.29
N HIS A 5 6.98 8.28 34.87
CA HIS A 5 7.05 6.86 34.54
C HIS A 5 7.91 6.67 33.29
N HIS A 6 9.21 6.43 33.51
CA HIS A 6 10.13 6.03 32.44
C HIS A 6 9.77 4.61 32.01
N SER A 7 8.90 4.49 30.99
CA SER A 7 8.49 3.18 30.48
C SER A 7 9.68 2.60 29.68
N HIS A 8 10.35 1.64 30.29
CA HIS A 8 11.35 0.76 29.66
C HIS A 8 10.76 -0.64 29.55
N MET A 9 10.97 -1.31 28.41
CA MET A 9 10.45 -2.64 28.13
C MET A 9 11.29 -3.72 28.84
N VAL A 10 10.62 -4.64 29.56
CA VAL A 10 11.27 -5.83 30.14
C VAL A 10 11.58 -6.85 29.02
N GLY A 11 12.76 -7.49 29.11
CA GLY A 11 13.26 -8.40 28.09
C GLY A 11 14.11 -7.71 27.03
N ASP A 12 14.06 -6.37 27.01
CA ASP A 12 14.76 -5.52 26.02
C ASP A 12 16.24 -5.36 26.41
N THR A 13 17.10 -5.09 25.43
CA THR A 13 18.52 -4.82 25.66
C THR A 13 18.73 -3.30 25.84
N VAL A 14 19.21 -2.90 27.03
CA VAL A 14 19.43 -1.49 27.39
C VAL A 14 20.89 -1.27 27.83
N TRP A 15 21.29 0.00 27.86
CA TRP A 15 22.65 0.41 28.24
C TRP A 15 22.59 0.97 29.68
N VAL A 16 23.50 0.51 30.54
CA VAL A 16 23.58 0.94 31.95
C VAL A 16 24.66 2.01 32.09
N ARG A 17 24.23 3.26 32.32
CA ARG A 17 25.13 4.39 32.57
C ARG A 17 25.54 4.40 34.04
N ARG A 18 26.86 4.26 34.25
CA ARG A 18 27.45 4.13 35.59
C ARG A 18 27.24 5.43 36.40
N HIS A 19 27.25 5.30 37.75
CA HIS A 19 26.88 6.38 38.70
C HIS A 19 27.66 7.71 38.48
N GLN A 20 28.92 7.60 38.01
CA GLN A 20 29.84 8.73 37.81
C GLN A 20 29.20 9.78 36.85
N THR A 21 28.56 10.81 37.43
CA THR A 21 27.64 11.70 36.69
C THR A 21 28.39 12.73 35.81
N LYS A 22 29.09 13.69 36.46
CA LYS A 22 29.71 14.86 35.79
C LYS A 22 30.81 14.44 34.80
N ASN A 23 31.44 13.30 35.07
CA ASN A 23 32.35 12.66 34.12
C ASN A 23 31.53 11.79 33.18
N LEU A 24 31.19 12.36 32.02
CA LEU A 24 30.45 11.67 30.93
C LEU A 24 31.37 10.71 30.14
N GLU A 25 32.70 10.81 30.40
CA GLU A 25 33.72 9.98 29.73
C GLU A 25 33.50 8.45 30.00
N PRO A 26 33.30 7.97 31.29
CA PRO A 26 32.84 6.58 31.56
C PRO A 26 31.34 6.42 31.22
N ARG A 27 31.08 6.34 29.90
CA ARG A 27 29.72 6.17 29.33
C ARG A 27 29.10 4.81 29.72
N TRP A 28 27.85 4.61 29.29
CA TRP A 28 27.09 3.37 29.52
C TRP A 28 27.76 2.15 28.86
N LYS A 29 27.51 0.96 29.44
CA LYS A 29 28.03 -0.32 28.94
C LYS A 29 26.87 -1.33 28.82
N GLY A 30 27.12 -2.41 28.07
CA GLY A 30 26.15 -3.48 27.86
C GLY A 30 26.12 -3.91 26.39
N PRO A 31 24.94 -4.12 25.74
CA PRO A 31 23.61 -3.93 26.36
C PRO A 31 23.14 -5.17 27.16
N TYR A 32 22.45 -4.94 28.27
CA TYR A 32 21.97 -5.99 29.17
C TYR A 32 20.45 -6.15 29.03
N THR A 33 19.99 -7.40 29.17
CA THR A 33 18.57 -7.76 29.11
C THR A 33 17.86 -7.39 30.44
N VAL A 34 16.75 -6.64 30.31
CA VAL A 34 15.94 -6.21 31.45
C VAL A 34 15.18 -7.40 32.04
N LEU A 35 15.35 -7.63 33.35
CA LEU A 35 14.68 -8.72 34.08
C LEU A 35 13.49 -8.17 34.90
N LEU A 36 13.62 -6.92 35.39
CA LEU A 36 12.63 -6.27 36.27
C LEU A 36 12.45 -4.81 35.84
N THR A 37 11.19 -4.32 35.88
CA THR A 37 10.84 -2.94 35.46
C THR A 37 10.01 -2.23 36.55
N THR A 38 10.52 -1.09 37.05
CA THR A 38 9.80 -0.21 37.99
C THR A 38 9.72 1.23 37.39
N PRO A 39 8.74 2.11 37.84
CA PRO A 39 8.47 3.44 37.18
C PRO A 39 9.67 4.39 36.98
N THR A 40 10.76 4.14 37.70
CA THR A 40 11.89 5.07 37.82
C THR A 40 13.25 4.34 37.84
N ALA A 41 13.21 3.00 37.86
CA ALA A 41 14.40 2.14 37.89
C ALA A 41 14.09 0.82 37.16
N LEU A 42 15.11 0.00 36.97
CA LEU A 42 14.97 -1.32 36.34
C LEU A 42 16.18 -2.16 36.68
N LYS A 43 15.97 -3.45 36.90
CA LYS A 43 17.07 -4.38 37.12
C LYS A 43 17.32 -5.15 35.84
N VAL A 44 18.59 -5.24 35.46
CA VAL A 44 19.02 -5.99 34.28
C VAL A 44 20.05 -7.05 34.73
N ASP A 45 20.33 -8.02 33.84
CA ASP A 45 21.28 -9.11 34.12
C ASP A 45 22.73 -8.60 34.01
N GLY A 46 23.69 -9.37 34.57
CA GLY A 46 25.12 -9.10 34.40
C GLY A 46 25.68 -8.07 35.39
N ILE A 47 25.08 -6.87 35.38
CA ILE A 47 25.50 -5.73 36.22
C ILE A 47 25.20 -5.99 37.72
N ALA A 48 24.24 -6.92 37.97
CA ALA A 48 23.89 -7.41 39.33
C ALA A 48 23.39 -6.28 40.26
N ALA A 49 22.60 -5.35 39.70
CA ALA A 49 22.12 -4.17 40.43
C ALA A 49 20.86 -3.58 39.79
N TRP A 50 20.09 -2.85 40.61
CA TRP A 50 19.03 -1.95 40.16
C TRP A 50 19.66 -0.63 39.68
N ILE A 51 19.24 -0.18 38.47
CA ILE A 51 19.75 1.06 37.85
C ILE A 51 18.58 2.02 37.65
N HIS A 52 18.74 3.31 38.06
CA HIS A 52 17.73 4.35 37.79
C HIS A 52 17.63 4.58 36.28
N ALA A 53 16.38 4.59 35.77
CA ALA A 53 16.05 4.71 34.34
C ALA A 53 16.51 6.04 33.71
N ALA A 54 16.75 7.04 34.58
CA ALA A 54 17.31 8.36 34.17
C ALA A 54 18.76 8.21 33.64
N HIS A 55 19.41 7.09 33.98
CA HIS A 55 20.77 6.73 33.55
C HIS A 55 20.76 5.45 32.70
N VAL A 56 19.70 5.27 31.88
CA VAL A 56 19.53 4.02 31.07
C VAL A 56 18.97 4.36 29.69
N LYS A 57 19.50 3.71 28.64
CA LYS A 57 19.12 3.97 27.24
C LYS A 57 18.69 2.66 26.55
N ALA A 58 17.47 2.64 25.99
CA ALA A 58 16.95 1.46 25.26
C ALA A 58 17.67 1.28 23.90
N ALA A 59 18.20 0.08 23.65
CA ALA A 59 18.85 -0.29 22.37
C ALA A 59 17.85 -1.08 21.52
N ASP A 60 16.96 -0.34 20.86
CA ASP A 60 15.83 -0.88 20.07
C ASP A 60 16.26 -1.20 18.61
N PRO A 61 15.47 -2.04 17.84
CA PRO A 61 15.76 -2.35 16.39
C PRO A 61 15.78 -1.11 15.46
N GLY A 62 15.20 0.01 15.94
CA GLY A 62 15.14 1.27 15.19
C GLY A 62 13.77 1.48 14.57
N GLY A 63 13.33 0.49 13.79
CA GLY A 63 12.03 0.50 13.14
C GLY A 63 11.89 -0.67 12.17
N GLY A 64 11.44 -0.38 10.94
CA GLY A 64 11.30 -1.39 9.90
C GLY A 64 10.13 -1.07 8.95
N PRO A 65 10.27 -0.03 8.05
CA PRO A 65 9.23 0.33 7.08
C PRO A 65 9.26 -0.60 5.83
N SER A 66 8.14 -0.63 5.09
CA SER A 66 7.98 -1.46 3.89
C SER A 66 7.28 -0.65 2.79
N SER A 67 7.52 -1.01 1.53
CA SER A 67 6.85 -0.39 0.36
C SER A 67 5.82 -1.37 -0.25
N ARG A 68 5.02 -0.86 -1.21
CA ARG A 68 4.00 -1.65 -1.91
C ARG A 68 4.02 -1.32 -3.41
N LEU A 69 3.54 -2.25 -4.24
CA LEU A 69 3.40 -2.07 -5.69
C LEU A 69 2.41 -0.94 -6.00
N THR A 70 2.66 -0.22 -7.09
CA THR A 70 1.88 0.96 -7.49
C THR A 70 1.38 0.82 -8.92
N TRP A 71 0.26 1.52 -9.23
CA TRP A 71 -0.25 1.67 -10.59
C TRP A 71 0.52 2.80 -11.28
N ARG A 72 0.78 2.63 -12.57
CA ARG A 72 1.49 3.63 -13.40
C ARG A 72 0.68 3.83 -14.69
N VAL A 73 0.42 5.10 -15.03
CA VAL A 73 -0.29 5.49 -16.25
C VAL A 73 0.67 5.43 -17.44
N GLN A 74 0.41 4.51 -18.38
CA GLN A 74 1.13 4.48 -19.68
C GLN A 74 0.32 5.28 -20.71
N ARG A 75 1.04 6.02 -21.57
CA ARG A 75 0.44 6.86 -22.60
C ARG A 75 -0.02 5.98 -23.79
N SER A 76 -1.34 5.94 -23.99
CA SER A 76 -1.96 5.23 -25.11
C SER A 76 -2.79 6.24 -25.95
N GLN A 77 -2.88 5.99 -27.28
CA GLN A 77 -3.47 6.94 -28.25
C GLN A 77 -5.01 7.06 -28.13
N ASN A 78 -5.61 6.23 -27.24
CA ASN A 78 -7.05 6.31 -26.88
C ASN A 78 -7.44 7.72 -26.36
N PRO A 79 -8.70 8.23 -26.62
CA PRO A 79 -9.07 9.67 -26.43
C PRO A 79 -8.79 10.23 -25.00
N LEU A 80 -9.41 9.61 -23.98
CA LEU A 80 -9.28 10.05 -22.57
C LEU A 80 -9.21 8.85 -21.60
N LYS A 81 -9.05 7.66 -22.19
CA LYS A 81 -8.83 6.40 -21.46
C LYS A 81 -7.33 6.29 -21.07
N ILE A 82 -7.03 5.55 -19.96
CA ILE A 82 -5.64 5.26 -19.54
C ILE A 82 -5.46 3.74 -19.34
N ARG A 83 -4.20 3.28 -19.35
CA ARG A 83 -3.83 1.90 -18.97
C ARG A 83 -2.97 1.96 -17.70
N LEU A 84 -3.53 1.48 -16.59
CA LEU A 84 -2.85 1.41 -15.28
C LEU A 84 -2.18 0.04 -15.14
N THR A 85 -0.84 0.03 -15.09
CA THR A 85 -0.05 -1.21 -14.95
C THR A 85 0.54 -1.30 -13.54
N ARG A 86 0.65 -2.52 -13.03
CA ARG A 86 1.29 -2.83 -11.75
C ARG A 86 2.81 -2.76 -11.97
N GLU A 87 3.40 -1.60 -11.71
CA GLU A 87 4.82 -1.38 -11.93
C GLU A 87 5.62 -1.71 -10.67
N ALA A 88 6.65 -2.56 -10.85
CA ALA A 88 7.56 -2.98 -9.78
C ALA A 88 8.69 -1.95 -9.61
N PRO A 89 9.05 -1.57 -8.35
CA PRO A 89 10.13 -0.59 -8.07
C PRO A 89 11.54 -1.17 -8.44
N HIS B 1 -46.95 -45.01 -0.03
CA HIS B 1 -47.22 -44.83 1.42
C HIS B 1 -45.94 -44.38 2.14
N HIS B 2 -46.06 -44.11 3.46
CA HIS B 2 -45.01 -43.48 4.32
C HIS B 2 -44.41 -42.19 3.67
N HIS B 3 -44.89 -41.01 4.14
CA HIS B 3 -44.52 -39.71 3.56
C HIS B 3 -44.63 -38.60 4.66
N HIS B 4 -43.47 -38.16 5.16
CA HIS B 4 -43.39 -37.16 6.23
C HIS B 4 -42.63 -35.92 5.72
N HIS B 5 -43.33 -34.77 5.62
CA HIS B 5 -42.75 -33.50 5.13
C HIS B 5 -43.49 -32.30 5.76
N HIS B 6 -42.71 -31.26 6.12
CA HIS B 6 -43.21 -30.01 6.71
C HIS B 6 -42.08 -28.95 6.75
N SER B 7 -42.08 -28.03 5.76
CA SER B 7 -41.06 -26.98 5.63
C SER B 7 -41.66 -25.70 4.99
N HIS B 8 -41.12 -24.53 5.40
CA HIS B 8 -41.38 -23.21 4.78
C HIS B 8 -40.40 -22.17 5.38
N MET B 9 -39.97 -21.20 4.56
CA MET B 9 -39.06 -20.12 5.00
C MET B 9 -39.29 -18.85 4.17
N GLY B 10 -39.91 -17.82 4.78
CA GLY B 10 -40.11 -16.52 4.13
C GLY B 10 -41.25 -16.51 3.10
N LYS B 11 -42.32 -15.74 3.40
CA LYS B 11 -43.47 -15.57 2.49
C LYS B 11 -43.64 -14.09 2.10
N GLN B 12 -42.59 -13.28 2.37
CA GLN B 12 -42.56 -11.84 2.11
C GLN B 12 -41.57 -11.53 0.97
N ALA B 13 -42.11 -11.00 -0.14
CA ALA B 13 -41.33 -10.71 -1.37
C ALA B 13 -42.14 -9.75 -2.26
N SER B 14 -41.78 -8.46 -2.22
CA SER B 14 -42.49 -7.40 -2.97
C SER B 14 -41.57 -6.17 -3.10
N ALA B 15 -41.08 -5.93 -4.33
CA ALA B 15 -40.22 -4.78 -4.64
C ALA B 15 -40.76 -4.06 -5.88
N SER B 16 -41.61 -3.04 -5.65
CA SER B 16 -42.09 -2.15 -6.71
C SER B 16 -40.94 -1.22 -7.13
N TYR B 17 -40.80 -1.03 -8.45
CA TYR B 17 -39.73 -0.20 -9.04
C TYR B 17 -39.85 1.26 -8.57
N ASP B 18 -38.69 1.85 -8.21
CA ASP B 18 -38.56 3.25 -7.79
C ASP B 18 -39.17 4.22 -8.84
N SER B 19 -38.59 4.19 -10.04
CA SER B 19 -39.09 4.91 -11.23
C SER B 19 -38.81 4.04 -12.45
N GLU B 20 -39.46 4.40 -13.57
CA GLU B 20 -39.17 3.81 -14.90
C GLU B 20 -37.65 3.77 -15.16
N GLU B 21 -37.00 4.94 -14.99
CA GLU B 21 -35.54 5.12 -15.04
C GLU B 21 -35.01 4.68 -16.42
N GLU B 22 -35.55 5.34 -17.45
CA GLU B 22 -35.14 5.09 -18.85
C GLU B 22 -33.67 5.47 -19.02
N GLU B 23 -33.29 6.58 -18.36
CA GLU B 23 -31.90 6.98 -18.19
C GLU B 23 -31.36 6.25 -16.94
N GLU B 24 -30.43 5.29 -17.13
CA GLU B 24 -29.78 4.59 -15.99
C GLU B 24 -29.03 5.59 -15.08
N GLY B 25 -28.38 6.57 -15.71
CA GLY B 25 -27.63 7.60 -15.01
C GLY B 25 -26.59 8.23 -15.92
N LEU B 26 -27.08 8.96 -16.96
CA LEU B 26 -26.21 9.70 -17.92
C LEU B 26 -26.56 11.22 -18.03
N PRO B 27 -26.60 12.00 -16.88
CA PRO B 27 -26.72 13.48 -16.97
C PRO B 27 -25.37 14.13 -17.33
N MET B 28 -24.29 13.33 -17.16
CA MET B 28 -22.92 13.73 -17.40
C MET B 28 -22.61 13.76 -18.91
N SER B 29 -21.63 14.57 -19.29
CA SER B 29 -21.24 14.75 -20.70
C SER B 29 -19.79 14.22 -20.90
N TYR B 30 -19.37 14.15 -22.19
CA TYR B 30 -18.01 13.72 -22.58
C TYR B 30 -16.94 14.59 -21.89
N ASP B 31 -17.22 15.90 -21.83
CA ASP B 31 -16.34 16.91 -21.25
C ASP B 31 -16.12 16.68 -19.74
N GLU B 32 -17.14 16.11 -19.07
CA GLU B 32 -17.06 15.76 -17.65
C GLU B 32 -16.20 14.50 -17.45
N LYS B 33 -16.27 13.59 -18.44
CA LYS B 33 -15.42 12.39 -18.46
C LYS B 33 -13.96 12.76 -18.77
N ARG B 34 -13.77 13.85 -19.55
CA ARG B 34 -12.47 14.49 -19.76
C ARG B 34 -11.92 15.01 -18.42
N GLN B 35 -12.82 15.61 -17.61
CA GLN B 35 -12.44 16.20 -16.31
C GLN B 35 -11.97 15.11 -15.31
N LEU B 36 -12.71 14.00 -15.20
CA LEU B 36 -12.35 12.93 -14.25
C LEU B 36 -11.06 12.20 -14.71
N SER B 37 -10.84 12.08 -16.04
CA SER B 37 -9.73 11.28 -16.60
C SER B 37 -8.37 11.96 -16.33
N LEU B 38 -8.22 13.27 -16.67
CA LEU B 38 -6.96 13.98 -16.40
C LEU B 38 -6.76 14.11 -14.88
N ASP B 39 -7.85 14.30 -14.11
CA ASP B 39 -7.80 14.38 -12.64
C ASP B 39 -7.14 13.12 -12.01
N ILE B 40 -7.63 11.94 -12.39
CA ILE B 40 -7.17 10.65 -11.85
C ILE B 40 -5.68 10.42 -12.16
N ASN B 41 -5.30 10.57 -13.46
CA ASN B 41 -3.94 10.25 -13.91
C ASN B 41 -2.90 11.29 -13.42
N ARG B 42 -3.37 12.49 -13.00
CA ARG B 42 -2.49 13.54 -12.41
C ARG B 42 -2.16 13.22 -10.94
N LEU B 43 -3.08 12.52 -10.24
CA LEU B 43 -2.93 12.21 -8.80
C LEU B 43 -2.19 10.87 -8.60
N PRO B 44 -1.49 10.70 -7.40
CA PRO B 44 -0.73 9.46 -7.07
C PRO B 44 -1.58 8.17 -7.06
N GLY B 45 -0.92 7.07 -6.60
CA GLY B 45 -1.53 5.73 -6.51
C GLY B 45 -2.75 5.65 -5.61
N GLU B 46 -3.07 6.74 -4.88
CA GLU B 46 -4.26 6.84 -4.02
C GLU B 46 -5.55 6.82 -4.86
N LYS B 47 -5.55 7.61 -5.95
CA LYS B 47 -6.75 7.76 -6.81
C LYS B 47 -6.71 6.73 -7.94
N LEU B 48 -5.49 6.30 -8.33
CA LEU B 48 -5.30 5.16 -9.26
C LEU B 48 -5.83 3.87 -8.61
N GLY B 49 -5.56 3.74 -7.28
CA GLY B 49 -6.05 2.63 -6.48
C GLY B 49 -7.55 2.68 -6.23
N ARG B 50 -8.09 3.91 -6.10
CA ARG B 50 -9.54 4.12 -5.88
C ARG B 50 -10.36 3.85 -7.16
N VAL B 51 -9.85 4.25 -8.35
CA VAL B 51 -10.58 4.07 -9.62
C VAL B 51 -10.64 2.58 -10.01
N VAL B 52 -9.51 1.85 -9.83
CA VAL B 52 -9.46 0.40 -10.10
C VAL B 52 -10.35 -0.37 -9.11
N HIS B 53 -10.45 0.15 -7.87
CA HIS B 53 -11.36 -0.40 -6.84
C HIS B 53 -12.82 -0.36 -7.32
N ILE B 54 -13.25 0.79 -7.88
CA ILE B 54 -14.65 1.03 -8.28
C ILE B 54 -15.03 0.21 -9.53
N ILE B 55 -14.22 0.29 -10.62
CA ILE B 55 -14.52 -0.43 -11.89
C ILE B 55 -14.51 -1.96 -11.70
N GLN B 56 -13.64 -2.49 -10.80
CA GLN B 56 -13.57 -3.95 -10.53
C GLN B 56 -14.71 -4.38 -9.58
N SER B 57 -15.14 -3.48 -8.69
CA SER B 57 -16.30 -3.73 -7.81
C SER B 57 -17.62 -3.67 -8.63
N ARG B 58 -17.53 -3.06 -9.82
CA ARG B 58 -18.65 -2.92 -10.76
C ARG B 58 -18.68 -4.14 -11.70
N GLU B 59 -17.50 -4.46 -12.24
CA GLU B 59 -17.31 -5.47 -13.28
C GLU B 59 -15.83 -5.93 -13.20
N PRO B 60 -15.54 -7.07 -12.48
CA PRO B 60 -14.15 -7.57 -12.29
C PRO B 60 -13.50 -8.04 -13.60
N SER B 61 -12.78 -7.12 -14.25
CA SER B 61 -12.15 -7.32 -15.56
C SER B 61 -10.79 -8.07 -15.45
N LEU B 62 -9.77 -7.43 -14.79
CA LEU B 62 -8.35 -7.86 -14.81
C LEU B 62 -8.12 -9.32 -14.35
N ARG B 63 -9.04 -9.85 -13.53
CA ARG B 63 -8.92 -11.22 -12.97
C ARG B 63 -8.98 -12.28 -14.07
N ASP B 64 -9.77 -11.99 -15.13
CA ASP B 64 -10.01 -12.90 -16.25
C ASP B 64 -8.74 -13.07 -17.10
N SER B 65 -8.01 -11.96 -17.31
CA SER B 65 -6.80 -11.94 -18.15
C SER B 65 -5.82 -10.86 -17.66
N ASN B 66 -4.67 -11.33 -17.11
CA ASN B 66 -3.54 -10.50 -16.62
C ASN B 66 -3.99 -9.49 -15.51
N PRO B 67 -3.93 -9.92 -14.19
CA PRO B 67 -4.35 -9.05 -13.04
C PRO B 67 -3.37 -7.90 -12.74
N ASP B 68 -2.33 -7.76 -13.58
CA ASP B 68 -1.29 -6.72 -13.43
C ASP B 68 -1.52 -5.54 -14.38
N GLU B 69 -2.51 -5.61 -15.27
CA GLU B 69 -2.87 -4.48 -16.16
C GLU B 69 -4.39 -4.34 -16.20
N ILE B 70 -4.86 -3.10 -16.07
CA ILE B 70 -6.27 -2.75 -16.10
C ILE B 70 -6.45 -1.50 -16.97
N GLU B 71 -7.48 -1.55 -17.81
CA GLU B 71 -7.82 -0.50 -18.75
C GLU B 71 -9.23 0.01 -18.43
N ILE B 72 -9.33 1.24 -17.91
CA ILE B 72 -10.61 1.85 -17.58
C ILE B 72 -11.03 2.71 -18.77
N ASP B 73 -11.94 2.16 -19.59
CA ASP B 73 -12.38 2.78 -20.86
C ASP B 73 -13.55 3.74 -20.58
N PHE B 74 -13.23 4.97 -20.14
CA PHE B 74 -14.26 5.95 -19.67
C PHE B 74 -15.28 6.33 -20.77
N GLU B 75 -14.89 6.17 -22.04
CA GLU B 75 -15.73 6.60 -23.18
C GLU B 75 -16.79 5.53 -23.53
N THR B 76 -16.61 4.27 -23.08
CA THR B 76 -17.61 3.19 -23.34
C THR B 76 -18.12 2.56 -22.02
N LEU B 77 -17.51 2.95 -20.88
CA LEU B 77 -17.86 2.47 -19.53
C LEU B 77 -19.28 2.97 -19.17
N LYS B 78 -20.02 2.22 -18.34
CA LYS B 78 -21.39 2.59 -17.95
C LYS B 78 -21.41 3.97 -17.24
N PRO B 79 -22.29 4.91 -17.71
CA PRO B 79 -22.33 6.30 -17.17
C PRO B 79 -22.80 6.37 -15.71
N THR B 80 -23.44 5.28 -15.22
CA THR B 80 -23.78 5.11 -13.80
C THR B 80 -22.51 5.12 -12.92
N THR B 81 -21.53 4.30 -13.32
CA THR B 81 -20.27 4.12 -12.61
C THR B 81 -19.38 5.37 -12.75
N LEU B 82 -19.49 6.04 -13.90
CA LEU B 82 -18.72 7.26 -14.23
C LEU B 82 -19.24 8.47 -13.46
N ARG B 83 -20.58 8.53 -13.25
CA ARG B 83 -21.24 9.59 -12.48
C ARG B 83 -20.90 9.42 -10.98
N GLU B 84 -20.85 8.15 -10.54
CA GLU B 84 -20.41 7.75 -9.20
C GLU B 84 -18.95 8.17 -8.97
N LEU B 85 -18.12 7.92 -9.99
CA LEU B 85 -16.68 8.19 -9.98
C LEU B 85 -16.38 9.69 -9.91
N GLU B 86 -17.06 10.48 -10.78
CA GLU B 86 -16.77 11.93 -10.93
C GLU B 86 -17.12 12.69 -9.66
N ARG B 87 -18.28 12.35 -9.04
CA ARG B 87 -18.75 13.03 -7.83
C ARG B 87 -17.86 12.67 -6.63
N TYR B 88 -17.36 11.42 -6.62
CA TYR B 88 -16.42 10.94 -5.60
C TYR B 88 -15.08 11.69 -5.65
N VAL B 89 -14.51 11.78 -6.87
CA VAL B 89 -13.18 12.36 -7.08
C VAL B 89 -13.22 13.90 -6.98
N LYS B 90 -14.37 14.53 -7.33
CA LYS B 90 -14.54 15.99 -7.24
C LYS B 90 -14.72 16.40 -5.76
N SER B 91 -15.29 15.47 -4.94
CA SER B 91 -15.41 15.68 -3.48
C SER B 91 -14.04 15.50 -2.79
N CYS B 92 -13.14 14.74 -3.44
CA CYS B 92 -11.78 14.52 -2.96
C CYS B 92 -10.89 15.77 -3.22
N LEU B 93 -11.15 16.52 -4.32
CA LEU B 93 -10.38 17.74 -4.65
C LEU B 93 -11.02 19.03 -4.12
N GLN B 94 -12.37 19.07 -4.13
CA GLN B 94 -13.20 20.28 -3.85
C GLN B 94 -12.58 21.58 -4.42
N LYS B 95 -12.77 21.78 -5.73
CA LYS B 95 -12.21 22.90 -6.49
C LYS B 95 -13.13 23.24 -7.67
N LYS B 96 -13.14 24.51 -8.09
CA LYS B 96 -13.94 25.00 -9.22
C LYS B 96 -13.12 26.02 -10.02
N HIS A 1 26.93 -26.66 16.41
CA HIS A 1 26.22 -26.04 15.25
C HIS A 1 25.25 -24.95 15.72
N HIS A 2 24.68 -25.13 16.93
CA HIS A 2 23.75 -24.15 17.55
C HIS A 2 24.53 -22.96 18.11
N HIS A 3 24.23 -21.75 17.60
CA HIS A 3 24.89 -20.49 17.99
C HIS A 3 23.94 -19.65 18.87
N HIS A 4 24.00 -19.85 20.20
CA HIS A 4 23.18 -19.11 21.16
C HIS A 4 23.87 -17.79 21.54
N HIS A 5 23.72 -16.81 20.65
CA HIS A 5 24.23 -15.44 20.85
C HIS A 5 23.05 -14.48 20.85
N HIS A 6 22.91 -13.70 21.93
CA HIS A 6 21.84 -12.71 22.06
C HIS A 6 22.45 -11.32 21.82
N SER A 7 22.30 -10.78 20.59
CA SER A 7 22.80 -9.45 20.26
C SER A 7 21.75 -8.40 20.71
N HIS A 8 22.06 -7.78 21.83
CA HIS A 8 21.37 -6.59 22.38
C HIS A 8 22.30 -5.38 22.25
N MET A 9 21.77 -4.25 21.81
CA MET A 9 22.55 -3.02 21.62
C MET A 9 22.73 -2.30 22.97
N VAL A 10 23.99 -1.97 23.31
CA VAL A 10 24.32 -1.06 24.43
C VAL A 10 23.89 0.38 24.05
N GLY A 11 23.02 0.97 24.89
CA GLY A 11 22.41 2.28 24.62
C GLY A 11 20.98 2.15 24.10
N ASP A 12 20.55 0.90 23.80
CA ASP A 12 19.16 0.60 23.40
C ASP A 12 18.26 0.51 24.65
N THR A 13 16.95 0.66 24.45
CA THR A 13 15.97 0.54 25.51
C THR A 13 15.38 -0.89 25.47
N VAL A 14 15.29 -1.55 26.63
CA VAL A 14 14.84 -2.95 26.77
C VAL A 14 13.88 -3.10 27.98
N TRP A 15 13.44 -4.34 28.23
CA TRP A 15 12.59 -4.70 29.37
C TRP A 15 13.22 -5.88 30.10
N VAL A 16 13.26 -5.83 31.45
CA VAL A 16 13.81 -6.92 32.29
C VAL A 16 12.66 -7.74 32.89
N ARG A 17 12.53 -9.00 32.45
CA ARG A 17 11.54 -9.95 32.99
C ARG A 17 12.16 -10.67 34.20
N ARG A 18 11.36 -10.78 35.28
CA ARG A 18 11.83 -11.27 36.59
C ARG A 18 12.06 -12.81 36.57
N HIS A 19 12.58 -13.32 37.71
CA HIS A 19 12.95 -14.73 37.90
C HIS A 19 12.29 -15.24 39.20
N GLN A 20 11.29 -16.11 39.06
CA GLN A 20 10.60 -16.75 40.20
C GLN A 20 10.05 -18.10 39.76
N THR A 21 8.94 -18.07 39.00
CA THR A 21 8.26 -19.26 38.47
C THR A 21 7.63 -18.93 37.10
N LYS A 22 7.19 -19.98 36.37
CA LYS A 22 6.55 -19.83 35.06
C LYS A 22 5.08 -19.35 35.24
N ASN A 23 4.90 -18.01 35.31
CA ASN A 23 3.58 -17.35 35.39
C ASN A 23 3.65 -16.04 34.60
N LEU A 24 2.49 -15.49 34.22
CA LEU A 24 2.42 -14.16 33.56
C LEU A 24 2.64 -13.03 34.58
N GLU A 25 2.54 -13.36 35.89
CA GLU A 25 2.61 -12.42 37.02
C GLU A 25 3.98 -11.66 37.09
N PRO A 26 5.20 -12.35 36.99
CA PRO A 26 6.50 -11.65 36.85
C PRO A 26 6.59 -10.90 35.50
N ARG A 27 6.06 -9.67 35.49
CA ARG A 27 6.05 -8.81 34.30
C ARG A 27 7.46 -8.25 34.03
N TRP A 28 7.76 -7.95 32.76
CA TRP A 28 8.99 -7.26 32.40
C TRP A 28 8.83 -5.75 32.61
N LYS A 29 9.51 -5.23 33.64
CA LYS A 29 9.41 -3.82 34.05
C LYS A 29 10.49 -2.98 33.33
N GLY A 30 10.35 -1.66 33.45
CA GLY A 30 11.25 -0.70 32.84
C GLY A 30 10.49 0.53 32.34
N PRO A 31 10.74 1.03 31.08
CA PRO A 31 11.82 0.53 30.17
C PRO A 31 13.22 1.02 30.61
N TYR A 32 14.24 0.18 30.37
CA TYR A 32 15.60 0.35 30.89
C TYR A 32 16.61 0.65 29.77
N THR A 33 17.68 1.39 30.09
CA THR A 33 18.81 1.64 29.17
C THR A 33 19.93 0.62 29.43
N VAL A 34 20.38 -0.06 28.36
CA VAL A 34 21.47 -1.04 28.43
C VAL A 34 22.82 -0.32 28.61
N LEU A 35 23.54 -0.64 29.70
CA LEU A 35 24.88 -0.07 30.00
C LEU A 35 25.99 -1.05 29.60
N LEU A 36 25.76 -2.34 29.86
CA LEU A 36 26.74 -3.43 29.63
C LEU A 36 26.11 -4.50 28.74
N THR A 37 26.95 -5.16 27.93
CA THR A 37 26.53 -6.18 26.96
C THR A 37 27.60 -7.28 26.88
N THR A 38 27.18 -8.53 27.14
CA THR A 38 27.99 -9.75 26.95
C THR A 38 27.26 -10.66 25.94
N PRO A 39 27.94 -11.66 25.28
CA PRO A 39 27.34 -12.55 24.23
C PRO A 39 25.99 -13.27 24.58
N THR A 40 25.54 -13.22 25.85
CA THR A 40 24.28 -13.85 26.28
C THR A 40 23.53 -12.97 27.31
N ALA A 41 24.28 -12.32 28.20
CA ALA A 41 23.71 -11.51 29.29
C ALA A 41 23.97 -10.03 29.01
N LEU A 42 23.41 -9.17 29.85
CA LEU A 42 23.57 -7.71 29.76
C LEU A 42 23.25 -7.10 31.12
N LYS A 43 23.67 -5.86 31.34
CA LYS A 43 23.32 -5.13 32.55
C LYS A 43 22.73 -3.78 32.17
N VAL A 44 21.60 -3.42 32.76
CA VAL A 44 20.89 -2.17 32.46
C VAL A 44 20.82 -1.27 33.70
N ASP A 45 20.47 0.00 33.49
CA ASP A 45 20.46 1.03 34.53
C ASP A 45 19.18 0.92 35.37
N GLY A 46 19.28 1.15 36.69
CA GLY A 46 18.12 1.15 37.59
C GLY A 46 17.82 -0.20 38.23
N ILE A 47 18.10 -1.30 37.50
CA ILE A 47 17.73 -2.67 37.94
C ILE A 47 18.75 -3.19 38.99
N ALA A 48 19.99 -2.65 38.94
CA ALA A 48 21.08 -2.93 39.91
C ALA A 48 21.49 -4.43 39.97
N ALA A 49 21.37 -5.12 38.82
CA ALA A 49 21.68 -6.56 38.72
C ALA A 49 21.95 -6.93 37.25
N TRP A 50 22.70 -8.03 37.04
CA TRP A 50 22.90 -8.63 35.72
C TRP A 50 21.65 -9.44 35.33
N ILE A 51 21.30 -9.40 34.03
CA ILE A 51 20.12 -10.08 33.49
C ILE A 51 20.53 -10.95 32.29
N HIS A 52 19.90 -12.13 32.15
CA HIS A 52 20.04 -12.97 30.96
C HIS A 52 19.05 -12.49 29.91
N ALA A 53 19.51 -12.36 28.65
CA ALA A 53 18.74 -11.76 27.54
C ALA A 53 17.55 -12.63 27.11
N ALA A 54 17.53 -13.91 27.54
CA ALA A 54 16.38 -14.81 27.37
C ALA A 54 15.10 -14.22 28.01
N HIS A 55 15.31 -13.44 29.09
CA HIS A 55 14.24 -12.74 29.83
C HIS A 55 14.07 -11.29 29.34
N VAL A 56 15.00 -10.80 28.51
CA VAL A 56 15.07 -9.38 28.13
C VAL A 56 14.63 -9.15 26.69
N LYS A 57 13.58 -8.35 26.51
CA LYS A 57 13.03 -8.00 25.18
C LYS A 57 13.36 -6.54 24.86
N ALA A 58 13.90 -6.30 23.67
CA ALA A 58 14.21 -4.97 23.17
C ALA A 58 12.89 -4.17 23.01
N ALA A 59 12.79 -3.04 23.72
CA ALA A 59 11.62 -2.14 23.69
C ALA A 59 11.39 -1.60 22.29
N ASP A 60 12.48 -1.21 21.63
CA ASP A 60 12.48 -0.79 20.22
C ASP A 60 12.52 -2.04 19.30
N PRO A 61 11.75 -2.06 18.16
CA PRO A 61 11.68 -3.24 17.24
C PRO A 61 12.97 -3.45 16.41
N GLY A 62 13.84 -2.42 16.34
CA GLY A 62 15.10 -2.48 15.59
C GLY A 62 14.92 -2.15 14.11
N GLY A 63 13.81 -1.43 13.78
CA GLY A 63 13.51 -1.02 12.40
C GLY A 63 12.02 -1.07 12.10
N GLY A 64 11.68 -1.00 10.80
CA GLY A 64 10.29 -1.07 10.35
C GLY A 64 10.19 -1.09 8.83
N PRO A 65 10.47 -2.28 8.17
CA PRO A 65 10.41 -2.40 6.70
C PRO A 65 8.95 -2.46 6.16
N SER A 66 8.74 -1.89 4.96
CA SER A 66 7.44 -1.84 4.28
C SER A 66 7.63 -1.86 2.75
N SER A 67 6.71 -2.51 2.02
CA SER A 67 6.77 -2.58 0.56
C SER A 67 5.34 -2.63 -0.02
N ARG A 68 5.08 -1.77 -1.02
CA ARG A 68 3.77 -1.66 -1.69
C ARG A 68 3.99 -1.39 -3.19
N LEU A 69 3.28 -2.14 -4.04
CA LEU A 69 3.34 -1.97 -5.50
C LEU A 69 2.33 -0.92 -5.97
N THR A 70 2.57 -0.39 -7.18
CA THR A 70 1.79 0.72 -7.78
C THR A 70 1.52 0.40 -9.27
N TRP A 71 0.60 1.18 -9.88
CA TRP A 71 0.19 1.05 -11.29
C TRP A 71 0.73 2.26 -12.09
N ARG A 72 1.23 2.01 -13.31
CA ARG A 72 1.71 3.08 -14.21
C ARG A 72 0.62 3.40 -15.24
N VAL A 73 0.33 4.70 -15.43
CA VAL A 73 -0.59 5.18 -16.46
C VAL A 73 0.17 5.24 -17.81
N GLN A 74 -0.18 4.34 -18.75
CA GLN A 74 0.41 4.31 -20.11
C GLN A 74 -0.44 5.14 -21.07
N ARG A 75 0.25 5.86 -21.97
CA ARG A 75 -0.34 6.56 -23.10
C ARG A 75 -0.70 5.52 -24.18
N SER A 76 -1.99 5.39 -24.47
CA SER A 76 -2.52 4.57 -25.58
C SER A 76 -3.29 5.47 -26.56
N GLN A 77 -3.63 4.95 -27.75
CA GLN A 77 -4.42 5.68 -28.77
C GLN A 77 -5.91 5.67 -28.37
N ASN A 78 -6.23 6.37 -27.28
CA ASN A 78 -7.58 6.42 -26.68
C ASN A 78 -7.98 7.88 -26.38
N PRO A 79 -9.30 8.23 -26.44
CA PRO A 79 -9.79 9.61 -26.24
C PRO A 79 -9.50 10.14 -24.82
N LEU A 80 -9.81 9.32 -23.79
CA LEU A 80 -9.65 9.72 -22.37
C LEU A 80 -9.58 8.49 -21.43
N LYS A 81 -9.30 7.32 -22.01
CA LYS A 81 -9.07 6.08 -21.26
C LYS A 81 -7.63 6.05 -20.71
N ILE A 82 -7.40 5.33 -19.60
CA ILE A 82 -6.06 5.06 -19.04
C ILE A 82 -5.79 3.54 -19.02
N ARG A 83 -4.51 3.18 -19.17
CA ARG A 83 -4.04 1.78 -19.10
C ARG A 83 -3.08 1.65 -17.90
N LEU A 84 -3.52 0.94 -16.85
CA LEU A 84 -2.74 0.77 -15.61
C LEU A 84 -2.00 -0.57 -15.62
N THR A 85 -0.66 -0.53 -15.57
CA THR A 85 0.20 -1.73 -15.59
C THR A 85 0.91 -1.87 -14.22
N ARG A 86 1.18 -3.12 -13.79
CA ARG A 86 1.82 -3.40 -12.50
C ARG A 86 3.32 -3.02 -12.56
N GLU A 87 3.69 -1.96 -11.86
CA GLU A 87 5.10 -1.53 -11.70
C GLU A 87 5.88 -2.53 -10.85
N ALA A 88 7.15 -2.70 -11.23
CA ALA A 88 8.09 -3.61 -10.56
C ALA A 88 8.61 -2.97 -9.26
N PRO A 89 8.87 -3.79 -8.18
CA PRO A 89 9.46 -3.31 -6.88
C PRO A 89 10.72 -2.41 -7.09
N HIS B 1 -8.54 -13.01 35.07
CA HIS B 1 -8.63 -13.01 33.59
C HIS B 1 -9.98 -12.41 33.14
N HIS B 2 -10.54 -11.48 33.96
CA HIS B 2 -11.91 -10.95 33.72
C HIS B 2 -11.94 -9.99 32.50
N HIS B 3 -12.89 -10.27 31.60
CA HIS B 3 -13.16 -9.47 30.38
C HIS B 3 -14.47 -9.94 29.75
N HIS B 4 -15.30 -9.00 29.28
CA HIS B 4 -16.59 -9.26 28.63
C HIS B 4 -17.10 -7.97 27.97
N HIS B 5 -16.94 -7.89 26.64
CA HIS B 5 -17.43 -6.74 25.85
C HIS B 5 -18.08 -7.26 24.56
N HIS B 6 -19.26 -6.70 24.25
CA HIS B 6 -20.10 -7.11 23.11
C HIS B 6 -20.97 -5.93 22.64
N SER B 7 -20.53 -4.71 22.98
CA SER B 7 -21.26 -3.47 22.69
C SER B 7 -21.18 -3.11 21.19
N HIS B 8 -22.35 -2.97 20.56
CA HIS B 8 -22.48 -2.62 19.13
C HIS B 8 -23.85 -1.96 18.88
N MET B 9 -23.85 -0.86 18.09
CA MET B 9 -25.08 -0.18 17.65
C MET B 9 -24.76 0.77 16.47
N GLY B 10 -25.53 0.63 15.37
CA GLY B 10 -25.39 1.51 14.22
C GLY B 10 -25.69 0.82 12.89
N LYS B 11 -26.92 0.99 12.39
CA LYS B 11 -27.32 0.63 11.03
C LYS B 11 -28.51 1.52 10.61
N GLN B 12 -28.55 1.92 9.33
CA GLN B 12 -29.57 2.85 8.82
C GLN B 12 -29.53 2.89 7.29
N ALA B 13 -30.69 2.60 6.65
CA ALA B 13 -30.82 2.62 5.17
C ALA B 13 -32.26 3.01 4.79
N SER B 14 -32.42 4.22 4.22
CA SER B 14 -33.70 4.71 3.68
C SER B 14 -33.47 5.22 2.23
N ALA B 15 -33.83 4.36 1.26
CA ALA B 15 -33.66 4.65 -0.18
C ALA B 15 -34.86 5.46 -0.70
N SER B 16 -34.67 6.78 -0.83
CA SER B 16 -35.66 7.69 -1.43
C SER B 16 -34.94 8.63 -2.42
N TYR B 17 -35.00 8.25 -3.70
CA TYR B 17 -34.40 8.98 -4.83
C TYR B 17 -34.90 10.45 -4.91
N ASP B 18 -34.14 11.30 -5.61
CA ASP B 18 -34.53 12.71 -5.82
C ASP B 18 -35.59 12.78 -6.96
N SER B 19 -35.14 12.52 -8.20
CA SER B 19 -36.00 12.50 -9.41
C SER B 19 -36.02 11.08 -10.00
N GLU B 20 -37.02 10.84 -10.90
CA GLU B 20 -37.33 9.52 -11.49
C GLU B 20 -36.08 8.66 -11.79
N GLU B 21 -35.16 9.24 -12.60
CA GLU B 21 -33.86 8.65 -12.95
C GLU B 21 -34.06 7.26 -13.58
N GLU B 22 -34.89 7.24 -14.64
CA GLU B 22 -35.19 6.02 -15.42
C GLU B 22 -34.01 5.71 -16.34
N GLU B 23 -33.38 6.79 -16.83
CA GLU B 23 -32.03 6.75 -17.37
C GLU B 23 -31.07 6.55 -16.18
N GLU B 24 -30.02 5.72 -16.39
CA GLU B 24 -29.09 5.30 -15.32
C GLU B 24 -28.48 6.50 -14.58
N GLY B 25 -28.15 7.56 -15.34
CA GLY B 25 -27.53 8.76 -14.79
C GLY B 25 -26.50 9.30 -15.75
N LEU B 26 -26.97 9.98 -16.83
CA LEU B 26 -26.10 10.59 -17.87
C LEU B 26 -26.35 12.13 -18.01
N PRO B 27 -26.08 12.96 -16.94
CA PRO B 27 -26.13 14.44 -17.08
C PRO B 27 -24.79 15.01 -17.57
N MET B 28 -23.83 14.11 -17.82
CA MET B 28 -22.43 14.42 -18.12
C MET B 28 -22.08 13.90 -19.53
N SER B 29 -21.55 14.81 -20.33
CA SER B 29 -21.21 14.59 -21.74
C SER B 29 -19.71 14.20 -21.89
N TYR B 30 -19.28 14.09 -23.16
CA TYR B 30 -17.91 13.73 -23.56
C TYR B 30 -16.86 14.69 -22.97
N ASP B 31 -17.24 15.98 -22.82
CA ASP B 31 -16.38 17.02 -22.28
C ASP B 31 -16.05 16.77 -20.80
N GLU B 32 -17.06 16.30 -20.05
CA GLU B 32 -16.90 15.94 -18.62
C GLU B 32 -16.03 14.68 -18.49
N LYS B 33 -16.17 13.75 -19.46
CA LYS B 33 -15.33 12.55 -19.57
C LYS B 33 -13.84 12.98 -19.66
N ARG B 34 -13.56 13.91 -20.61
CA ARG B 34 -12.20 14.44 -20.88
C ARG B 34 -11.61 15.13 -19.64
N GLN B 35 -12.43 16.00 -19.02
CA GLN B 35 -12.04 16.82 -17.86
C GLN B 35 -11.63 15.93 -16.68
N LEU B 36 -12.51 15.00 -16.27
CA LEU B 36 -12.26 14.13 -15.10
C LEU B 36 -11.07 13.21 -15.37
N SER B 37 -10.91 12.79 -16.63
CA SER B 37 -9.80 11.90 -17.05
C SER B 37 -8.45 12.52 -16.66
N LEU B 38 -8.16 13.72 -17.21
CA LEU B 38 -6.85 14.36 -17.08
C LEU B 38 -6.62 14.91 -15.65
N ASP B 39 -7.70 15.47 -15.06
CA ASP B 39 -7.63 16.20 -13.77
C ASP B 39 -7.41 15.22 -12.61
N ILE B 40 -8.02 14.05 -12.72
CA ILE B 40 -7.85 12.94 -11.75
C ILE B 40 -6.54 12.17 -12.07
N ASN B 41 -6.15 12.15 -13.37
CA ASN B 41 -4.85 11.58 -13.83
C ASN B 41 -3.65 12.33 -13.20
N ARG B 42 -3.88 13.59 -12.79
CA ARG B 42 -2.87 14.40 -12.06
C ARG B 42 -2.51 13.76 -10.70
N LEU B 43 -3.50 13.06 -10.10
CA LEU B 43 -3.30 12.31 -8.83
C LEU B 43 -2.61 10.97 -9.13
N PRO B 44 -1.64 10.53 -8.28
CA PRO B 44 -0.93 9.25 -8.48
C PRO B 44 -1.70 8.06 -7.84
N GLY B 45 -1.20 7.49 -6.70
CA GLY B 45 -1.78 6.29 -6.07
C GLY B 45 -3.20 6.47 -5.58
N GLU B 46 -3.63 7.73 -5.36
CA GLU B 46 -5.01 8.04 -4.98
C GLU B 46 -5.97 7.78 -6.16
N LYS B 47 -5.52 8.17 -7.37
CA LYS B 47 -6.26 7.89 -8.61
C LYS B 47 -6.35 6.38 -8.83
N LEU B 48 -5.16 5.72 -8.76
CA LEU B 48 -4.98 4.30 -9.08
C LEU B 48 -5.89 3.41 -8.20
N GLY B 49 -5.75 3.56 -6.87
CA GLY B 49 -6.50 2.75 -5.91
C GLY B 49 -8.01 2.95 -5.99
N ARG B 50 -8.45 4.21 -6.17
CA ARG B 50 -9.89 4.57 -6.26
C ARG B 50 -10.53 3.99 -7.54
N VAL B 51 -9.85 4.18 -8.69
CA VAL B 51 -10.42 3.83 -10.01
C VAL B 51 -10.49 2.30 -10.20
N VAL B 52 -9.43 1.58 -9.73
CA VAL B 52 -9.39 0.11 -9.81
C VAL B 52 -10.45 -0.49 -8.89
N HIS B 53 -10.68 0.16 -7.73
CA HIS B 53 -11.71 -0.29 -6.78
C HIS B 53 -13.11 -0.23 -7.42
N ILE B 54 -13.47 0.94 -8.01
CA ILE B 54 -14.82 1.18 -8.55
C ILE B 54 -15.15 0.26 -9.74
N ILE B 55 -14.22 0.16 -10.72
CA ILE B 55 -14.46 -0.66 -11.93
C ILE B 55 -14.55 -2.17 -11.59
N GLN B 56 -13.75 -2.65 -10.59
CA GLN B 56 -13.76 -4.07 -10.18
C GLN B 56 -14.98 -4.38 -9.28
N SER B 57 -15.45 -3.34 -8.55
CA SER B 57 -16.70 -3.42 -7.75
C SER B 57 -17.93 -3.51 -8.67
N ARG B 58 -17.76 -2.95 -9.89
CA ARG B 58 -18.83 -2.93 -10.90
C ARG B 58 -18.81 -4.23 -11.71
N GLU B 59 -17.60 -4.62 -12.13
CA GLU B 59 -17.34 -5.78 -12.99
C GLU B 59 -15.82 -6.10 -12.90
N PRO B 60 -15.41 -7.17 -12.15
CA PRO B 60 -13.99 -7.56 -12.03
C PRO B 60 -13.44 -8.13 -13.36
N SER B 61 -12.14 -7.92 -13.59
CA SER B 61 -11.46 -8.21 -14.86
C SER B 61 -10.13 -8.93 -14.62
N LEU B 62 -9.28 -8.32 -13.74
CA LEU B 62 -7.89 -8.80 -13.48
C LEU B 62 -7.84 -10.22 -12.86
N ARG B 63 -8.97 -10.65 -12.27
CA ARG B 63 -9.12 -11.99 -11.64
C ARG B 63 -9.05 -13.13 -12.68
N ASP B 64 -9.15 -12.79 -13.97
CA ASP B 64 -9.02 -13.74 -15.10
C ASP B 64 -8.08 -13.15 -16.16
N SER B 65 -8.50 -11.99 -16.70
CA SER B 65 -7.77 -11.27 -17.76
C SER B 65 -6.58 -10.49 -17.16
N ASN B 66 -5.42 -11.18 -17.09
CA ASN B 66 -4.09 -10.59 -16.80
C ASN B 66 -4.10 -9.75 -15.49
N PRO B 67 -3.79 -10.38 -14.29
CA PRO B 67 -3.78 -9.68 -12.97
C PRO B 67 -2.81 -8.48 -12.91
N ASP B 68 -1.84 -8.48 -13.83
CA ASP B 68 -0.77 -7.47 -13.91
C ASP B 68 -1.27 -6.12 -14.46
N GLU B 69 -2.42 -6.12 -15.15
CA GLU B 69 -2.95 -4.90 -15.79
C GLU B 69 -4.44 -4.76 -15.48
N ILE B 70 -4.91 -3.52 -15.59
CA ILE B 70 -6.32 -3.18 -15.56
C ILE B 70 -6.52 -1.92 -16.45
N GLU B 71 -7.43 -2.00 -17.40
CA GLU B 71 -7.73 -0.90 -18.34
C GLU B 71 -9.16 -0.43 -18.09
N ILE B 72 -9.29 0.83 -17.65
CA ILE B 72 -10.59 1.44 -17.38
C ILE B 72 -10.93 2.34 -18.57
N ASP B 73 -11.82 1.84 -19.45
CA ASP B 73 -12.25 2.56 -20.65
C ASP B 73 -13.40 3.49 -20.28
N PHE B 74 -13.10 4.68 -19.72
CA PHE B 74 -14.13 5.68 -19.31
C PHE B 74 -15.07 6.05 -20.48
N GLU B 75 -14.48 6.05 -21.69
CA GLU B 75 -15.16 6.35 -22.96
C GLU B 75 -16.41 5.47 -23.19
N THR B 76 -16.32 4.17 -22.84
CA THR B 76 -17.40 3.19 -23.09
C THR B 76 -17.95 2.62 -21.76
N LEU B 77 -17.30 2.98 -20.63
CA LEU B 77 -17.79 2.66 -19.29
C LEU B 77 -19.10 3.41 -19.06
N LYS B 78 -20.07 2.73 -18.46
CA LYS B 78 -21.42 3.25 -18.21
C LYS B 78 -21.37 4.62 -17.49
N PRO B 79 -22.20 5.63 -17.94
CA PRO B 79 -22.30 6.97 -17.32
C PRO B 79 -22.32 6.99 -15.78
N THR B 80 -22.96 5.98 -15.15
CA THR B 80 -23.04 5.86 -13.68
C THR B 80 -21.66 5.67 -13.02
N THR B 81 -20.75 4.94 -13.70
CA THR B 81 -19.37 4.71 -13.21
C THR B 81 -18.63 6.04 -13.06
N LEU B 82 -18.69 6.86 -14.12
CA LEU B 82 -18.00 8.16 -14.19
C LEU B 82 -18.71 9.20 -13.32
N ARG B 83 -20.03 9.05 -13.17
CA ARG B 83 -20.89 9.94 -12.36
C ARG B 83 -20.54 9.80 -10.87
N GLU B 84 -20.43 8.54 -10.42
CA GLU B 84 -20.12 8.21 -9.02
C GLU B 84 -18.63 8.48 -8.73
N LEU B 85 -17.76 8.21 -9.73
CA LEU B 85 -16.31 8.45 -9.61
C LEU B 85 -16.04 9.95 -9.49
N GLU B 86 -16.77 10.75 -10.32
CA GLU B 86 -16.69 12.22 -10.33
C GLU B 86 -17.05 12.77 -8.94
N ARG B 87 -18.27 12.42 -8.47
CA ARG B 87 -18.80 12.93 -7.19
C ARG B 87 -17.94 12.44 -6.00
N TYR B 88 -17.32 11.25 -6.14
CA TYR B 88 -16.52 10.61 -5.08
C TYR B 88 -15.22 11.38 -4.85
N VAL B 89 -14.47 11.61 -5.94
CA VAL B 89 -13.14 12.24 -5.88
C VAL B 89 -13.25 13.75 -5.55
N LYS B 90 -14.29 14.42 -6.09
CA LYS B 90 -14.50 15.86 -5.86
C LYS B 90 -14.92 16.11 -4.41
N SER B 91 -15.61 15.11 -3.80
CA SER B 91 -16.00 15.13 -2.39
C SER B 91 -14.82 14.70 -1.49
N CYS B 92 -13.87 13.94 -2.07
CA CYS B 92 -12.69 13.43 -1.34
C CYS B 92 -11.72 14.57 -0.99
N LEU B 93 -11.38 15.40 -1.99
CA LEU B 93 -10.44 16.54 -1.81
C LEU B 93 -11.19 17.86 -1.52
N GLN B 94 -12.53 17.89 -1.81
CA GLN B 94 -13.43 19.04 -1.46
C GLN B 94 -13.01 20.35 -2.15
N LYS B 95 -12.27 20.23 -3.28
CA LYS B 95 -11.69 21.38 -3.99
C LYS B 95 -12.74 22.07 -4.86
N LYS B 96 -13.33 21.30 -5.75
CA LYS B 96 -14.35 21.77 -6.70
C LYS B 96 -15.64 20.93 -6.51
N HIS A 1 -11.55 -0.85 36.83
CA HIS A 1 -11.96 -1.16 35.44
C HIS A 1 -11.40 -0.11 34.48
N HIS A 2 -11.31 -0.48 33.19
CA HIS A 2 -10.60 0.31 32.18
C HIS A 2 -11.25 0.13 30.81
N HIS A 3 -11.09 1.13 29.93
CA HIS A 3 -11.40 1.00 28.49
C HIS A 3 -10.08 0.85 27.72
N HIS A 4 -9.49 1.97 27.26
CA HIS A 4 -8.19 1.97 26.55
C HIS A 4 -7.43 3.28 26.86
N HIS A 5 -6.08 3.17 26.88
CA HIS A 5 -5.18 4.31 27.13
C HIS A 5 -5.08 5.20 25.88
N HIS A 6 -5.08 6.53 26.09
CA HIS A 6 -4.92 7.52 25.01
C HIS A 6 -3.54 8.18 25.12
N SER A 7 -2.54 7.60 24.43
CA SER A 7 -1.18 8.11 24.47
C SER A 7 -1.01 9.21 23.39
N HIS A 8 -1.00 10.47 23.84
CA HIS A 8 -0.70 11.67 23.02
C HIS A 8 0.65 12.26 23.47
N MET A 9 1.42 12.82 22.53
CA MET A 9 2.70 13.47 22.84
C MET A 9 2.46 14.95 23.20
N VAL A 10 3.18 15.44 24.20
CA VAL A 10 3.20 16.86 24.56
C VAL A 10 3.98 17.64 23.48
N GLY A 11 3.30 18.62 22.85
CA GLY A 11 3.86 19.41 21.75
C GLY A 11 3.11 19.22 20.43
N ASP A 12 2.20 18.22 20.37
CA ASP A 12 1.38 17.94 19.16
C ASP A 12 0.38 19.08 18.87
N THR A 13 -0.09 19.18 17.62
CA THR A 13 -1.17 20.09 17.21
C THR A 13 -2.49 19.30 17.14
N VAL A 14 -3.46 19.65 18.00
CA VAL A 14 -4.72 18.90 18.13
C VAL A 14 -5.94 19.85 18.12
N TRP A 15 -7.05 19.38 17.56
CA TRP A 15 -8.32 20.11 17.50
C TRP A 15 -9.15 19.76 18.75
N VAL A 16 -9.67 20.79 19.42
CA VAL A 16 -10.51 20.62 20.61
C VAL A 16 -11.97 20.75 20.21
N ARG A 17 -12.71 19.63 20.34
CA ARG A 17 -14.12 19.56 19.97
C ARG A 17 -14.97 20.19 21.09
N ARG A 18 -15.57 21.36 20.80
CA ARG A 18 -16.47 22.02 21.75
C ARG A 18 -17.87 21.40 21.65
N HIS A 19 -18.17 20.49 22.58
CA HIS A 19 -19.48 19.81 22.64
C HIS A 19 -20.42 20.57 23.61
N GLN A 20 -19.83 21.04 24.73
CA GLN A 20 -20.49 21.78 25.86
C GLN A 20 -21.81 21.14 26.37
N THR A 21 -22.02 19.84 26.04
CA THR A 21 -23.16 19.01 26.52
C THR A 21 -24.55 19.63 26.16
N LYS A 22 -24.58 20.48 25.10
CA LYS A 22 -25.82 21.16 24.67
C LYS A 22 -25.67 21.64 23.22
N ASN A 23 -24.96 22.76 23.00
CA ASN A 23 -24.70 23.26 21.63
C ASN A 23 -23.47 22.55 21.04
N LEU A 24 -23.73 21.46 20.32
CA LEU A 24 -22.72 20.72 19.51
C LEU A 24 -22.39 21.48 18.20
N GLU A 25 -23.19 22.54 17.91
CA GLU A 25 -23.06 23.33 16.67
C GLU A 25 -21.66 24.00 16.53
N PRO A 26 -21.06 24.67 17.60
CA PRO A 26 -19.63 25.07 17.60
C PRO A 26 -18.69 23.86 17.42
N ARG A 27 -18.20 23.67 16.19
CA ARG A 27 -17.29 22.56 15.83
C ARG A 27 -15.89 22.77 16.43
N TRP A 28 -15.01 21.77 16.28
CA TRP A 28 -13.64 21.82 16.84
C TRP A 28 -12.82 22.97 16.24
N LYS A 29 -11.82 23.42 17.00
CA LYS A 29 -11.00 24.59 16.62
C LYS A 29 -9.54 24.41 17.05
N GLY A 30 -8.69 25.27 16.47
CA GLY A 30 -7.25 25.26 16.69
C GLY A 30 -6.52 25.23 15.34
N PRO A 31 -5.56 24.27 15.09
CA PRO A 31 -5.11 23.27 16.09
C PRO A 31 -4.14 23.88 17.13
N TYR A 32 -4.22 23.39 18.37
CA TYR A 32 -3.49 23.95 19.52
C TYR A 32 -2.32 23.04 19.89
N THR A 33 -1.26 23.64 20.47
CA THR A 33 -0.08 22.90 20.94
C THR A 33 -0.36 22.28 22.33
N VAL A 34 -0.15 20.97 22.45
CA VAL A 34 -0.38 20.23 23.71
C VAL A 34 0.66 20.65 24.76
N LEU A 35 0.21 21.21 25.89
CA LEU A 35 1.09 21.73 26.95
C LEU A 35 1.25 20.71 28.09
N LEU A 36 0.17 19.97 28.37
CA LEU A 36 0.10 18.97 29.46
C LEU A 36 -0.55 17.68 28.92
N THR A 37 -0.06 16.52 29.38
CA THR A 37 -0.55 15.20 28.94
C THR A 37 -0.86 14.30 30.16
N THR A 38 -2.09 13.75 30.19
CA THR A 38 -2.53 12.74 31.19
C THR A 38 -3.12 11.52 30.44
N PRO A 39 -3.11 10.28 31.05
CA PRO A 39 -3.49 9.01 30.35
C PRO A 39 -4.88 9.00 29.62
N THR A 40 -5.77 9.93 29.97
CA THR A 40 -7.17 9.96 29.46
C THR A 40 -7.62 11.39 29.07
N ALA A 41 -6.76 12.39 29.31
CA ALA A 41 -7.06 13.80 29.03
C ALA A 41 -5.76 14.55 28.67
N LEU A 42 -5.88 15.82 28.26
CA LEU A 42 -4.72 16.66 27.95
C LEU A 42 -5.11 18.12 28.00
N LYS A 43 -4.20 18.99 28.45
CA LYS A 43 -4.43 20.43 28.47
C LYS A 43 -3.60 21.06 27.36
N VAL A 44 -4.22 21.89 26.53
CA VAL A 44 -3.55 22.48 25.35
C VAL A 44 -3.60 24.02 25.39
N ASP A 45 -2.82 24.62 24.50
CA ASP A 45 -2.70 26.07 24.31
C ASP A 45 -4.05 26.68 23.91
N GLY A 46 -4.29 27.94 24.32
CA GLY A 46 -5.45 28.73 23.86
C GLY A 46 -6.75 28.43 24.59
N ILE A 47 -7.17 27.16 24.53
CA ILE A 47 -8.42 26.67 25.15
C ILE A 47 -8.32 26.76 26.69
N ALA A 48 -7.07 26.62 27.20
CA ALA A 48 -6.72 26.84 28.63
C ALA A 48 -7.51 25.94 29.60
N ALA A 49 -7.99 24.78 29.09
CA ALA A 49 -8.84 23.84 29.82
C ALA A 49 -8.42 22.40 29.50
N TRP A 50 -8.65 21.49 30.46
CA TRP A 50 -8.42 20.05 30.27
C TRP A 50 -9.54 19.46 29.40
N ILE A 51 -9.16 18.78 28.32
CA ILE A 51 -10.10 18.12 27.40
C ILE A 51 -9.87 16.59 27.48
N HIS A 52 -10.94 15.79 27.50
CA HIS A 52 -10.82 14.31 27.43
C HIS A 52 -10.37 13.91 26.02
N ALA A 53 -9.29 13.10 25.96
CA ALA A 53 -8.56 12.78 24.71
C ALA A 53 -9.40 12.01 23.67
N ALA A 54 -10.51 11.40 24.13
CA ALA A 54 -11.45 10.67 23.25
C ALA A 54 -12.24 11.62 22.32
N HIS A 55 -12.27 12.92 22.67
CA HIS A 55 -12.99 13.96 21.90
C HIS A 55 -11.98 15.00 21.36
N VAL A 56 -10.72 14.57 21.20
CA VAL A 56 -9.62 15.42 20.71
C VAL A 56 -8.94 14.69 19.54
N LYS A 57 -8.72 15.40 18.44
CA LYS A 57 -8.18 14.79 17.20
C LYS A 57 -6.84 15.42 16.84
N ALA A 58 -5.81 14.59 16.63
CA ALA A 58 -4.52 15.05 16.11
C ALA A 58 -4.69 15.57 14.67
N ALA A 59 -4.06 16.71 14.37
CA ALA A 59 -4.10 17.36 13.04
C ALA A 59 -3.41 16.48 11.98
N ASP A 60 -2.43 15.70 12.45
CA ASP A 60 -1.74 14.69 11.62
C ASP A 60 -2.63 13.43 11.45
N PRO A 61 -2.89 12.97 10.18
CA PRO A 61 -3.63 11.72 9.91
C PRO A 61 -2.72 10.47 9.72
N GLY A 62 -1.42 10.63 10.04
CA GLY A 62 -0.44 9.54 9.90
C GLY A 62 0.07 9.38 8.47
N GLY A 63 -0.08 10.45 7.66
CA GLY A 63 0.34 10.44 6.26
C GLY A 63 -0.54 9.53 5.39
N GLY A 64 -0.05 8.31 5.15
CA GLY A 64 -0.76 7.30 4.36
C GLY A 64 0.21 6.30 3.72
N PRO A 65 0.90 5.42 4.52
CA PRO A 65 1.88 4.45 4.02
C PRO A 65 1.20 3.35 3.17
N SER A 66 1.26 3.51 1.85
CA SER A 66 0.54 2.64 0.90
C SER A 66 1.33 1.33 0.65
N SER A 67 1.11 0.34 1.53
CA SER A 67 1.71 -1.00 1.42
C SER A 67 0.84 -1.85 0.46
N ARG A 68 1.09 -1.70 -0.84
CA ARG A 68 0.28 -2.31 -1.92
C ARG A 68 1.01 -2.10 -3.27
N LEU A 69 0.92 -3.12 -4.16
CA LEU A 69 1.45 -2.99 -5.54
C LEU A 69 0.66 -1.90 -6.30
N THR A 70 1.40 -0.86 -6.66
CA THR A 70 0.88 0.35 -7.31
C THR A 70 0.76 0.15 -8.84
N TRP A 71 0.05 1.09 -9.49
CA TRP A 71 -0.22 1.06 -10.94
C TRP A 71 0.48 2.24 -11.63
N ARG A 72 0.62 2.16 -12.98
CA ARG A 72 1.21 3.26 -13.79
C ARG A 72 0.42 3.44 -15.09
N VAL A 73 0.05 4.70 -15.42
CA VAL A 73 -0.69 5.02 -16.67
C VAL A 73 0.28 4.99 -17.89
N GLN A 74 -0.03 4.14 -18.88
CA GLN A 74 0.64 4.17 -20.19
C GLN A 74 -0.29 4.87 -21.18
N ARG A 75 0.20 5.98 -21.76
CA ARG A 75 -0.56 6.74 -22.76
C ARG A 75 -0.57 5.93 -24.07
N SER A 76 -1.77 5.47 -24.43
CA SER A 76 -1.98 4.57 -25.58
C SER A 76 -2.67 5.33 -26.72
N GLN A 77 -2.78 4.66 -27.89
CA GLN A 77 -3.36 5.26 -29.11
C GLN A 77 -4.87 5.58 -28.97
N ASN A 78 -5.48 5.06 -27.90
CA ASN A 78 -6.88 5.38 -27.52
C ASN A 78 -7.05 6.88 -27.11
N PRO A 79 -8.28 7.48 -27.32
CA PRO A 79 -8.53 8.94 -27.17
C PRO A 79 -8.24 9.50 -25.75
N LEU A 80 -8.77 8.84 -24.70
CA LEU A 80 -8.67 9.34 -23.30
C LEU A 80 -8.54 8.19 -22.27
N LYS A 81 -8.58 6.95 -22.77
CA LYS A 81 -8.48 5.72 -21.96
C LYS A 81 -7.00 5.44 -21.60
N ILE A 82 -6.76 4.86 -20.42
CA ILE A 82 -5.39 4.56 -19.93
C ILE A 82 -5.23 3.05 -19.68
N ARG A 83 -3.98 2.58 -19.72
CA ARG A 83 -3.62 1.21 -19.31
C ARG A 83 -2.74 1.29 -18.07
N LEU A 84 -3.28 0.81 -16.94
CA LEU A 84 -2.56 0.71 -15.67
C LEU A 84 -1.81 -0.63 -15.64
N THR A 85 -0.48 -0.57 -15.66
CA THR A 85 0.36 -1.78 -15.59
C THR A 85 0.93 -1.94 -14.17
N ARG A 86 1.37 -3.17 -13.86
CA ARG A 86 1.94 -3.54 -12.57
C ARG A 86 3.27 -2.80 -12.36
N GLU A 87 3.21 -1.71 -11.60
CA GLU A 87 4.38 -0.92 -11.24
C GLU A 87 5.01 -1.54 -9.97
N ALA A 88 6.34 -1.40 -9.86
CA ALA A 88 7.18 -2.17 -8.90
C ALA A 88 6.74 -2.03 -7.41
N PRO A 89 7.14 -3.02 -6.52
CA PRO A 89 6.88 -2.96 -5.05
C PRO A 89 7.32 -1.62 -4.40
N HIS B 1 -43.59 -41.54 17.25
CA HIS B 1 -44.56 -40.73 16.46
C HIS B 1 -43.95 -40.38 15.08
N HIS B 2 -43.96 -39.10 14.65
CA HIS B 2 -43.37 -38.69 13.36
C HIS B 2 -42.70 -37.30 13.47
N HIS B 3 -42.03 -36.92 12.38
CA HIS B 3 -41.45 -35.58 12.20
C HIS B 3 -41.89 -35.07 10.83
N HIS B 4 -42.70 -34.00 10.82
CA HIS B 4 -43.40 -33.52 9.60
C HIS B 4 -43.14 -32.02 9.39
N HIS B 5 -43.06 -31.63 8.10
CA HIS B 5 -42.97 -30.23 7.63
C HIS B 5 -41.62 -29.57 8.03
N HIS B 6 -40.69 -29.54 7.07
CA HIS B 6 -39.39 -28.85 7.18
C HIS B 6 -39.05 -28.22 5.81
N SER B 7 -37.87 -27.54 5.76
CA SER B 7 -37.35 -26.85 4.55
C SER B 7 -38.34 -25.81 3.99
N HIS B 8 -38.17 -24.55 4.42
CA HIS B 8 -39.00 -23.41 3.98
C HIS B 8 -38.12 -22.15 3.84
N MET B 9 -37.85 -21.77 2.57
CA MET B 9 -36.96 -20.65 2.22
C MET B 9 -37.44 -20.02 0.89
N GLY B 10 -37.22 -18.70 0.73
CA GLY B 10 -37.60 -17.98 -0.49
C GLY B 10 -39.06 -17.54 -0.48
N LYS B 11 -39.63 -17.36 0.73
CA LYS B 11 -41.08 -17.09 0.91
C LYS B 11 -41.45 -15.61 0.69
N GLN B 12 -40.49 -14.77 0.28
CA GLN B 12 -40.72 -13.32 0.12
C GLN B 12 -39.84 -12.73 -1.00
N ALA B 13 -40.48 -12.39 -2.12
CA ALA B 13 -39.83 -11.73 -3.26
C ALA B 13 -40.87 -10.88 -4.01
N SER B 14 -40.95 -9.59 -3.65
CA SER B 14 -41.93 -8.66 -4.23
C SER B 14 -41.32 -7.25 -4.30
N ALA B 15 -41.66 -6.48 -5.35
CA ALA B 15 -41.17 -5.11 -5.56
C ALA B 15 -42.10 -4.34 -6.51
N SER B 16 -42.08 -3.01 -6.40
CA SER B 16 -42.84 -2.10 -7.26
C SER B 16 -41.98 -0.86 -7.52
N TYR B 17 -41.81 -0.52 -8.82
CA TYR B 17 -40.95 0.57 -9.26
C TYR B 17 -41.47 1.92 -8.68
N ASP B 18 -40.55 2.67 -8.10
CA ASP B 18 -40.82 4.01 -7.55
C ASP B 18 -41.09 5.00 -8.70
N SER B 19 -40.28 4.85 -9.75
CA SER B 19 -40.36 5.64 -10.98
C SER B 19 -39.62 4.88 -12.10
N GLU B 20 -40.06 5.15 -13.35
CA GLU B 20 -39.55 4.52 -14.59
C GLU B 20 -38.02 4.29 -14.58
N GLU B 21 -37.24 5.40 -14.64
CA GLU B 21 -35.76 5.39 -14.66
C GLU B 21 -35.22 4.43 -15.75
N GLU B 22 -35.81 4.56 -16.96
CA GLU B 22 -35.47 3.71 -18.13
C GLU B 22 -34.00 3.90 -18.51
N GLU B 23 -33.53 5.14 -18.32
CA GLU B 23 -32.12 5.50 -18.46
C GLU B 23 -31.43 5.37 -17.10
N GLU B 24 -30.19 4.82 -17.10
CA GLU B 24 -29.38 4.64 -15.88
C GLU B 24 -29.05 6.01 -15.23
N GLY B 25 -28.95 7.05 -16.09
CA GLY B 25 -28.60 8.40 -15.67
C GLY B 25 -27.40 8.91 -16.43
N LEU B 26 -27.60 9.20 -17.74
CA LEU B 26 -26.50 9.63 -18.65
C LEU B 26 -26.71 11.05 -19.29
N PRO B 27 -27.04 12.14 -18.49
CA PRO B 27 -27.11 13.53 -19.05
C PRO B 27 -25.70 14.16 -19.19
N MET B 28 -24.68 13.40 -18.78
CA MET B 28 -23.26 13.78 -18.86
C MET B 28 -22.75 13.55 -20.29
N SER B 29 -22.25 14.63 -20.91
CA SER B 29 -21.67 14.59 -22.25
C SER B 29 -20.27 13.94 -22.23
N TYR B 30 -19.80 13.54 -23.44
CA TYR B 30 -18.44 12.99 -23.65
C TYR B 30 -17.36 13.93 -23.08
N ASP B 31 -17.64 15.24 -23.18
CA ASP B 31 -16.79 16.32 -22.65
C ASP B 31 -16.54 16.18 -21.14
N GLU B 32 -17.64 15.97 -20.37
CA GLU B 32 -17.58 15.80 -18.89
C GLU B 32 -16.82 14.52 -18.51
N LYS B 33 -17.06 13.46 -19.30
CA LYS B 33 -16.46 12.13 -19.10
C LYS B 33 -14.94 12.17 -19.31
N ARG B 34 -14.50 13.04 -20.26
CA ARG B 34 -13.07 13.30 -20.49
C ARG B 34 -12.50 14.18 -19.38
N GLN B 35 -13.31 15.17 -18.93
CA GLN B 35 -12.89 16.14 -17.89
C GLN B 35 -12.54 15.41 -16.59
N LEU B 36 -13.43 14.50 -16.15
CA LEU B 36 -13.20 13.74 -14.91
C LEU B 36 -12.01 12.79 -15.08
N SER B 37 -11.95 12.04 -16.20
CA SER B 37 -10.90 11.02 -16.41
C SER B 37 -9.48 11.62 -16.35
N LEU B 38 -9.29 12.80 -16.98
CA LEU B 38 -7.97 13.47 -17.05
C LEU B 38 -7.63 14.14 -15.69
N ASP B 39 -8.65 14.72 -15.04
CA ASP B 39 -8.52 15.47 -13.77
C ASP B 39 -8.17 14.51 -12.62
N ILE B 40 -8.67 13.26 -12.76
CA ILE B 40 -8.42 12.17 -11.83
C ILE B 40 -7.05 11.52 -12.15
N ASN B 41 -6.68 11.51 -13.43
CA ASN B 41 -5.33 11.10 -13.91
C ASN B 41 -4.23 12.04 -13.32
N ARG B 42 -4.60 13.29 -13.01
CA ARG B 42 -3.69 14.28 -12.39
C ARG B 42 -3.45 14.01 -10.88
N LEU B 43 -4.31 13.17 -10.26
CA LEU B 43 -4.26 12.86 -8.82
C LEU B 43 -3.05 11.94 -8.46
N PRO B 44 -2.59 11.90 -7.16
CA PRO B 44 -1.49 11.01 -6.71
C PRO B 44 -1.88 9.50 -6.76
N GLY B 45 -1.16 8.65 -6.00
CA GLY B 45 -1.40 7.19 -5.99
C GLY B 45 -2.82 6.79 -5.53
N GLU B 46 -3.54 7.73 -4.89
CA GLU B 46 -4.94 7.55 -4.48
C GLU B 46 -5.85 7.23 -5.69
N LYS B 47 -5.57 7.86 -6.86
CA LYS B 47 -6.35 7.61 -8.11
C LYS B 47 -6.24 6.13 -8.52
N LEU B 48 -5.06 5.54 -8.31
CA LEU B 48 -4.74 4.19 -8.74
C LEU B 48 -5.59 3.18 -7.96
N GLY B 49 -5.54 3.31 -6.62
CA GLY B 49 -6.31 2.43 -5.74
C GLY B 49 -7.81 2.60 -5.86
N ARG B 50 -8.28 3.87 -5.95
CA ARG B 50 -9.72 4.21 -5.99
C ARG B 50 -10.37 3.72 -7.31
N VAL B 51 -9.77 4.14 -8.45
CA VAL B 51 -10.35 3.86 -9.77
C VAL B 51 -10.41 2.34 -10.04
N VAL B 52 -9.30 1.60 -9.75
CA VAL B 52 -9.28 0.13 -9.96
C VAL B 52 -10.30 -0.58 -9.06
N HIS B 53 -10.47 -0.08 -7.82
CA HIS B 53 -11.39 -0.66 -6.84
C HIS B 53 -12.85 -0.54 -7.33
N ILE B 54 -13.21 0.66 -7.83
CA ILE B 54 -14.59 0.98 -8.23
C ILE B 54 -14.98 0.24 -9.53
N ILE B 55 -14.12 0.28 -10.57
CA ILE B 55 -14.42 -0.39 -11.86
C ILE B 55 -14.53 -1.93 -11.69
N GLN B 56 -13.69 -2.52 -10.82
CA GLN B 56 -13.70 -3.99 -10.58
C GLN B 56 -14.81 -4.40 -9.60
N SER B 57 -15.32 -3.41 -8.83
CA SER B 57 -16.52 -3.58 -8.01
C SER B 57 -17.78 -3.63 -8.91
N ARG B 58 -17.69 -2.97 -10.09
CA ARG B 58 -18.78 -2.96 -11.09
C ARG B 58 -18.70 -4.21 -11.98
N GLU B 59 -17.48 -4.61 -12.36
CA GLU B 59 -17.19 -5.83 -13.13
C GLU B 59 -15.66 -6.07 -13.15
N PRO B 60 -15.16 -7.22 -12.59
CA PRO B 60 -13.70 -7.51 -12.53
C PRO B 60 -13.12 -7.99 -13.88
N SER B 61 -12.55 -7.03 -14.63
CA SER B 61 -11.85 -7.27 -15.90
C SER B 61 -10.55 -8.08 -15.72
N LEU B 62 -9.81 -7.80 -14.62
CA LEU B 62 -8.49 -8.44 -14.34
C LEU B 62 -8.63 -9.90 -13.86
N ARG B 63 -9.88 -10.39 -13.75
CA ARG B 63 -10.19 -11.81 -13.50
C ARG B 63 -9.98 -12.67 -14.77
N ASP B 64 -9.79 -12.00 -15.92
CA ASP B 64 -9.55 -12.68 -17.21
C ASP B 64 -8.41 -12.01 -17.97
N SER B 65 -8.55 -10.69 -18.24
CA SER B 65 -7.57 -9.89 -18.99
C SER B 65 -6.40 -9.45 -18.09
N ASN B 66 -5.47 -10.43 -17.82
CA ASN B 66 -4.15 -10.23 -17.15
C ASN B 66 -4.24 -9.37 -15.85
N PRO B 67 -4.10 -9.98 -14.62
CA PRO B 67 -4.32 -9.27 -13.33
C PRO B 67 -3.29 -8.16 -13.04
N ASP B 68 -2.20 -8.16 -13.82
CA ASP B 68 -1.10 -7.18 -13.69
C ASP B 68 -1.33 -5.96 -14.61
N GLU B 69 -2.41 -5.98 -15.40
CA GLU B 69 -2.79 -4.87 -16.29
C GLU B 69 -4.31 -4.68 -16.25
N ILE B 70 -4.76 -3.48 -15.90
CA ILE B 70 -6.17 -3.11 -15.90
C ILE B 70 -6.35 -1.80 -16.70
N GLU B 71 -7.19 -1.86 -17.71
CA GLU B 71 -7.56 -0.69 -18.51
C GLU B 71 -8.95 -0.23 -18.07
N ILE B 72 -9.08 1.07 -17.79
CA ILE B 72 -10.38 1.66 -17.48
C ILE B 72 -10.86 2.40 -18.71
N ASP B 73 -11.78 1.77 -19.42
CA ASP B 73 -12.31 2.25 -20.69
C ASP B 73 -13.40 3.28 -20.39
N PHE B 74 -13.04 4.54 -20.09
CA PHE B 74 -14.03 5.61 -19.82
C PHE B 74 -14.90 5.89 -21.07
N GLU B 75 -14.36 5.50 -22.24
CA GLU B 75 -15.01 5.64 -23.54
C GLU B 75 -16.21 4.66 -23.71
N THR B 76 -16.17 3.48 -23.03
CA THR B 76 -17.28 2.49 -23.11
C THR B 76 -17.79 2.04 -21.72
N LEU B 77 -17.22 2.63 -20.65
CA LEU B 77 -17.69 2.37 -19.27
C LEU B 77 -19.02 3.08 -19.08
N LYS B 78 -19.87 2.52 -18.20
CA LYS B 78 -21.23 3.02 -18.02
C LYS B 78 -21.15 4.46 -17.43
N PRO B 79 -21.81 5.46 -18.07
CA PRO B 79 -21.64 6.92 -17.72
C PRO B 79 -21.83 7.22 -16.23
N THR B 80 -22.81 6.55 -15.61
CA THR B 80 -23.11 6.73 -14.17
C THR B 80 -21.92 6.36 -13.30
N THR B 81 -21.21 5.28 -13.65
CA THR B 81 -20.00 4.81 -12.94
C THR B 81 -18.91 5.92 -12.90
N LEU B 82 -18.83 6.69 -14.01
CA LEU B 82 -17.89 7.81 -14.13
C LEU B 82 -18.32 8.99 -13.25
N ARG B 83 -19.64 9.21 -13.14
CA ARG B 83 -20.22 10.33 -12.37
C ARG B 83 -20.18 10.06 -10.86
N GLU B 84 -20.29 8.79 -10.46
CA GLU B 84 -20.09 8.35 -9.08
C GLU B 84 -18.63 8.59 -8.68
N LEU B 85 -17.71 8.17 -9.57
CA LEU B 85 -16.26 8.36 -9.41
C LEU B 85 -15.88 9.85 -9.36
N GLU B 86 -16.62 10.67 -10.15
CA GLU B 86 -16.44 12.14 -10.22
C GLU B 86 -16.64 12.79 -8.83
N ARG B 87 -17.88 12.66 -8.29
CA ARG B 87 -18.22 13.28 -7.00
C ARG B 87 -17.57 12.58 -5.82
N TYR B 88 -17.15 11.31 -6.01
CA TYR B 88 -16.47 10.55 -4.96
C TYR B 88 -15.09 11.15 -4.67
N VAL B 89 -14.27 11.29 -5.72
CA VAL B 89 -12.89 11.75 -5.59
C VAL B 89 -12.83 13.22 -5.12
N LYS B 90 -13.64 14.12 -5.73
CA LYS B 90 -13.57 15.56 -5.46
C LYS B 90 -14.14 15.92 -4.07
N SER B 91 -15.22 15.23 -3.66
CA SER B 91 -15.80 15.40 -2.31
C SER B 91 -14.84 14.88 -1.23
N CYS B 92 -13.92 13.98 -1.64
CA CYS B 92 -12.94 13.39 -0.72
C CYS B 92 -11.76 14.36 -0.48
N LEU B 93 -11.15 14.85 -1.58
CA LEU B 93 -9.93 15.70 -1.50
C LEU B 93 -10.27 17.16 -1.15
N GLN B 94 -11.44 17.64 -1.64
CA GLN B 94 -11.95 19.03 -1.39
C GLN B 94 -10.98 20.14 -1.88
N LYS B 95 -9.95 19.74 -2.65
CA LYS B 95 -8.88 20.61 -3.15
C LYS B 95 -9.35 21.47 -4.33
N LYS B 96 -8.75 22.65 -4.46
CA LYS B 96 -8.93 23.56 -5.58
C LYS B 96 -7.59 24.30 -5.78
N HIS A 1 55.90 8.85 -8.27
CA HIS A 1 55.19 9.60 -7.21
C HIS A 1 53.68 9.49 -7.44
N HIS A 2 53.05 8.55 -6.72
CA HIS A 2 51.61 8.29 -6.80
C HIS A 2 51.13 7.78 -5.43
N HIS A 3 51.56 8.47 -4.35
CA HIS A 3 51.14 8.16 -2.96
C HIS A 3 49.62 8.40 -2.86
N HIS A 4 48.86 7.31 -2.75
CA HIS A 4 47.40 7.33 -2.71
C HIS A 4 46.94 7.13 -1.26
N HIS A 5 46.34 8.18 -0.67
CA HIS A 5 45.74 8.17 0.68
C HIS A 5 44.57 7.15 0.75
N HIS A 6 44.42 6.52 1.93
CA HIS A 6 43.35 5.55 2.20
C HIS A 6 42.51 6.05 3.38
N SER A 7 41.23 6.40 3.11
CA SER A 7 40.33 6.88 4.16
C SER A 7 39.62 5.68 4.84
N HIS A 8 40.08 5.39 6.06
CA HIS A 8 39.52 4.37 6.99
C HIS A 8 38.80 5.07 8.14
N MET A 9 38.05 4.28 8.93
CA MET A 9 37.40 4.76 10.15
C MET A 9 37.94 3.99 11.37
N VAL A 10 38.40 4.73 12.40
CA VAL A 10 38.80 4.15 13.69
C VAL A 10 37.53 3.79 14.50
N GLY A 11 37.56 2.59 15.12
CA GLY A 11 36.38 2.04 15.84
C GLY A 11 35.58 1.08 14.96
N ASP A 12 35.86 1.10 13.66
CA ASP A 12 35.10 0.33 12.66
C ASP A 12 35.61 -1.12 12.56
N THR A 13 34.69 -2.04 12.18
CA THR A 13 35.01 -3.44 11.95
C THR A 13 35.52 -3.63 10.52
N VAL A 14 36.79 -4.03 10.39
CA VAL A 14 37.46 -4.26 9.07
C VAL A 14 38.09 -5.66 9.05
N TRP A 15 38.45 -6.11 7.86
CA TRP A 15 39.12 -7.41 7.63
C TRP A 15 40.55 -7.15 7.17
N VAL A 16 41.50 -7.91 7.72
CA VAL A 16 42.91 -7.81 7.40
C VAL A 16 43.36 -9.05 6.62
N ARG A 17 43.72 -8.87 5.32
CA ARG A 17 44.17 -9.98 4.45
C ARG A 17 45.50 -10.52 4.99
N ARG A 18 45.54 -11.86 5.19
CA ARG A 18 46.72 -12.56 5.76
C ARG A 18 47.98 -12.31 4.91
N HIS A 19 48.96 -11.69 5.57
CA HIS A 19 50.26 -11.30 4.96
C HIS A 19 51.27 -12.47 5.10
N GLN A 20 50.75 -13.71 5.14
CA GLN A 20 51.54 -14.93 5.27
C GLN A 20 52.32 -15.16 3.95
N THR A 21 51.54 -15.35 2.87
CA THR A 21 52.04 -15.36 1.47
C THR A 21 50.93 -14.83 0.55
N LYS A 22 51.31 -14.24 -0.59
CA LYS A 22 50.36 -13.65 -1.56
C LYS A 22 49.80 -14.76 -2.50
N ASN A 23 48.86 -15.55 -1.97
CA ASN A 23 48.11 -16.56 -2.73
C ASN A 23 46.63 -16.39 -2.44
N LEU A 24 45.76 -16.86 -3.34
CA LEU A 24 44.29 -16.77 -3.21
C LEU A 24 43.77 -17.54 -1.96
N GLU A 25 44.60 -18.46 -1.42
CA GLU A 25 44.22 -19.33 -0.29
C GLU A 25 44.15 -18.54 1.07
N PRO A 26 45.29 -17.90 1.60
CA PRO A 26 45.22 -17.12 2.87
C PRO A 26 44.35 -15.85 2.73
N ARG A 27 43.07 -15.96 3.15
CA ARG A 27 42.06 -14.89 3.11
C ARG A 27 42.17 -13.98 4.34
N TRP A 28 41.35 -12.93 4.36
CA TRP A 28 41.31 -11.97 5.48
C TRP A 28 40.66 -12.58 6.74
N LYS A 29 41.24 -12.27 7.92
CA LYS A 29 40.73 -12.75 9.22
C LYS A 29 40.27 -11.55 10.06
N GLY A 30 39.41 -11.85 11.04
CA GLY A 30 38.75 -10.83 11.85
C GLY A 30 37.26 -11.17 12.02
N PRO A 31 36.30 -10.17 11.93
CA PRO A 31 36.60 -8.73 11.74
C PRO A 31 37.14 -8.07 13.04
N TYR A 32 38.13 -7.20 12.86
CA TYR A 32 38.84 -6.52 13.96
C TYR A 32 38.40 -5.05 14.03
N THR A 33 38.35 -4.51 15.26
CA THR A 33 38.04 -3.10 15.52
C THR A 33 39.31 -2.25 15.39
N VAL A 34 39.30 -1.25 14.48
CA VAL A 34 40.44 -0.35 14.23
C VAL A 34 40.78 0.47 15.49
N LEU A 35 42.06 0.45 15.91
CA LEU A 35 42.56 1.22 17.07
C LEU A 35 43.25 2.51 16.61
N LEU A 36 44.10 2.39 15.57
CA LEU A 36 44.99 3.47 15.09
C LEU A 36 44.80 3.65 13.57
N THR A 37 44.98 4.88 13.10
CA THR A 37 44.81 5.26 11.69
C THR A 37 45.95 6.20 11.24
N THR A 38 46.59 5.89 10.09
CA THR A 38 47.66 6.68 9.46
C THR A 38 47.32 6.87 7.94
N PRO A 39 47.91 7.88 7.21
CA PRO A 39 47.45 8.25 5.81
C PRO A 39 47.45 7.12 4.75
N THR A 40 48.08 5.97 5.06
CA THR A 40 48.26 4.86 4.09
C THR A 40 48.17 3.48 4.78
N ALA A 41 47.95 3.48 6.12
CA ALA A 41 47.93 2.26 6.94
C ALA A 41 46.99 2.47 8.14
N LEU A 42 46.80 1.41 8.93
CA LEU A 42 45.99 1.43 10.15
C LEU A 42 46.36 0.22 11.02
N LYS A 43 46.29 0.38 12.34
CA LYS A 43 46.48 -0.72 13.29
C LYS A 43 45.09 -1.09 13.83
N VAL A 44 44.81 -2.40 13.92
CA VAL A 44 43.51 -2.91 14.42
C VAL A 44 43.77 -3.84 15.62
N ASP A 45 42.75 -4.01 16.49
CA ASP A 45 42.84 -4.88 17.67
C ASP A 45 42.81 -6.35 17.26
N GLY A 46 43.25 -7.24 18.14
CA GLY A 46 43.22 -8.68 17.89
C GLY A 46 44.48 -9.19 17.20
N ILE A 47 44.74 -8.64 15.99
CA ILE A 47 45.83 -9.10 15.10
C ILE A 47 47.23 -9.00 15.77
N ALA A 48 47.43 -7.91 16.57
CA ALA A 48 48.72 -7.57 17.21
C ALA A 48 49.80 -7.22 16.16
N ALA A 49 49.48 -6.25 15.26
CA ALA A 49 50.40 -5.72 14.23
C ALA A 49 49.78 -4.51 13.49
N TRP A 50 50.66 -3.64 12.95
CA TRP A 50 50.28 -2.60 11.97
C TRP A 50 50.00 -3.25 10.60
N ILE A 51 49.01 -2.73 9.87
CA ILE A 51 48.62 -3.24 8.55
C ILE A 51 48.57 -2.07 7.55
N HIS A 52 49.01 -2.28 6.31
CA HIS A 52 48.83 -1.31 5.22
C HIS A 52 47.40 -1.44 4.70
N ALA A 53 46.73 -0.29 4.52
CA ALA A 53 45.29 -0.20 4.20
C ALA A 53 44.94 -0.76 2.80
N ALA A 54 45.98 -0.95 1.96
CA ALA A 54 45.85 -1.61 0.64
C ALA A 54 45.46 -3.12 0.77
N HIS A 55 45.68 -3.69 1.98
CA HIS A 55 45.42 -5.10 2.28
C HIS A 55 44.16 -5.25 3.17
N VAL A 56 43.42 -4.15 3.36
CA VAL A 56 42.33 -4.07 4.37
C VAL A 56 41.03 -3.62 3.70
N LYS A 57 39.88 -4.15 4.19
CA LYS A 57 38.56 -3.89 3.61
C LYS A 57 37.53 -3.70 4.74
N ALA A 58 36.65 -2.69 4.59
CA ALA A 58 35.56 -2.44 5.55
C ALA A 58 34.51 -3.57 5.47
N ALA A 59 34.09 -4.08 6.63
CA ALA A 59 33.05 -5.12 6.75
C ALA A 59 31.65 -4.51 6.53
N ASP A 60 31.18 -4.56 5.28
CA ASP A 60 29.83 -4.05 4.91
C ASP A 60 28.76 -5.10 5.26
N PRO A 61 27.79 -4.80 6.19
CA PRO A 61 26.69 -5.74 6.56
C PRO A 61 25.77 -6.08 5.35
N GLY A 62 25.10 -5.04 4.80
CA GLY A 62 24.19 -5.19 3.67
C GLY A 62 22.85 -5.82 4.03
N GLY A 63 22.09 -6.22 3.01
CA GLY A 63 20.78 -6.88 3.17
C GLY A 63 19.65 -5.89 3.41
N GLY A 64 18.50 -6.08 2.73
CA GLY A 64 17.33 -5.22 2.92
C GLY A 64 16.23 -5.47 1.89
N PRO A 65 15.14 -6.24 2.22
CA PRO A 65 14.00 -6.46 1.31
C PRO A 65 13.00 -5.26 1.30
N SER A 66 12.96 -4.52 0.18
CA SER A 66 12.04 -3.37 0.00
C SER A 66 11.71 -3.20 -1.49
N SER A 67 10.46 -3.50 -1.88
CA SER A 67 9.96 -3.37 -3.25
C SER A 67 8.42 -3.25 -3.23
N ARG A 68 7.87 -2.48 -4.19
CA ARG A 68 6.43 -2.16 -4.25
C ARG A 68 6.03 -1.90 -5.71
N LEU A 69 5.12 -2.73 -6.25
CA LEU A 69 4.59 -2.56 -7.63
C LEU A 69 3.26 -1.82 -7.59
N THR A 70 3.26 -0.62 -8.16
CA THR A 70 2.07 0.23 -8.30
C THR A 70 1.57 0.15 -9.74
N TRP A 71 0.36 0.68 -10.00
CA TRP A 71 -0.15 0.80 -11.36
C TRP A 71 0.58 1.95 -12.09
N ARG A 72 0.78 1.81 -13.41
CA ARG A 72 1.48 2.81 -14.23
C ARG A 72 0.79 2.89 -15.59
N VAL A 73 0.54 4.14 -16.06
CA VAL A 73 -0.12 4.41 -17.35
C VAL A 73 0.88 4.20 -18.50
N GLN A 74 0.58 3.24 -19.39
CA GLN A 74 1.23 3.11 -20.70
C GLN A 74 0.25 3.63 -21.76
N ARG A 75 0.81 4.36 -22.73
CA ARG A 75 0.08 4.89 -23.87
C ARG A 75 -0.34 3.74 -24.81
N SER A 76 -1.65 3.58 -24.97
CA SER A 76 -2.25 2.80 -26.05
C SER A 76 -2.85 3.80 -27.07
N GLN A 77 -3.30 3.29 -28.23
CA GLN A 77 -3.98 4.11 -29.24
C GLN A 77 -5.42 4.41 -28.77
N ASN A 78 -5.55 5.36 -27.83
CA ASN A 78 -6.83 5.68 -27.14
C ASN A 78 -6.92 7.18 -26.80
N PRO A 79 -8.15 7.80 -26.86
CA PRO A 79 -8.34 9.24 -26.56
C PRO A 79 -8.27 9.60 -25.04
N LEU A 80 -9.05 8.92 -24.16
CA LEU A 80 -9.07 9.23 -22.70
C LEU A 80 -9.03 7.95 -21.82
N LYS A 81 -8.83 6.80 -22.45
CA LYS A 81 -8.58 5.53 -21.78
C LYS A 81 -7.10 5.46 -21.33
N ILE A 82 -6.84 4.76 -20.21
CA ILE A 82 -5.47 4.53 -19.69
C ILE A 82 -5.26 3.03 -19.48
N ARG A 83 -4.03 2.56 -19.76
CA ARG A 83 -3.62 1.17 -19.51
C ARG A 83 -2.73 1.14 -18.26
N LEU A 84 -3.27 0.59 -17.17
CA LEU A 84 -2.55 0.46 -15.90
C LEU A 84 -1.92 -0.93 -15.81
N THR A 85 -0.59 -0.99 -15.95
CA THR A 85 0.18 -2.22 -15.75
C THR A 85 0.87 -2.15 -14.38
N ARG A 86 1.28 -3.31 -13.83
CA ARG A 86 2.20 -3.34 -12.68
C ARG A 86 3.56 -2.75 -13.10
N GLU A 87 4.14 -1.95 -12.21
CA GLU A 87 5.47 -1.36 -12.42
C GLU A 87 6.55 -2.44 -12.38
N ALA A 88 7.66 -2.17 -13.07
CA ALA A 88 8.79 -3.10 -13.12
C ALA A 88 9.59 -2.99 -11.80
N PRO A 89 9.79 -4.13 -11.04
CA PRO A 89 10.52 -4.12 -9.75
C PRO A 89 12.01 -3.77 -9.94
N HIS B 1 -5.76 35.85 28.18
CA HIS B 1 -6.07 35.97 26.75
C HIS B 1 -6.24 34.57 26.13
N HIS B 2 -7.44 33.98 26.33
CA HIS B 2 -7.82 32.65 25.80
C HIS B 2 -9.35 32.43 25.95
N HIS B 3 -10.02 32.08 24.83
CA HIS B 3 -11.48 31.85 24.76
C HIS B 3 -11.87 31.39 23.33
N HIS B 4 -12.96 30.62 23.21
CA HIS B 4 -13.51 30.18 21.90
C HIS B 4 -15.04 30.36 21.90
N HIS B 5 -15.73 29.53 22.72
CA HIS B 5 -17.20 29.42 22.76
C HIS B 5 -17.76 29.08 21.36
N HIS B 6 -17.70 27.77 21.03
CA HIS B 6 -18.16 27.26 19.73
C HIS B 6 -19.71 27.17 19.71
N SER B 7 -20.33 27.82 18.72
CA SER B 7 -21.78 27.82 18.54
C SER B 7 -22.12 27.85 17.04
N HIS B 8 -22.14 26.64 16.45
CA HIS B 8 -22.52 26.41 15.05
C HIS B 8 -22.79 24.90 14.87
N MET B 9 -24.06 24.55 14.59
CA MET B 9 -24.45 23.14 14.31
C MET B 9 -24.00 22.77 12.88
N GLY B 10 -24.16 23.75 11.95
CA GLY B 10 -23.64 23.68 10.58
C GLY B 10 -24.02 22.40 9.83
N LYS B 11 -25.27 22.34 9.37
CA LYS B 11 -25.84 21.13 8.74
C LYS B 11 -27.02 21.51 7.82
N GLN B 12 -26.98 22.74 7.30
CA GLN B 12 -27.98 23.29 6.38
C GLN B 12 -27.63 22.85 4.94
N ALA B 13 -27.74 21.53 4.70
CA ALA B 13 -27.37 20.90 3.43
C ALA B 13 -28.57 20.13 2.85
N SER B 14 -29.31 20.78 1.95
CA SER B 14 -30.50 20.22 1.31
C SER B 14 -30.35 20.33 -0.21
N ALA B 15 -30.60 19.22 -0.93
CA ALA B 15 -30.41 19.13 -2.39
C ALA B 15 -31.41 18.13 -2.99
N SER B 16 -31.64 18.25 -4.30
CA SER B 16 -32.57 17.39 -5.05
C SER B 16 -31.86 16.87 -6.33
N TYR B 17 -32.59 16.09 -7.13
CA TYR B 17 -32.09 15.53 -8.40
C TYR B 17 -31.81 16.66 -9.43
N ASP B 18 -30.76 16.48 -10.26
CA ASP B 18 -30.37 17.41 -11.35
C ASP B 18 -31.47 17.43 -12.43
N SER B 19 -31.67 16.27 -13.08
CA SER B 19 -32.72 16.06 -14.08
C SER B 19 -33.27 14.64 -13.88
N GLU B 20 -34.60 14.50 -14.10
CA GLU B 20 -35.37 13.23 -13.94
C GLU B 20 -34.62 12.01 -14.52
N GLU B 21 -34.31 12.10 -15.83
CA GLU B 21 -33.56 11.10 -16.60
C GLU B 21 -34.26 9.71 -16.62
N GLU B 22 -34.76 9.33 -17.80
CA GLU B 22 -35.43 8.03 -18.03
C GLU B 22 -34.41 6.88 -18.03
N GLU B 23 -33.18 7.19 -18.46
CA GLU B 23 -32.09 6.22 -18.63
C GLU B 23 -31.31 5.96 -17.32
N GLU B 24 -30.30 5.05 -17.40
CA GLU B 24 -29.53 4.58 -16.22
C GLU B 24 -28.71 5.73 -15.57
N GLY B 25 -27.99 6.50 -16.41
CA GLY B 25 -27.10 7.54 -15.92
C GLY B 25 -26.12 8.01 -16.96
N LEU B 26 -26.63 8.63 -18.05
CA LEU B 26 -25.82 9.25 -19.12
C LEU B 26 -26.13 10.77 -19.32
N PRO B 27 -25.95 11.66 -18.27
CA PRO B 27 -25.82 13.12 -18.48
C PRO B 27 -24.33 13.52 -18.62
N MET B 28 -23.47 12.49 -18.79
CA MET B 28 -22.03 12.64 -18.96
C MET B 28 -21.72 12.67 -20.48
N SER B 29 -21.31 13.84 -20.96
CA SER B 29 -20.84 14.03 -22.35
C SER B 29 -19.42 13.46 -22.53
N TYR B 30 -18.90 13.52 -23.77
CA TYR B 30 -17.51 13.16 -24.09
C TYR B 30 -16.53 14.14 -23.43
N ASP B 31 -16.96 15.41 -23.34
CA ASP B 31 -16.22 16.47 -22.63
C ASP B 31 -16.10 16.12 -21.14
N GLU B 32 -17.20 15.60 -20.57
CA GLU B 32 -17.26 15.21 -19.14
C GLU B 32 -16.38 13.97 -18.88
N LYS B 33 -16.32 13.05 -19.88
CA LYS B 33 -15.49 11.84 -19.80
C LYS B 33 -13.99 12.18 -19.76
N ARG B 34 -13.55 13.07 -20.68
CA ARG B 34 -12.16 13.53 -20.73
C ARG B 34 -11.82 14.38 -19.49
N GLN B 35 -12.81 15.18 -19.03
CA GLN B 35 -12.68 16.02 -17.83
C GLN B 35 -12.30 15.18 -16.61
N LEU B 36 -13.15 14.18 -16.28
CA LEU B 36 -12.94 13.35 -15.09
C LEU B 36 -11.65 12.54 -15.21
N SER B 37 -11.40 11.91 -16.39
CA SER B 37 -10.25 11.01 -16.59
C SER B 37 -8.89 11.72 -16.43
N LEU B 38 -8.78 12.95 -16.97
CA LEU B 38 -7.56 13.78 -16.86
C LEU B 38 -7.44 14.29 -15.40
N ASP B 39 -8.59 14.75 -14.84
CA ASP B 39 -8.66 15.33 -13.49
C ASP B 39 -8.18 14.31 -12.44
N ILE B 40 -8.51 13.05 -12.72
CA ILE B 40 -8.10 11.89 -11.90
C ILE B 40 -6.58 11.71 -12.01
N ASN B 41 -6.07 11.61 -13.26
CA ASN B 41 -4.67 11.17 -13.52
C ASN B 41 -3.62 12.24 -13.11
N ARG B 42 -4.08 13.47 -12.77
CA ARG B 42 -3.20 14.54 -12.24
C ARG B 42 -2.65 14.18 -10.83
N LEU B 43 -3.46 13.44 -10.04
CA LEU B 43 -3.11 13.01 -8.67
C LEU B 43 -1.97 11.96 -8.68
N PRO B 44 -1.18 11.80 -7.54
CA PRO B 44 -0.22 10.68 -7.35
C PRO B 44 -0.93 9.31 -7.26
N GLY B 45 -0.20 8.26 -6.78
CA GLY B 45 -0.72 6.86 -6.74
C GLY B 45 -2.11 6.63 -6.15
N GLU B 46 -2.64 7.65 -5.44
CA GLU B 46 -4.01 7.66 -4.92
C GLU B 46 -5.07 7.46 -6.03
N LYS B 47 -4.83 8.07 -7.21
CA LYS B 47 -5.80 8.03 -8.34
C LYS B 47 -5.94 6.60 -8.91
N LEU B 48 -4.86 5.82 -8.78
CA LEU B 48 -4.80 4.41 -9.18
C LEU B 48 -5.71 3.60 -8.26
N GLY B 49 -5.51 3.84 -6.94
CA GLY B 49 -6.30 3.20 -5.90
C GLY B 49 -7.79 3.47 -6.04
N ARG B 50 -8.15 4.73 -6.38
CA ARG B 50 -9.56 5.16 -6.53
C ARG B 50 -10.19 4.53 -7.79
N VAL B 51 -9.56 4.72 -8.96
CA VAL B 51 -10.16 4.32 -10.26
C VAL B 51 -10.36 2.80 -10.33
N VAL B 52 -9.30 2.03 -9.95
CA VAL B 52 -9.33 0.55 -9.94
C VAL B 52 -10.35 0.04 -8.92
N HIS B 53 -10.42 0.69 -7.74
CA HIS B 53 -11.37 0.30 -6.66
C HIS B 53 -12.83 0.34 -7.14
N ILE B 54 -13.20 1.44 -7.82
CA ILE B 54 -14.59 1.67 -8.26
C ILE B 54 -14.96 0.74 -9.43
N ILE B 55 -14.10 0.66 -10.47
CA ILE B 55 -14.38 -0.19 -11.66
C ILE B 55 -14.38 -1.69 -11.26
N GLN B 56 -13.50 -2.12 -10.33
CA GLN B 56 -13.42 -3.54 -9.88
C GLN B 56 -14.50 -3.87 -8.85
N SER B 57 -15.06 -2.84 -8.17
CA SER B 57 -16.20 -3.01 -7.25
C SER B 57 -17.45 -3.40 -8.04
N ARG B 58 -17.62 -2.77 -9.22
CA ARG B 58 -18.77 -3.01 -10.13
C ARG B 58 -18.52 -4.25 -11.01
N GLU B 59 -17.27 -4.43 -11.44
CA GLU B 59 -16.86 -5.49 -12.36
C GLU B 59 -15.36 -5.80 -12.12
N PRO B 60 -15.02 -6.91 -11.38
CA PRO B 60 -13.61 -7.30 -11.12
C PRO B 60 -12.99 -7.97 -12.38
N SER B 61 -12.84 -7.16 -13.43
CA SER B 61 -12.53 -7.61 -14.80
C SER B 61 -11.07 -8.08 -14.98
N LEU B 62 -10.18 -7.71 -14.03
CA LEU B 62 -8.73 -7.95 -14.17
C LEU B 62 -8.37 -9.45 -14.24
N ARG B 63 -9.19 -10.33 -13.59
CA ARG B 63 -8.95 -11.81 -13.58
C ARG B 63 -9.03 -12.40 -15.01
N ASP B 64 -9.83 -11.74 -15.86
CA ASP B 64 -10.15 -12.18 -17.23
C ASP B 64 -9.31 -11.40 -18.27
N SER B 65 -8.75 -10.25 -17.83
CA SER B 65 -7.91 -9.37 -18.67
C SER B 65 -6.42 -9.42 -18.23
N ASN B 66 -6.04 -10.57 -17.62
CA ASN B 66 -4.70 -10.80 -16.99
C ASN B 66 -4.53 -9.91 -15.74
N PRO B 67 -4.58 -10.49 -14.49
CA PRO B 67 -4.71 -9.72 -13.22
C PRO B 67 -3.57 -8.72 -12.94
N ASP B 68 -2.43 -8.90 -13.62
CA ASP B 68 -1.25 -8.02 -13.48
C ASP B 68 -1.50 -6.66 -14.14
N GLU B 69 -2.57 -6.58 -14.93
CA GLU B 69 -2.96 -5.37 -15.69
C GLU B 69 -4.46 -5.11 -15.56
N ILE B 70 -4.84 -3.84 -15.64
CA ILE B 70 -6.21 -3.37 -15.67
C ILE B 70 -6.27 -2.14 -16.58
N GLU B 71 -7.17 -2.18 -17.55
CA GLU B 71 -7.42 -1.05 -18.47
C GLU B 71 -8.78 -0.45 -18.16
N ILE B 72 -8.83 0.86 -17.88
CA ILE B 72 -10.08 1.56 -17.62
C ILE B 72 -10.37 2.46 -18.83
N ASP B 73 -11.48 2.17 -19.51
CA ASP B 73 -11.89 2.83 -20.76
C ASP B 73 -13.25 3.51 -20.56
N PHE B 74 -13.23 4.72 -19.98
CA PHE B 74 -14.44 5.49 -19.62
C PHE B 74 -15.35 5.71 -20.85
N GLU B 75 -14.69 5.90 -21.98
CA GLU B 75 -15.30 6.09 -23.31
C GLU B 75 -16.34 5.01 -23.68
N THR B 76 -16.11 3.77 -23.24
CA THR B 76 -17.02 2.63 -23.50
C THR B 76 -17.37 1.90 -22.17
N LEU B 77 -17.02 2.52 -21.03
CA LEU B 77 -17.40 2.05 -19.67
C LEU B 77 -18.73 2.76 -19.32
N LYS B 78 -19.63 2.05 -18.58
CA LYS B 78 -20.97 2.55 -18.24
C LYS B 78 -20.90 3.93 -17.54
N PRO B 79 -21.68 4.95 -18.05
CA PRO B 79 -21.57 6.36 -17.59
C PRO B 79 -22.12 6.57 -16.16
N THR B 80 -22.81 5.53 -15.63
CA THR B 80 -23.21 5.46 -14.22
C THR B 80 -21.98 5.41 -13.31
N THR B 81 -21.01 4.55 -13.66
CA THR B 81 -19.76 4.34 -12.92
C THR B 81 -18.82 5.57 -13.05
N LEU B 82 -18.89 6.25 -14.21
CA LEU B 82 -18.11 7.49 -14.51
C LEU B 82 -18.61 8.64 -13.64
N ARG B 83 -19.95 8.81 -13.65
CA ARG B 83 -20.64 9.86 -12.88
C ARG B 83 -20.37 9.68 -11.39
N GLU B 84 -20.53 8.43 -10.92
CA GLU B 84 -20.33 8.06 -9.51
C GLU B 84 -18.88 8.29 -9.07
N LEU B 85 -17.92 7.89 -9.92
CA LEU B 85 -16.48 8.09 -9.68
C LEU B 85 -16.15 9.57 -9.52
N GLU B 86 -16.67 10.42 -10.43
CA GLU B 86 -16.37 11.87 -10.41
C GLU B 86 -16.97 12.51 -9.14
N ARG B 87 -18.20 12.08 -8.78
CA ARG B 87 -18.91 12.58 -7.56
C ARG B 87 -18.13 12.21 -6.29
N TYR B 88 -17.70 10.94 -6.25
CA TYR B 88 -16.99 10.34 -5.12
C TYR B 88 -15.67 11.07 -4.83
N VAL B 89 -14.85 11.24 -5.88
CA VAL B 89 -13.49 11.79 -5.74
C VAL B 89 -13.51 13.28 -5.34
N LYS B 90 -14.42 14.09 -5.94
CA LYS B 90 -14.50 15.55 -5.63
C LYS B 90 -15.08 15.80 -4.23
N SER B 91 -15.93 14.86 -3.77
CA SER B 91 -16.52 14.89 -2.43
C SER B 91 -15.53 14.27 -1.39
N CYS B 92 -14.53 13.50 -1.89
CA CYS B 92 -13.48 12.90 -1.05
C CYS B 92 -12.39 13.93 -0.71
N LEU B 93 -11.89 14.65 -1.74
CA LEU B 93 -10.85 15.68 -1.56
C LEU B 93 -11.45 16.99 -1.02
N GLN B 94 -12.73 17.25 -1.36
CA GLN B 94 -13.53 18.43 -0.88
C GLN B 94 -12.94 19.80 -1.32
N LYS B 95 -11.90 19.77 -2.15
CA LYS B 95 -11.19 20.95 -2.65
C LYS B 95 -11.91 21.48 -3.91
N LYS B 96 -11.80 22.79 -4.13
CA LYS B 96 -12.29 23.45 -5.32
C LYS B 96 -11.34 24.63 -5.67
N HIS A 1 30.86 -17.65 25.88
CA HIS A 1 30.77 -18.05 27.31
C HIS A 1 29.38 -17.72 27.89
N HIS A 2 28.58 -16.90 27.16
CA HIS A 2 27.20 -16.57 27.56
C HIS A 2 26.25 -17.67 27.08
N HIS A 3 25.27 -18.01 27.94
CA HIS A 3 24.28 -19.10 27.70
C HIS A 3 23.33 -18.68 26.57
N HIS A 4 23.38 -19.40 25.45
CA HIS A 4 22.66 -19.04 24.21
C HIS A 4 21.16 -19.40 24.33
N HIS A 5 20.36 -18.41 24.75
CA HIS A 5 18.90 -18.53 24.87
C HIS A 5 18.23 -18.10 23.55
N HIS A 6 17.46 -19.02 22.94
CA HIS A 6 16.83 -18.81 21.62
C HIS A 6 15.29 -18.91 21.75
N SER A 7 14.62 -17.76 21.92
CA SER A 7 13.16 -17.70 21.92
C SER A 7 12.64 -17.51 20.47
N HIS A 8 12.07 -18.58 19.92
CA HIS A 8 11.41 -18.59 18.60
C HIS A 8 9.89 -18.63 18.82
N MET A 9 9.14 -17.87 18.01
CA MET A 9 7.68 -17.75 18.18
C MET A 9 6.96 -18.94 17.51
N VAL A 10 6.09 -19.61 18.30
CA VAL A 10 5.26 -20.73 17.81
C VAL A 10 4.17 -20.23 16.82
N GLY A 11 3.85 -21.07 15.83
CA GLY A 11 2.84 -20.76 14.81
C GLY A 11 3.47 -20.31 13.50
N ASP A 12 4.62 -19.64 13.58
CA ASP A 12 5.36 -19.10 12.41
C ASP A 12 5.97 -20.21 11.55
N THR A 13 6.35 -19.85 10.32
CA THR A 13 7.10 -20.74 9.43
C THR A 13 8.61 -20.53 9.62
N VAL A 14 9.38 -21.63 9.57
CA VAL A 14 10.85 -21.62 9.76
C VAL A 14 11.50 -22.64 8.81
N TRP A 15 12.76 -22.40 8.45
CA TRP A 15 13.57 -23.27 7.59
C TRP A 15 14.44 -24.16 8.48
N VAL A 16 14.35 -25.47 8.28
CA VAL A 16 15.14 -26.45 9.04
C VAL A 16 16.35 -26.88 8.22
N ARG A 17 17.54 -26.47 8.67
CA ARG A 17 18.81 -26.85 8.05
C ARG A 17 19.10 -28.32 8.42
N ARG A 18 19.34 -29.13 7.38
CA ARG A 18 19.63 -30.56 7.51
C ARG A 18 20.91 -30.80 8.33
N HIS A 19 20.76 -31.64 9.36
CA HIS A 19 21.87 -32.13 10.20
C HIS A 19 22.93 -32.84 9.31
N GLN A 20 24.04 -32.14 9.06
CA GLN A 20 25.14 -32.63 8.22
C GLN A 20 26.42 -31.89 8.63
N THR A 21 27.53 -32.65 8.77
CA THR A 21 28.78 -32.17 9.37
C THR A 21 29.48 -31.10 8.50
N LYS A 22 29.09 -29.82 8.73
CA LYS A 22 29.63 -28.58 8.12
C LYS A 22 29.78 -28.64 6.57
N ASN A 23 29.08 -29.59 5.91
CA ASN A 23 29.10 -29.74 4.45
C ASN A 23 28.29 -28.58 3.85
N LEU A 24 28.93 -27.79 2.98
CA LEU A 24 28.32 -26.58 2.39
C LEU A 24 27.20 -26.91 1.38
N GLU A 25 27.15 -28.18 0.91
CA GLU A 25 26.22 -28.62 -0.16
C GLU A 25 24.74 -28.73 0.32
N PRO A 26 24.38 -29.45 1.45
CA PRO A 26 22.98 -29.50 1.98
C PRO A 26 22.45 -28.10 2.36
N ARG A 27 21.29 -27.75 1.80
CA ARG A 27 20.53 -26.55 2.15
C ARG A 27 19.35 -26.96 3.06
N TRP A 28 18.74 -25.98 3.74
CA TRP A 28 17.50 -26.18 4.51
C TRP A 28 16.30 -26.47 3.60
N LYS A 29 15.22 -26.97 4.21
CA LYS A 29 13.96 -27.28 3.49
C LYS A 29 12.74 -26.79 4.30
N GLY A 30 11.58 -26.77 3.63
CA GLY A 30 10.32 -26.34 4.21
C GLY A 30 9.71 -25.20 3.37
N PRO A 31 9.28 -24.04 3.98
CA PRO A 31 9.33 -23.78 5.44
C PRO A 31 8.18 -24.51 6.19
N TYR A 32 8.44 -24.89 7.45
CA TYR A 32 7.51 -25.67 8.28
C TYR A 32 6.91 -24.80 9.40
N THR A 33 5.70 -25.15 9.84
CA THR A 33 4.96 -24.43 10.88
C THR A 33 5.35 -24.92 12.29
N VAL A 34 5.91 -24.01 13.12
CA VAL A 34 6.33 -24.30 14.50
C VAL A 34 5.11 -24.70 15.35
N LEU A 35 5.20 -25.87 16.00
CA LEU A 35 4.13 -26.42 16.84
C LEU A 35 4.51 -26.33 18.33
N LEU A 36 5.77 -26.64 18.62
CA LEU A 36 6.31 -26.75 19.98
C LEU A 36 7.55 -25.87 20.11
N THR A 37 7.70 -25.21 21.26
CA THR A 37 8.84 -24.29 21.51
C THR A 37 9.47 -24.61 22.88
N THR A 38 10.80 -24.77 22.88
CA THR A 38 11.64 -24.85 24.10
C THR A 38 12.74 -23.75 23.99
N PRO A 39 13.38 -23.29 25.11
CA PRO A 39 14.32 -22.12 25.11
C PRO A 39 15.65 -22.29 24.31
N THR A 40 15.79 -23.37 23.53
CA THR A 40 16.96 -23.58 22.63
C THR A 40 16.63 -24.50 21.43
N ALA A 41 15.47 -25.20 21.47
CA ALA A 41 15.03 -26.12 20.39
C ALA A 41 13.53 -25.92 20.12
N LEU A 42 13.01 -26.53 19.05
CA LEU A 42 11.60 -26.39 18.63
C LEU A 42 11.21 -27.56 17.74
N LYS A 43 9.94 -27.97 17.82
CA LYS A 43 9.39 -29.00 16.92
C LYS A 43 8.45 -28.32 15.92
N VAL A 44 8.51 -28.75 14.65
CA VAL A 44 7.70 -28.17 13.57
C VAL A 44 6.96 -29.29 12.80
N ASP A 45 5.88 -28.91 12.10
CA ASP A 45 5.03 -29.82 11.31
C ASP A 45 5.76 -30.27 10.03
N GLY A 46 5.36 -31.45 9.50
CA GLY A 46 5.88 -31.95 8.23
C GLY A 46 7.15 -32.77 8.37
N ILE A 47 8.16 -32.18 9.07
CA ILE A 47 9.47 -32.82 9.28
C ILE A 47 9.33 -34.01 10.28
N ALA A 48 8.32 -33.91 11.18
CA ALA A 48 7.98 -34.95 12.19
C ALA A 48 9.16 -35.25 13.15
N ALA A 49 9.89 -34.18 13.54
CA ALA A 49 11.11 -34.30 14.39
C ALA A 49 11.40 -32.98 15.13
N TRP A 50 12.14 -33.08 16.26
CA TRP A 50 12.64 -31.92 17.02
C TRP A 50 13.95 -31.42 16.38
N ILE A 51 14.10 -30.08 16.31
CA ILE A 51 15.28 -29.41 15.70
C ILE A 51 15.85 -28.40 16.72
N HIS A 52 17.18 -28.26 16.79
CA HIS A 52 17.82 -27.19 17.59
C HIS A 52 17.80 -25.88 16.80
N ALA A 53 17.49 -24.77 17.50
CA ALA A 53 17.32 -23.42 16.91
C ALA A 53 18.61 -22.87 16.24
N ALA A 54 19.76 -23.48 16.58
CA ALA A 54 21.07 -23.16 15.97
C ALA A 54 21.12 -23.60 14.48
N HIS A 55 20.25 -24.56 14.12
CA HIS A 55 20.15 -25.11 12.75
C HIS A 55 18.85 -24.63 12.07
N VAL A 56 18.29 -23.47 12.51
CA VAL A 56 16.95 -23.03 12.09
C VAL A 56 16.97 -21.53 11.77
N LYS A 57 16.21 -21.14 10.73
CA LYS A 57 16.09 -19.75 10.28
C LYS A 57 14.61 -19.36 10.30
N ALA A 58 14.25 -18.30 11.06
CA ALA A 58 12.87 -17.83 11.15
C ALA A 58 12.47 -17.11 9.84
N ALA A 59 11.40 -17.60 9.19
CA ALA A 59 10.94 -17.11 7.86
C ALA A 59 9.99 -15.89 8.00
N ASP A 60 10.13 -15.13 9.10
CA ASP A 60 9.34 -13.92 9.35
C ASP A 60 9.80 -12.78 8.39
N PRO A 61 8.89 -11.86 7.97
CA PRO A 61 9.25 -10.72 7.09
C PRO A 61 9.63 -9.45 7.87
N GLY A 62 9.97 -9.64 9.16
CA GLY A 62 10.27 -8.54 10.08
C GLY A 62 9.10 -8.28 11.02
N GLY A 63 8.15 -7.43 10.58
CA GLY A 63 6.97 -7.06 11.38
C GLY A 63 5.77 -6.73 10.51
N GLY A 64 6.04 -6.16 9.33
CA GLY A 64 5.00 -5.81 8.37
C GLY A 64 5.63 -5.49 7.01
N PRO A 65 5.46 -6.39 5.96
CA PRO A 65 5.96 -6.15 4.59
C PRO A 65 5.47 -4.79 4.00
N SER A 66 6.28 -3.75 4.21
CA SER A 66 5.99 -2.40 3.72
C SER A 66 6.36 -2.28 2.24
N SER A 67 5.42 -2.70 1.38
CA SER A 67 5.53 -2.62 -0.09
C SER A 67 4.21 -3.04 -0.73
N ARG A 68 4.00 -2.58 -1.97
CA ARG A 68 2.82 -2.90 -2.80
C ARG A 68 3.14 -2.55 -4.26
N LEU A 69 2.54 -3.29 -5.22
CA LEU A 69 2.70 -3.02 -6.66
C LEU A 69 1.72 -1.92 -7.08
N THR A 70 2.24 -0.91 -7.77
CA THR A 70 1.48 0.28 -8.21
C THR A 70 1.06 0.13 -9.69
N TRP A 71 0.17 1.01 -10.18
CA TRP A 71 -0.33 0.96 -11.56
C TRP A 71 0.37 2.01 -12.44
N ARG A 72 0.97 1.55 -13.55
CA ARG A 72 1.68 2.41 -14.52
C ARG A 72 0.72 2.77 -15.66
N VAL A 73 0.59 4.07 -15.94
CA VAL A 73 -0.20 4.58 -17.07
C VAL A 73 0.64 4.44 -18.37
N GLN A 74 0.07 3.77 -19.37
CA GLN A 74 0.64 3.69 -20.72
C GLN A 74 -0.31 4.39 -21.70
N ARG A 75 0.28 5.16 -22.62
CA ARG A 75 -0.44 5.80 -23.71
C ARG A 75 -0.92 4.71 -24.69
N SER A 76 -2.23 4.49 -24.71
CA SER A 76 -2.92 3.57 -25.62
C SER A 76 -3.44 4.39 -26.81
N GLN A 77 -3.89 3.72 -27.88
CA GLN A 77 -4.60 4.40 -28.97
C GLN A 77 -6.03 4.69 -28.49
N ASN A 78 -6.17 5.80 -27.75
CA ASN A 78 -7.39 6.16 -27.03
C ASN A 78 -7.59 7.68 -27.06
N PRO A 79 -8.86 8.16 -26.98
CA PRO A 79 -9.15 9.58 -26.70
C PRO A 79 -8.96 9.95 -25.19
N LEU A 80 -9.62 9.22 -24.25
CA LEU A 80 -9.58 9.58 -22.80
C LEU A 80 -9.40 8.35 -21.85
N LYS A 81 -9.08 7.17 -22.40
CA LYS A 81 -8.79 5.94 -21.61
C LYS A 81 -7.33 5.99 -21.05
N ILE A 82 -7.06 5.21 -19.97
CA ILE A 82 -5.67 4.89 -19.54
C ILE A 82 -5.50 3.36 -19.45
N ARG A 83 -4.32 2.86 -19.86
CA ARG A 83 -3.95 1.45 -19.72
C ARG A 83 -3.02 1.31 -18.50
N LEU A 84 -3.54 0.74 -17.41
CA LEU A 84 -2.76 0.54 -16.17
C LEU A 84 -2.16 -0.87 -16.16
N THR A 85 -0.85 -0.97 -15.87
CA THR A 85 -0.10 -2.24 -15.85
C THR A 85 0.58 -2.41 -14.48
N ARG A 86 1.06 -3.63 -14.20
CA ARG A 86 1.68 -3.98 -12.90
C ARG A 86 3.10 -3.42 -12.85
N GLU A 87 3.26 -2.29 -12.15
CA GLU A 87 4.56 -1.63 -11.98
C GLU A 87 5.25 -2.14 -10.70
N ALA A 88 6.50 -2.57 -10.86
CA ALA A 88 7.35 -3.04 -9.74
C ALA A 88 8.02 -1.83 -9.05
N PRO A 89 8.13 -1.82 -7.68
CA PRO A 89 8.77 -0.73 -6.90
C PRO A 89 10.27 -0.59 -7.23
N HIS B 1 -16.90 -23.41 34.86
CA HIS B 1 -16.80 -22.51 33.70
C HIS B 1 -17.93 -22.80 32.69
N HIS B 2 -18.74 -21.77 32.42
CA HIS B 2 -19.80 -21.82 31.39
C HIS B 2 -19.66 -20.58 30.50
N HIS B 3 -19.15 -20.79 29.27
CA HIS B 3 -18.93 -19.71 28.30
C HIS B 3 -19.35 -20.16 26.89
N HIS B 4 -20.63 -19.92 26.56
CA HIS B 4 -21.17 -20.09 25.20
C HIS B 4 -22.34 -19.09 25.02
N HIS B 5 -22.22 -18.24 24.01
CA HIS B 5 -23.29 -17.31 23.63
C HIS B 5 -23.10 -16.86 22.18
N HIS B 6 -24.17 -17.00 21.39
CA HIS B 6 -24.25 -16.48 20.02
C HIS B 6 -25.74 -16.33 19.66
N SER B 7 -26.12 -15.14 19.19
CA SER B 7 -27.51 -14.81 18.83
C SER B 7 -27.51 -13.48 18.05
N HIS B 8 -27.01 -13.54 16.80
CA HIS B 8 -26.92 -12.36 15.94
C HIS B 8 -28.28 -12.12 15.25
N MET B 9 -29.11 -11.28 15.88
CA MET B 9 -30.36 -10.79 15.27
C MET B 9 -30.08 -9.45 14.57
N GLY B 10 -30.15 -9.46 13.23
CA GLY B 10 -29.90 -8.25 12.44
C GLY B 10 -29.67 -8.58 10.97
N LYS B 11 -30.73 -8.46 10.16
CA LYS B 11 -30.68 -8.71 8.70
C LYS B 11 -32.00 -8.29 8.02
N GLN B 12 -32.75 -7.37 8.65
CA GLN B 12 -34.10 -6.99 8.19
C GLN B 12 -34.02 -5.61 7.49
N ALA B 13 -34.00 -5.62 6.15
CA ALA B 13 -33.89 -4.38 5.35
C ALA B 13 -34.77 -4.48 4.09
N SER B 14 -35.40 -3.35 3.75
CA SER B 14 -36.24 -3.21 2.56
C SER B 14 -36.33 -1.71 2.22
N ALA B 15 -35.26 -1.19 1.60
CA ALA B 15 -35.16 0.23 1.23
C ALA B 15 -36.00 0.52 -0.02
N SER B 16 -36.69 1.67 -0.02
CA SER B 16 -37.46 2.15 -1.17
C SER B 16 -36.50 2.74 -2.23
N TYR B 17 -36.96 2.82 -3.50
CA TYR B 17 -36.19 3.46 -4.58
C TYR B 17 -36.22 5.00 -4.43
N ASP B 18 -35.31 5.69 -5.15
CA ASP B 18 -35.17 7.17 -5.10
C ASP B 18 -36.31 7.84 -5.89
N SER B 19 -36.32 7.60 -7.20
CA SER B 19 -37.30 8.14 -8.14
C SER B 19 -37.67 7.07 -9.17
N GLU B 20 -38.66 7.39 -10.03
CA GLU B 20 -39.08 6.56 -11.19
C GLU B 20 -37.85 6.04 -11.97
N GLU B 21 -37.00 7.00 -12.41
CA GLU B 21 -35.70 6.74 -13.05
C GLU B 21 -35.88 5.90 -14.32
N GLU B 22 -36.48 6.54 -15.33
CA GLU B 22 -36.77 5.92 -16.64
C GLU B 22 -35.47 5.52 -17.34
N GLU B 23 -34.52 6.46 -17.38
CA GLU B 23 -33.16 6.22 -17.90
C GLU B 23 -32.29 5.61 -16.78
N GLU B 24 -31.09 5.13 -17.15
CA GLU B 24 -30.08 4.64 -16.19
C GLU B 24 -29.49 5.83 -15.39
N GLY B 25 -29.34 6.97 -16.08
CA GLY B 25 -28.63 8.13 -15.57
C GLY B 25 -27.48 8.49 -16.51
N LEU B 26 -27.73 9.49 -17.39
CA LEU B 26 -26.72 10.00 -18.34
C LEU B 26 -26.79 11.56 -18.51
N PRO B 27 -26.88 12.37 -17.38
CA PRO B 27 -27.09 13.84 -17.48
C PRO B 27 -25.77 14.62 -17.69
N MET B 28 -24.74 13.91 -18.17
CA MET B 28 -23.38 14.43 -18.36
C MET B 28 -22.98 14.35 -19.85
N SER B 29 -22.22 15.34 -20.29
CA SER B 29 -21.71 15.46 -21.66
C SER B 29 -20.40 14.64 -21.85
N TYR B 30 -19.94 14.55 -23.11
CA TYR B 30 -18.65 13.93 -23.46
C TYR B 30 -17.49 14.75 -22.87
N ASP B 31 -17.69 16.08 -22.84
CA ASP B 31 -16.74 17.05 -22.27
C ASP B 31 -16.62 16.89 -20.73
N GLU B 32 -17.70 16.41 -20.09
CA GLU B 32 -17.72 16.08 -18.65
C GLU B 32 -16.86 14.84 -18.37
N LYS B 33 -16.97 13.85 -19.29
CA LYS B 33 -16.15 12.62 -19.25
C LYS B 33 -14.66 12.92 -19.55
N ARG B 34 -14.43 13.87 -20.46
CA ARG B 34 -13.09 14.38 -20.77
C ARG B 34 -12.50 15.08 -19.54
N GLN B 35 -13.36 15.85 -18.85
CA GLN B 35 -12.97 16.64 -17.68
C GLN B 35 -12.56 15.72 -16.53
N LEU B 36 -13.36 14.68 -16.22
CA LEU B 36 -13.01 13.72 -15.16
C LEU B 36 -11.77 12.90 -15.55
N SER B 37 -11.63 12.59 -16.86
CA SER B 37 -10.47 11.83 -17.37
C SER B 37 -9.14 12.52 -17.02
N LEU B 38 -9.02 13.79 -17.41
CA LEU B 38 -7.79 14.59 -17.24
C LEU B 38 -7.59 15.01 -15.77
N ASP B 39 -8.71 15.31 -15.06
CA ASP B 39 -8.69 15.84 -13.68
C ASP B 39 -8.20 14.77 -12.71
N ILE B 40 -8.73 13.57 -12.91
CA ILE B 40 -8.39 12.39 -12.09
C ILE B 40 -6.96 11.94 -12.47
N ASN B 41 -6.61 12.03 -13.77
CA ASN B 41 -5.22 11.82 -14.27
C ASN B 41 -4.22 12.74 -13.55
N ARG B 42 -4.65 13.97 -13.19
CA ARG B 42 -3.81 14.93 -12.44
C ARG B 42 -3.63 14.53 -10.97
N LEU B 43 -4.63 13.84 -10.38
CA LEU B 43 -4.57 13.36 -8.98
C LEU B 43 -3.38 12.36 -8.79
N PRO B 44 -2.76 12.25 -7.57
CA PRO B 44 -1.56 11.41 -7.32
C PRO B 44 -1.89 9.89 -7.34
N GLY B 45 -1.43 9.10 -6.33
CA GLY B 45 -1.85 7.69 -6.19
C GLY B 45 -3.35 7.50 -6.01
N GLU B 46 -4.05 8.63 -5.67
CA GLU B 46 -5.52 8.67 -5.58
C GLU B 46 -6.21 8.17 -6.87
N LYS B 47 -5.63 8.50 -8.06
CA LYS B 47 -6.23 8.04 -9.34
C LYS B 47 -6.10 6.52 -9.51
N LEU B 48 -4.91 5.99 -9.20
CA LEU B 48 -4.57 4.59 -9.48
C LEU B 48 -5.50 3.67 -8.65
N GLY B 49 -5.53 3.91 -7.33
CA GLY B 49 -6.28 3.09 -6.39
C GLY B 49 -7.80 3.20 -6.55
N ARG B 50 -8.30 4.45 -6.70
CA ARG B 50 -9.76 4.74 -6.66
C ARG B 50 -10.43 4.35 -8.00
N VAL B 51 -9.75 4.64 -9.13
CA VAL B 51 -10.26 4.31 -10.47
C VAL B 51 -10.36 2.78 -10.64
N VAL B 52 -9.29 2.03 -10.27
CA VAL B 52 -9.32 0.55 -10.36
C VAL B 52 -10.39 -0.04 -9.43
N HIS B 53 -10.62 0.60 -8.27
CA HIS B 53 -11.62 0.15 -7.29
C HIS B 53 -13.04 0.19 -7.88
N ILE B 54 -13.37 1.32 -8.54
CA ILE B 54 -14.74 1.59 -9.05
C ILE B 54 -15.05 0.71 -10.27
N ILE B 55 -14.13 0.65 -11.26
CA ILE B 55 -14.35 -0.18 -12.47
C ILE B 55 -14.43 -1.68 -12.11
N GLN B 56 -13.65 -2.14 -11.11
CA GLN B 56 -13.66 -3.56 -10.68
C GLN B 56 -14.88 -3.89 -9.82
N SER B 57 -15.45 -2.87 -9.16
CA SER B 57 -16.70 -3.01 -8.40
C SER B 57 -17.91 -3.09 -9.36
N ARG B 58 -17.73 -2.57 -10.59
CA ARG B 58 -18.73 -2.65 -11.66
C ARG B 58 -18.51 -3.88 -12.56
N GLU B 59 -17.23 -4.27 -12.71
CA GLU B 59 -16.79 -5.32 -13.64
C GLU B 59 -15.36 -5.75 -13.25
N PRO B 60 -15.20 -6.89 -12.49
CA PRO B 60 -13.88 -7.36 -12.04
C PRO B 60 -13.08 -8.03 -13.20
N SER B 61 -12.40 -7.19 -13.99
CA SER B 61 -11.56 -7.61 -15.12
C SER B 61 -10.31 -8.38 -14.64
N LEU B 62 -9.47 -7.72 -13.81
CA LEU B 62 -8.19 -8.30 -13.33
C LEU B 62 -8.37 -9.60 -12.49
N ARG B 63 -9.62 -9.86 -12.03
CA ARG B 63 -9.98 -11.08 -11.30
C ARG B 63 -9.72 -12.36 -12.14
N ASP B 64 -10.17 -12.33 -13.41
CA ASP B 64 -9.97 -13.48 -14.35
C ASP B 64 -9.00 -13.07 -15.46
N SER B 65 -9.31 -11.95 -16.11
CA SER B 65 -8.54 -11.42 -17.25
C SER B 65 -7.28 -10.67 -16.76
N ASN B 66 -6.24 -11.45 -16.41
CA ASN B 66 -4.86 -10.99 -16.11
C ASN B 66 -4.81 -9.95 -14.94
N PRO B 67 -4.40 -10.38 -13.70
CA PRO B 67 -4.41 -9.51 -12.49
C PRO B 67 -3.34 -8.40 -12.51
N ASP B 68 -2.47 -8.48 -13.52
CA ASP B 68 -1.34 -7.57 -13.69
C ASP B 68 -1.70 -6.34 -14.50
N GLU B 69 -2.77 -6.41 -15.31
CA GLU B 69 -3.15 -5.28 -16.22
C GLU B 69 -4.66 -5.04 -16.16
N ILE B 70 -5.03 -3.76 -16.10
CA ILE B 70 -6.41 -3.30 -16.07
C ILE B 70 -6.50 -2.00 -16.91
N GLU B 71 -7.35 -2.01 -17.92
CA GLU B 71 -7.55 -0.86 -18.81
C GLU B 71 -8.90 -0.21 -18.49
N ILE B 72 -8.87 1.04 -18.04
CA ILE B 72 -10.08 1.77 -17.70
C ILE B 72 -10.40 2.75 -18.83
N ASP B 73 -11.36 2.35 -19.63
CA ASP B 73 -11.90 3.11 -20.76
C ASP B 73 -13.26 3.65 -20.37
N PHE B 74 -13.25 4.87 -19.82
CA PHE B 74 -14.45 5.59 -19.33
C PHE B 74 -15.50 5.76 -20.44
N GLU B 75 -14.98 5.86 -21.67
CA GLU B 75 -15.74 6.02 -22.92
C GLU B 75 -16.75 4.87 -23.18
N THR B 76 -16.43 3.64 -22.75
CA THR B 76 -17.38 2.50 -22.84
C THR B 76 -18.05 2.24 -21.48
N LEU B 77 -17.41 2.70 -20.38
CA LEU B 77 -17.99 2.59 -19.03
C LEU B 77 -19.27 3.42 -18.94
N LYS B 78 -20.25 2.87 -18.23
CA LYS B 78 -21.58 3.45 -18.07
C LYS B 78 -21.50 4.88 -17.49
N PRO B 79 -22.22 5.90 -18.06
CA PRO B 79 -22.31 7.27 -17.49
C PRO B 79 -22.68 7.27 -15.99
N THR B 80 -23.40 6.20 -15.58
CA THR B 80 -23.70 5.92 -14.17
C THR B 80 -22.39 5.70 -13.38
N THR B 81 -21.55 4.75 -13.88
CA THR B 81 -20.21 4.43 -13.33
C THR B 81 -19.29 5.67 -13.29
N LEU B 82 -19.42 6.52 -14.33
CA LEU B 82 -18.61 7.74 -14.48
C LEU B 82 -19.01 8.78 -13.45
N ARG B 83 -20.31 8.80 -13.10
CA ARG B 83 -20.86 9.71 -12.09
C ARG B 83 -20.48 9.24 -10.69
N GLU B 84 -20.46 7.89 -10.50
CA GLU B 84 -20.08 7.25 -9.22
C GLU B 84 -18.61 7.54 -8.90
N LEU B 85 -17.76 7.35 -9.92
CA LEU B 85 -16.32 7.64 -9.85
C LEU B 85 -16.07 9.13 -9.62
N GLU B 86 -16.83 9.97 -10.36
CA GLU B 86 -16.76 11.44 -10.28
C GLU B 86 -16.96 11.90 -8.81
N ARG B 87 -18.15 11.62 -8.26
CA ARG B 87 -18.51 12.04 -6.89
C ARG B 87 -17.59 11.39 -5.82
N TYR B 88 -17.08 10.18 -6.13
CA TYR B 88 -16.25 9.39 -5.20
C TYR B 88 -14.91 10.09 -4.97
N VAL B 89 -14.16 10.28 -6.08
CA VAL B 89 -12.79 10.85 -6.03
C VAL B 89 -12.82 12.35 -5.70
N LYS B 90 -13.86 13.08 -6.18
CA LYS B 90 -13.93 14.54 -6.03
C LYS B 90 -14.29 14.91 -4.58
N SER B 91 -15.14 14.08 -3.93
CA SER B 91 -15.46 14.24 -2.50
C SER B 91 -14.28 13.78 -1.62
N CYS B 92 -13.49 12.82 -2.16
CA CYS B 92 -12.34 12.23 -1.46
C CYS B 92 -11.24 13.28 -1.18
N LEU B 93 -10.83 14.08 -2.19
CA LEU B 93 -9.84 15.17 -1.98
C LEU B 93 -10.55 16.45 -1.50
N GLN B 94 -11.91 16.47 -1.65
CA GLN B 94 -12.79 17.64 -1.43
C GLN B 94 -12.55 18.65 -2.57
N LYS B 95 -13.40 18.57 -3.61
CA LYS B 95 -13.28 19.36 -4.84
C LYS B 95 -14.02 20.70 -4.68
N LYS B 96 -13.39 21.76 -5.17
CA LYS B 96 -13.83 23.14 -4.96
C LYS B 96 -13.21 23.99 -6.10
N HIS A 1 18.45 -40.57 18.74
CA HIS A 1 17.73 -39.33 18.38
C HIS A 1 18.35 -38.15 19.12
N HIS A 2 19.12 -37.33 18.40
CA HIS A 2 19.85 -36.18 18.97
C HIS A 2 19.38 -34.87 18.29
N HIS A 3 18.23 -34.37 18.74
CA HIS A 3 17.72 -33.04 18.34
C HIS A 3 18.64 -31.98 18.98
N HIS A 4 19.14 -31.03 18.16
CA HIS A 4 19.96 -29.90 18.65
C HIS A 4 19.15 -29.14 19.70
N HIS A 5 19.61 -29.21 20.96
CA HIS A 5 18.90 -28.68 22.14
C HIS A 5 18.55 -27.19 21.99
N HIS A 6 17.61 -26.74 22.83
CA HIS A 6 17.16 -25.35 22.93
C HIS A 6 18.33 -24.35 23.11
N SER A 7 18.92 -23.93 21.98
CA SER A 7 19.97 -22.92 21.96
C SER A 7 19.32 -21.54 21.90
N HIS A 8 19.44 -20.82 23.01
CA HIS A 8 18.89 -19.46 23.20
C HIS A 8 20.05 -18.46 23.07
N MET A 9 19.84 -17.41 22.26
CA MET A 9 20.88 -16.43 21.95
C MET A 9 21.07 -15.44 23.11
N VAL A 10 22.33 -15.19 23.48
CA VAL A 10 22.68 -14.11 24.43
C VAL A 10 22.59 -12.75 23.71
N GLY A 11 21.97 -11.76 24.38
CA GLY A 11 21.71 -10.44 23.79
C GLY A 11 20.29 -10.34 23.22
N ASP A 12 19.56 -11.46 23.26
CA ASP A 12 18.19 -11.57 22.71
C ASP A 12 17.15 -11.16 23.78
N THR A 13 15.94 -10.75 23.36
CA THR A 13 14.84 -10.40 24.28
C THR A 13 13.91 -11.61 24.47
N VAL A 14 13.58 -11.94 25.73
CA VAL A 14 12.73 -13.11 26.07
C VAL A 14 11.72 -12.74 27.19
N TRP A 15 10.58 -13.43 27.22
CA TRP A 15 9.58 -13.34 28.29
C TRP A 15 9.82 -14.48 29.28
N VAL A 16 10.16 -14.14 30.52
CA VAL A 16 10.49 -15.14 31.55
C VAL A 16 9.26 -15.45 32.40
N ARG A 17 8.80 -16.71 32.36
CA ARG A 17 7.68 -17.16 33.18
C ARG A 17 8.21 -17.46 34.58
N ARG A 18 7.84 -16.61 35.55
CA ARG A 18 8.21 -16.80 36.95
C ARG A 18 7.49 -18.05 37.48
N HIS A 19 8.28 -19.02 37.94
CA HIS A 19 7.76 -20.29 38.45
C HIS A 19 6.99 -20.08 39.76
N GLN A 20 7.68 -19.47 40.74
CA GLN A 20 7.16 -19.22 42.10
C GLN A 20 6.92 -20.55 42.88
N THR A 21 6.94 -20.46 44.23
CA THR A 21 6.65 -21.59 45.12
C THR A 21 5.24 -22.19 44.87
N LYS A 22 5.18 -23.21 43.97
CA LYS A 22 3.97 -24.02 43.67
C LYS A 22 2.74 -23.16 43.26
N ASN A 23 2.98 -22.10 42.45
CA ASN A 23 1.88 -21.24 41.93
C ASN A 23 1.90 -21.23 40.39
N LEU A 24 0.79 -21.69 39.78
CA LEU A 24 0.62 -21.73 38.31
C LEU A 24 0.16 -20.37 37.74
N GLU A 25 -0.31 -19.49 38.64
CA GLU A 25 -0.90 -18.19 38.28
C GLU A 25 0.11 -17.17 37.64
N PRO A 26 1.37 -16.97 38.19
CA PRO A 26 2.38 -16.03 37.60
C PRO A 26 2.61 -16.24 36.07
N ARG A 27 2.31 -15.20 35.28
CA ARG A 27 2.60 -15.16 33.83
C ARG A 27 4.09 -14.83 33.60
N TRP A 28 4.49 -14.82 32.32
CA TRP A 28 5.79 -14.29 31.92
C TRP A 28 5.79 -12.76 31.88
N LYS A 29 6.97 -12.17 32.04
CA LYS A 29 7.15 -10.72 32.11
C LYS A 29 8.46 -10.32 31.45
N GLY A 30 8.58 -9.01 31.16
CA GLY A 30 9.76 -8.45 30.51
C GLY A 30 9.33 -7.48 29.40
N PRO A 31 9.92 -7.58 28.14
CA PRO A 31 10.94 -8.60 27.78
C PRO A 31 12.35 -8.24 28.29
N TYR A 32 13.07 -9.26 28.77
CA TYR A 32 14.40 -9.11 29.39
C TYR A 32 15.48 -9.52 28.40
N THR A 33 16.66 -8.88 28.50
CA THR A 33 17.81 -9.21 27.67
C THR A 33 18.61 -10.37 28.32
N VAL A 34 18.78 -11.47 27.57
CA VAL A 34 19.58 -12.63 28.00
C VAL A 34 21.05 -12.22 28.18
N LEU A 35 21.61 -12.44 29.39
CA LEU A 35 23.02 -12.09 29.69
C LEU A 35 23.91 -13.35 29.72
N LEU A 36 23.34 -14.46 30.23
CA LEU A 36 24.06 -15.75 30.38
C LEU A 36 23.26 -16.86 29.69
N THR A 37 23.98 -17.85 29.14
CA THR A 37 23.39 -18.96 28.36
C THR A 37 24.14 -20.28 28.68
N THR A 38 23.38 -21.35 28.99
CA THR A 38 23.92 -22.70 29.28
C THR A 38 23.08 -23.75 28.49
N PRO A 39 23.59 -25.02 28.27
CA PRO A 39 22.85 -26.07 27.49
C PRO A 39 21.46 -26.48 28.05
N THR A 40 21.04 -25.91 29.18
CA THR A 40 19.73 -26.24 29.82
C THR A 40 19.00 -24.97 30.28
N ALA A 41 19.77 -23.97 30.75
CA ALA A 41 19.21 -22.76 31.38
C ALA A 41 19.81 -21.49 30.75
N LEU A 42 19.32 -20.33 31.20
CA LEU A 42 19.82 -19.01 30.78
C LEU A 42 19.51 -18.01 31.91
N LYS A 43 20.36 -16.99 32.08
CA LYS A 43 20.10 -15.92 33.06
C LYS A 43 19.88 -14.62 32.29
N VAL A 44 18.82 -13.88 32.64
CA VAL A 44 18.47 -12.62 31.96
C VAL A 44 18.65 -11.43 32.91
N ASP A 45 18.58 -10.22 32.33
CA ASP A 45 18.80 -8.97 33.07
C ASP A 45 17.58 -8.63 33.95
N GLY A 46 17.81 -7.96 35.09
CA GLY A 46 16.72 -7.40 35.91
C GLY A 46 16.09 -8.39 36.91
N ILE A 47 15.95 -9.66 36.49
CA ILE A 47 15.17 -10.68 37.24
C ILE A 47 15.92 -11.18 38.52
N ALA A 48 17.26 -11.05 38.51
CA ALA A 48 18.16 -11.44 39.65
C ALA A 48 18.13 -12.96 39.95
N ALA A 49 17.86 -13.78 38.92
CA ALA A 49 17.69 -15.25 39.08
C ALA A 49 17.95 -15.98 37.75
N TRP A 50 18.38 -17.27 37.84
CA TRP A 50 18.49 -18.16 36.67
C TRP A 50 17.10 -18.70 36.26
N ILE A 51 16.96 -19.03 34.97
CA ILE A 51 15.71 -19.52 34.37
C ILE A 51 16.01 -20.78 33.54
N HIS A 52 15.21 -21.86 33.68
CA HIS A 52 15.31 -23.01 32.75
C HIS A 52 14.66 -22.62 31.41
N ALA A 53 15.22 -23.14 30.30
CA ALA A 53 14.77 -22.80 28.93
C ALA A 53 13.34 -23.30 28.65
N ALA A 54 12.91 -24.32 29.41
CA ALA A 54 11.55 -24.88 29.32
C ALA A 54 10.51 -23.98 30.05
N HIS A 55 10.99 -22.91 30.71
CA HIS A 55 10.14 -22.00 31.52
C HIS A 55 10.23 -20.55 30.99
N VAL A 56 10.60 -20.40 29.70
CA VAL A 56 10.80 -19.07 29.07
C VAL A 56 10.33 -19.10 27.61
N LYS A 57 9.83 -17.96 27.12
CA LYS A 57 9.37 -17.81 25.72
C LYS A 57 10.28 -16.77 25.03
N ALA A 58 10.90 -17.14 23.92
CA ALA A 58 11.76 -16.23 23.15
C ALA A 58 10.91 -15.18 22.39
N ALA A 59 11.22 -13.89 22.60
CA ALA A 59 10.46 -12.77 22.04
C ALA A 59 11.14 -12.24 20.76
N ASP A 60 10.58 -12.61 19.60
CA ASP A 60 11.02 -12.09 18.30
C ASP A 60 10.66 -10.58 18.17
N PRO A 61 11.57 -9.72 17.59
CA PRO A 61 11.28 -8.28 17.35
C PRO A 61 10.21 -8.06 16.25
N GLY A 62 9.92 -9.12 15.48
CA GLY A 62 8.89 -9.07 14.44
C GLY A 62 9.32 -8.27 13.21
N GLY A 63 10.29 -8.83 12.45
CA GLY A 63 10.82 -8.19 11.24
C GLY A 63 9.79 -8.15 10.11
N GLY A 64 9.21 -6.95 9.89
CA GLY A 64 8.21 -6.72 8.84
C GLY A 64 8.77 -5.91 7.68
N PRO A 65 8.91 -6.52 6.46
CA PRO A 65 9.35 -5.78 5.24
C PRO A 65 8.26 -4.85 4.68
N SER A 66 8.69 -3.83 3.91
CA SER A 66 7.80 -2.84 3.29
C SER A 66 7.72 -3.07 1.77
N SER A 67 6.64 -3.75 1.32
CA SER A 67 6.44 -4.12 -0.10
C SER A 67 4.97 -3.95 -0.50
N ARG A 68 4.75 -3.05 -1.48
CA ARG A 68 3.44 -2.84 -2.11
C ARG A 68 3.69 -2.30 -3.52
N LEU A 69 3.49 -3.15 -4.55
CA LEU A 69 3.74 -2.79 -5.96
C LEU A 69 2.62 -1.85 -6.45
N THR A 70 2.99 -0.78 -7.17
CA THR A 70 2.03 0.24 -7.64
C THR A 70 1.78 0.09 -9.15
N TRP A 71 0.73 0.78 -9.65
CA TRP A 71 0.36 0.79 -11.08
C TRP A 71 1.15 1.86 -11.86
N ARG A 72 1.17 1.74 -13.20
CA ARG A 72 1.88 2.68 -14.09
C ARG A 72 1.03 2.98 -15.33
N VAL A 73 0.92 4.27 -15.67
CA VAL A 73 0.17 4.73 -16.85
C VAL A 73 1.03 4.59 -18.11
N GLN A 74 0.58 3.77 -19.06
CA GLN A 74 1.17 3.67 -20.39
C GLN A 74 0.35 4.53 -21.35
N ARG A 75 0.89 5.72 -21.70
CA ARG A 75 0.25 6.64 -22.65
C ARG A 75 0.16 5.96 -24.04
N SER A 76 -1.07 5.66 -24.45
CA SER A 76 -1.38 5.05 -25.76
C SER A 76 -2.19 6.06 -26.58
N GLN A 77 -2.18 5.93 -27.92
CA GLN A 77 -3.04 6.76 -28.79
C GLN A 77 -4.51 6.30 -28.65
N ASN A 78 -5.21 6.93 -27.70
CA ASN A 78 -6.60 6.64 -27.33
C ASN A 78 -7.30 7.96 -26.94
N PRO A 79 -8.66 8.08 -27.10
CA PRO A 79 -9.39 9.35 -26.86
C PRO A 79 -9.22 9.90 -25.42
N LEU A 80 -9.48 9.06 -24.39
CA LEU A 80 -9.34 9.48 -22.98
C LEU A 80 -9.14 8.26 -22.04
N LYS A 81 -8.76 7.12 -22.62
CA LYS A 81 -8.46 5.88 -21.88
C LYS A 81 -6.98 5.89 -21.36
N ILE A 82 -6.70 5.10 -20.30
CA ILE A 82 -5.31 4.81 -19.84
C ILE A 82 -5.15 3.28 -19.62
N ARG A 83 -3.89 2.81 -19.67
CA ARG A 83 -3.53 1.43 -19.30
C ARG A 83 -2.66 1.46 -18.04
N LEU A 84 -3.13 0.81 -16.97
CA LEU A 84 -2.36 0.69 -15.71
C LEU A 84 -1.72 -0.71 -15.64
N THR A 85 -0.38 -0.76 -15.58
CA THR A 85 0.38 -2.02 -15.49
C THR A 85 1.07 -2.10 -14.12
N ARG A 86 1.05 -3.29 -13.50
CA ARG A 86 1.70 -3.52 -12.20
C ARG A 86 3.23 -3.51 -12.39
N GLU A 87 3.93 -2.62 -11.65
CA GLU A 87 5.38 -2.44 -11.79
C GLU A 87 6.17 -3.54 -11.06
N ALA A 88 7.43 -3.67 -11.48
CA ALA A 88 8.39 -4.66 -10.94
C ALA A 88 8.89 -4.23 -9.54
N PRO A 89 9.20 -5.20 -8.63
CA PRO A 89 9.78 -4.91 -7.29
C PRO A 89 11.19 -4.26 -7.40
N HIS B 1 -44.03 -37.38 14.76
CA HIS B 1 -42.78 -37.55 15.53
C HIS B 1 -42.48 -36.25 16.30
N HIS B 2 -42.23 -36.35 17.63
CA HIS B 2 -42.00 -35.17 18.49
C HIS B 2 -40.68 -34.47 18.11
N HIS B 3 -40.82 -33.31 17.43
CA HIS B 3 -39.70 -32.51 16.93
C HIS B 3 -39.97 -31.04 17.28
N HIS B 4 -41.06 -30.49 16.69
CA HIS B 4 -41.63 -29.15 17.01
C HIS B 4 -40.62 -27.99 16.81
N HIS B 5 -39.51 -28.27 16.11
CA HIS B 5 -38.36 -27.35 16.01
C HIS B 5 -38.36 -26.68 14.63
N HIS B 6 -38.66 -25.36 14.62
CA HIS B 6 -38.70 -24.54 13.41
C HIS B 6 -38.59 -23.05 13.79
N SER B 7 -37.34 -22.60 14.00
CA SER B 7 -37.01 -21.24 14.47
C SER B 7 -36.84 -20.25 13.29
N HIS B 8 -37.88 -19.43 13.03
CA HIS B 8 -37.86 -18.40 11.99
C HIS B 8 -38.77 -17.23 12.44
N MET B 9 -38.17 -16.08 12.78
CA MET B 9 -38.90 -14.85 13.22
C MET B 9 -38.53 -13.67 12.32
N GLY B 10 -39.54 -12.95 11.81
CA GLY B 10 -39.32 -11.75 11.02
C GLY B 10 -39.00 -12.08 9.56
N LYS B 11 -40.02 -12.01 8.69
CA LYS B 11 -39.89 -12.32 7.24
C LYS B 11 -40.41 -11.15 6.38
N GLN B 12 -40.44 -9.94 6.98
CA GLN B 12 -40.93 -8.71 6.31
C GLN B 12 -39.76 -7.73 6.11
N ALA B 13 -39.87 -6.89 5.06
CA ALA B 13 -38.82 -5.90 4.67
C ALA B 13 -39.46 -4.53 4.38
N SER B 14 -38.68 -3.44 4.58
CA SER B 14 -39.18 -2.05 4.44
C SER B 14 -38.23 -1.20 3.57
N ALA B 15 -38.59 -1.06 2.28
CA ALA B 15 -37.86 -0.25 1.29
C ALA B 15 -38.73 -0.06 0.03
N SER B 16 -38.57 1.09 -0.65
CA SER B 16 -39.22 1.38 -1.94
C SER B 16 -38.22 2.09 -2.85
N TYR B 17 -38.50 2.10 -4.17
CA TYR B 17 -37.62 2.75 -5.17
C TYR B 17 -37.57 4.27 -4.96
N ASP B 18 -36.42 4.88 -5.29
CA ASP B 18 -36.17 6.33 -5.15
C ASP B 18 -37.09 7.15 -6.09
N SER B 19 -37.01 6.84 -7.38
CA SER B 19 -37.76 7.54 -8.43
C SER B 19 -38.12 6.55 -9.55
N GLU B 20 -38.82 7.06 -10.61
CA GLU B 20 -39.18 6.30 -11.83
C GLU B 20 -38.03 5.38 -12.31
N GLU B 21 -36.83 5.99 -12.49
CA GLU B 21 -35.52 5.28 -12.61
C GLU B 21 -35.50 4.31 -13.82
N GLU B 22 -36.42 4.52 -14.76
CA GLU B 22 -36.46 3.80 -16.06
C GLU B 22 -35.26 4.23 -16.91
N GLU B 23 -34.83 5.49 -16.67
CA GLU B 23 -33.51 5.97 -17.05
C GLU B 23 -32.55 5.70 -15.88
N GLU B 24 -31.48 4.95 -16.15
CA GLU B 24 -30.46 4.59 -15.15
C GLU B 24 -29.69 5.80 -14.60
N GLY B 25 -29.64 6.88 -15.41
CA GLY B 25 -28.88 8.08 -15.07
C GLY B 25 -27.81 8.30 -16.11
N LEU B 26 -28.12 9.15 -17.11
CA LEU B 26 -27.23 9.43 -18.24
C LEU B 26 -26.94 10.95 -18.43
N PRO B 27 -26.43 11.71 -17.38
CA PRO B 27 -26.14 13.15 -17.51
C PRO B 27 -24.74 13.43 -18.12
N MET B 28 -23.85 12.41 -18.03
CA MET B 28 -22.43 12.55 -18.41
C MET B 28 -22.29 12.27 -19.91
N SER B 29 -21.97 13.32 -20.68
CA SER B 29 -21.59 13.17 -22.11
C SER B 29 -20.06 12.99 -22.22
N TYR B 30 -19.57 12.88 -23.47
CA TYR B 30 -18.14 12.63 -23.77
C TYR B 30 -17.19 13.64 -23.11
N ASP B 31 -17.61 14.91 -23.01
CA ASP B 31 -16.80 16.02 -22.47
C ASP B 31 -16.66 15.89 -20.93
N GLU B 32 -17.68 15.31 -20.29
CA GLU B 32 -17.66 15.01 -18.84
C GLU B 32 -16.72 13.83 -18.54
N LYS B 33 -16.73 12.84 -19.45
CA LYS B 33 -15.82 11.66 -19.39
C LYS B 33 -14.36 12.15 -19.54
N ARG B 34 -14.17 13.09 -20.48
CA ARG B 34 -12.90 13.78 -20.73
C ARG B 34 -12.44 14.55 -19.48
N GLN B 35 -13.41 15.24 -18.82
CA GLN B 35 -13.10 16.12 -17.68
C GLN B 35 -12.55 15.31 -16.50
N LEU B 36 -13.29 14.27 -16.06
CA LEU B 36 -12.84 13.42 -14.95
C LEU B 36 -11.61 12.59 -15.36
N SER B 37 -11.44 12.36 -16.68
CA SER B 37 -10.30 11.61 -17.21
C SER B 37 -8.98 12.29 -16.85
N LEU B 38 -8.75 13.54 -17.35
CA LEU B 38 -7.48 14.26 -17.09
C LEU B 38 -7.41 14.73 -15.63
N ASP B 39 -8.57 14.99 -15.01
CA ASP B 39 -8.69 15.48 -13.61
C ASP B 39 -8.13 14.44 -12.61
N ILE B 40 -8.75 13.25 -12.58
CA ILE B 40 -8.30 12.12 -11.74
C ILE B 40 -6.87 11.69 -12.14
N ASN B 41 -6.57 11.83 -13.45
CA ASN B 41 -5.23 11.54 -14.02
C ASN B 41 -4.10 12.42 -13.43
N ARG B 42 -4.43 13.67 -13.04
CA ARG B 42 -3.45 14.60 -12.44
C ARG B 42 -3.08 14.21 -10.99
N LEU B 43 -3.93 13.36 -10.35
CA LEU B 43 -3.69 12.88 -8.97
C LEU B 43 -2.51 11.85 -8.91
N PRO B 44 -1.78 11.72 -7.74
CA PRO B 44 -0.68 10.73 -7.55
C PRO B 44 -1.21 9.29 -7.35
N GLY B 45 -0.76 8.58 -6.29
CA GLY B 45 -1.25 7.23 -5.98
C GLY B 45 -2.73 7.22 -5.58
N GLU B 46 -3.25 8.41 -5.17
CA GLU B 46 -4.68 8.64 -4.92
C GLU B 46 -5.53 8.27 -6.15
N LYS B 47 -4.99 8.60 -7.33
CA LYS B 47 -5.57 8.24 -8.65
C LYS B 47 -5.68 6.73 -8.83
N LEU B 48 -4.51 6.07 -8.73
CA LEU B 48 -4.34 4.65 -9.07
C LEU B 48 -5.25 3.77 -8.20
N GLY B 49 -5.17 4.01 -6.88
CA GLY B 49 -5.98 3.30 -5.90
C GLY B 49 -7.47 3.50 -6.09
N ARG B 50 -7.88 4.77 -6.36
CA ARG B 50 -9.30 5.15 -6.49
C ARG B 50 -9.96 4.42 -7.67
N VAL B 51 -9.37 4.60 -8.87
CA VAL B 51 -9.97 4.17 -10.12
C VAL B 51 -10.06 2.64 -10.22
N VAL B 52 -8.96 1.92 -9.86
CA VAL B 52 -8.94 0.44 -9.93
C VAL B 52 -9.91 -0.18 -8.91
N HIS B 53 -10.03 0.47 -7.74
CA HIS B 53 -10.92 0.01 -6.65
C HIS B 53 -12.38 -0.02 -7.13
N ILE B 54 -12.86 1.12 -7.65
CA ILE B 54 -14.27 1.30 -8.05
C ILE B 54 -14.64 0.41 -9.25
N ILE B 55 -13.85 0.49 -10.35
CA ILE B 55 -14.15 -0.24 -11.59
C ILE B 55 -14.21 -1.76 -11.36
N GLN B 56 -13.30 -2.31 -10.52
CA GLN B 56 -13.28 -3.77 -10.23
C GLN B 56 -14.38 -4.18 -9.24
N SER B 57 -14.76 -3.25 -8.35
CA SER B 57 -15.82 -3.48 -7.36
C SER B 57 -17.20 -3.64 -8.05
N ARG B 58 -17.36 -3.02 -9.23
CA ARG B 58 -18.64 -3.06 -9.98
C ARG B 58 -18.54 -3.86 -11.32
N GLU B 59 -17.31 -4.13 -11.76
CA GLU B 59 -17.03 -4.75 -13.07
C GLU B 59 -15.59 -5.35 -13.04
N PRO B 60 -15.45 -6.64 -12.64
CA PRO B 60 -14.14 -7.29 -12.46
C PRO B 60 -13.46 -7.68 -13.82
N SER B 61 -12.79 -6.69 -14.47
CA SER B 61 -12.15 -6.90 -15.79
C SER B 61 -10.78 -7.61 -15.67
N LEU B 62 -9.86 -7.11 -14.79
CA LEU B 62 -8.53 -7.76 -14.60
C LEU B 62 -8.68 -9.18 -14.04
N ARG B 63 -9.76 -9.35 -13.25
CA ARG B 63 -10.13 -10.62 -12.61
C ARG B 63 -10.39 -11.69 -13.70
N ASP B 64 -11.02 -11.25 -14.80
CA ASP B 64 -11.39 -12.13 -15.94
C ASP B 64 -10.18 -12.39 -16.85
N SER B 65 -9.35 -11.34 -17.04
CA SER B 65 -8.23 -11.38 -17.99
C SER B 65 -7.03 -10.55 -17.47
N ASN B 66 -5.97 -11.27 -17.04
CA ASN B 66 -4.65 -10.70 -16.67
C ASN B 66 -4.77 -9.75 -15.43
N PRO B 67 -4.70 -10.31 -14.17
CA PRO B 67 -4.94 -9.53 -12.92
C PRO B 67 -3.91 -8.42 -12.65
N ASP B 68 -2.71 -8.55 -13.26
CA ASP B 68 -1.60 -7.61 -13.01
C ASP B 68 -1.59 -6.44 -13.99
N GLU B 69 -2.58 -6.37 -14.89
CA GLU B 69 -2.76 -5.21 -15.81
C GLU B 69 -4.25 -4.91 -15.95
N ILE B 70 -4.62 -3.65 -15.77
CA ILE B 70 -6.00 -3.19 -15.85
C ILE B 70 -6.07 -1.97 -16.78
N GLU B 71 -6.85 -2.09 -17.84
CA GLU B 71 -7.17 -0.96 -18.73
C GLU B 71 -8.52 -0.38 -18.29
N ILE B 72 -8.54 0.90 -17.91
CA ILE B 72 -9.79 1.58 -17.57
C ILE B 72 -10.24 2.36 -18.80
N ASP B 73 -11.21 1.78 -19.50
CA ASP B 73 -11.81 2.37 -20.68
C ASP B 73 -13.04 3.15 -20.21
N PHE B 74 -12.83 4.40 -19.73
CA PHE B 74 -13.94 5.30 -19.31
C PHE B 74 -14.99 5.43 -20.44
N GLU B 75 -14.45 5.39 -21.67
CA GLU B 75 -15.22 5.45 -22.93
C GLU B 75 -16.23 4.29 -23.09
N THR B 76 -15.90 3.06 -22.59
CA THR B 76 -16.83 1.92 -22.66
C THR B 76 -17.72 1.86 -21.40
N LEU B 77 -17.25 2.46 -20.29
CA LEU B 77 -18.05 2.58 -19.05
C LEU B 77 -19.24 3.54 -19.29
N LYS B 78 -20.38 3.24 -18.65
CA LYS B 78 -21.66 3.95 -18.86
C LYS B 78 -21.77 5.19 -17.94
N PRO B 79 -22.51 6.28 -18.36
CA PRO B 79 -22.65 7.57 -17.60
C PRO B 79 -22.94 7.44 -16.08
N THR B 80 -23.60 6.33 -15.67
CA THR B 80 -23.82 6.00 -14.25
C THR B 80 -22.49 5.87 -13.49
N THR B 81 -21.58 5.07 -14.06
CA THR B 81 -20.23 4.84 -13.53
C THR B 81 -19.42 6.15 -13.50
N LEU B 82 -19.48 6.91 -14.61
CA LEU B 82 -18.70 8.17 -14.76
C LEU B 82 -19.14 9.22 -13.72
N ARG B 83 -20.45 9.27 -13.48
CA ARG B 83 -21.04 10.21 -12.52
C ARG B 83 -20.62 9.81 -11.09
N GLU B 84 -20.57 8.49 -10.83
CA GLU B 84 -20.13 7.93 -9.54
C GLU B 84 -18.64 8.23 -9.26
N LEU B 85 -17.80 8.03 -10.30
CA LEU B 85 -16.36 8.33 -10.26
C LEU B 85 -16.14 9.81 -9.89
N GLU B 86 -16.88 10.68 -10.59
CA GLU B 86 -16.79 12.14 -10.43
C GLU B 86 -17.17 12.57 -9.01
N ARG B 87 -18.41 12.21 -8.58
CA ARG B 87 -18.95 12.61 -7.26
C ARG B 87 -18.08 12.08 -6.11
N TYR B 88 -17.53 10.87 -6.31
CA TYR B 88 -16.67 10.21 -5.31
C TYR B 88 -15.38 11.00 -5.12
N VAL B 89 -14.64 11.24 -6.24
CA VAL B 89 -13.29 11.80 -6.20
C VAL B 89 -13.29 13.29 -5.77
N LYS B 90 -14.30 14.07 -6.24
CA LYS B 90 -14.39 15.51 -5.88
C LYS B 90 -14.79 15.67 -4.40
N SER B 91 -15.59 14.72 -3.88
CA SER B 91 -15.96 14.68 -2.45
C SER B 91 -14.88 13.97 -1.60
N CYS B 92 -13.98 13.22 -2.27
CA CYS B 92 -12.87 12.51 -1.60
C CYS B 92 -11.81 13.50 -1.10
N LEU B 93 -11.42 14.44 -1.97
CA LEU B 93 -10.49 15.52 -1.61
C LEU B 93 -11.23 16.76 -1.06
N GLN B 94 -12.53 16.92 -1.44
CA GLN B 94 -13.42 18.04 -1.00
C GLN B 94 -12.98 19.44 -1.51
N LYS B 95 -11.83 19.51 -2.20
CA LYS B 95 -11.24 20.76 -2.68
C LYS B 95 -11.83 21.14 -4.05
N LYS B 96 -12.11 22.43 -4.23
CA LYS B 96 -12.58 23.00 -5.49
C LYS B 96 -11.34 23.32 -6.38
N HIS A 1 38.18 -25.92 -0.87
CA HIS A 1 39.11 -24.94 -0.26
C HIS A 1 38.34 -23.73 0.30
N HIS A 2 38.99 -23.00 1.21
CA HIS A 2 38.46 -21.76 1.83
C HIS A 2 39.58 -21.03 2.58
N HIS A 3 39.24 -19.89 3.20
CA HIS A 3 40.17 -19.12 4.05
C HIS A 3 39.41 -18.62 5.29
N HIS A 4 40.11 -18.55 6.44
CA HIS A 4 39.51 -18.08 7.71
C HIS A 4 39.58 -16.54 7.78
N HIS A 5 38.64 -15.88 7.06
CA HIS A 5 38.48 -14.43 7.10
C HIS A 5 37.07 -14.08 7.56
N HIS A 6 36.96 -13.11 8.46
CA HIS A 6 35.68 -12.65 9.02
C HIS A 6 35.68 -11.13 8.92
N SER A 7 34.83 -10.56 8.06
CA SER A 7 34.87 -9.12 7.77
C SER A 7 34.32 -8.32 8.96
N HIS A 8 35.24 -7.73 9.73
CA HIS A 8 34.95 -6.76 10.80
C HIS A 8 35.43 -5.35 10.38
N MET A 9 34.59 -4.35 10.62
CA MET A 9 34.90 -2.94 10.31
C MET A 9 35.31 -2.25 11.60
N VAL A 10 36.48 -1.58 11.58
CA VAL A 10 37.00 -0.84 12.74
C VAL A 10 36.07 0.36 13.08
N GLY A 11 35.75 0.50 14.39
CA GLY A 11 34.84 1.55 14.86
C GLY A 11 33.45 1.02 15.20
N ASP A 12 33.10 -0.18 14.66
CA ASP A 12 31.80 -0.84 14.92
C ASP A 12 31.75 -1.41 16.34
N THR A 13 30.52 -1.61 16.84
CA THR A 13 30.26 -2.35 18.07
C THR A 13 30.20 -3.86 17.73
N VAL A 14 30.94 -4.69 18.50
CA VAL A 14 31.03 -6.15 18.26
C VAL A 14 30.97 -6.89 19.62
N TRP A 15 30.31 -8.05 19.64
CA TRP A 15 30.21 -8.90 20.84
C TRP A 15 31.38 -9.88 20.87
N VAL A 16 32.09 -9.95 22.01
CA VAL A 16 33.24 -10.85 22.18
C VAL A 16 32.81 -12.13 22.89
N ARG A 17 32.90 -13.26 22.19
CA ARG A 17 32.49 -14.56 22.69
C ARG A 17 33.55 -15.07 23.70
N ARG A 18 33.06 -15.56 24.87
CA ARG A 18 33.91 -16.07 25.95
C ARG A 18 34.75 -17.27 25.47
N HIS A 19 35.93 -17.42 26.08
CA HIS A 19 36.89 -18.47 25.77
C HIS A 19 36.36 -19.83 26.25
N GLN A 20 35.74 -20.59 25.32
CA GLN A 20 35.33 -21.98 25.54
C GLN A 20 35.08 -22.62 24.17
N THR A 21 35.40 -23.92 24.03
CA THR A 21 35.46 -24.61 22.73
C THR A 21 34.13 -24.58 21.96
N LYS A 22 33.13 -25.37 22.38
CA LYS A 22 31.83 -25.50 21.70
C LYS A 22 30.65 -25.45 22.69
N ASN A 23 30.94 -25.19 23.98
CA ASN A 23 29.87 -24.95 24.97
C ASN A 23 29.27 -23.56 24.70
N LEU A 24 28.01 -23.54 24.26
CA LEU A 24 27.31 -22.31 23.77
C LEU A 24 26.71 -21.46 24.93
N GLU A 25 26.61 -22.08 26.13
CA GLU A 25 25.99 -21.45 27.33
C GLU A 25 26.75 -20.16 27.81
N PRO A 26 28.15 -20.16 27.98
CA PRO A 26 28.90 -18.92 28.35
C PRO A 26 28.87 -17.86 27.21
N ARG A 27 27.74 -17.13 27.11
CA ARG A 27 27.47 -16.18 26.02
C ARG A 27 28.43 -15.00 26.00
N TRP A 28 28.50 -14.35 24.82
CA TRP A 28 29.34 -13.19 24.56
C TRP A 28 28.92 -11.97 25.40
N LYS A 29 29.90 -11.06 25.62
CA LYS A 29 29.69 -9.83 26.39
C LYS A 29 30.13 -8.61 25.57
N GLY A 30 29.69 -7.42 26.00
CA GLY A 30 29.96 -6.17 25.33
C GLY A 30 28.67 -5.38 25.09
N PRO A 31 28.43 -4.79 23.87
CA PRO A 31 29.38 -4.80 22.73
C PRO A 31 30.49 -3.72 22.86
N TYR A 32 31.66 -4.04 22.33
CA TYR A 32 32.87 -3.21 22.41
C TYR A 32 33.16 -2.54 21.06
N THR A 33 33.85 -1.39 21.10
CA THR A 33 34.21 -0.64 19.89
C THR A 33 35.55 -1.14 19.32
N VAL A 34 35.56 -1.58 18.04
CA VAL A 34 36.77 -2.12 17.38
C VAL A 34 37.83 -1.02 17.21
N LEU A 35 39.08 -1.30 17.62
CA LEU A 35 40.21 -0.34 17.52
C LEU A 35 41.24 -0.82 16.48
N LEU A 36 41.47 -2.14 16.42
CA LEU A 36 42.48 -2.76 15.53
C LEU A 36 41.84 -3.93 14.78
N THR A 37 42.23 -4.10 13.50
CA THR A 37 41.64 -5.12 12.59
C THR A 37 42.76 -5.92 11.85
N THR A 38 42.69 -7.26 11.97
CA THR A 38 43.57 -8.20 11.22
C THR A 38 42.67 -9.25 10.52
N PRO A 39 43.12 -9.95 9.43
CA PRO A 39 42.24 -10.85 8.61
C PRO A 39 41.61 -12.06 9.36
N THR A 40 42.01 -12.28 10.62
CA THR A 40 41.60 -13.46 11.40
C THR A 40 41.45 -13.12 12.90
N ALA A 41 41.57 -11.82 13.25
CA ALA A 41 41.44 -11.34 14.64
C ALA A 41 41.16 -9.83 14.66
N LEU A 42 40.89 -9.28 15.84
CA LEU A 42 40.63 -7.84 16.03
C LEU A 42 40.80 -7.49 17.50
N LYS A 43 41.38 -6.31 17.79
CA LYS A 43 41.47 -5.82 19.18
C LYS A 43 40.39 -4.77 19.38
N VAL A 44 39.63 -4.88 20.49
CA VAL A 44 38.51 -3.97 20.78
C VAL A 44 38.71 -3.31 22.15
N ASP A 45 38.11 -2.12 22.29
CA ASP A 45 38.14 -1.31 23.50
C ASP A 45 37.31 -1.97 24.61
N GLY A 46 37.57 -1.59 25.88
CA GLY A 46 36.80 -2.08 27.03
C GLY A 46 37.31 -3.42 27.56
N ILE A 47 37.47 -4.41 26.66
CA ILE A 47 38.03 -5.73 27.00
C ILE A 47 39.58 -5.60 27.11
N ALA A 48 40.16 -4.68 26.27
CA ALA A 48 41.62 -4.39 26.23
C ALA A 48 42.47 -5.65 25.89
N ALA A 49 41.98 -6.47 24.94
CA ALA A 49 42.62 -7.75 24.54
C ALA A 49 42.37 -8.02 23.05
N TRP A 50 43.22 -8.89 22.45
CA TRP A 50 43.03 -9.39 21.07
C TRP A 50 42.07 -10.59 21.08
N ILE A 51 41.07 -10.55 20.19
CA ILE A 51 40.06 -11.62 20.03
C ILE A 51 40.19 -12.20 18.63
N HIS A 52 40.21 -13.54 18.50
CA HIS A 52 40.12 -14.20 17.19
C HIS A 52 38.73 -13.93 16.60
N ALA A 53 38.69 -13.57 15.31
CA ALA A 53 37.47 -13.14 14.60
C ALA A 53 36.44 -14.28 14.41
N ALA A 54 36.85 -15.52 14.72
CA ALA A 54 35.97 -16.70 14.76
C ALA A 54 35.13 -16.76 16.07
N HIS A 55 35.43 -15.85 17.02
CA HIS A 55 34.74 -15.76 18.32
C HIS A 55 34.25 -14.32 18.55
N VAL A 56 33.70 -13.70 17.51
CA VAL A 56 33.15 -12.34 17.58
C VAL A 56 31.90 -12.23 16.69
N LYS A 57 31.06 -11.22 16.94
CA LYS A 57 29.86 -10.96 16.13
C LYS A 57 29.61 -9.45 16.04
N ALA A 58 29.60 -8.90 14.82
CA ALA A 58 29.29 -7.50 14.59
C ALA A 58 27.83 -7.21 14.97
N ALA A 59 27.64 -6.27 15.94
CA ALA A 59 26.31 -5.82 16.38
C ALA A 59 25.65 -4.97 15.27
N ASP A 60 25.12 -5.67 14.28
CA ASP A 60 24.49 -5.09 13.08
C ASP A 60 23.03 -4.72 13.38
N PRO A 61 22.54 -3.51 12.94
CA PRO A 61 21.12 -3.08 13.16
C PRO A 61 20.09 -4.14 12.75
N GLY A 62 20.25 -4.69 11.52
CA GLY A 62 19.34 -5.68 10.96
C GLY A 62 17.95 -5.11 10.65
N GLY A 63 17.80 -4.50 9.47
CA GLY A 63 16.51 -3.94 9.03
C GLY A 63 16.61 -3.20 7.70
N GLY A 64 15.52 -3.26 6.92
CA GLY A 64 15.39 -2.55 5.64
C GLY A 64 14.17 -3.01 4.85
N PRO A 65 12.92 -2.78 5.38
CA PRO A 65 11.69 -3.32 4.75
C PRO A 65 11.17 -2.41 3.62
N SER A 66 11.01 -2.97 2.40
CA SER A 66 10.55 -2.24 1.22
C SER A 66 10.15 -3.23 0.10
N SER A 67 8.86 -3.19 -0.33
CA SER A 67 8.32 -4.02 -1.42
C SER A 67 6.93 -3.50 -1.84
N ARG A 68 6.87 -2.60 -2.83
CA ARG A 68 5.60 -2.04 -3.31
C ARG A 68 5.73 -1.55 -4.77
N LEU A 69 4.89 -2.13 -5.64
CA LEU A 69 4.72 -1.69 -7.05
C LEU A 69 3.55 -0.71 -7.14
N THR A 70 3.59 0.23 -8.09
CA THR A 70 2.48 1.15 -8.34
C THR A 70 1.81 0.82 -9.68
N TRP A 71 0.63 1.41 -9.90
CA TRP A 71 -0.05 1.37 -11.20
C TRP A 71 0.47 2.54 -12.07
N ARG A 72 1.02 2.20 -13.23
CA ARG A 72 1.62 3.18 -14.15
C ARG A 72 0.65 3.45 -15.30
N VAL A 73 0.32 4.74 -15.54
CA VAL A 73 -0.44 5.13 -16.74
C VAL A 73 0.46 5.10 -17.99
N GLN A 74 0.10 4.24 -18.94
CA GLN A 74 0.60 4.28 -20.31
C GLN A 74 -0.39 5.12 -21.12
N ARG A 75 0.11 6.12 -21.88
CA ARG A 75 -0.76 6.95 -22.70
C ARG A 75 -1.32 6.11 -23.86
N SER A 76 -2.63 5.89 -23.82
CA SER A 76 -3.33 5.02 -24.76
C SER A 76 -3.88 5.85 -25.95
N GLN A 77 -3.93 5.21 -27.13
CA GLN A 77 -4.51 5.80 -28.37
C GLN A 77 -6.05 5.84 -28.31
N ASN A 78 -6.60 5.24 -27.23
CA ASN A 78 -8.03 5.25 -26.88
C ASN A 78 -8.59 6.68 -26.72
N PRO A 79 -9.91 6.91 -27.03
CA PRO A 79 -10.57 8.26 -27.06
C PRO A 79 -10.27 9.14 -25.83
N LEU A 80 -10.35 8.55 -24.62
CA LEU A 80 -10.05 9.27 -23.36
C LEU A 80 -9.70 8.29 -22.22
N LYS A 81 -9.47 7.03 -22.55
CA LYS A 81 -9.14 5.97 -21.57
C LYS A 81 -7.63 5.96 -21.25
N ILE A 82 -7.28 5.46 -20.03
CA ILE A 82 -5.89 5.23 -19.60
C ILE A 82 -5.62 3.71 -19.48
N ARG A 83 -4.34 3.32 -19.36
CA ARG A 83 -3.94 1.92 -19.12
C ARG A 83 -3.03 1.85 -17.88
N LEU A 84 -3.54 1.26 -16.79
CA LEU A 84 -2.74 1.03 -15.58
C LEU A 84 -2.11 -0.37 -15.66
N THR A 85 -0.79 -0.44 -15.51
CA THR A 85 -0.05 -1.70 -15.48
C THR A 85 0.88 -1.69 -14.25
N ARG A 86 1.08 -2.87 -13.64
CA ARG A 86 2.03 -3.02 -12.52
C ARG A 86 3.46 -2.76 -13.00
N GLU A 87 4.23 -2.04 -12.18
CA GLU A 87 5.66 -1.85 -12.40
C GLU A 87 6.43 -3.17 -12.36
N ALA A 88 7.65 -3.12 -12.89
CA ALA A 88 8.58 -4.26 -12.87
C ALA A 88 9.24 -4.35 -11.48
N PRO A 89 9.36 -5.58 -10.88
CA PRO A 89 9.96 -5.75 -9.52
C PRO A 89 11.47 -5.40 -9.51
N HIS B 1 -15.95 4.94 42.63
CA HIS B 1 -15.84 5.68 41.36
C HIS B 1 -16.25 4.80 40.17
N HIS B 2 -17.36 5.19 39.49
CA HIS B 2 -17.85 4.53 38.27
C HIS B 2 -18.44 5.57 37.31
N HIS B 3 -17.68 5.88 36.24
CA HIS B 3 -18.11 6.81 35.18
C HIS B 3 -17.73 6.24 33.80
N HIS B 4 -18.76 5.96 32.98
CA HIS B 4 -18.61 5.48 31.59
C HIS B 4 -19.69 6.16 30.74
N HIS B 5 -19.28 7.13 29.90
CA HIS B 5 -20.21 7.96 29.11
C HIS B 5 -19.75 8.05 27.65
N HIS B 6 -20.47 7.36 26.77
CA HIS B 6 -20.30 7.42 25.32
C HIS B 6 -21.66 7.17 24.64
N SER B 7 -22.04 8.08 23.74
CA SER B 7 -23.33 8.02 23.03
C SER B 7 -23.27 8.90 21.77
N HIS B 8 -23.99 8.45 20.71
CA HIS B 8 -24.03 9.16 19.42
C HIS B 8 -25.27 10.06 19.31
N MET B 9 -25.12 11.22 18.65
CA MET B 9 -26.20 12.22 18.52
C MET B 9 -25.98 13.04 17.23
N GLY B 10 -27.08 13.52 16.63
CA GLY B 10 -27.03 14.28 15.38
C GLY B 10 -27.10 13.38 14.15
N LYS B 11 -27.85 12.25 14.27
CA LYS B 11 -27.98 11.24 13.18
C LYS B 11 -29.22 11.52 12.29
N GLN B 12 -29.59 12.81 12.17
CA GLN B 12 -30.74 13.25 11.37
C GLN B 12 -30.47 12.96 9.88
N ALA B 13 -31.03 11.83 9.39
CA ALA B 13 -30.82 11.34 8.02
C ALA B 13 -32.15 11.41 7.24
N SER B 14 -32.33 12.51 6.50
CA SER B 14 -33.53 12.74 5.68
C SER B 14 -33.28 12.22 4.26
N ALA B 15 -34.29 11.55 3.68
CA ALA B 15 -34.18 10.98 2.32
C ALA B 15 -35.55 11.02 1.63
N SER B 16 -35.54 11.51 0.37
CA SER B 16 -36.70 11.56 -0.51
C SER B 16 -36.18 11.65 -1.95
N TYR B 17 -36.92 11.05 -2.89
CA TYR B 17 -36.60 11.12 -4.32
C TYR B 17 -36.79 12.58 -4.82
N ASP B 18 -35.89 13.05 -5.71
CA ASP B 18 -36.01 14.39 -6.32
C ASP B 18 -37.14 14.39 -7.37
N SER B 19 -37.06 13.41 -8.27
CA SER B 19 -38.08 13.12 -9.29
C SER B 19 -38.15 11.59 -9.46
N GLU B 20 -39.18 11.11 -10.18
CA GLU B 20 -39.35 9.68 -10.52
C GLU B 20 -38.03 9.07 -11.06
N GLU B 21 -37.47 9.76 -12.09
CA GLU B 21 -36.15 9.50 -12.66
C GLU B 21 -36.15 8.17 -13.43
N GLU B 22 -36.25 8.29 -14.76
CA GLU B 22 -36.32 7.13 -15.65
C GLU B 22 -34.92 6.54 -15.87
N GLU B 23 -33.92 7.44 -16.02
CA GLU B 23 -32.52 7.06 -16.30
C GLU B 23 -31.77 6.69 -15.00
N GLU B 24 -30.68 5.91 -15.17
CA GLU B 24 -29.79 5.51 -14.05
C GLU B 24 -28.70 6.56 -13.81
N GLY B 25 -28.48 7.46 -14.79
CA GLY B 25 -27.53 8.56 -14.67
C GLY B 25 -26.61 8.64 -15.87
N LEU B 26 -27.11 9.28 -16.95
CA LEU B 26 -26.34 9.56 -18.17
C LEU B 26 -26.58 11.00 -18.74
N PRO B 27 -26.50 12.11 -17.92
CA PRO B 27 -26.71 13.49 -18.43
C PRO B 27 -25.42 14.12 -19.02
N MET B 28 -24.25 13.52 -18.70
CA MET B 28 -22.93 14.06 -19.09
C MET B 28 -22.64 13.80 -20.57
N SER B 29 -21.80 14.65 -21.17
CA SER B 29 -21.33 14.50 -22.55
C SER B 29 -19.89 13.96 -22.58
N TYR B 30 -19.37 13.78 -23.80
CA TYR B 30 -18.03 13.25 -24.07
C TYR B 30 -16.92 14.12 -23.43
N ASP B 31 -17.08 15.46 -23.49
CA ASP B 31 -16.10 16.43 -22.97
C ASP B 31 -16.04 16.37 -21.42
N GLU B 32 -17.19 16.02 -20.79
CA GLU B 32 -17.29 15.81 -19.33
C GLU B 32 -16.47 14.56 -18.92
N LYS B 33 -16.56 13.51 -19.75
CA LYS B 33 -15.80 12.26 -19.53
C LYS B 33 -14.29 12.50 -19.67
N ARG B 34 -13.89 13.38 -20.62
CA ARG B 34 -12.49 13.78 -20.84
C ARG B 34 -12.00 14.68 -19.67
N GLN B 35 -12.94 15.50 -19.16
CA GLN B 35 -12.68 16.44 -18.06
C GLN B 35 -12.31 15.70 -16.77
N LEU B 36 -13.15 14.74 -16.38
CA LEU B 36 -12.91 13.95 -15.18
C LEU B 36 -11.71 13.01 -15.39
N SER B 37 -11.49 12.52 -16.63
CA SER B 37 -10.39 11.58 -16.94
C SER B 37 -9.01 12.23 -16.69
N LEU B 38 -8.87 13.50 -17.12
CA LEU B 38 -7.61 14.26 -16.95
C LEU B 38 -7.42 14.62 -15.47
N ASP B 39 -8.55 14.93 -14.81
CA ASP B 39 -8.62 15.31 -13.39
C ASP B 39 -8.15 14.14 -12.49
N ILE B 40 -8.59 12.93 -12.89
CA ILE B 40 -8.19 11.67 -12.21
C ILE B 40 -6.69 11.45 -12.46
N ASN B 41 -6.30 11.64 -13.73
CA ASN B 41 -4.89 11.56 -14.19
C ASN B 41 -3.96 12.48 -13.38
N ARG B 42 -4.46 13.63 -12.90
CA ARG B 42 -3.66 14.61 -12.14
C ARG B 42 -3.69 14.35 -10.62
N LEU B 43 -4.51 13.39 -10.15
CA LEU B 43 -4.57 13.01 -8.72
C LEU B 43 -3.34 12.15 -8.32
N PRO B 44 -2.93 12.12 -6.99
CA PRO B 44 -1.76 11.33 -6.50
C PRO B 44 -2.02 9.79 -6.51
N GLY B 45 -1.43 9.04 -5.55
CA GLY B 45 -1.64 7.57 -5.44
C GLY B 45 -3.09 7.17 -5.22
N GLU B 46 -3.91 8.12 -4.69
CA GLU B 46 -5.35 7.95 -4.48
C GLU B 46 -6.09 7.72 -5.82
N LYS B 47 -5.61 8.37 -6.89
CA LYS B 47 -6.06 8.13 -8.29
C LYS B 47 -6.13 6.64 -8.61
N LEU B 48 -5.01 5.96 -8.33
CA LEU B 48 -4.78 4.57 -8.70
C LEU B 48 -5.68 3.65 -7.89
N GLY B 49 -5.69 3.87 -6.56
CA GLY B 49 -6.52 3.09 -5.64
C GLY B 49 -8.01 3.19 -5.95
N ARG B 50 -8.51 4.43 -6.12
CA ARG B 50 -9.94 4.71 -6.31
C ARG B 50 -10.46 4.21 -7.67
N VAL B 51 -9.72 4.47 -8.77
CA VAL B 51 -10.20 4.14 -10.13
C VAL B 51 -10.25 2.61 -10.33
N VAL B 52 -9.23 1.89 -9.78
CA VAL B 52 -9.20 0.42 -9.76
C VAL B 52 -10.38 -0.11 -8.94
N HIS B 53 -10.57 0.49 -7.75
CA HIS B 53 -11.61 0.09 -6.79
C HIS B 53 -13.01 0.06 -7.43
N ILE B 54 -13.40 1.20 -8.01
CA ILE B 54 -14.76 1.46 -8.52
C ILE B 54 -15.10 0.56 -9.74
N ILE B 55 -14.18 0.47 -10.72
CA ILE B 55 -14.41 -0.35 -11.94
C ILE B 55 -14.59 -1.84 -11.57
N GLN B 56 -13.82 -2.34 -10.58
CA GLN B 56 -13.87 -3.76 -10.15
C GLN B 56 -15.10 -4.03 -9.27
N SER B 57 -15.60 -2.97 -8.59
CA SER B 57 -16.85 -3.01 -7.81
C SER B 57 -18.08 -3.11 -8.72
N ARG B 58 -17.93 -2.60 -9.96
CA ARG B 58 -18.97 -2.68 -11.01
C ARG B 58 -18.85 -4.00 -11.81
N GLU B 59 -17.60 -4.42 -12.07
CA GLU B 59 -17.29 -5.55 -12.94
C GLU B 59 -15.79 -5.91 -12.74
N PRO B 60 -15.46 -7.13 -12.17
CA PRO B 60 -14.05 -7.55 -11.96
C PRO B 60 -13.30 -7.85 -13.30
N SER B 61 -12.85 -6.74 -13.94
CA SER B 61 -12.21 -6.72 -15.26
C SER B 61 -10.79 -7.33 -15.24
N LEU B 62 -10.02 -7.03 -14.16
CA LEU B 62 -8.60 -7.43 -14.08
C LEU B 62 -8.43 -8.96 -14.09
N ARG B 63 -9.44 -9.68 -13.57
CA ARG B 63 -9.39 -11.14 -13.42
C ARG B 63 -9.37 -11.82 -14.82
N ASP B 64 -10.06 -11.19 -15.79
CA ASP B 64 -10.11 -11.65 -17.19
C ASP B 64 -8.80 -11.29 -17.91
N SER B 65 -8.50 -9.99 -17.93
CA SER B 65 -7.42 -9.39 -18.77
C SER B 65 -6.11 -9.23 -17.98
N ASN B 66 -5.71 -10.32 -17.25
CA ASN B 66 -4.46 -10.40 -16.46
C ASN B 66 -4.52 -9.45 -15.25
N PRO B 67 -4.53 -9.97 -13.98
CA PRO B 67 -4.78 -9.13 -12.78
C PRO B 67 -3.77 -7.99 -12.58
N ASP B 68 -2.53 -8.19 -13.09
CA ASP B 68 -1.42 -7.22 -12.96
C ASP B 68 -1.55 -6.06 -13.95
N GLU B 69 -2.58 -6.11 -14.81
CA GLU B 69 -2.93 -5.05 -15.76
C GLU B 69 -4.43 -4.75 -15.66
N ILE B 70 -4.78 -3.47 -15.57
CA ILE B 70 -6.16 -3.02 -15.51
C ILE B 70 -6.32 -1.80 -16.45
N GLU B 71 -7.10 -2.01 -17.50
CA GLU B 71 -7.47 -0.97 -18.46
C GLU B 71 -8.85 -0.46 -18.10
N ILE B 72 -8.92 0.79 -17.58
CA ILE B 72 -10.20 1.40 -17.23
C ILE B 72 -10.73 2.09 -18.49
N ASP B 73 -11.65 1.40 -19.17
CA ASP B 73 -12.27 1.88 -20.39
C ASP B 73 -13.47 2.77 -20.03
N PHE B 74 -13.22 4.07 -19.83
CA PHE B 74 -14.32 5.06 -19.63
C PHE B 74 -15.29 5.08 -20.86
N GLU B 75 -14.74 4.65 -21.99
CA GLU B 75 -15.44 4.51 -23.28
C GLU B 75 -16.47 3.34 -23.30
N THR B 76 -16.30 2.31 -22.43
CA THR B 76 -17.25 1.17 -22.36
C THR B 76 -18.03 1.18 -21.03
N LEU B 77 -17.43 1.80 -19.99
CA LEU B 77 -18.10 2.03 -18.70
C LEU B 77 -19.17 3.10 -18.94
N LYS B 78 -20.44 2.76 -18.64
CA LYS B 78 -21.60 3.66 -18.83
C LYS B 78 -21.41 4.97 -18.02
N PRO B 79 -21.98 6.13 -18.50
CA PRO B 79 -21.80 7.46 -17.84
C PRO B 79 -22.13 7.46 -16.33
N THR B 80 -22.94 6.48 -15.90
CA THR B 80 -23.32 6.26 -14.50
C THR B 80 -22.07 6.00 -13.61
N THR B 81 -21.13 5.17 -14.13
CA THR B 81 -19.86 4.86 -13.47
C THR B 81 -18.90 6.08 -13.49
N LEU B 82 -19.01 6.90 -14.55
CA LEU B 82 -18.23 8.15 -14.68
C LEU B 82 -18.67 9.19 -13.62
N ARG B 83 -19.99 9.21 -13.34
CA ARG B 83 -20.60 10.08 -12.33
C ARG B 83 -20.11 9.72 -10.94
N GLU B 84 -20.30 8.43 -10.55
CA GLU B 84 -19.95 7.94 -9.20
C GLU B 84 -18.43 8.07 -8.96
N LEU B 85 -17.62 7.90 -10.03
CA LEU B 85 -16.15 8.10 -9.98
C LEU B 85 -15.81 9.54 -9.55
N GLU B 86 -16.43 10.50 -10.27
CA GLU B 86 -16.28 11.95 -10.01
C GLU B 86 -16.68 12.29 -8.57
N ARG B 87 -17.92 11.91 -8.19
CA ARG B 87 -18.49 12.23 -6.86
C ARG B 87 -17.62 11.67 -5.72
N TYR B 88 -17.11 10.44 -5.95
CA TYR B 88 -16.32 9.67 -4.97
C TYR B 88 -14.99 10.37 -4.67
N VAL B 89 -14.33 10.87 -5.72
CA VAL B 89 -13.00 11.49 -5.60
C VAL B 89 -13.10 12.96 -5.12
N LYS B 90 -14.02 13.77 -5.70
CA LYS B 90 -14.07 15.24 -5.45
C LYS B 90 -14.55 15.55 -4.02
N SER B 91 -15.48 14.74 -3.50
CA SER B 91 -16.00 14.90 -2.14
C SER B 91 -14.94 14.43 -1.12
N CYS B 92 -14.01 13.56 -1.57
CA CYS B 92 -12.98 12.96 -0.72
C CYS B 92 -11.74 13.86 -0.59
N LEU B 93 -11.29 14.46 -1.72
CA LEU B 93 -10.07 15.28 -1.78
C LEU B 93 -10.26 16.62 -1.08
N GLN B 94 -11.52 17.15 -1.11
CA GLN B 94 -11.96 18.34 -0.34
C GLN B 94 -11.13 19.62 -0.64
N LYS B 95 -10.41 19.61 -1.77
CA LYS B 95 -9.43 20.66 -2.13
C LYS B 95 -9.77 21.22 -3.53
N LYS B 96 -9.33 22.46 -3.78
CA LYS B 96 -9.48 23.12 -5.07
C LYS B 96 -8.68 22.37 -6.17
N HIS A 1 45.70 -5.36 -12.19
CA HIS A 1 46.10 -5.03 -10.82
C HIS A 1 44.87 -4.62 -10.00
N HIS A 2 44.21 -5.61 -9.37
CA HIS A 2 43.10 -5.39 -8.43
C HIS A 2 42.98 -6.56 -7.48
N HIS A 3 42.54 -6.30 -6.25
CA HIS A 3 42.32 -7.33 -5.23
C HIS A 3 40.81 -7.61 -5.12
N HIS A 4 40.31 -8.62 -5.85
CA HIS A 4 38.92 -9.09 -5.71
C HIS A 4 38.88 -10.04 -4.48
N HIS A 5 39.01 -9.41 -3.30
CA HIS A 5 39.08 -10.09 -2.01
C HIS A 5 37.67 -10.50 -1.57
N HIS A 6 37.46 -11.81 -1.42
CA HIS A 6 36.16 -12.38 -1.04
C HIS A 6 35.99 -12.19 0.48
N SER A 7 35.41 -11.04 0.89
CA SER A 7 35.30 -10.68 2.32
C SER A 7 34.13 -11.45 2.98
N HIS A 8 34.52 -12.46 3.78
CA HIS A 8 33.62 -13.29 4.62
C HIS A 8 33.82 -12.93 6.10
N MET A 9 32.77 -13.08 6.91
CA MET A 9 32.86 -12.89 8.37
C MET A 9 32.87 -14.26 9.07
N VAL A 10 33.83 -14.44 9.99
CA VAL A 10 33.91 -15.65 10.84
C VAL A 10 32.76 -15.66 11.87
N GLY A 11 32.15 -16.85 12.05
CA GLY A 11 31.00 -17.02 12.94
C GLY A 11 29.71 -17.28 12.19
N ASP A 12 29.65 -16.83 10.91
CA ASP A 12 28.43 -16.91 10.08
C ASP A 12 28.03 -18.36 9.77
N THR A 13 26.73 -18.59 9.56
CA THR A 13 26.20 -19.84 9.04
C THR A 13 26.11 -19.72 7.51
N VAL A 14 26.98 -20.46 6.81
CA VAL A 14 27.19 -20.35 5.36
C VAL A 14 26.89 -21.68 4.65
N TRP A 15 26.66 -21.60 3.34
CA TRP A 15 26.47 -22.77 2.47
C TRP A 15 27.75 -22.97 1.65
N VAL A 16 28.29 -24.20 1.69
CA VAL A 16 29.51 -24.55 0.94
C VAL A 16 29.13 -25.25 -0.35
N ARG A 17 29.36 -24.56 -1.48
CA ARG A 17 29.09 -25.10 -2.81
C ARG A 17 30.15 -26.16 -3.15
N ARG A 18 29.68 -27.38 -3.46
CA ARG A 18 30.53 -28.53 -3.78
C ARG A 18 31.41 -28.21 -5.00
N HIS A 19 32.73 -28.46 -4.88
CA HIS A 19 33.71 -28.21 -5.95
C HIS A 19 33.45 -29.17 -7.14
N GLN A 20 32.51 -28.78 -8.00
CA GLN A 20 32.12 -29.54 -9.20
C GLN A 20 32.60 -28.82 -10.45
N THR A 21 33.04 -29.59 -11.44
CA THR A 21 33.42 -29.08 -12.76
C THR A 21 32.16 -28.57 -13.52
N LYS A 22 31.85 -27.27 -13.30
CA LYS A 22 30.83 -26.48 -14.02
C LYS A 22 29.36 -26.77 -13.58
N ASN A 23 28.92 -28.05 -13.73
CA ASN A 23 27.48 -28.44 -13.63
C ASN A 23 26.82 -28.01 -12.32
N LEU A 24 25.67 -27.32 -12.46
CA LEU A 24 24.87 -26.76 -11.35
C LEU A 24 24.14 -27.86 -10.53
N GLU A 25 24.22 -29.12 -10.99
CA GLU A 25 23.50 -30.29 -10.41
C GLU A 25 23.73 -30.46 -8.87
N PRO A 26 25.01 -30.52 -8.34
CA PRO A 26 25.24 -30.59 -6.88
C PRO A 26 25.30 -29.19 -6.24
N ARG A 27 24.21 -28.83 -5.54
CA ARG A 27 24.09 -27.54 -4.81
C ARG A 27 24.95 -27.55 -3.54
N TRP A 28 24.99 -26.38 -2.92
CA TRP A 28 25.69 -26.16 -1.64
C TRP A 28 25.01 -26.90 -0.47
N LYS A 29 25.77 -27.10 0.62
CA LYS A 29 25.28 -27.84 1.80
C LYS A 29 25.71 -27.14 3.10
N GLY A 30 25.04 -27.51 4.20
CA GLY A 30 25.24 -26.93 5.51
C GLY A 30 23.89 -26.76 6.24
N PRO A 31 23.59 -25.59 6.91
CA PRO A 31 24.53 -24.45 7.04
C PRO A 31 25.63 -24.71 8.11
N TYR A 32 26.85 -24.29 7.80
CA TYR A 32 28.06 -24.55 8.59
C TYR A 32 28.56 -23.25 9.23
N THR A 33 29.05 -23.34 10.49
CA THR A 33 29.59 -22.18 11.23
C THR A 33 31.05 -21.90 10.80
N VAL A 34 31.34 -20.66 10.35
CA VAL A 34 32.71 -20.28 9.92
C VAL A 34 33.64 -20.22 11.15
N LEU A 35 34.77 -20.93 11.08
CA LEU A 35 35.75 -21.04 12.18
C LEU A 35 37.02 -20.24 11.85
N LEU A 36 37.49 -20.41 10.61
CA LEU A 36 38.73 -19.80 10.10
C LEU A 36 38.41 -19.00 8.84
N THR A 37 39.18 -17.92 8.60
CA THR A 37 39.01 -17.02 7.45
C THR A 37 40.39 -16.61 6.92
N THR A 38 40.66 -16.91 5.64
CA THR A 38 41.85 -16.46 4.91
C THR A 38 41.39 -15.56 3.73
N PRO A 39 42.25 -14.64 3.19
CA PRO A 39 41.85 -13.64 2.13
C PRO A 39 41.03 -14.17 0.92
N THR A 40 41.09 -15.48 0.65
CA THR A 40 40.43 -16.08 -0.54
C THR A 40 39.81 -17.46 -0.22
N ALA A 41 39.80 -17.84 1.07
CA ALA A 41 39.23 -19.12 1.53
C ALA A 41 38.76 -18.98 2.98
N LEU A 42 38.12 -20.03 3.50
CA LEU A 42 37.61 -20.08 4.86
C LEU A 42 37.38 -21.53 5.25
N LYS A 43 37.61 -21.88 6.52
CA LYS A 43 37.32 -23.23 7.01
C LYS A 43 36.10 -23.14 7.92
N VAL A 44 35.15 -24.06 7.74
CA VAL A 44 33.90 -24.08 8.50
C VAL A 44 33.72 -25.44 9.20
N ASP A 45 32.86 -25.45 10.23
CA ASP A 45 32.50 -26.64 11.02
C ASP A 45 31.66 -27.60 10.15
N GLY A 46 31.61 -28.88 10.56
CA GLY A 46 30.75 -29.87 9.92
C GLY A 46 31.40 -30.55 8.72
N ILE A 47 31.81 -29.72 7.73
CA ILE A 47 32.43 -30.19 6.49
C ILE A 47 33.82 -30.80 6.76
N ALA A 48 34.52 -30.26 7.79
CA ALA A 48 35.88 -30.69 8.21
C ALA A 48 36.91 -30.51 7.05
N ALA A 49 36.83 -29.37 6.36
CA ALA A 49 37.64 -29.09 5.15
C ALA A 49 37.82 -27.57 4.95
N TRP A 50 38.86 -27.18 4.20
CA TRP A 50 39.06 -25.80 3.75
C TRP A 50 38.27 -25.56 2.44
N ILE A 51 37.54 -24.44 2.38
CA ILE A 51 36.66 -24.09 1.24
C ILE A 51 37.18 -22.80 0.60
N HIS A 52 37.20 -22.74 -0.74
CA HIS A 52 37.47 -21.49 -1.47
C HIS A 52 36.25 -20.57 -1.35
N ALA A 53 36.49 -19.28 -1.07
CA ALA A 53 35.44 -18.30 -0.75
C ALA A 53 34.58 -17.90 -1.97
N ALA A 54 35.06 -18.25 -3.17
CA ALA A 54 34.28 -18.12 -4.43
C ALA A 54 33.18 -19.21 -4.51
N HIS A 55 33.27 -20.21 -3.63
CA HIS A 55 32.38 -21.38 -3.59
C HIS A 55 31.65 -21.45 -2.23
N VAL A 56 31.35 -20.28 -1.63
CA VAL A 56 30.62 -20.20 -0.35
C VAL A 56 29.68 -18.99 -0.35
N LYS A 57 28.62 -18.99 0.50
CA LYS A 57 27.63 -17.90 0.54
C LYS A 57 26.91 -17.85 1.91
N ALA A 58 26.85 -16.66 2.53
CA ALA A 58 26.21 -16.44 3.84
C ALA A 58 24.68 -16.64 3.77
N ALA A 59 24.15 -17.55 4.62
CA ALA A 59 22.72 -17.88 4.70
C ALA A 59 21.95 -16.79 5.47
N ASP A 60 21.21 -15.96 4.73
CA ASP A 60 20.47 -14.81 5.30
C ASP A 60 19.08 -15.25 5.82
N PRO A 61 18.70 -14.89 7.09
CA PRO A 61 17.33 -15.13 7.61
C PRO A 61 16.28 -14.13 7.07
N GLY A 62 16.77 -13.10 6.35
CA GLY A 62 15.93 -12.07 5.75
C GLY A 62 16.78 -10.90 5.26
N GLY A 63 16.31 -9.67 5.49
CA GLY A 63 17.09 -8.46 5.19
C GLY A 63 16.43 -7.54 4.16
N GLY A 64 15.28 -7.95 3.60
CA GLY A 64 14.56 -7.13 2.62
C GLY A 64 13.06 -7.45 2.56
N PRO A 65 12.27 -7.09 3.62
CA PRO A 65 10.79 -7.31 3.65
C PRO A 65 10.00 -6.15 3.00
N SER A 66 10.63 -5.44 2.05
CA SER A 66 10.06 -4.28 1.38
C SER A 66 9.50 -4.69 0.00
N SER A 67 8.16 -4.84 -0.07
CA SER A 67 7.43 -5.16 -1.30
C SER A 67 5.95 -4.76 -1.15
N ARG A 68 5.64 -3.51 -1.51
CA ARG A 68 4.25 -3.02 -1.63
C ARG A 68 4.01 -2.67 -3.11
N LEU A 69 3.20 -3.50 -3.78
CA LEU A 69 2.93 -3.40 -5.21
C LEU A 69 1.92 -2.28 -5.50
N THR A 70 2.24 -1.45 -6.50
CA THR A 70 1.43 -0.30 -6.94
C THR A 70 1.18 -0.42 -8.46
N TRP A 71 0.29 0.42 -9.00
CA TRP A 71 0.01 0.49 -10.45
C TRP A 71 0.98 1.47 -11.14
N ARG A 72 1.02 1.41 -12.47
CA ARG A 72 1.89 2.29 -13.30
C ARG A 72 1.06 2.77 -14.51
N VAL A 73 1.07 4.08 -14.81
CA VAL A 73 0.36 4.64 -15.98
C VAL A 73 1.29 4.60 -17.21
N GLN A 74 1.05 3.66 -18.14
CA GLN A 74 1.78 3.61 -19.43
C GLN A 74 0.88 4.13 -20.54
N ARG A 75 1.53 4.63 -21.61
CA ARG A 75 0.84 5.17 -22.77
C ARG A 75 0.18 4.03 -23.56
N SER A 76 -1.08 4.24 -23.92
CA SER A 76 -1.88 3.26 -24.65
C SER A 76 -2.64 3.94 -25.79
N GLN A 77 -3.29 3.14 -26.62
CA GLN A 77 -4.31 3.61 -27.55
C GLN A 77 -5.50 4.14 -26.71
N ASN A 78 -5.58 5.47 -26.51
CA ASN A 78 -6.60 6.07 -25.64
C ASN A 78 -7.01 7.48 -26.11
N PRO A 79 -8.32 7.85 -25.95
CA PRO A 79 -8.75 9.26 -26.01
C PRO A 79 -8.57 9.94 -24.62
N LEU A 80 -9.16 9.33 -23.57
CA LEU A 80 -9.09 9.80 -22.17
C LEU A 80 -8.84 8.64 -21.18
N LYS A 81 -8.68 7.41 -21.73
CA LYS A 81 -8.46 6.17 -20.94
C LYS A 81 -6.99 6.06 -20.45
N ILE A 82 -6.73 5.23 -19.43
CA ILE A 82 -5.35 4.95 -18.92
C ILE A 82 -5.07 3.43 -18.90
N ARG A 83 -3.78 3.07 -18.96
CA ARG A 83 -3.31 1.69 -18.79
C ARG A 83 -2.55 1.58 -17.45
N LEU A 84 -3.13 0.85 -16.48
CA LEU A 84 -2.54 0.65 -15.15
C LEU A 84 -1.96 -0.77 -15.05
N THR A 85 -0.62 -0.88 -15.08
CA THR A 85 0.08 -2.18 -15.01
C THR A 85 0.65 -2.39 -13.61
N ARG A 86 1.09 -3.62 -13.32
CA ARG A 86 1.77 -3.96 -12.07
C ARG A 86 3.19 -3.38 -12.06
N GLU A 87 3.52 -2.66 -10.99
CA GLU A 87 4.86 -2.12 -10.77
C GLU A 87 5.69 -3.11 -9.94
N ALA A 88 6.96 -3.24 -10.33
CA ALA A 88 7.97 -4.03 -9.59
C ALA A 88 8.63 -3.14 -8.50
N PRO A 89 9.15 -3.74 -7.37
CA PRO A 89 9.78 -2.95 -6.25
C PRO A 89 10.85 -1.94 -6.75
N HIS B 1 -9.53 -11.00 33.51
CA HIS B 1 -10.08 -10.77 32.15
C HIS B 1 -11.35 -11.59 31.95
N HIS B 2 -12.38 -10.94 31.37
CA HIS B 2 -13.61 -11.58 30.89
C HIS B 2 -13.88 -11.12 29.45
N HIS B 3 -14.84 -11.77 28.80
CA HIS B 3 -15.32 -11.40 27.45
C HIS B 3 -16.76 -11.92 27.27
N HIS B 4 -17.49 -12.00 28.41
CA HIS B 4 -18.86 -12.54 28.46
C HIS B 4 -19.84 -11.51 27.86
N HIS B 5 -19.97 -11.56 26.51
CA HIS B 5 -20.90 -10.72 25.74
C HIS B 5 -21.08 -11.32 24.34
N HIS B 6 -22.36 -11.56 23.95
CA HIS B 6 -22.76 -12.05 22.61
C HIS B 6 -24.15 -11.47 22.31
N SER B 7 -24.32 -10.85 21.13
CA SER B 7 -25.59 -10.19 20.76
C SER B 7 -25.80 -10.20 19.24
N HIS B 8 -26.97 -10.73 18.83
CA HIS B 8 -27.42 -10.81 17.44
C HIS B 8 -28.97 -10.77 17.43
N MET B 9 -29.55 -9.81 16.70
CA MET B 9 -31.02 -9.66 16.58
C MET B 9 -31.36 -8.62 15.48
N GLY B 10 -32.07 -9.07 14.43
CA GLY B 10 -32.56 -8.16 13.38
C GLY B 10 -32.75 -8.88 12.04
N LYS B 11 -34.01 -8.97 11.55
CA LYS B 11 -34.33 -9.62 10.26
C LYS B 11 -35.46 -8.84 9.52
N GLN B 12 -35.05 -7.77 8.84
CA GLN B 12 -35.97 -6.86 8.12
C GLN B 12 -35.17 -5.94 7.18
N ALA B 13 -35.39 -6.10 5.87
CA ALA B 13 -34.65 -5.39 4.81
C ALA B 13 -35.48 -5.37 3.52
N SER B 14 -36.04 -4.20 3.22
CA SER B 14 -36.82 -3.95 2.01
C SER B 14 -36.68 -2.46 1.64
N ALA B 15 -35.76 -2.18 0.69
CA ALA B 15 -35.47 -0.81 0.24
C ALA B 15 -36.60 -0.29 -0.65
N SER B 16 -37.62 0.32 0.01
CA SER B 16 -38.73 1.00 -0.67
C SER B 16 -38.17 2.17 -1.50
N TYR B 17 -38.09 1.94 -2.83
CA TYR B 17 -37.36 2.79 -3.78
C TYR B 17 -37.79 4.27 -3.72
N ASP B 18 -36.81 5.16 -3.95
CA ASP B 18 -36.98 6.63 -3.90
C ASP B 18 -38.04 7.10 -4.91
N SER B 19 -37.77 6.80 -6.18
CA SER B 19 -38.67 7.07 -7.31
C SER B 19 -38.49 5.96 -8.35
N GLU B 20 -39.33 6.00 -9.39
CA GLU B 20 -39.30 5.06 -10.54
C GLU B 20 -37.87 4.86 -11.08
N GLU B 21 -37.25 5.96 -11.57
CA GLU B 21 -35.89 5.97 -12.15
C GLU B 21 -35.84 5.05 -13.38
N GLU B 22 -36.42 5.56 -14.47
CA GLU B 22 -36.55 4.83 -15.75
C GLU B 22 -35.22 4.79 -16.49
N GLU B 23 -34.41 5.85 -16.28
CA GLU B 23 -33.01 5.89 -16.69
C GLU B 23 -32.16 5.08 -15.69
N GLU B 24 -30.96 4.69 -16.13
CA GLU B 24 -29.98 4.01 -15.26
C GLU B 24 -29.22 5.05 -14.38
N GLY B 25 -29.09 6.28 -14.91
CA GLY B 25 -28.35 7.35 -14.25
C GLY B 25 -27.34 7.97 -15.20
N LEU B 26 -27.82 8.91 -16.05
CA LEU B 26 -26.98 9.62 -17.05
C LEU B 26 -27.15 11.18 -16.99
N PRO B 27 -26.91 11.86 -15.80
CA PRO B 27 -26.98 13.34 -15.71
C PRO B 27 -25.61 14.01 -16.00
N MET B 28 -24.77 13.33 -16.81
CA MET B 28 -23.41 13.77 -17.16
C MET B 28 -23.11 13.40 -18.63
N SER B 29 -22.27 14.20 -19.30
CA SER B 29 -21.93 14.02 -20.73
C SER B 29 -20.51 13.46 -20.89
N TYR B 30 -20.13 13.19 -22.15
CA TYR B 30 -18.78 12.75 -22.53
C TYR B 30 -17.73 13.84 -22.26
N ASP B 31 -18.18 15.12 -22.25
CA ASP B 31 -17.36 16.29 -21.86
C ASP B 31 -16.95 16.18 -20.38
N GLU B 32 -17.93 15.75 -19.54
CA GLU B 32 -17.71 15.53 -18.10
C GLU B 32 -16.77 14.34 -17.89
N LYS B 33 -16.93 13.28 -18.73
CA LYS B 33 -16.09 12.07 -18.72
C LYS B 33 -14.63 12.42 -19.04
N ARG B 34 -14.44 13.27 -20.06
CA ARG B 34 -13.13 13.81 -20.47
C ARG B 34 -12.47 14.57 -19.30
N GLN B 35 -13.28 15.48 -18.71
CA GLN B 35 -12.85 16.37 -17.63
C GLN B 35 -12.34 15.59 -16.41
N LEU B 36 -13.15 14.62 -15.94
CA LEU B 36 -12.80 13.85 -14.74
C LEU B 36 -11.58 12.94 -14.99
N SER B 37 -11.46 12.39 -16.22
CA SER B 37 -10.38 11.45 -16.54
C SER B 37 -8.98 12.10 -16.40
N LEU B 38 -8.83 13.33 -16.90
CA LEU B 38 -7.56 14.09 -16.81
C LEU B 38 -7.36 14.65 -15.37
N ASP B 39 -8.47 15.12 -14.77
CA ASP B 39 -8.49 15.79 -13.44
C ASP B 39 -8.08 14.83 -12.32
N ILE B 40 -8.55 13.59 -12.45
CA ILE B 40 -8.25 12.49 -11.50
C ILE B 40 -6.84 11.94 -11.79
N ASN B 41 -6.47 11.91 -13.10
CA ASN B 41 -5.12 11.52 -13.58
C ASN B 41 -4.02 12.43 -12.97
N ARG B 42 -4.39 13.69 -12.61
CA ARG B 42 -3.47 14.65 -11.96
C ARG B 42 -3.05 14.19 -10.53
N LEU B 43 -3.79 13.21 -9.97
CA LEU B 43 -3.44 12.53 -8.70
C LEU B 43 -2.52 11.31 -9.01
N PRO B 44 -1.63 10.89 -8.06
CA PRO B 44 -0.67 9.78 -8.27
C PRO B 44 -1.23 8.41 -7.78
N GLY B 45 -0.66 7.83 -6.68
CA GLY B 45 -1.03 6.48 -6.18
C GLY B 45 -2.48 6.34 -5.76
N GLU B 46 -3.10 7.47 -5.35
CA GLU B 46 -4.52 7.51 -4.97
C GLU B 46 -5.44 7.38 -6.21
N LYS B 47 -5.01 7.95 -7.35
CA LYS B 47 -5.71 7.76 -8.65
C LYS B 47 -5.73 6.27 -9.00
N LEU B 48 -4.54 5.66 -8.89
CA LEU B 48 -4.30 4.25 -9.24
C LEU B 48 -5.26 3.33 -8.46
N GLY B 49 -5.24 3.49 -7.12
CA GLY B 49 -6.02 2.65 -6.20
C GLY B 49 -7.52 2.84 -6.34
N ARG B 50 -7.96 4.11 -6.50
CA ARG B 50 -9.41 4.46 -6.52
C ARG B 50 -10.08 4.04 -7.82
N VAL B 51 -9.42 4.34 -8.96
CA VAL B 51 -9.95 4.02 -10.29
C VAL B 51 -10.12 2.51 -10.46
N VAL B 52 -9.09 1.71 -10.04
CA VAL B 52 -9.19 0.24 -10.10
C VAL B 52 -10.21 -0.31 -9.08
N HIS B 53 -10.35 0.35 -7.92
CA HIS B 53 -11.27 -0.10 -6.85
C HIS B 53 -12.74 -0.02 -7.32
N ILE B 54 -13.09 1.10 -8.01
CA ILE B 54 -14.45 1.36 -8.49
C ILE B 54 -14.83 0.43 -9.67
N ILE B 55 -13.95 0.35 -10.70
CA ILE B 55 -14.24 -0.49 -11.90
C ILE B 55 -14.35 -1.98 -11.51
N GLN B 56 -13.43 -2.48 -10.64
CA GLN B 56 -13.42 -3.90 -10.25
C GLN B 56 -14.54 -4.22 -9.23
N SER B 57 -15.07 -3.17 -8.56
CA SER B 57 -16.26 -3.28 -7.70
C SER B 57 -17.53 -3.48 -8.55
N ARG B 58 -17.58 -2.76 -9.68
CA ARG B 58 -18.76 -2.76 -10.59
C ARG B 58 -18.70 -3.93 -11.59
N GLU B 59 -17.47 -4.40 -11.87
CA GLU B 59 -17.20 -5.51 -12.81
C GLU B 59 -15.72 -5.92 -12.68
N PRO B 60 -15.40 -7.12 -12.12
CA PRO B 60 -14.02 -7.63 -12.09
C PRO B 60 -13.52 -7.96 -13.52
N SER B 61 -12.37 -7.39 -13.89
CA SER B 61 -11.77 -7.52 -15.24
C SER B 61 -10.54 -8.42 -15.22
N LEU B 62 -9.52 -8.00 -14.43
CA LEU B 62 -8.16 -8.58 -14.46
C LEU B 62 -8.11 -10.03 -13.91
N ARG B 63 -9.13 -10.41 -13.09
CA ARG B 63 -9.20 -11.75 -12.45
C ARG B 63 -9.39 -12.88 -13.51
N ASP B 64 -9.94 -12.48 -14.67
CA ASP B 64 -10.26 -13.39 -15.78
C ASP B 64 -8.98 -13.74 -16.56
N SER B 65 -8.19 -12.71 -16.86
CA SER B 65 -6.98 -12.83 -17.68
C SER B 65 -5.97 -11.73 -17.30
N ASN B 66 -4.75 -12.16 -16.90
CA ASN B 66 -3.60 -11.28 -16.62
C ASN B 66 -3.94 -10.29 -15.46
N PRO B 67 -3.86 -10.75 -14.17
CA PRO B 67 -4.32 -9.95 -13.01
C PRO B 67 -3.37 -8.80 -12.63
N ASP B 68 -2.21 -8.76 -13.29
CA ASP B 68 -1.19 -7.73 -13.08
C ASP B 68 -1.49 -6.45 -13.84
N GLU B 69 -2.30 -6.52 -14.91
CA GLU B 69 -2.65 -5.34 -15.74
C GLU B 69 -4.17 -5.15 -15.80
N ILE B 70 -4.57 -3.88 -15.88
CA ILE B 70 -5.95 -3.45 -16.03
C ILE B 70 -5.97 -2.17 -16.89
N GLU B 71 -6.87 -2.12 -17.86
CA GLU B 71 -7.12 -0.91 -18.66
C GLU B 71 -8.57 -0.48 -18.44
N ILE B 72 -8.75 0.72 -17.89
CA ILE B 72 -10.07 1.25 -17.59
C ILE B 72 -10.51 2.12 -18.78
N ASP B 73 -11.39 1.54 -19.61
CA ASP B 73 -11.93 2.15 -20.82
C ASP B 73 -13.18 2.95 -20.44
N PHE B 74 -12.98 4.20 -19.97
CA PHE B 74 -14.08 5.05 -19.45
C PHE B 74 -15.16 5.32 -20.52
N GLU B 75 -14.71 5.47 -21.78
CA GLU B 75 -15.57 5.85 -22.91
C GLU B 75 -16.65 4.77 -23.22
N THR B 76 -16.30 3.47 -23.04
CA THR B 76 -17.24 2.35 -23.24
C THR B 76 -18.01 2.06 -21.94
N LEU B 77 -17.42 2.47 -20.79
CA LEU B 77 -18.11 2.44 -19.48
C LEU B 77 -19.28 3.43 -19.48
N LYS B 78 -20.39 3.00 -18.87
CA LYS B 78 -21.66 3.75 -18.86
C LYS B 78 -21.57 5.02 -18.00
N PRO B 79 -22.40 6.10 -18.30
CA PRO B 79 -22.40 7.36 -17.52
C PRO B 79 -22.68 7.17 -16.02
N THR B 80 -23.22 5.99 -15.64
CA THR B 80 -23.45 5.61 -14.23
C THR B 80 -22.14 5.53 -13.43
N THR B 81 -21.19 4.72 -13.93
CA THR B 81 -19.89 4.47 -13.28
C THR B 81 -19.04 5.75 -13.25
N LEU B 82 -19.18 6.57 -14.31
CA LEU B 82 -18.44 7.84 -14.46
C LEU B 82 -19.02 8.94 -13.56
N ARG B 83 -20.34 8.94 -13.38
CA ARG B 83 -21.03 9.93 -12.53
C ARG B 83 -20.73 9.61 -11.06
N GLU B 84 -20.68 8.31 -10.72
CA GLU B 84 -20.34 7.83 -9.37
C GLU B 84 -18.88 8.18 -9.03
N LEU B 85 -18.00 7.95 -10.02
CA LEU B 85 -16.58 8.31 -9.97
C LEU B 85 -16.43 9.83 -9.71
N GLU B 86 -17.27 10.62 -10.41
CA GLU B 86 -17.35 12.08 -10.24
C GLU B 86 -17.73 12.44 -8.79
N ARG B 87 -18.84 11.83 -8.27
CA ARG B 87 -19.38 12.15 -6.92
C ARG B 87 -18.32 11.98 -5.85
N TYR B 88 -17.67 10.80 -5.91
CA TYR B 88 -16.65 10.38 -4.95
C TYR B 88 -15.45 11.36 -4.97
N VAL B 89 -14.84 11.54 -6.16
CA VAL B 89 -13.56 12.28 -6.29
C VAL B 89 -13.74 13.77 -5.96
N LYS B 90 -14.83 14.40 -6.46
CA LYS B 90 -15.07 15.86 -6.27
C LYS B 90 -15.35 16.17 -4.79
N SER B 91 -15.99 15.20 -4.10
CA SER B 91 -16.21 15.25 -2.65
C SER B 91 -14.91 14.96 -1.88
N CYS B 92 -14.00 14.19 -2.50
CA CYS B 92 -12.75 13.70 -1.85
C CYS B 92 -11.74 14.84 -1.63
N LEU B 93 -11.57 15.72 -2.64
CA LEU B 93 -10.67 16.92 -2.53
C LEU B 93 -11.49 18.22 -2.31
N GLN B 94 -12.83 18.11 -2.46
CA GLN B 94 -13.80 19.20 -2.23
C GLN B 94 -13.58 20.37 -3.23
N LYS B 95 -13.11 20.00 -4.44
CA LYS B 95 -12.73 20.94 -5.51
C LYS B 95 -13.09 20.33 -6.87
N LYS B 96 -13.27 21.19 -7.87
CA LYS B 96 -13.53 20.78 -9.25
C LYS B 96 -12.99 21.90 -10.19
N HIS A 1 50.96 -18.29 8.51
CA HIS A 1 50.76 -17.11 9.36
C HIS A 1 49.68 -16.21 8.73
N HIS A 2 48.61 -15.92 9.49
CA HIS A 2 47.56 -14.99 9.08
C HIS A 2 46.71 -14.58 10.30
N HIS A 3 46.22 -13.34 10.29
CA HIS A 3 45.34 -12.80 11.34
C HIS A 3 44.41 -11.76 10.73
N HIS A 4 43.13 -11.81 11.11
CA HIS A 4 42.10 -10.87 10.64
C HIS A 4 41.95 -9.73 11.66
N HIS A 5 42.11 -8.48 11.19
CA HIS A 5 41.89 -7.28 12.02
C HIS A 5 40.39 -7.16 12.29
N HIS A 6 39.98 -7.63 13.47
CA HIS A 6 38.57 -7.65 13.87
C HIS A 6 38.09 -6.21 14.13
N SER A 7 37.34 -5.66 13.15
CA SER A 7 36.86 -4.27 13.24
C SER A 7 35.72 -4.19 14.27
N HIS A 8 36.06 -3.65 15.43
CA HIS A 8 35.13 -3.25 16.49
C HIS A 8 35.09 -1.73 16.57
N MET A 9 33.90 -1.14 16.56
CA MET A 9 33.72 0.31 16.75
C MET A 9 33.70 0.60 18.27
N VAL A 10 34.55 1.55 18.71
CA VAL A 10 34.48 2.08 20.09
C VAL A 10 33.31 3.07 20.20
N GLY A 11 32.55 2.99 21.31
CA GLY A 11 31.31 3.75 21.50
C GLY A 11 30.09 2.99 20.99
N ASP A 12 30.31 1.76 20.49
CA ASP A 12 29.27 0.91 19.88
C ASP A 12 28.57 0.02 20.95
N THR A 13 27.39 -0.51 20.59
CA THR A 13 26.65 -1.45 21.43
C THR A 13 26.96 -2.88 20.96
N VAL A 14 27.47 -3.73 21.87
CA VAL A 14 27.92 -5.11 21.52
C VAL A 14 27.43 -6.15 22.57
N TRP A 15 27.70 -7.43 22.30
CA TRP A 15 27.42 -8.56 23.20
C TRP A 15 28.75 -9.27 23.51
N VAL A 16 28.97 -9.64 24.78
CA VAL A 16 30.17 -10.38 25.20
C VAL A 16 29.84 -11.87 25.38
N ARG A 17 30.35 -12.70 24.47
CA ARG A 17 30.14 -14.16 24.47
C ARG A 17 31.16 -14.82 25.42
N ARG A 18 30.65 -15.73 26.28
CA ARG A 18 31.47 -16.51 27.23
C ARG A 18 32.59 -17.29 26.51
N HIS A 19 33.82 -17.15 27.04
CA HIS A 19 35.00 -17.86 26.54
C HIS A 19 35.17 -19.19 27.31
N GLN A 20 35.32 -20.29 26.55
CA GLN A 20 35.53 -21.66 27.08
C GLN A 20 35.73 -22.61 25.88
N THR A 21 34.62 -22.88 25.17
CA THR A 21 34.55 -23.84 24.05
C THR A 21 33.40 -23.39 23.11
N LYS A 22 33.52 -23.68 21.80
CA LYS A 22 32.47 -23.38 20.81
C LYS A 22 31.31 -24.42 20.92
N ASN A 23 30.42 -24.17 21.90
CA ASN A 23 29.20 -24.97 22.12
C ASN A 23 28.00 -24.02 22.22
N LEU A 24 26.80 -24.61 22.32
CA LEU A 24 25.54 -23.84 22.56
C LEU A 24 25.40 -23.46 24.06
N GLU A 25 26.23 -24.13 24.91
CA GLU A 25 26.19 -23.99 26.39
C GLU A 25 26.75 -22.61 26.89
N PRO A 26 27.93 -22.09 26.36
CA PRO A 26 28.36 -20.68 26.63
C PRO A 26 27.30 -19.67 26.14
N ARG A 27 26.80 -18.83 27.05
CA ARG A 27 25.84 -17.78 26.75
C ARG A 27 26.57 -16.42 26.71
N TRP A 28 25.87 -15.34 26.31
CA TRP A 28 26.45 -13.98 26.35
C TRP A 28 25.68 -13.04 27.28
N LYS A 29 26.36 -11.98 27.71
CA LYS A 29 25.80 -10.89 28.52
C LYS A 29 25.93 -9.58 27.71
N GLY A 30 25.16 -8.57 28.11
CA GLY A 30 25.16 -7.26 27.43
C GLY A 30 23.77 -6.63 27.41
N PRO A 31 23.47 -5.70 26.46
CA PRO A 31 24.46 -5.10 25.53
C PRO A 31 25.30 -3.99 26.22
N TYR A 32 26.54 -3.80 25.76
CA TYR A 32 27.53 -2.93 26.47
C TYR A 32 28.18 -1.94 25.51
N THR A 33 28.51 -0.74 26.03
CA THR A 33 29.23 0.30 25.30
C THR A 33 30.74 -0.01 25.29
N VAL A 34 31.33 -0.17 24.09
CA VAL A 34 32.78 -0.36 23.93
C VAL A 34 33.52 0.90 24.44
N LEU A 35 34.30 0.74 25.51
CA LEU A 35 35.05 1.84 26.14
C LEU A 35 36.49 1.94 25.59
N LEU A 36 37.08 0.77 25.24
CA LEU A 36 38.49 0.64 24.81
C LEU A 36 38.57 -0.32 23.61
N THR A 37 39.57 -0.11 22.72
CA THR A 37 39.81 -0.97 21.54
C THR A 37 41.33 -1.18 21.35
N THR A 38 41.69 -2.44 21.01
CA THR A 38 43.06 -2.85 20.61
C THR A 38 42.91 -3.67 19.29
N PRO A 39 43.98 -3.87 18.42
CA PRO A 39 43.83 -4.49 17.05
C PRO A 39 43.10 -5.87 16.96
N THR A 40 42.95 -6.56 18.11
CA THR A 40 42.36 -7.91 18.15
C THR A 40 41.37 -8.08 19.33
N ALA A 41 41.40 -7.15 20.31
CA ALA A 41 40.56 -7.22 21.52
C ALA A 41 39.90 -5.86 21.79
N LEU A 42 39.03 -5.80 22.81
CA LEU A 42 38.33 -4.57 23.20
C LEU A 42 37.82 -4.71 24.64
N LYS A 43 37.68 -3.60 25.36
CA LYS A 43 37.08 -3.58 26.69
C LYS A 43 35.75 -2.83 26.62
N VAL A 44 34.70 -3.36 27.25
CA VAL A 44 33.34 -2.76 27.22
C VAL A 44 32.89 -2.39 28.64
N ASP A 45 31.76 -1.68 28.74
CA ASP A 45 31.20 -1.20 30.01
C ASP A 45 30.56 -2.37 30.79
N GLY A 46 30.51 -2.27 32.13
CA GLY A 46 29.76 -3.23 32.97
C GLY A 46 30.57 -4.46 33.41
N ILE A 47 31.22 -5.11 32.42
CA ILE A 47 31.83 -6.44 32.59
C ILE A 47 33.08 -6.41 33.52
N ALA A 48 33.83 -5.28 33.49
CA ALA A 48 35.07 -5.08 34.28
C ALA A 48 36.17 -6.11 33.88
N ALA A 49 36.31 -6.36 32.56
CA ALA A 49 37.28 -7.32 31.99
C ALA A 49 37.53 -7.02 30.50
N TRP A 50 38.72 -7.40 29.99
CA TRP A 50 39.04 -7.33 28.55
C TRP A 50 38.50 -8.59 27.82
N ILE A 51 37.96 -8.39 26.61
CA ILE A 51 37.32 -9.46 25.81
C ILE A 51 38.02 -9.54 24.43
N HIS A 52 38.18 -10.76 23.88
CA HIS A 52 38.63 -10.97 22.50
C HIS A 52 37.45 -10.70 21.55
N ALA A 53 37.74 -10.00 20.44
CA ALA A 53 36.72 -9.53 19.47
C ALA A 53 36.00 -10.69 18.76
N ALA A 54 36.68 -11.86 18.69
CA ALA A 54 36.11 -13.10 18.15
C ALA A 54 34.89 -13.56 18.98
N HIS A 55 34.92 -13.26 20.29
CA HIS A 55 33.83 -13.58 21.26
C HIS A 55 32.96 -12.33 21.51
N VAL A 56 32.81 -11.46 20.50
CA VAL A 56 32.02 -10.21 20.65
C VAL A 56 31.22 -9.97 19.37
N LYS A 57 29.95 -9.59 19.54
CA LYS A 57 29.00 -9.42 18.42
C LYS A 57 28.39 -8.01 18.50
N ALA A 58 28.57 -7.19 17.45
CA ALA A 58 28.03 -5.83 17.39
C ALA A 58 26.50 -5.88 17.23
N ALA A 59 25.80 -5.38 18.27
CA ALA A 59 24.32 -5.39 18.35
C ALA A 59 23.69 -4.48 17.28
N ASP A 60 23.47 -5.04 16.08
CA ASP A 60 22.79 -4.36 14.97
C ASP A 60 21.26 -4.37 15.21
N PRO A 61 20.58 -3.19 15.31
CA PRO A 61 19.09 -3.13 15.42
C PRO A 61 18.40 -3.56 14.10
N GLY A 62 18.75 -2.86 12.99
CA GLY A 62 18.20 -3.12 11.67
C GLY A 62 16.76 -2.62 11.50
N GLY A 63 16.06 -3.17 10.49
CA GLY A 63 14.65 -2.83 10.21
C GLY A 63 14.49 -2.14 8.85
N GLY A 64 13.23 -1.81 8.50
CA GLY A 64 12.90 -1.12 7.24
C GLY A 64 11.57 -1.55 6.64
N PRO A 65 10.40 -1.03 7.15
CA PRO A 65 9.05 -1.39 6.63
C PRO A 65 8.76 -0.73 5.24
N SER A 66 9.34 -1.29 4.16
CA SER A 66 9.21 -0.74 2.79
C SER A 66 9.08 -1.91 1.78
N SER A 67 7.85 -2.07 1.22
CA SER A 67 7.51 -3.09 0.21
C SER A 67 6.07 -2.83 -0.27
N ARG A 68 5.92 -2.15 -1.41
CA ARG A 68 4.60 -1.85 -2.01
C ARG A 68 4.76 -1.65 -3.52
N LEU A 69 3.70 -2.02 -4.29
CA LEU A 69 3.62 -1.79 -5.75
C LEU A 69 2.55 -0.74 -6.06
N THR A 70 2.43 -0.40 -7.35
CA THR A 70 1.46 0.58 -7.84
C THR A 70 1.11 0.29 -9.31
N TRP A 71 0.07 0.96 -9.81
CA TRP A 71 -0.33 0.90 -11.21
C TRP A 71 0.40 2.02 -12.00
N ARG A 72 0.90 1.67 -13.19
CA ARG A 72 1.55 2.62 -14.10
C ARG A 72 0.54 3.06 -15.17
N VAL A 73 0.41 4.39 -15.38
CA VAL A 73 -0.52 4.96 -16.37
C VAL A 73 0.18 4.99 -17.75
N GLN A 74 -0.31 4.14 -18.67
CA GLN A 74 0.08 4.20 -20.10
C GLN A 74 -1.11 4.72 -20.89
N ARG A 75 -1.06 6.01 -21.24
CA ARG A 75 -2.06 6.63 -22.12
C ARG A 75 -1.94 5.99 -23.52
N SER A 76 -3.00 5.30 -23.93
CA SER A 76 -3.06 4.57 -25.19
C SER A 76 -3.50 5.55 -26.32
N GLN A 77 -3.51 5.06 -27.58
CA GLN A 77 -3.99 5.83 -28.76
C GLN A 77 -5.54 5.98 -28.73
N ASN A 78 -6.00 6.70 -27.70
CA ASN A 78 -7.41 6.81 -27.30
C ASN A 78 -7.71 8.27 -26.92
N PRO A 79 -8.99 8.74 -27.09
CA PRO A 79 -9.38 10.14 -26.78
C PRO A 79 -9.20 10.52 -25.29
N LEU A 80 -9.40 9.52 -24.38
CA LEU A 80 -9.32 9.75 -22.92
C LEU A 80 -9.21 8.44 -22.08
N LYS A 81 -8.93 7.29 -22.75
CA LYS A 81 -8.77 5.98 -22.08
C LYS A 81 -7.28 5.73 -21.77
N ILE A 82 -7.01 5.10 -20.59
CA ILE A 82 -5.63 4.73 -20.16
C ILE A 82 -5.56 3.19 -19.90
N ARG A 83 -4.33 2.71 -19.71
CA ARG A 83 -4.05 1.30 -19.39
C ARG A 83 -3.09 1.25 -18.19
N LEU A 84 -3.60 0.73 -17.05
CA LEU A 84 -2.81 0.57 -15.82
C LEU A 84 -2.10 -0.80 -15.83
N THR A 85 -0.78 -0.81 -15.54
CA THR A 85 0.06 -2.03 -15.54
C THR A 85 0.70 -2.23 -14.16
N ARG A 86 1.02 -3.49 -13.80
CA ARG A 86 1.61 -3.84 -12.49
C ARG A 86 3.10 -3.45 -12.49
N GLU A 87 3.41 -2.30 -11.86
CA GLU A 87 4.76 -1.75 -11.81
C GLU A 87 5.58 -2.42 -10.67
N ALA A 88 6.83 -2.78 -11.00
CA ALA A 88 7.80 -3.39 -10.05
C ALA A 88 8.57 -2.28 -9.28
N PRO A 89 9.33 -2.62 -8.17
CA PRO A 89 10.18 -1.63 -7.45
C PRO A 89 11.43 -1.24 -8.30
N HIS B 1 -32.83 24.09 43.78
CA HIS B 1 -32.21 25.42 43.96
C HIS B 1 -32.53 26.30 42.74
N HIS B 2 -32.15 25.81 41.54
CA HIS B 2 -32.61 26.34 40.23
C HIS B 2 -32.74 25.17 39.23
N HIS B 3 -33.63 25.32 38.24
CA HIS B 3 -33.94 24.27 37.26
C HIS B 3 -34.03 24.89 35.85
N HIS B 4 -32.94 24.73 35.06
CA HIS B 4 -32.84 25.28 33.69
C HIS B 4 -31.72 24.56 32.91
N HIS B 5 -32.11 23.50 32.18
CA HIS B 5 -31.22 22.75 31.29
C HIS B 5 -32.07 21.95 30.28
N HIS B 6 -32.01 22.33 28.99
CA HIS B 6 -32.75 21.63 27.93
C HIS B 6 -32.01 21.84 26.58
N SER B 7 -31.50 20.74 25.99
CA SER B 7 -30.75 20.76 24.72
C SER B 7 -31.26 19.63 23.79
N HIS B 8 -32.36 19.92 23.07
CA HIS B 8 -33.04 18.94 22.18
C HIS B 8 -33.10 19.50 20.74
N MET B 9 -32.68 18.67 19.76
CA MET B 9 -32.52 19.07 18.36
C MET B 9 -32.58 17.84 17.43
N GLY B 10 -32.23 18.03 16.14
CA GLY B 10 -32.15 16.93 15.17
C GLY B 10 -33.52 16.55 14.60
N LYS B 11 -34.06 17.42 13.74
CA LYS B 11 -35.34 17.17 13.01
C LYS B 11 -35.12 17.23 11.49
N GLN B 12 -33.84 17.25 11.06
CA GLN B 12 -33.47 17.43 9.65
C GLN B 12 -33.39 16.07 8.93
N ALA B 13 -34.31 15.86 7.98
CA ALA B 13 -34.37 14.64 7.14
C ALA B 13 -35.28 14.90 5.93
N SER B 14 -34.79 14.52 4.74
CA SER B 14 -35.53 14.70 3.47
C SER B 14 -34.94 13.76 2.39
N ALA B 15 -35.81 12.95 1.76
CA ALA B 15 -35.41 11.98 0.72
C ALA B 15 -36.49 11.90 -0.37
N SER B 16 -36.15 12.41 -1.57
CA SER B 16 -36.99 12.34 -2.78
C SER B 16 -36.12 12.66 -4.01
N TYR B 17 -36.63 12.32 -5.22
CA TYR B 17 -35.90 12.55 -6.47
C TYR B 17 -35.82 14.06 -6.78
N ASP B 18 -34.65 14.52 -7.26
CA ASP B 18 -34.46 15.89 -7.79
C ASP B 18 -35.23 16.05 -9.10
N SER B 19 -34.93 15.12 -10.01
CA SER B 19 -35.61 14.96 -11.30
C SER B 19 -35.69 13.45 -11.56
N GLU B 20 -36.87 13.01 -12.05
CA GLU B 20 -37.23 11.58 -12.28
C GLU B 20 -36.07 10.76 -12.87
N GLU B 21 -35.55 11.25 -14.01
CA GLU B 21 -34.43 10.65 -14.74
C GLU B 21 -34.79 9.22 -15.17
N GLU B 22 -35.52 9.13 -16.28
CA GLU B 22 -36.06 7.87 -16.81
C GLU B 22 -34.93 6.94 -17.29
N GLU B 23 -33.82 7.55 -17.72
CA GLU B 23 -32.58 6.82 -18.09
C GLU B 23 -31.75 6.49 -16.83
N GLU B 24 -30.65 5.75 -17.03
CA GLU B 24 -29.81 5.22 -15.93
C GLU B 24 -29.10 6.35 -15.14
N GLY B 25 -28.61 7.37 -15.88
CA GLY B 25 -27.84 8.46 -15.28
C GLY B 25 -26.68 8.84 -16.16
N LEU B 26 -26.90 9.82 -17.05
CA LEU B 26 -25.87 10.35 -17.98
C LEU B 26 -25.83 11.91 -17.91
N PRO B 27 -25.36 12.52 -16.77
CA PRO B 27 -25.28 14.00 -16.63
C PRO B 27 -23.98 14.60 -17.22
N MET B 28 -23.38 13.85 -18.16
CA MET B 28 -22.06 14.15 -18.74
C MET B 28 -22.02 13.68 -20.19
N SER B 29 -21.29 14.43 -21.01
CA SER B 29 -21.00 14.08 -22.41
C SER B 29 -19.48 13.85 -22.56
N TYR B 30 -19.05 13.56 -23.81
CA TYR B 30 -17.65 13.30 -24.20
C TYR B 30 -16.65 14.34 -23.64
N ASP B 31 -17.12 15.60 -23.53
CA ASP B 31 -16.34 16.74 -23.01
C ASP B 31 -15.96 16.51 -21.52
N GLU B 32 -17.00 16.21 -20.71
CA GLU B 32 -16.86 15.97 -19.26
C GLU B 32 -16.05 14.70 -18.99
N LYS B 33 -16.15 13.72 -19.90
CA LYS B 33 -15.45 12.43 -19.77
C LYS B 33 -13.94 12.61 -19.93
N ARG B 34 -13.54 13.46 -20.91
CA ARG B 34 -12.12 13.82 -21.12
C ARG B 34 -11.59 14.62 -19.92
N GLN B 35 -12.48 15.42 -19.29
CA GLN B 35 -12.11 16.23 -18.11
C GLN B 35 -11.84 15.35 -16.88
N LEU B 36 -12.77 14.43 -16.53
CA LEU B 36 -12.62 13.59 -15.32
C LEU B 36 -11.41 12.64 -15.46
N SER B 37 -11.13 12.18 -16.70
CA SER B 37 -10.03 11.23 -16.96
C SER B 37 -8.64 11.89 -16.73
N LEU B 38 -8.35 13.05 -17.38
CA LEU B 38 -7.00 13.67 -17.30
C LEU B 38 -6.79 14.33 -15.92
N ASP B 39 -7.88 14.83 -15.30
CA ASP B 39 -7.86 15.54 -14.01
C ASP B 39 -7.46 14.59 -12.88
N ILE B 40 -8.13 13.42 -12.85
CA ILE B 40 -7.81 12.34 -11.91
C ILE B 40 -6.41 11.78 -12.22
N ASN B 41 -6.04 11.70 -13.51
CA ASN B 41 -4.67 11.33 -13.96
C ASN B 41 -3.58 12.32 -13.43
N ARG B 42 -3.96 13.60 -13.17
CA ARG B 42 -3.05 14.62 -12.62
C ARG B 42 -2.79 14.43 -11.09
N LEU B 43 -3.70 13.69 -10.42
CA LEU B 43 -3.61 13.38 -8.97
C LEU B 43 -2.45 12.41 -8.64
N PRO B 44 -1.96 12.34 -7.34
CA PRO B 44 -0.98 11.30 -6.88
C PRO B 44 -1.55 9.85 -6.98
N GLY B 45 -0.87 8.88 -6.33
CA GLY B 45 -1.22 7.44 -6.42
C GLY B 45 -2.64 7.06 -5.93
N GLU B 46 -3.33 8.03 -5.27
CA GLU B 46 -4.73 7.88 -4.85
C GLU B 46 -5.66 7.73 -6.07
N LYS B 47 -5.25 8.30 -7.22
CA LYS B 47 -6.05 8.28 -8.46
C LYS B 47 -6.33 6.84 -8.94
N LEU B 48 -5.28 6.02 -8.96
CA LEU B 48 -5.30 4.68 -9.51
C LEU B 48 -5.91 3.73 -8.49
N GLY B 49 -5.61 3.96 -7.19
CA GLY B 49 -6.27 3.21 -6.10
C GLY B 49 -7.78 3.41 -6.08
N ARG B 50 -8.21 4.66 -6.35
CA ARG B 50 -9.62 5.07 -6.35
C ARG B 50 -10.37 4.39 -7.49
N VAL B 51 -9.87 4.60 -8.72
CA VAL B 51 -10.54 4.19 -9.95
C VAL B 51 -10.65 2.66 -10.06
N VAL B 52 -9.55 1.94 -9.70
CA VAL B 52 -9.52 0.46 -9.75
C VAL B 52 -10.48 -0.13 -8.70
N HIS B 53 -10.57 0.51 -7.51
CA HIS B 53 -11.44 0.03 -6.42
C HIS B 53 -12.92 0.02 -6.88
N ILE B 54 -13.34 1.10 -7.55
CA ILE B 54 -14.73 1.30 -8.01
C ILE B 54 -15.10 0.29 -9.13
N ILE B 55 -14.32 0.31 -10.24
CA ILE B 55 -14.59 -0.55 -11.42
C ILE B 55 -14.53 -2.05 -11.04
N GLN B 56 -13.57 -2.43 -10.17
CA GLN B 56 -13.39 -3.84 -9.74
C GLN B 56 -14.37 -4.26 -8.65
N SER B 57 -15.03 -3.28 -7.99
CA SER B 57 -16.13 -3.56 -7.05
C SER B 57 -17.39 -3.95 -7.84
N ARG B 58 -17.53 -3.40 -9.06
CA ARG B 58 -18.68 -3.73 -9.95
C ARG B 58 -18.42 -5.06 -10.72
N GLU B 59 -17.22 -5.14 -11.29
CA GLU B 59 -16.85 -6.15 -12.29
C GLU B 59 -15.31 -6.34 -12.25
N PRO B 60 -14.81 -7.57 -12.00
CA PRO B 60 -13.36 -7.82 -11.83
C PRO B 60 -12.64 -7.96 -13.20
N SER B 61 -12.45 -6.81 -13.88
CA SER B 61 -11.82 -6.70 -15.21
C SER B 61 -10.44 -7.38 -15.25
N LEU B 62 -9.52 -6.91 -14.38
CA LEU B 62 -8.13 -7.45 -14.30
C LEU B 62 -8.18 -8.94 -13.96
N ARG B 63 -8.98 -9.29 -12.95
CA ARG B 63 -9.08 -10.65 -12.41
C ARG B 63 -9.65 -11.63 -13.46
N ASP B 64 -10.40 -11.09 -14.45
CA ASP B 64 -11.00 -11.87 -15.54
C ASP B 64 -9.99 -12.02 -16.70
N SER B 65 -9.28 -10.93 -17.01
CA SER B 65 -8.38 -10.85 -18.18
C SER B 65 -7.08 -10.14 -17.77
N ASN B 66 -6.07 -10.98 -17.40
CA ASN B 66 -4.71 -10.57 -16.99
C ASN B 66 -4.76 -9.69 -15.72
N PRO B 67 -4.62 -10.29 -14.48
CA PRO B 67 -4.78 -9.55 -13.19
C PRO B 67 -3.73 -8.44 -12.99
N ASP B 68 -2.60 -8.56 -13.69
CA ASP B 68 -1.48 -7.61 -13.63
C ASP B 68 -1.76 -6.31 -14.41
N GLU B 69 -2.86 -6.26 -15.18
CA GLU B 69 -3.23 -5.06 -15.98
C GLU B 69 -4.74 -4.83 -15.94
N ILE B 70 -5.13 -3.56 -15.72
CA ILE B 70 -6.54 -3.13 -15.73
C ILE B 70 -6.67 -1.89 -16.63
N GLU B 71 -7.57 -1.98 -17.60
CA GLU B 71 -7.83 -0.91 -18.56
C GLU B 71 -9.19 -0.27 -18.24
N ILE B 72 -9.18 0.88 -17.57
CA ILE B 72 -10.42 1.62 -17.30
C ILE B 72 -10.76 2.40 -18.56
N ASP B 73 -11.70 1.86 -19.34
CA ASP B 73 -12.08 2.42 -20.63
C ASP B 73 -13.27 3.36 -20.39
N PHE B 74 -12.94 4.61 -19.99
CA PHE B 74 -13.94 5.63 -19.57
C PHE B 74 -14.94 5.95 -20.71
N GLU B 75 -14.51 5.74 -21.97
CA GLU B 75 -15.30 6.09 -23.15
C GLU B 75 -16.46 5.11 -23.40
N THR B 76 -16.29 3.82 -23.04
CA THR B 76 -17.40 2.83 -23.08
C THR B 76 -18.00 2.61 -21.68
N LEU B 77 -17.27 3.10 -20.64
CA LEU B 77 -17.64 2.94 -19.22
C LEU B 77 -19.04 3.55 -18.96
N LYS B 78 -19.86 2.84 -18.17
CA LYS B 78 -21.25 3.23 -17.90
C LYS B 78 -21.31 4.60 -17.17
N PRO B 79 -22.17 5.56 -17.67
CA PRO B 79 -22.23 6.94 -17.14
C PRO B 79 -22.74 7.02 -15.68
N THR B 80 -23.43 5.95 -15.25
CA THR B 80 -23.79 5.73 -13.84
C THR B 80 -22.52 5.67 -12.97
N THR B 81 -21.58 4.81 -13.39
CA THR B 81 -20.31 4.64 -12.70
C THR B 81 -19.45 5.90 -12.79
N LEU B 82 -19.50 6.58 -13.94
CA LEU B 82 -18.76 7.82 -14.16
C LEU B 82 -19.29 8.96 -13.27
N ARG B 83 -20.59 8.91 -12.93
CA ARG B 83 -21.22 9.90 -12.02
C ARG B 83 -20.89 9.60 -10.55
N GLU B 84 -20.98 8.31 -10.13
CA GLU B 84 -20.70 7.91 -8.73
C GLU B 84 -19.20 8.13 -8.42
N LEU B 85 -18.36 7.90 -9.45
CA LEU B 85 -16.90 8.08 -9.41
C LEU B 85 -16.58 9.56 -9.28
N GLU B 86 -17.24 10.39 -10.12
CA GLU B 86 -17.07 11.85 -10.13
C GLU B 86 -17.36 12.46 -8.74
N ARG B 87 -18.55 12.13 -8.19
CA ARG B 87 -19.00 12.62 -6.88
C ARG B 87 -18.05 12.17 -5.75
N TYR B 88 -17.61 10.90 -5.82
CA TYR B 88 -16.76 10.27 -4.79
C TYR B 88 -15.37 10.90 -4.74
N VAL B 89 -14.72 11.06 -5.92
CA VAL B 89 -13.33 11.55 -6.01
C VAL B 89 -13.22 13.02 -5.58
N LYS B 90 -14.18 13.86 -6.02
CA LYS B 90 -14.16 15.32 -5.72
C LYS B 90 -14.53 15.57 -4.24
N SER B 91 -15.29 14.64 -3.65
CA SER B 91 -15.61 14.65 -2.20
C SER B 91 -14.46 14.03 -1.38
N CYS B 92 -13.64 13.17 -2.00
CA CYS B 92 -12.53 12.47 -1.34
C CYS B 92 -11.38 13.45 -1.03
N LEU B 93 -10.97 14.24 -2.05
CA LEU B 93 -9.96 15.31 -1.90
C LEU B 93 -10.58 16.61 -1.35
N GLN B 94 -11.94 16.66 -1.35
CA GLN B 94 -12.76 17.73 -0.72
C GLN B 94 -12.52 19.11 -1.41
N LYS B 95 -12.55 19.08 -2.75
CA LYS B 95 -12.32 20.27 -3.61
C LYS B 95 -13.35 20.27 -4.76
N LYS B 96 -13.72 21.48 -5.18
CA LYS B 96 -14.68 21.73 -6.25
C LYS B 96 -14.47 23.20 -6.74
N HIS A 1 41.12 -28.09 28.04
CA HIS A 1 39.70 -28.39 27.74
C HIS A 1 39.06 -27.25 26.88
N HIS A 2 39.89 -26.50 26.12
CA HIS A 2 39.40 -25.49 25.17
C HIS A 2 39.58 -25.99 23.72
N HIS A 3 38.46 -26.33 23.07
CA HIS A 3 38.40 -26.71 21.65
C HIS A 3 37.15 -26.05 21.03
N HIS A 4 37.38 -25.13 20.08
CA HIS A 4 36.32 -24.37 19.38
C HIS A 4 36.68 -24.25 17.88
N HIS A 5 35.75 -23.73 17.07
CA HIS A 5 35.94 -23.57 15.63
C HIS A 5 35.18 -22.34 15.15
N HIS A 6 35.90 -21.22 14.97
CA HIS A 6 35.32 -19.92 14.64
C HIS A 6 35.08 -19.80 13.11
N SER A 7 33.80 -19.95 12.71
CA SER A 7 33.39 -19.83 11.30
C SER A 7 33.25 -18.35 10.91
N HIS A 8 34.19 -17.91 10.06
CA HIS A 8 34.21 -16.59 9.38
C HIS A 8 33.88 -16.79 7.88
N MET A 9 33.66 -15.69 7.15
CA MET A 9 33.40 -15.74 5.70
C MET A 9 34.60 -15.15 4.92
N VAL A 10 35.13 -15.93 3.95
CA VAL A 10 36.17 -15.46 3.01
C VAL A 10 35.51 -14.60 1.90
N GLY A 11 36.18 -13.48 1.55
CA GLY A 11 35.67 -12.52 0.57
C GLY A 11 34.90 -11.36 1.22
N ASP A 12 34.65 -11.50 2.52
CA ASP A 12 33.83 -10.55 3.30
C ASP A 12 34.68 -9.36 3.78
N THR A 13 34.03 -8.24 4.09
CA THR A 13 34.68 -7.07 4.67
C THR A 13 34.65 -7.19 6.20
N VAL A 14 35.83 -7.20 6.85
CA VAL A 14 35.95 -7.31 8.33
C VAL A 14 36.95 -6.26 8.86
N TRP A 15 36.97 -6.09 10.19
CA TRP A 15 37.84 -5.11 10.89
C TRP A 15 38.93 -5.86 11.67
N VAL A 16 40.18 -5.33 11.63
CA VAL A 16 41.32 -5.89 12.40
C VAL A 16 41.57 -5.04 13.66
N ARG A 17 41.30 -5.64 14.82
CA ARG A 17 41.53 -5.01 16.12
C ARG A 17 42.99 -5.27 16.51
N ARG A 18 43.75 -4.19 16.73
CA ARG A 18 45.19 -4.25 16.96
C ARG A 18 45.51 -4.93 18.32
N HIS A 19 46.70 -5.55 18.43
CA HIS A 19 47.17 -6.18 19.68
C HIS A 19 48.33 -5.35 20.28
N GLN A 20 48.20 -4.99 21.56
CA GLN A 20 49.23 -4.28 22.35
C GLN A 20 49.30 -4.90 23.76
N THR A 21 50.04 -4.26 24.68
CA THR A 21 50.22 -4.73 26.07
C THR A 21 48.92 -4.53 26.91
N LYS A 22 47.91 -5.41 26.63
CA LYS A 22 46.56 -5.38 27.24
C LYS A 22 45.99 -3.94 27.31
N ASN A 23 45.70 -3.38 26.14
CA ASN A 23 45.25 -1.98 26.01
C ASN A 23 43.93 -1.94 25.24
N LEU A 24 42.96 -1.16 25.75
CA LEU A 24 41.64 -0.98 25.10
C LEU A 24 41.74 0.01 23.93
N GLU A 25 42.72 0.94 24.04
CA GLU A 25 42.95 2.05 23.09
C GLU A 25 43.15 1.62 21.60
N PRO A 26 44.00 0.58 21.27
CA PRO A 26 44.18 0.09 19.86
C PRO A 26 42.93 -0.66 19.33
N ARG A 27 41.93 0.14 18.91
CA ARG A 27 40.67 -0.34 18.29
C ARG A 27 40.90 -0.91 16.88
N TRP A 28 39.81 -1.40 16.25
CA TRP A 28 39.88 -1.98 14.90
C TRP A 28 39.85 -0.94 13.80
N LYS A 29 40.58 -1.21 12.71
CA LYS A 29 40.70 -0.33 11.55
C LYS A 29 40.49 -1.13 10.25
N GLY A 30 40.26 -0.40 9.15
CA GLY A 30 40.02 -0.98 7.84
C GLY A 30 38.80 -0.32 7.18
N PRO A 31 37.75 -1.08 6.70
CA PRO A 31 37.73 -2.57 6.71
C PRO A 31 38.63 -3.19 5.60
N TYR A 32 38.78 -4.52 5.65
CA TYR A 32 39.69 -5.27 4.76
C TYR A 32 38.97 -6.52 4.21
N THR A 33 39.30 -6.92 2.97
CA THR A 33 38.73 -8.10 2.32
C THR A 33 39.43 -9.38 2.81
N VAL A 34 38.66 -10.33 3.35
CA VAL A 34 39.19 -11.63 3.79
C VAL A 34 39.71 -12.42 2.58
N LEU A 35 41.00 -12.72 2.56
CA LEU A 35 41.64 -13.45 1.45
C LEU A 35 41.74 -14.95 1.81
N LEU A 36 42.03 -15.22 3.09
CA LEU A 36 42.33 -16.56 3.60
C LEU A 36 41.58 -16.79 4.92
N THR A 37 41.26 -18.06 5.21
CA THR A 37 40.51 -18.48 6.40
C THR A 37 41.14 -19.76 7.01
N THR A 38 41.23 -19.82 8.35
CA THR A 38 41.77 -20.97 9.13
C THR A 38 40.85 -21.23 10.36
N PRO A 39 40.89 -22.45 11.04
CA PRO A 39 39.85 -22.87 12.06
C PRO A 39 39.55 -21.86 13.22
N THR A 40 40.45 -20.90 13.44
CA THR A 40 40.34 -19.95 14.57
C THR A 40 40.90 -18.54 14.21
N ALA A 41 41.47 -18.40 13.00
CA ALA A 41 42.06 -17.13 12.51
C ALA A 41 41.69 -16.94 11.03
N LEU A 42 42.07 -15.80 10.45
CA LEU A 42 41.81 -15.49 9.03
C LEU A 42 42.75 -14.37 8.59
N LYS A 43 43.26 -14.45 7.34
CA LYS A 43 44.15 -13.42 6.78
C LYS A 43 43.33 -12.51 5.87
N VAL A 44 43.56 -11.20 5.94
CA VAL A 44 42.84 -10.20 5.15
C VAL A 44 43.84 -9.30 4.39
N ASP A 45 43.29 -8.51 3.47
CA ASP A 45 44.04 -7.60 2.60
C ASP A 45 44.62 -6.42 3.42
N GLY A 46 45.74 -5.85 2.96
CA GLY A 46 46.31 -4.62 3.52
C GLY A 46 47.15 -4.82 4.77
N ILE A 47 46.54 -5.45 5.81
CA ILE A 47 47.15 -5.63 7.15
C ILE A 47 48.40 -6.53 7.07
N ALA A 48 48.42 -7.44 6.06
CA ALA A 48 49.57 -8.31 5.74
C ALA A 48 49.97 -9.20 6.95
N ALA A 49 48.97 -9.81 7.59
CA ALA A 49 49.14 -10.66 8.79
C ALA A 49 47.89 -11.53 9.03
N TRP A 50 48.06 -12.68 9.71
CA TRP A 50 46.94 -13.53 10.16
C TRP A 50 46.35 -12.95 11.46
N ILE A 51 45.02 -12.79 11.49
CA ILE A 51 44.29 -12.19 12.63
C ILE A 51 43.37 -13.26 13.27
N HIS A 52 43.52 -13.50 14.58
CA HIS A 52 42.62 -14.40 15.35
C HIS A 52 41.23 -13.77 15.46
N ALA A 53 40.19 -14.63 15.41
CA ALA A 53 38.77 -14.24 15.34
C ALA A 53 38.30 -13.39 16.55
N ALA A 54 39.04 -13.50 17.68
CA ALA A 54 38.81 -12.69 18.89
C ALA A 54 38.98 -11.17 18.62
N HIS A 55 39.86 -10.85 17.66
CA HIS A 55 40.21 -9.47 17.25
C HIS A 55 39.48 -9.06 15.96
N VAL A 56 38.41 -9.78 15.58
CA VAL A 56 37.77 -9.57 14.25
C VAL A 56 36.26 -9.36 14.41
N LYS A 57 35.70 -8.46 13.58
CA LYS A 57 34.27 -8.17 13.54
C LYS A 57 33.84 -7.97 12.08
N ALA A 58 32.78 -8.67 11.66
CA ALA A 58 32.26 -8.58 10.29
C ALA A 58 31.51 -7.25 10.05
N ALA A 59 31.80 -6.62 8.91
CA ALA A 59 31.17 -5.37 8.44
C ALA A 59 30.11 -5.70 7.37
N ASP A 60 28.82 -5.60 7.73
CA ASP A 60 27.70 -5.91 6.79
C ASP A 60 27.31 -4.65 5.97
N PRO A 61 26.91 -4.82 4.66
CA PRO A 61 26.46 -3.69 3.79
C PRO A 61 25.03 -3.18 4.12
N GLY A 62 24.39 -3.75 5.16
CA GLY A 62 23.07 -3.28 5.62
C GLY A 62 21.90 -3.88 4.85
N GLY A 63 22.16 -5.00 4.15
CA GLY A 63 21.16 -5.70 3.35
C GLY A 63 20.66 -4.87 2.17
N GLY A 64 19.33 -4.65 2.09
CA GLY A 64 18.73 -3.82 1.04
C GLY A 64 17.41 -4.39 0.53
N PRO A 65 16.30 -4.36 1.33
CA PRO A 65 14.99 -4.89 0.91
C PRO A 65 14.20 -3.89 0.02
N SER A 66 13.55 -4.41 -1.04
CA SER A 66 12.73 -3.62 -1.98
C SER A 66 11.64 -4.53 -2.57
N SER A 67 10.47 -4.56 -1.92
CA SER A 67 9.35 -5.43 -2.29
C SER A 67 8.01 -4.71 -2.05
N ARG A 68 7.39 -4.27 -3.16
CA ARG A 68 6.07 -3.61 -3.17
C ARG A 68 5.57 -3.53 -4.64
N LEU A 69 4.24 -3.61 -4.84
CA LEU A 69 3.62 -3.47 -6.18
C LEU A 69 2.66 -2.27 -6.19
N THR A 70 2.53 -1.65 -7.38
CA THR A 70 1.67 -0.47 -7.60
C THR A 70 1.25 -0.39 -9.08
N TRP A 71 0.26 0.47 -9.38
CA TRP A 71 -0.22 0.71 -10.76
C TRP A 71 0.53 1.90 -11.36
N ARG A 72 0.82 1.86 -12.66
CA ARG A 72 1.54 2.93 -13.40
C ARG A 72 0.58 3.50 -14.45
N VAL A 73 0.42 4.84 -14.49
CA VAL A 73 -0.45 5.50 -15.50
C VAL A 73 0.35 5.81 -16.78
N GLN A 74 0.15 5.01 -17.84
CA GLN A 74 0.75 5.28 -19.18
C GLN A 74 -0.31 5.87 -20.12
N ARG A 75 0.16 6.75 -21.02
CA ARG A 75 -0.66 7.38 -22.05
C ARG A 75 -0.72 6.44 -23.26
N SER A 76 -1.92 5.99 -23.60
CA SER A 76 -2.18 5.22 -24.83
C SER A 76 -2.81 6.15 -25.88
N GLN A 77 -2.83 5.72 -27.16
CA GLN A 77 -3.47 6.48 -28.24
C GLN A 77 -5.00 6.24 -28.18
N ASN A 78 -5.66 7.04 -27.33
CA ASN A 78 -7.10 6.92 -27.01
C ASN A 78 -7.68 8.31 -26.63
N PRO A 79 -9.03 8.56 -26.84
CA PRO A 79 -9.66 9.88 -26.62
C PRO A 79 -9.49 10.45 -25.18
N LEU A 80 -9.68 9.59 -24.14
CA LEU A 80 -9.64 10.02 -22.72
C LEU A 80 -9.39 8.83 -21.73
N LYS A 81 -9.11 7.64 -22.29
CA LYS A 81 -8.82 6.40 -21.54
C LYS A 81 -7.33 6.36 -21.11
N ILE A 82 -6.98 5.48 -20.14
CA ILE A 82 -5.59 5.28 -19.67
C ILE A 82 -5.26 3.78 -19.56
N ARG A 83 -3.97 3.47 -19.32
CA ARG A 83 -3.49 2.10 -19.06
C ARG A 83 -2.76 2.07 -17.71
N LEU A 84 -3.24 1.22 -16.78
CA LEU A 84 -2.58 0.97 -15.49
C LEU A 84 -1.82 -0.36 -15.57
N THR A 85 -0.49 -0.30 -15.52
CA THR A 85 0.36 -1.50 -15.60
C THR A 85 0.94 -1.84 -14.23
N ARG A 86 1.54 -3.04 -14.12
CA ARG A 86 2.23 -3.46 -12.89
C ARG A 86 3.62 -2.84 -12.84
N GLU A 87 3.77 -1.82 -12.00
CA GLU A 87 5.05 -1.15 -11.75
C GLU A 87 5.78 -1.83 -10.56
N ALA A 88 7.09 -2.03 -10.73
CA ALA A 88 7.98 -2.64 -9.73
C ALA A 88 8.45 -1.59 -8.68
N PRO A 89 9.13 -1.97 -7.52
CA PRO A 89 9.70 -0.99 -6.56
C PRO A 89 10.76 -0.07 -7.24
N HIS B 1 -7.01 -15.40 22.89
CA HIS B 1 -7.80 -16.09 21.85
C HIS B 1 -9.09 -15.30 21.49
N HIS B 2 -9.51 -14.37 22.39
CA HIS B 2 -10.73 -13.55 22.20
C HIS B 2 -10.51 -12.45 21.13
N HIS B 3 -11.62 -12.04 20.49
CA HIS B 3 -11.66 -10.93 19.51
C HIS B 3 -12.88 -10.04 19.82
N HIS B 4 -12.71 -8.70 19.73
CA HIS B 4 -13.81 -7.73 19.91
C HIS B 4 -13.81 -6.68 18.78
N HIS B 5 -14.53 -7.00 17.70
CA HIS B 5 -14.86 -6.05 16.63
C HIS B 5 -16.22 -6.48 16.03
N HIS B 6 -17.22 -5.61 16.18
CA HIS B 6 -18.59 -5.87 15.68
C HIS B 6 -19.35 -4.53 15.69
N SER B 7 -19.64 -4.01 14.50
CA SER B 7 -20.24 -2.67 14.34
C SER B 7 -21.53 -2.76 13.50
N HIS B 8 -22.56 -2.00 13.92
CA HIS B 8 -23.81 -1.84 13.17
C HIS B 8 -24.44 -0.48 13.52
N MET B 9 -24.52 0.41 12.51
CA MET B 9 -25.12 1.75 12.68
C MET B 9 -25.32 2.42 11.31
N GLY B 10 -26.48 3.07 11.15
CA GLY B 10 -26.76 3.96 10.02
C GLY B 10 -27.06 3.25 8.71
N LYS B 11 -27.59 2.01 8.76
CA LYS B 11 -27.92 1.22 7.54
C LYS B 11 -29.35 1.49 7.05
N GLN B 12 -30.24 1.93 7.97
CA GLN B 12 -31.65 2.22 7.66
C GLN B 12 -31.80 3.69 7.20
N ALA B 13 -32.40 3.87 6.02
CA ALA B 13 -32.67 5.20 5.44
C ALA B 13 -33.73 5.05 4.36
N SER B 14 -34.74 5.95 4.37
CA SER B 14 -35.80 5.98 3.37
C SER B 14 -35.20 6.38 2.00
N ALA B 15 -34.85 5.35 1.19
CA ALA B 15 -34.27 5.52 -0.14
C ALA B 15 -35.33 6.12 -1.09
N SER B 16 -35.45 7.45 -1.04
CA SER B 16 -36.28 8.23 -1.93
C SER B 16 -35.44 8.61 -3.15
N TYR B 17 -36.00 8.43 -4.34
CA TYR B 17 -35.33 8.69 -5.62
C TYR B 17 -35.04 10.18 -5.81
N ASP B 18 -34.03 10.49 -6.63
CA ASP B 18 -33.72 11.87 -7.03
C ASP B 18 -34.75 12.34 -8.09
N SER B 19 -34.83 11.56 -9.16
CA SER B 19 -35.77 11.74 -10.27
C SER B 19 -36.18 10.35 -10.82
N GLU B 20 -37.07 10.33 -11.83
CA GLU B 20 -37.49 9.09 -12.55
C GLU B 20 -36.25 8.26 -12.98
N GLU B 21 -35.33 8.92 -13.72
CA GLU B 21 -34.01 8.36 -14.10
C GLU B 21 -34.19 7.07 -14.92
N GLU B 22 -34.89 7.22 -16.04
CA GLU B 22 -35.14 6.13 -17.01
C GLU B 22 -33.81 5.68 -17.59
N GLU B 23 -33.04 6.66 -18.04
CA GLU B 23 -31.63 6.51 -18.38
C GLU B 23 -30.83 6.53 -17.06
N GLU B 24 -30.25 5.36 -16.72
CA GLU B 24 -29.52 5.11 -15.45
C GLU B 24 -28.45 6.18 -15.15
N GLY B 25 -27.72 6.64 -16.18
CA GLY B 25 -26.68 7.64 -15.99
C GLY B 25 -25.95 7.95 -17.29
N LEU B 26 -26.54 8.87 -18.07
CA LEU B 26 -25.85 9.57 -19.16
C LEU B 26 -26.39 11.03 -19.34
N PRO B 27 -26.61 11.82 -18.21
CA PRO B 27 -27.15 13.21 -18.29
C PRO B 27 -26.01 14.26 -18.24
N MET B 28 -24.80 13.80 -18.60
CA MET B 28 -23.56 14.59 -18.56
C MET B 28 -22.88 14.46 -19.93
N SER B 29 -22.30 15.56 -20.44
CA SER B 29 -21.66 15.59 -21.77
C SER B 29 -20.37 14.75 -21.77
N TYR B 30 -19.98 14.27 -22.97
CA TYR B 30 -18.77 13.45 -23.15
C TYR B 30 -17.51 14.29 -22.80
N ASP B 31 -17.60 15.61 -23.05
CA ASP B 31 -16.55 16.60 -22.71
C ASP B 31 -16.33 16.70 -21.18
N GLU B 32 -17.42 16.60 -20.40
CA GLU B 32 -17.36 16.60 -18.91
C GLU B 32 -16.75 15.26 -18.42
N LYS B 33 -17.08 14.17 -19.13
CA LYS B 33 -16.55 12.82 -18.84
C LYS B 33 -15.04 12.76 -19.13
N ARG B 34 -14.61 13.51 -20.18
CA ARG B 34 -13.19 13.71 -20.52
C ARG B 34 -12.50 14.53 -19.42
N GLN B 35 -13.18 15.58 -18.96
CA GLN B 35 -12.65 16.55 -17.99
C GLN B 35 -12.24 15.88 -16.68
N LEU B 36 -13.17 15.11 -16.09
CA LEU B 36 -12.93 14.42 -14.83
C LEU B 36 -11.88 13.30 -15.02
N SER B 37 -11.99 12.50 -16.11
CA SER B 37 -11.11 11.32 -16.32
C SER B 37 -9.61 11.71 -16.40
N LEU B 38 -9.31 12.83 -17.09
CA LEU B 38 -7.93 13.34 -17.23
C LEU B 38 -7.44 13.95 -15.91
N ASP B 39 -8.37 14.63 -15.18
CA ASP B 39 -8.08 15.24 -13.87
C ASP B 39 -7.66 14.16 -12.86
N ILE B 40 -8.38 13.05 -12.93
CA ILE B 40 -8.16 11.90 -12.02
C ILE B 40 -6.88 11.16 -12.46
N ASN B 41 -6.66 11.12 -13.79
CA ASN B 41 -5.43 10.56 -14.41
C ASN B 41 -4.17 11.32 -13.94
N ARG B 42 -4.32 12.61 -13.60
CA ARG B 42 -3.20 13.45 -13.13
C ARG B 42 -3.10 13.49 -11.59
N LEU B 43 -3.89 12.65 -10.89
CA LEU B 43 -3.82 12.50 -9.41
C LEU B 43 -2.68 11.51 -9.01
N PRO B 44 -2.16 11.57 -7.74
CA PRO B 44 -1.12 10.62 -7.22
C PRO B 44 -1.68 9.16 -7.04
N GLY B 45 -1.27 8.46 -5.95
CA GLY B 45 -1.75 7.10 -5.65
C GLY B 45 -3.27 6.97 -5.53
N GLU B 46 -3.95 8.12 -5.33
CA GLU B 46 -5.42 8.20 -5.29
C GLU B 46 -6.04 7.79 -6.64
N LYS B 47 -5.38 8.15 -7.77
CA LYS B 47 -5.76 7.67 -9.12
C LYS B 47 -5.82 6.14 -9.16
N LEU B 48 -4.73 5.53 -8.66
CA LEU B 48 -4.46 4.10 -8.81
C LEU B 48 -5.54 3.28 -8.07
N GLY B 49 -5.59 3.47 -6.74
CA GLY B 49 -6.43 2.69 -5.85
C GLY B 49 -7.92 2.92 -6.05
N ARG B 50 -8.34 4.19 -6.22
CA ARG B 50 -9.76 4.56 -6.34
C ARG B 50 -10.35 3.99 -7.64
N VAL B 51 -9.71 4.29 -8.78
CA VAL B 51 -10.24 3.92 -10.10
C VAL B 51 -10.33 2.38 -10.26
N VAL B 52 -9.28 1.63 -9.84
CA VAL B 52 -9.29 0.14 -9.94
C VAL B 52 -10.37 -0.46 -9.00
N HIS B 53 -10.58 0.15 -7.83
CA HIS B 53 -11.55 -0.34 -6.82
C HIS B 53 -12.99 -0.22 -7.34
N ILE B 54 -13.28 0.92 -7.99
CA ILE B 54 -14.63 1.30 -8.43
C ILE B 54 -15.02 0.55 -9.73
N ILE B 55 -14.10 0.47 -10.73
CA ILE B 55 -14.38 -0.28 -11.97
C ILE B 55 -14.56 -1.78 -11.66
N GLN B 56 -13.73 -2.37 -10.75
CA GLN B 56 -13.83 -3.81 -10.40
C GLN B 56 -15.10 -4.12 -9.58
N SER B 57 -15.60 -3.09 -8.86
CA SER B 57 -16.88 -3.18 -8.14
C SER B 57 -18.07 -3.26 -9.12
N ARG B 58 -17.97 -2.51 -10.23
CA ARG B 58 -19.03 -2.44 -11.27
C ARG B 58 -18.88 -3.56 -12.31
N GLU B 59 -17.64 -4.05 -12.48
CA GLU B 59 -17.22 -4.89 -13.61
C GLU B 59 -15.81 -5.51 -13.33
N PRO B 60 -15.72 -6.82 -12.93
CA PRO B 60 -14.41 -7.50 -12.73
C PRO B 60 -13.66 -7.71 -14.08
N SER B 61 -12.63 -6.89 -14.30
CA SER B 61 -11.77 -6.95 -15.50
C SER B 61 -10.45 -7.70 -15.20
N LEU B 62 -9.55 -7.07 -14.39
CA LEU B 62 -8.16 -7.55 -14.18
C LEU B 62 -8.12 -8.96 -13.57
N ARG B 63 -9.13 -9.27 -12.71
CA ARG B 63 -9.19 -10.54 -11.94
C ARG B 63 -9.16 -11.76 -12.88
N ASP B 64 -9.76 -11.60 -14.08
CA ASP B 64 -9.73 -12.61 -15.15
C ASP B 64 -8.69 -12.23 -16.21
N SER B 65 -8.89 -11.06 -16.84
CA SER B 65 -8.05 -10.56 -17.95
C SER B 65 -6.77 -9.89 -17.41
N ASN B 66 -5.75 -10.73 -17.12
CA ASN B 66 -4.39 -10.32 -16.70
C ASN B 66 -4.41 -9.45 -15.41
N PRO B 67 -4.23 -10.07 -14.20
CA PRO B 67 -4.27 -9.34 -12.90
C PRO B 67 -3.17 -8.26 -12.75
N ASP B 68 -2.12 -8.35 -13.61
CA ASP B 68 -0.97 -7.43 -13.59
C ASP B 68 -1.29 -6.06 -14.20
N GLU B 69 -2.32 -6.00 -15.06
CA GLU B 69 -2.68 -4.77 -15.81
C GLU B 69 -4.19 -4.60 -15.85
N ILE B 70 -4.65 -3.34 -15.85
CA ILE B 70 -6.05 -2.98 -15.99
C ILE B 70 -6.14 -1.68 -16.83
N GLU B 71 -6.89 -1.75 -17.93
CA GLU B 71 -7.16 -0.60 -18.79
C GLU B 71 -8.62 -0.23 -18.60
N ILE B 72 -8.86 0.96 -18.03
CA ILE B 72 -10.21 1.44 -17.76
C ILE B 72 -10.65 2.29 -18.95
N ASP B 73 -11.47 1.67 -19.81
CA ASP B 73 -12.01 2.31 -21.01
C ASP B 73 -13.20 3.19 -20.61
N PHE B 74 -12.93 4.42 -20.13
CA PHE B 74 -13.99 5.37 -19.70
C PHE B 74 -14.93 5.73 -20.88
N GLU B 75 -14.40 5.56 -22.10
CA GLU B 75 -15.09 5.79 -23.38
C GLU B 75 -16.26 4.79 -23.63
N THR B 76 -16.12 3.54 -23.16
CA THR B 76 -17.19 2.50 -23.29
C THR B 76 -17.89 2.27 -21.92
N LEU B 77 -17.19 2.66 -20.83
CA LEU B 77 -17.75 2.66 -19.46
C LEU B 77 -18.88 3.72 -19.38
N LYS B 78 -19.98 3.33 -18.75
CA LYS B 78 -21.18 4.16 -18.62
C LYS B 78 -20.90 5.45 -17.82
N PRO B 79 -21.42 6.63 -18.27
CA PRO B 79 -21.34 7.89 -17.47
C PRO B 79 -22.07 7.79 -16.10
N THR B 80 -22.81 6.67 -15.90
CA THR B 80 -23.37 6.24 -14.61
C THR B 80 -22.24 6.00 -13.58
N THR B 81 -21.25 5.18 -14.01
CA THR B 81 -20.05 4.84 -13.22
C THR B 81 -19.12 6.07 -13.08
N LEU B 82 -19.05 6.90 -14.14
CA LEU B 82 -18.22 8.13 -14.16
C LEU B 82 -18.79 9.21 -13.21
N ARG B 83 -20.13 9.24 -13.08
CA ARG B 83 -20.84 10.13 -12.14
C ARG B 83 -20.54 9.69 -10.69
N GLU B 84 -20.55 8.36 -10.49
CA GLU B 84 -20.30 7.72 -9.19
C GLU B 84 -18.87 8.01 -8.68
N LEU B 85 -17.86 7.66 -9.52
CA LEU B 85 -16.44 7.77 -9.15
C LEU B 85 -16.03 9.23 -8.97
N GLU B 86 -16.69 10.14 -9.73
CA GLU B 86 -16.53 11.59 -9.59
C GLU B 86 -16.87 12.03 -8.16
N ARG B 87 -18.13 11.76 -7.74
CA ARG B 87 -18.66 12.14 -6.40
C ARG B 87 -17.77 11.60 -5.27
N TYR B 88 -17.34 10.34 -5.44
CA TYR B 88 -16.55 9.59 -4.45
C TYR B 88 -15.19 10.27 -4.20
N VAL B 89 -14.42 10.46 -5.28
CA VAL B 89 -13.06 11.01 -5.20
C VAL B 89 -13.08 12.51 -4.81
N LYS B 90 -14.06 13.28 -5.33
CA LYS B 90 -14.15 14.73 -5.06
C LYS B 90 -14.64 15.00 -3.62
N SER B 91 -15.28 13.98 -3.00
CA SER B 91 -15.70 14.04 -1.59
C SER B 91 -14.49 13.82 -0.65
N CYS B 92 -13.43 13.14 -1.15
CA CYS B 92 -12.22 12.87 -0.34
C CYS B 92 -11.21 14.03 -0.47
N LEU B 93 -10.90 14.46 -1.71
CA LEU B 93 -9.90 15.53 -1.96
C LEU B 93 -10.51 16.94 -1.83
N GLN B 94 -11.79 17.07 -2.23
CA GLN B 94 -12.56 18.34 -2.23
C GLN B 94 -11.80 19.50 -2.92
N LYS B 95 -11.69 19.40 -4.26
CA LYS B 95 -10.97 20.37 -5.11
C LYS B 95 -11.84 20.72 -6.33
N LYS B 96 -11.94 22.01 -6.62
CA LYS B 96 -12.75 22.54 -7.73
C LYS B 96 -12.30 23.99 -8.02
N HIS A 1 46.58 -26.16 -2.15
CA HIS A 1 46.27 -24.73 -1.96
C HIS A 1 44.91 -24.61 -1.24
N HIS A 2 44.93 -24.75 0.11
CA HIS A 2 43.75 -24.62 0.97
C HIS A 2 44.11 -23.73 2.16
N HIS A 3 43.18 -22.85 2.51
CA HIS A 3 43.20 -22.07 3.76
C HIS A 3 41.88 -22.35 4.49
N HIS A 4 41.92 -23.23 5.52
CA HIS A 4 40.69 -23.61 6.28
C HIS A 4 40.38 -22.57 7.39
N HIS A 5 40.54 -21.29 7.04
CA HIS A 5 40.24 -20.14 7.90
C HIS A 5 38.72 -19.97 8.07
N HIS A 6 38.29 -19.51 9.25
CA HIS A 6 36.89 -19.21 9.55
C HIS A 6 36.83 -17.82 10.19
N SER A 7 36.29 -16.83 9.46
CA SER A 7 36.17 -15.46 9.96
C SER A 7 34.96 -15.35 10.89
N HIS A 8 35.25 -15.26 12.18
CA HIS A 8 34.28 -15.07 13.28
C HIS A 8 34.41 -13.64 13.81
N MET A 9 33.28 -12.91 13.91
CA MET A 9 33.29 -11.54 14.45
C MET A 9 33.23 -11.61 15.99
N VAL A 10 34.22 -10.98 16.64
CA VAL A 10 34.28 -10.84 18.10
C VAL A 10 33.28 -9.76 18.57
N GLY A 11 32.56 -10.04 19.66
CA GLY A 11 31.58 -9.11 20.22
C GLY A 11 30.15 -9.59 20.02
N ASP A 12 29.92 -10.40 18.97
CA ASP A 12 28.57 -10.93 18.63
C ASP A 12 28.24 -12.18 19.45
N THR A 13 26.93 -12.45 19.56
CA THR A 13 26.40 -13.68 20.16
C THR A 13 26.50 -14.84 19.14
N VAL A 14 26.77 -16.05 19.64
CA VAL A 14 26.97 -17.27 18.81
C VAL A 14 26.44 -18.52 19.55
N TRP A 15 26.06 -19.55 18.79
CA TRP A 15 25.63 -20.85 19.32
C TRP A 15 26.81 -21.83 19.21
N VAL A 16 27.25 -22.36 20.35
CA VAL A 16 28.40 -23.27 20.40
C VAL A 16 27.90 -24.72 20.44
N ARG A 17 28.14 -25.45 19.33
CA ARG A 17 27.84 -26.88 19.21
C ARG A 17 28.84 -27.67 20.07
N ARG A 18 28.30 -28.32 21.12
CA ARG A 18 29.06 -29.09 22.13
C ARG A 18 29.92 -30.21 21.48
N HIS A 19 30.96 -30.66 22.20
CA HIS A 19 31.82 -31.80 21.83
C HIS A 19 30.95 -33.03 21.45
N GLN A 20 30.90 -33.28 20.13
CA GLN A 20 30.21 -34.44 19.55
C GLN A 20 30.87 -35.75 20.04
N THR A 21 30.04 -36.70 20.45
CA THR A 21 30.48 -38.07 20.76
C THR A 21 30.18 -38.96 19.52
N LYS A 22 30.54 -38.40 18.33
CA LYS A 22 30.21 -38.99 17.00
C LYS A 22 28.65 -39.02 16.82
N ASN A 23 27.95 -38.16 17.59
CA ASN A 23 26.48 -38.11 17.66
C ASN A 23 25.98 -36.69 17.43
N LEU A 24 24.75 -36.56 16.91
CA LEU A 24 24.06 -35.27 16.70
C LEU A 24 23.44 -34.74 18.03
N GLU A 25 23.36 -35.65 19.05
CA GLU A 25 22.73 -35.40 20.36
C GLU A 25 23.37 -34.21 21.13
N PRO A 26 24.76 -34.10 21.23
CA PRO A 26 25.44 -32.87 21.76
C PRO A 26 25.19 -31.63 20.86
N ARG A 27 24.02 -31.00 21.03
CA ARG A 27 23.58 -29.83 20.24
C ARG A 27 24.19 -28.53 20.78
N TRP A 28 23.91 -27.41 20.08
CA TRP A 28 24.44 -26.08 20.44
C TRP A 28 23.64 -25.41 21.56
N LYS A 29 24.34 -24.56 22.33
CA LYS A 29 23.76 -23.85 23.49
C LYS A 29 24.31 -22.41 23.53
N GLY A 30 23.73 -21.59 24.43
CA GLY A 30 24.12 -20.20 24.62
C GLY A 30 22.89 -19.27 24.62
N PRO A 31 22.87 -18.13 23.83
CA PRO A 31 24.00 -17.71 22.97
C PRO A 31 25.10 -16.96 23.77
N TYR A 32 26.36 -17.23 23.43
CA TYR A 32 27.53 -16.72 24.14
C TYR A 32 28.16 -15.59 23.33
N THR A 33 28.73 -14.61 24.02
CA THR A 33 29.37 -13.46 23.39
C THR A 33 30.87 -13.72 23.19
N VAL A 34 31.34 -13.62 21.93
CA VAL A 34 32.75 -13.85 21.57
C VAL A 34 33.64 -12.77 22.22
N LEU A 35 34.67 -13.19 22.98
CA LEU A 35 35.66 -12.27 23.61
C LEU A 35 37.03 -12.38 22.91
N LEU A 36 37.40 -13.59 22.49
CA LEU A 36 38.72 -13.88 21.89
C LEU A 36 38.55 -14.53 20.51
N THR A 37 39.46 -14.23 19.58
CA THR A 37 39.45 -14.79 18.22
C THR A 37 40.88 -15.14 17.76
N THR A 38 41.06 -16.39 17.27
CA THR A 38 42.30 -16.87 16.63
C THR A 38 41.97 -17.28 15.17
N PRO A 39 42.98 -17.46 14.24
CA PRO A 39 42.71 -17.73 12.78
C PRO A 39 41.94 -19.06 12.45
N THR A 40 41.51 -19.82 13.47
CA THR A 40 40.71 -21.05 13.30
C THR A 40 39.65 -21.22 14.41
N ALA A 41 39.98 -20.77 15.62
CA ALA A 41 39.16 -20.97 16.82
C ALA A 41 38.77 -19.62 17.44
N LEU A 42 37.96 -19.66 18.49
CA LEU A 42 37.48 -18.45 19.21
C LEU A 42 37.07 -18.85 20.63
N LYS A 43 37.19 -17.92 21.59
CA LYS A 43 36.70 -18.15 22.95
C LYS A 43 35.52 -17.22 23.22
N VAL A 44 34.47 -17.75 23.85
CA VAL A 44 33.22 -17.03 24.12
C VAL A 44 32.92 -17.08 25.64
N ASP A 45 32.37 -15.97 26.17
CA ASP A 45 32.03 -15.81 27.59
C ASP A 45 30.92 -16.77 28.00
N GLY A 46 31.12 -17.48 29.12
CA GLY A 46 30.08 -18.33 29.72
C GLY A 46 30.39 -19.81 29.63
N ILE A 47 31.14 -20.22 28.60
CA ILE A 47 31.40 -21.65 28.30
C ILE A 47 32.65 -22.17 29.07
N ALA A 48 33.58 -21.26 29.45
CA ALA A 48 34.82 -21.59 30.23
C ALA A 48 35.83 -22.47 29.42
N ALA A 49 35.78 -22.35 28.08
CA ALA A 49 36.64 -23.15 27.17
C ALA A 49 36.76 -22.47 25.80
N TRP A 50 37.80 -22.85 25.03
CA TRP A 50 37.95 -22.47 23.62
C TRP A 50 37.14 -23.41 22.72
N ILE A 51 36.67 -22.89 21.59
CA ILE A 51 35.84 -23.63 20.60
C ILE A 51 36.47 -23.46 19.22
N HIS A 52 36.46 -24.52 18.40
CA HIS A 52 36.79 -24.41 16.96
C HIS A 52 35.57 -23.85 16.24
N ALA A 53 35.82 -22.99 15.23
CA ALA A 53 34.76 -22.26 14.52
C ALA A 53 33.94 -23.15 13.56
N ALA A 54 34.41 -24.38 13.35
CA ALA A 54 33.63 -25.44 12.66
C ALA A 54 32.49 -25.99 13.57
N HIS A 55 32.54 -25.63 14.87
CA HIS A 55 31.56 -26.05 15.91
C HIS A 55 30.83 -24.84 16.51
N VAL A 56 30.68 -23.75 15.75
CA VAL A 56 29.98 -22.55 16.22
C VAL A 56 29.19 -21.91 15.05
N LYS A 57 28.16 -21.12 15.39
CA LYS A 57 27.33 -20.45 14.38
C LYS A 57 26.95 -19.04 14.87
N ALA A 58 27.16 -18.02 14.01
CA ALA A 58 26.84 -16.61 14.29
C ALA A 58 25.33 -16.44 14.54
N ALA A 59 24.97 -16.14 15.81
CA ALA A 59 23.59 -15.85 16.22
C ALA A 59 23.21 -14.43 15.78
N ASP A 60 22.91 -14.29 14.48
CA ASP A 60 22.39 -13.04 13.92
C ASP A 60 20.86 -13.01 14.05
N PRO A 61 20.23 -11.85 14.42
CA PRO A 61 18.74 -11.70 14.48
C PRO A 61 18.06 -11.97 13.10
N GLY A 62 18.64 -11.39 12.03
CA GLY A 62 18.15 -11.54 10.65
C GLY A 62 17.58 -10.23 10.11
N GLY A 63 16.28 -10.22 9.76
CA GLY A 63 15.60 -9.03 9.25
C GLY A 63 14.46 -9.39 8.29
N GLY A 64 14.57 -8.93 7.03
CA GLY A 64 13.60 -9.21 5.98
C GLY A 64 12.84 -7.98 5.55
N PRO A 65 13.32 -7.23 4.50
CA PRO A 65 12.60 -6.04 3.94
C PRO A 65 11.27 -6.43 3.25
N SER A 66 10.54 -5.41 2.79
CA SER A 66 9.23 -5.60 2.14
C SER A 66 8.98 -4.48 1.11
N SER A 67 8.01 -4.69 0.23
CA SER A 67 7.63 -3.75 -0.83
C SER A 67 6.14 -3.94 -1.18
N ARG A 68 5.65 -3.19 -2.18
CA ARG A 68 4.26 -3.26 -2.63
C ARG A 68 4.17 -2.91 -4.12
N LEU A 69 3.16 -3.47 -4.80
CA LEU A 69 2.89 -3.20 -6.22
C LEU A 69 2.07 -1.91 -6.37
N THR A 70 2.35 -1.14 -7.41
CA THR A 70 1.58 0.08 -7.77
C THR A 70 1.21 0.01 -9.26
N TRP A 71 0.27 0.88 -9.70
CA TRP A 71 -0.22 0.89 -11.09
C TRP A 71 0.55 1.92 -11.93
N ARG A 72 1.02 1.49 -13.11
CA ARG A 72 1.80 2.32 -14.03
C ARG A 72 0.85 2.81 -15.15
N VAL A 73 0.82 4.12 -15.42
CA VAL A 73 0.03 4.72 -16.52
C VAL A 73 0.85 4.68 -17.83
N GLN A 74 0.54 3.73 -18.74
CA GLN A 74 1.13 3.66 -20.09
C GLN A 74 0.19 4.32 -21.09
N ARG A 75 0.79 5.01 -22.06
CA ARG A 75 0.13 5.65 -23.17
C ARG A 75 -0.06 4.66 -24.34
N SER A 76 -1.19 4.80 -25.02
CA SER A 76 -1.56 4.02 -26.21
C SER A 76 -2.31 4.98 -27.16
N GLN A 77 -2.75 4.54 -28.34
CA GLN A 77 -3.66 5.34 -29.18
C GLN A 77 -5.06 5.44 -28.50
N ASN A 78 -5.16 6.37 -27.53
CA ASN A 78 -6.36 6.55 -26.69
C ASN A 78 -6.70 8.05 -26.51
N PRO A 79 -8.00 8.45 -26.63
CA PRO A 79 -8.45 9.82 -26.30
C PRO A 79 -8.43 10.11 -24.77
N LEU A 80 -8.97 9.19 -23.94
CA LEU A 80 -9.05 9.39 -22.45
C LEU A 80 -8.90 8.07 -21.67
N LYS A 81 -8.65 6.96 -22.36
CA LYS A 81 -8.42 5.64 -21.73
C LYS A 81 -6.97 5.55 -21.20
N ILE A 82 -6.73 4.78 -20.12
CA ILE A 82 -5.38 4.57 -19.56
C ILE A 82 -5.11 3.06 -19.35
N ARG A 83 -3.84 2.65 -19.55
CA ARG A 83 -3.38 1.27 -19.31
C ARG A 83 -2.60 1.22 -18.01
N LEU A 84 -3.19 0.59 -16.98
CA LEU A 84 -2.57 0.43 -15.66
C LEU A 84 -1.98 -0.98 -15.53
N THR A 85 -0.64 -1.07 -15.52
CA THR A 85 0.08 -2.33 -15.36
C THR A 85 0.64 -2.43 -13.93
N ARG A 86 0.82 -3.66 -13.43
CA ARG A 86 1.44 -3.89 -12.12
C ARG A 86 2.95 -3.76 -12.25
N GLU A 87 3.48 -2.76 -11.56
CA GLU A 87 4.92 -2.52 -11.48
C GLU A 87 5.59 -3.57 -10.58
N ALA A 88 6.63 -4.20 -11.12
CA ALA A 88 7.44 -5.20 -10.41
C ALA A 88 8.37 -4.45 -9.42
N PRO A 89 8.48 -4.91 -8.13
CA PRO A 89 9.25 -4.20 -7.10
C PRO A 89 10.77 -4.25 -7.42
N HIS B 1 -9.61 -7.47 37.31
CA HIS B 1 -10.11 -6.72 36.13
C HIS B 1 -11.34 -7.40 35.53
N HIS B 2 -12.17 -6.61 34.81
CA HIS B 2 -13.33 -7.11 34.04
C HIS B 2 -13.41 -6.34 32.70
N HIS B 3 -13.46 -7.08 31.58
CA HIS B 3 -13.70 -6.53 30.23
C HIS B 3 -14.72 -7.43 29.51
N HIS B 4 -15.96 -6.94 29.41
CA HIS B 4 -17.09 -7.64 28.78
C HIS B 4 -17.96 -6.59 28.07
N HIS B 5 -17.75 -6.42 26.76
CA HIS B 5 -18.39 -5.35 25.97
C HIS B 5 -18.50 -5.76 24.49
N HIS B 6 -19.74 -6.05 24.06
CA HIS B 6 -20.10 -6.36 22.66
C HIS B 6 -21.44 -5.68 22.35
N SER B 7 -21.37 -4.41 21.88
CA SER B 7 -22.55 -3.55 21.68
C SER B 7 -22.46 -2.81 20.33
N HIS B 8 -23.21 -3.31 19.34
CA HIS B 8 -23.40 -2.66 18.02
C HIS B 8 -24.60 -3.31 17.30
N MET B 9 -25.79 -2.74 17.51
CA MET B 9 -27.05 -3.23 16.93
C MET B 9 -27.73 -2.06 16.20
N GLY B 10 -27.83 -2.18 14.87
CA GLY B 10 -28.45 -1.14 14.04
C GLY B 10 -28.37 -1.45 12.56
N LYS B 11 -29.46 -1.19 11.83
CA LYS B 11 -29.54 -1.30 10.36
C LYS B 11 -30.81 -0.58 9.90
N GLN B 12 -30.70 0.14 8.77
CA GLN B 12 -31.85 0.79 8.15
C GLN B 12 -31.52 1.23 6.72
N ALA B 13 -32.34 0.75 5.77
CA ALA B 13 -32.24 1.10 4.35
C ALA B 13 -33.67 1.11 3.75
N SER B 14 -34.18 2.32 3.44
CA SER B 14 -35.55 2.51 2.93
C SER B 14 -35.58 2.28 1.39
N ALA B 15 -36.40 1.30 0.96
CA ALA B 15 -36.55 0.96 -0.46
C ALA B 15 -37.40 2.02 -1.17
N SER B 16 -36.71 3.01 -1.79
CA SER B 16 -37.34 4.14 -2.48
C SER B 16 -36.45 4.62 -3.63
N TYR B 17 -37.01 5.51 -4.47
CA TYR B 17 -36.34 6.07 -5.65
C TYR B 17 -36.36 7.61 -5.60
N ASP B 18 -35.91 8.25 -6.68
CA ASP B 18 -35.88 9.73 -6.82
C ASP B 18 -36.86 10.16 -7.93
N SER B 19 -36.59 9.64 -9.13
CA SER B 19 -37.40 9.91 -10.32
C SER B 19 -37.72 8.57 -11.01
N GLU B 20 -38.61 8.63 -12.02
CA GLU B 20 -39.00 7.46 -12.87
C GLU B 20 -37.78 6.59 -13.23
N GLU B 21 -36.75 7.23 -13.81
CA GLU B 21 -35.40 6.64 -14.03
C GLU B 21 -35.53 5.30 -14.79
N GLU B 22 -36.13 5.39 -15.97
CA GLU B 22 -36.44 4.24 -16.84
C GLU B 22 -35.14 3.65 -17.39
N GLU B 23 -34.25 4.55 -17.84
CA GLU B 23 -32.83 4.23 -18.09
C GLU B 23 -32.05 4.30 -16.78
N GLU B 24 -30.81 3.80 -16.79
CA GLU B 24 -29.89 3.76 -15.63
C GLU B 24 -29.59 5.18 -15.09
N GLY B 25 -29.61 6.16 -16.00
CA GLY B 25 -29.21 7.53 -15.67
C GLY B 25 -27.90 7.85 -16.36
N LEU B 26 -27.97 8.63 -17.46
CA LEU B 26 -26.80 9.08 -18.24
C LEU B 26 -26.86 10.60 -18.55
N PRO B 27 -26.98 11.49 -17.49
CA PRO B 27 -27.12 12.95 -17.70
C PRO B 27 -25.76 13.67 -17.75
N MET B 28 -24.65 12.90 -17.75
CA MET B 28 -23.28 13.43 -17.78
C MET B 28 -22.78 13.48 -19.23
N SER B 29 -22.18 14.62 -19.64
CA SER B 29 -21.68 14.83 -21.00
C SER B 29 -20.30 14.15 -21.18
N TYR B 30 -19.99 13.82 -22.44
CA TYR B 30 -18.71 13.18 -22.82
C TYR B 30 -17.53 14.15 -22.61
N ASP B 31 -17.79 15.45 -22.77
CA ASP B 31 -16.81 16.54 -22.54
C ASP B 31 -16.42 16.58 -21.06
N GLU B 32 -17.39 16.27 -20.18
CA GLU B 32 -17.15 16.13 -18.73
C GLU B 32 -16.30 14.88 -18.46
N LYS B 33 -16.53 13.80 -19.24
CA LYS B 33 -15.80 12.52 -19.11
C LYS B 33 -14.32 12.68 -19.51
N ARG B 34 -14.06 13.53 -20.52
CA ARG B 34 -12.70 13.93 -20.92
C ARG B 34 -12.00 14.69 -19.77
N GLN B 35 -12.76 15.64 -19.21
CA GLN B 35 -12.29 16.56 -18.18
C GLN B 35 -11.92 15.81 -16.88
N LEU B 36 -12.79 14.88 -16.45
CA LEU B 36 -12.55 14.11 -15.22
C LEU B 36 -11.40 13.12 -15.44
N SER B 37 -11.25 12.59 -16.68
CA SER B 37 -10.15 11.63 -17.01
C SER B 37 -8.75 12.22 -16.71
N LEU B 38 -8.50 13.41 -17.26
CA LEU B 38 -7.20 14.13 -17.10
C LEU B 38 -7.03 14.65 -15.66
N ASP B 39 -8.19 15.03 -15.05
CA ASP B 39 -8.27 15.56 -13.68
C ASP B 39 -7.98 14.44 -12.65
N ILE B 40 -8.30 13.20 -13.05
CA ILE B 40 -7.98 11.98 -12.25
C ILE B 40 -6.47 11.78 -12.30
N ASN B 41 -5.92 11.87 -13.53
CA ASN B 41 -4.46 11.79 -13.81
C ASN B 41 -3.66 12.86 -12.98
N ARG B 42 -4.32 13.99 -12.64
CA ARG B 42 -3.73 15.07 -11.80
C ARG B 42 -3.50 14.60 -10.33
N LEU B 43 -4.37 13.69 -9.83
CA LEU B 43 -4.24 13.11 -8.46
C LEU B 43 -3.03 12.14 -8.37
N PRO B 44 -2.46 11.88 -7.13
CA PRO B 44 -1.33 10.91 -6.92
C PRO B 44 -1.77 9.43 -7.06
N GLY B 45 -0.98 8.49 -6.48
CA GLY B 45 -1.25 7.04 -6.59
C GLY B 45 -2.60 6.59 -6.00
N GLU B 46 -3.25 7.48 -5.21
CA GLU B 46 -4.57 7.22 -4.62
C GLU B 46 -5.65 6.97 -5.69
N LYS B 47 -5.61 7.74 -6.79
CA LYS B 47 -6.63 7.62 -7.86
C LYS B 47 -6.47 6.33 -8.66
N LEU B 48 -5.25 5.77 -8.64
CA LEU B 48 -4.94 4.48 -9.29
C LEU B 48 -5.70 3.38 -8.55
N GLY B 49 -5.57 3.41 -7.21
CA GLY B 49 -6.31 2.51 -6.33
C GLY B 49 -7.83 2.67 -6.47
N ARG B 50 -8.29 3.94 -6.55
CA ARG B 50 -9.74 4.26 -6.62
C ARG B 50 -10.36 3.76 -7.93
N VAL B 51 -9.73 4.13 -9.07
CA VAL B 51 -10.29 3.87 -10.41
C VAL B 51 -10.43 2.36 -10.67
N VAL B 52 -9.41 1.56 -10.24
CA VAL B 52 -9.43 0.09 -10.40
C VAL B 52 -10.46 -0.57 -9.47
N HIS B 53 -10.65 0.02 -8.28
CA HIS B 53 -11.62 -0.51 -7.29
C HIS B 53 -13.08 -0.30 -7.75
N ILE B 54 -13.38 0.90 -8.28
CA ILE B 54 -14.75 1.29 -8.70
C ILE B 54 -15.18 0.49 -9.96
N ILE B 55 -14.27 0.39 -10.95
CA ILE B 55 -14.55 -0.36 -12.19
C ILE B 55 -14.77 -1.86 -11.87
N GLN B 56 -13.98 -2.44 -10.93
CA GLN B 56 -14.08 -3.88 -10.56
C GLN B 56 -15.33 -4.18 -9.72
N SER B 57 -15.71 -3.23 -8.85
CA SER B 57 -16.90 -3.38 -7.99
C SER B 57 -18.18 -3.44 -8.85
N ARG B 58 -18.15 -2.72 -10.00
CA ARG B 58 -19.27 -2.72 -10.96
C ARG B 58 -19.16 -3.89 -11.97
N GLU B 59 -17.97 -4.09 -12.55
CA GLU B 59 -17.72 -4.99 -13.70
C GLU B 59 -16.28 -5.58 -13.61
N PRO B 60 -16.11 -6.94 -13.60
CA PRO B 60 -14.76 -7.57 -13.55
C PRO B 60 -13.94 -7.38 -14.86
N SER B 61 -12.62 -7.17 -14.70
CA SER B 61 -11.65 -7.00 -15.79
C SER B 61 -10.36 -7.76 -15.42
N LEU B 62 -9.65 -7.29 -14.36
CA LEU B 62 -8.40 -7.93 -13.92
C LEU B 62 -8.66 -9.23 -13.14
N ARG B 63 -9.94 -9.51 -12.82
CA ARG B 63 -10.35 -10.82 -12.23
C ARG B 63 -10.33 -11.93 -13.31
N ASP B 64 -10.38 -11.54 -14.59
CA ASP B 64 -10.45 -12.48 -15.73
C ASP B 64 -9.32 -12.19 -16.73
N SER B 65 -9.45 -11.07 -17.44
CA SER B 65 -8.50 -10.63 -18.47
C SER B 65 -7.21 -10.05 -17.80
N ASN B 66 -6.29 -10.96 -17.40
CA ASN B 66 -4.95 -10.64 -16.85
C ASN B 66 -5.02 -9.82 -15.52
N PRO B 67 -4.76 -10.46 -14.32
CA PRO B 67 -4.74 -9.75 -13.01
C PRO B 67 -3.58 -8.75 -12.87
N ASP B 68 -2.57 -8.90 -13.76
CA ASP B 68 -1.39 -8.03 -13.77
C ASP B 68 -1.71 -6.65 -14.39
N GLU B 69 -2.77 -6.58 -15.22
CA GLU B 69 -3.12 -5.33 -15.96
C GLU B 69 -4.63 -5.06 -15.92
N ILE B 70 -4.98 -3.77 -16.03
CA ILE B 70 -6.35 -3.32 -16.22
C ILE B 70 -6.33 -2.02 -17.06
N GLU B 71 -7.14 -1.97 -18.11
CA GLU B 71 -7.26 -0.79 -18.97
C GLU B 71 -8.65 -0.18 -18.80
N ILE B 72 -8.73 0.95 -18.09
CA ILE B 72 -10.01 1.62 -17.79
C ILE B 72 -10.29 2.62 -18.93
N ASP B 73 -11.35 2.35 -19.69
CA ASP B 73 -11.80 3.17 -20.82
C ASP B 73 -13.15 3.81 -20.47
N PHE B 74 -13.08 5.04 -19.93
CA PHE B 74 -14.29 5.81 -19.54
C PHE B 74 -15.21 6.06 -20.78
N GLU B 75 -14.58 6.08 -21.96
CA GLU B 75 -15.22 6.31 -23.27
C GLU B 75 -16.26 5.24 -23.64
N THR B 76 -16.15 4.02 -23.06
CA THR B 76 -17.14 2.94 -23.24
C THR B 76 -17.63 2.37 -21.87
N LEU B 77 -17.07 2.89 -20.78
CA LEU B 77 -17.46 2.49 -19.40
C LEU B 77 -18.87 3.06 -19.07
N LYS B 78 -19.60 2.36 -18.16
CA LYS B 78 -20.97 2.72 -17.74
C LYS B 78 -21.03 4.16 -17.18
N PRO B 79 -21.97 5.03 -17.66
CA PRO B 79 -22.06 6.45 -17.23
C PRO B 79 -22.42 6.59 -15.72
N THR B 80 -23.11 5.58 -15.18
CA THR B 80 -23.45 5.53 -13.74
C THR B 80 -22.21 5.24 -12.88
N THR B 81 -21.36 4.31 -13.36
CA THR B 81 -20.08 3.93 -12.70
C THR B 81 -19.12 5.13 -12.61
N LEU B 82 -19.06 5.89 -13.72
CA LEU B 82 -18.13 7.01 -13.91
C LEU B 82 -18.58 8.25 -13.15
N ARG B 83 -19.90 8.45 -13.09
CA ARG B 83 -20.49 9.57 -12.36
C ARG B 83 -20.34 9.32 -10.85
N GLU B 84 -20.52 8.04 -10.43
CA GLU B 84 -20.29 7.59 -9.05
C GLU B 84 -18.83 7.82 -8.63
N LEU B 85 -17.93 7.45 -9.55
CA LEU B 85 -16.47 7.61 -9.40
C LEU B 85 -16.11 9.10 -9.25
N GLU B 86 -16.74 9.94 -10.10
CA GLU B 86 -16.51 11.39 -10.16
C GLU B 86 -16.99 12.08 -8.85
N ARG B 87 -18.20 11.69 -8.39
CA ARG B 87 -18.79 12.17 -7.11
C ARG B 87 -17.82 11.85 -5.94
N TYR B 88 -17.37 10.58 -5.93
CA TYR B 88 -16.53 10.03 -4.87
C TYR B 88 -15.18 10.77 -4.77
N VAL B 89 -14.44 10.82 -5.90
CA VAL B 89 -13.06 11.34 -5.94
C VAL B 89 -13.01 12.83 -5.57
N LYS B 90 -13.98 13.64 -6.05
CA LYS B 90 -14.02 15.09 -5.77
C LYS B 90 -14.41 15.36 -4.30
N SER B 91 -15.33 14.53 -3.79
CA SER B 91 -15.77 14.57 -2.37
C SER B 91 -14.66 14.05 -1.46
N CYS B 92 -13.70 13.31 -2.04
CA CYS B 92 -12.55 12.75 -1.31
C CYS B 92 -11.41 13.77 -1.16
N LEU B 93 -11.03 14.42 -2.29
CA LEU B 93 -9.86 15.33 -2.35
C LEU B 93 -10.16 16.69 -1.64
N GLN B 94 -11.43 17.13 -1.73
CA GLN B 94 -11.94 18.38 -1.05
C GLN B 94 -11.10 19.65 -1.40
N LYS B 95 -10.49 19.67 -2.59
CA LYS B 95 -9.63 20.78 -3.05
C LYS B 95 -9.69 20.89 -4.59
N LYS B 96 -9.71 22.13 -5.08
CA LYS B 96 -9.81 22.42 -6.51
C LYS B 96 -9.03 23.73 -6.77
N HIS A 1 18.13 -8.78 39.80
CA HIS A 1 19.12 -7.69 39.61
C HIS A 1 19.51 -7.59 38.11
N HIS A 2 20.14 -6.47 37.71
CA HIS A 2 20.50 -6.19 36.31
C HIS A 2 21.87 -5.48 36.25
N HIS A 3 22.75 -5.98 35.37
CA HIS A 3 24.13 -5.49 35.21
C HIS A 3 24.18 -4.41 34.12
N HIS A 4 24.75 -3.24 34.44
CA HIS A 4 24.79 -2.06 33.55
C HIS A 4 25.87 -2.25 32.44
N HIS A 5 25.57 -3.14 31.48
CA HIS A 5 26.46 -3.46 30.35
C HIS A 5 25.97 -2.74 29.09
N HIS A 6 26.88 -2.00 28.43
CA HIS A 6 26.57 -1.20 27.23
C HIS A 6 27.61 -1.50 26.15
N SER A 7 27.25 -2.37 25.19
CA SER A 7 28.14 -2.71 24.08
C SER A 7 27.99 -1.66 22.95
N HIS A 8 29.00 -0.80 22.85
CA HIS A 8 29.14 0.21 21.77
C HIS A 8 30.25 -0.24 20.82
N MET A 9 30.08 0.02 19.52
CA MET A 9 31.04 -0.42 18.48
C MET A 9 32.15 0.64 18.30
N VAL A 10 33.40 0.19 18.40
CA VAL A 10 34.58 1.02 18.09
C VAL A 10 34.60 1.38 16.58
N GLY A 11 34.93 2.65 16.28
CA GLY A 11 34.91 3.16 14.89
C GLY A 11 33.69 4.03 14.60
N ASP A 12 32.65 3.91 15.44
CA ASP A 12 31.40 4.69 15.31
C ASP A 12 31.63 6.18 15.64
N THR A 13 30.93 7.05 14.91
CA THR A 13 30.88 8.48 15.22
C THR A 13 29.80 8.69 16.31
N VAL A 14 30.18 9.32 17.44
CA VAL A 14 29.32 9.39 18.66
C VAL A 14 29.29 10.83 19.22
N TRP A 15 28.19 11.16 19.90
CA TRP A 15 28.00 12.45 20.56
C TRP A 15 28.33 12.29 22.05
N VAL A 16 29.38 13.00 22.49
CA VAL A 16 29.92 12.88 23.86
C VAL A 16 29.42 14.04 24.74
N ARG A 17 28.56 13.71 25.72
CA ARG A 17 28.11 14.67 26.75
C ARG A 17 29.11 14.62 27.92
N ARG A 18 29.50 15.81 28.40
CA ARG A 18 30.51 15.97 29.48
C ARG A 18 30.13 15.18 30.76
N HIS A 19 31.16 14.55 31.38
CA HIS A 19 31.04 13.76 32.63
C HIS A 19 30.33 14.56 33.74
N GLN A 20 30.77 15.82 33.95
CA GLN A 20 30.12 16.72 34.90
C GLN A 20 28.68 16.97 34.48
N THR A 21 27.75 16.43 35.28
CA THR A 21 26.32 16.58 35.08
C THR A 21 25.89 18.04 35.36
N LYS A 22 26.09 18.87 34.32
CA LYS A 22 25.79 20.30 34.36
C LYS A 22 24.36 20.55 33.86
N ASN A 23 24.05 21.81 33.49
CA ASN A 23 22.74 22.20 32.91
C ASN A 23 22.53 21.48 31.56
N LEU A 24 21.29 21.47 31.08
CA LEU A 24 20.90 20.83 29.80
C LEU A 24 21.54 21.56 28.58
N GLU A 25 21.88 22.86 28.75
CA GLU A 25 22.41 23.71 27.66
C GLU A 25 23.84 23.30 27.22
N PRO A 26 24.82 23.01 28.17
CA PRO A 26 26.01 22.20 27.83
C PRO A 26 25.60 20.79 27.34
N ARG A 27 25.33 20.71 26.03
CA ARG A 27 24.95 19.48 25.32
C ARG A 27 26.19 18.76 24.80
N TRP A 28 25.97 17.57 24.23
CA TRP A 28 27.03 16.74 23.66
C TRP A 28 27.67 17.39 22.42
N LYS A 29 28.93 17.03 22.14
CA LYS A 29 29.70 17.61 21.02
C LYS A 29 30.39 16.50 20.21
N GLY A 30 30.81 16.85 18.99
CA GLY A 30 31.42 15.91 18.06
C GLY A 30 30.81 16.05 16.65
N PRO A 31 30.50 14.92 15.92
CA PRO A 31 30.65 13.53 16.43
C PRO A 31 32.11 13.04 16.35
N TYR A 32 32.50 12.24 17.35
CA TYR A 32 33.87 11.75 17.52
C TYR A 32 33.94 10.25 17.21
N THR A 33 35.01 9.85 16.52
CA THR A 33 35.23 8.44 16.16
C THR A 33 35.77 7.67 17.38
N VAL A 34 35.06 6.58 17.78
CA VAL A 34 35.45 5.77 18.95
C VAL A 34 36.77 5.05 18.68
N LEU A 35 37.71 5.16 19.62
CA LEU A 35 39.07 4.61 19.50
C LEU A 35 39.27 3.41 20.46
N LEU A 36 38.62 3.48 21.64
CA LEU A 36 38.70 2.44 22.69
C LEU A 36 37.28 2.15 23.22
N THR A 37 37.02 0.89 23.60
CA THR A 37 35.72 0.45 24.10
C THR A 37 35.92 -0.52 25.29
N THR A 38 35.27 -0.20 26.42
CA THR A 38 35.20 -1.06 27.61
C THR A 38 33.70 -1.34 27.92
N PRO A 39 33.33 -2.42 28.69
CA PRO A 39 31.89 -2.84 28.89
C PRO A 39 30.92 -1.76 29.47
N THR A 40 31.46 -0.64 29.96
CA THR A 40 30.65 0.42 30.63
C THR A 40 31.18 1.84 30.31
N ALA A 41 32.26 1.93 29.54
CA ALA A 41 32.91 3.21 29.19
C ALA A 41 33.57 3.08 27.80
N LEU A 42 34.09 4.18 27.28
CA LEU A 42 34.76 4.20 25.96
C LEU A 42 35.65 5.45 25.88
N LYS A 43 36.67 5.41 25.01
CA LYS A 43 37.47 6.59 24.69
C LYS A 43 37.27 6.91 23.22
N VAL A 44 37.24 8.21 22.87
CA VAL A 44 37.01 8.65 21.48
C VAL A 44 38.06 9.70 21.09
N ASP A 45 38.11 9.99 19.78
CA ASP A 45 38.97 11.02 19.18
C ASP A 45 38.45 12.43 19.56
N GLY A 46 39.34 13.44 19.50
CA GLY A 46 38.96 14.85 19.63
C GLY A 46 38.88 15.35 21.06
N ILE A 47 38.05 14.67 21.90
CA ILE A 47 37.86 15.03 23.32
C ILE A 47 39.17 14.76 24.11
N ALA A 48 39.96 13.76 23.62
CA ALA A 48 41.30 13.40 24.17
C ALA A 48 41.22 12.90 25.63
N ALA A 49 40.09 12.26 25.97
CA ALA A 49 39.77 11.81 27.34
C ALA A 49 38.79 10.63 27.31
N TRP A 50 38.71 9.87 28.41
CA TRP A 50 37.75 8.76 28.58
C TRP A 50 36.37 9.30 28.95
N ILE A 51 35.33 8.57 28.51
CA ILE A 51 33.89 8.91 28.71
C ILE A 51 33.18 7.65 29.23
N HIS A 52 32.10 7.82 30.00
CA HIS A 52 31.20 6.71 30.37
C HIS A 52 30.12 6.52 29.29
N ALA A 53 29.59 5.30 29.21
CA ALA A 53 28.60 4.88 28.20
C ALA A 53 27.22 5.52 28.45
N ALA A 54 27.00 6.00 29.70
CA ALA A 54 25.77 6.72 30.10
C ALA A 54 25.84 8.22 29.75
N HIS A 55 26.95 8.65 29.10
CA HIS A 55 27.18 10.07 28.69
C HIS A 55 27.61 10.14 27.22
N VAL A 56 27.17 9.17 26.41
CA VAL A 56 27.52 9.10 24.98
C VAL A 56 26.32 8.57 24.17
N LYS A 57 26.30 8.84 22.85
CA LYS A 57 25.21 8.38 21.96
C LYS A 57 25.75 8.10 20.55
N ALA A 58 25.56 6.86 20.08
CA ALA A 58 25.98 6.44 18.73
C ALA A 58 25.15 7.19 17.67
N ALA A 59 25.84 8.02 16.86
CA ALA A 59 25.22 8.88 15.82
C ALA A 59 24.89 8.07 14.56
N ASP A 60 23.92 7.16 14.69
CA ASP A 60 23.37 6.40 13.56
C ASP A 60 22.20 7.20 12.94
N PRO A 61 22.30 7.60 11.62
CA PRO A 61 21.12 8.12 10.87
C PRO A 61 20.07 7.01 10.70
N GLY A 62 20.54 5.75 10.70
CA GLY A 62 19.70 4.58 10.51
C GLY A 62 19.45 4.29 9.06
N GLY A 63 18.48 3.43 8.80
CA GLY A 63 18.10 3.04 7.43
C GLY A 63 16.65 2.58 7.37
N GLY A 64 16.30 1.94 6.25
CA GLY A 64 14.94 1.45 6.04
C GLY A 64 14.67 1.22 4.55
N PRO A 65 15.16 0.09 3.95
CA PRO A 65 14.81 -0.27 2.57
C PRO A 65 13.32 -0.67 2.48
N SER A 66 12.60 -0.08 1.52
CA SER A 66 11.17 -0.32 1.31
C SER A 66 10.84 -0.23 -0.18
N SER A 67 10.26 -1.30 -0.73
CA SER A 67 9.87 -1.40 -2.15
C SER A 67 8.37 -1.75 -2.22
N ARG A 68 7.77 -1.59 -3.42
CA ARG A 68 6.35 -1.90 -3.64
C ARG A 68 6.04 -1.95 -5.14
N LEU A 69 5.19 -2.90 -5.53
CA LEU A 69 4.62 -2.99 -6.88
C LEU A 69 3.49 -1.97 -7.02
N THR A 70 3.49 -1.24 -8.14
CA THR A 70 2.54 -0.16 -8.42
C THR A 70 2.02 -0.27 -9.86
N TRP A 71 0.97 0.52 -10.19
CA TRP A 71 0.41 0.55 -11.55
C TRP A 71 1.14 1.61 -12.40
N ARG A 72 1.53 1.25 -13.63
CA ARG A 72 2.25 2.14 -14.55
C ARG A 72 1.21 2.76 -15.49
N VAL A 73 1.09 4.10 -15.47
CA VAL A 73 0.21 4.84 -16.41
C VAL A 73 0.97 5.00 -17.75
N GLN A 74 0.64 4.19 -18.77
CA GLN A 74 1.17 4.39 -20.12
C GLN A 74 0.19 5.21 -20.95
N ARG A 75 0.69 6.25 -21.64
CA ARG A 75 -0.07 6.98 -22.65
C ARG A 75 -0.15 6.12 -23.93
N SER A 76 -1.28 6.19 -24.59
CA SER A 76 -1.63 5.36 -25.75
C SER A 76 -2.48 6.19 -26.71
N GLN A 77 -2.86 5.62 -27.86
CA GLN A 77 -3.97 6.17 -28.66
C GLN A 77 -5.28 5.97 -27.88
N ASN A 78 -5.52 6.88 -26.93
CA ASN A 78 -6.68 6.86 -26.02
C ASN A 78 -7.44 8.19 -26.14
N PRO A 79 -8.81 8.16 -26.13
CA PRO A 79 -9.62 9.39 -26.06
C PRO A 79 -9.49 10.06 -24.67
N LEU A 80 -9.63 9.26 -23.59
CA LEU A 80 -9.44 9.74 -22.20
C LEU A 80 -9.13 8.57 -21.24
N LYS A 81 -8.78 7.39 -21.80
CA LYS A 81 -8.55 6.16 -20.99
C LYS A 81 -7.06 6.05 -20.59
N ILE A 82 -6.76 5.25 -19.54
CA ILE A 82 -5.37 5.01 -19.10
C ILE A 82 -5.08 3.49 -19.09
N ARG A 83 -3.86 3.12 -19.49
CA ARG A 83 -3.38 1.72 -19.41
C ARG A 83 -2.51 1.57 -18.17
N LEU A 84 -3.03 0.84 -17.17
CA LEU A 84 -2.31 0.56 -15.93
C LEU A 84 -1.74 -0.86 -15.97
N THR A 85 -0.42 -0.98 -16.12
CA THR A 85 0.30 -2.26 -16.12
C THR A 85 0.97 -2.47 -14.76
N ARG A 86 1.58 -3.63 -14.54
CA ARG A 86 2.40 -3.86 -13.36
C ARG A 86 3.79 -3.24 -13.56
N GLU A 87 4.02 -2.10 -12.89
CA GLU A 87 5.32 -1.43 -12.85
C GLU A 87 6.27 -2.20 -11.92
N ALA A 88 7.30 -2.79 -12.52
CA ALA A 88 8.35 -3.53 -11.79
C ALA A 88 9.44 -2.54 -11.33
N PRO A 89 9.77 -2.49 -9.99
CA PRO A 89 10.79 -1.56 -9.45
C PRO A 89 12.23 -2.01 -9.81
N HIS B 1 -47.51 -36.42 26.13
CA HIS B 1 -48.40 -35.77 25.14
C HIS B 1 -47.79 -34.44 24.66
N HIS B 2 -46.90 -34.55 23.65
CA HIS B 2 -46.29 -33.40 22.94
C HIS B 2 -46.17 -33.75 21.45
N HIS B 3 -47.24 -33.50 20.69
CA HIS B 3 -47.30 -33.74 19.24
C HIS B 3 -48.22 -32.68 18.61
N HIS B 4 -47.96 -32.35 17.32
CA HIS B 4 -48.59 -31.22 16.59
C HIS B 4 -48.01 -29.88 17.08
N HIS B 5 -47.18 -29.25 16.22
CA HIS B 5 -46.50 -27.98 16.50
C HIS B 5 -46.11 -27.32 15.16
N HIS B 6 -46.99 -26.44 14.66
CA HIS B 6 -46.82 -25.72 13.38
C HIS B 6 -47.79 -24.53 13.36
N SER B 7 -47.26 -23.34 13.68
CA SER B 7 -48.02 -22.08 13.69
C SER B 7 -47.21 -21.00 12.98
N HIS B 8 -47.62 -20.66 11.75
CA HIS B 8 -46.94 -19.66 10.90
C HIS B 8 -47.99 -18.77 10.23
N MET B 9 -48.00 -17.50 10.65
CA MET B 9 -48.93 -16.48 10.19
C MET B 9 -48.20 -15.14 10.32
N GLY B 10 -47.62 -14.69 9.20
CA GLY B 10 -46.79 -13.50 9.17
C GLY B 10 -45.98 -13.43 7.88
N LYS B 11 -46.32 -12.44 7.03
CA LYS B 11 -45.62 -12.19 5.75
C LYS B 11 -45.81 -10.71 5.35
N GLN B 12 -46.11 -9.87 6.34
CA GLN B 12 -46.44 -8.45 6.14
C GLN B 12 -45.15 -7.66 5.81
N ALA B 13 -44.98 -7.41 4.51
CA ALA B 13 -43.85 -6.64 3.97
C ALA B 13 -44.32 -5.92 2.71
N SER B 14 -43.63 -4.83 2.39
CA SER B 14 -43.85 -4.07 1.16
C SER B 14 -42.57 -3.33 0.80
N ALA B 15 -42.30 -3.24 -0.51
CA ALA B 15 -41.15 -2.55 -1.06
C ALA B 15 -41.61 -1.80 -2.32
N SER B 16 -42.24 -0.63 -2.09
CA SER B 16 -42.73 0.23 -3.17
C SER B 16 -41.55 0.86 -3.93
N TYR B 17 -41.82 1.29 -5.18
CA TYR B 17 -40.82 1.92 -6.06
C TYR B 17 -40.23 3.20 -5.42
N ASP B 18 -38.97 3.50 -5.74
CA ASP B 18 -38.27 4.71 -5.23
C ASP B 18 -38.86 5.97 -5.89
N SER B 19 -38.83 5.98 -7.23
CA SER B 19 -39.36 7.07 -8.07
C SER B 19 -39.81 6.48 -9.43
N GLU B 20 -40.27 7.36 -10.35
CA GLU B 20 -40.57 6.97 -11.75
C GLU B 20 -39.37 6.18 -12.34
N GLU B 21 -38.18 6.79 -12.20
CA GLU B 21 -36.88 6.15 -12.45
C GLU B 21 -36.79 5.71 -13.93
N GLU B 22 -36.67 6.72 -14.78
CA GLU B 22 -36.72 6.60 -16.24
C GLU B 22 -35.45 5.92 -16.78
N GLU B 23 -34.30 6.27 -16.17
CA GLU B 23 -32.97 5.74 -16.53
C GLU B 23 -32.13 5.53 -15.26
N GLU B 24 -30.84 5.15 -15.44
CA GLU B 24 -29.94 4.79 -14.32
C GLU B 24 -29.25 6.04 -13.72
N GLY B 25 -29.36 7.20 -14.39
CA GLY B 25 -28.73 8.43 -13.92
C GLY B 25 -27.50 8.77 -14.73
N LEU B 26 -27.72 9.40 -15.90
CA LEU B 26 -26.65 9.84 -16.81
C LEU B 26 -26.83 11.32 -17.28
N PRO B 27 -26.99 12.33 -16.34
CA PRO B 27 -27.08 13.76 -16.74
C PRO B 27 -25.69 14.31 -17.14
N MET B 28 -24.63 13.53 -16.83
CA MET B 28 -23.25 13.85 -17.18
C MET B 28 -22.99 13.47 -18.64
N SER B 29 -22.34 14.38 -19.37
CA SER B 29 -21.95 14.16 -20.76
C SER B 29 -20.60 13.41 -20.82
N TYR B 30 -20.23 13.03 -22.05
CA TYR B 30 -18.89 12.52 -22.37
C TYR B 30 -17.82 13.57 -22.03
N ASP B 31 -18.20 14.87 -22.14
CA ASP B 31 -17.39 16.03 -21.74
C ASP B 31 -16.98 15.94 -20.24
N GLU B 32 -17.95 15.53 -19.40
CA GLU B 32 -17.72 15.35 -17.96
C GLU B 32 -16.72 14.20 -17.71
N LYS B 33 -16.89 13.10 -18.49
CA LYS B 33 -15.99 11.92 -18.43
C LYS B 33 -14.53 12.33 -18.77
N ARG B 34 -14.37 13.24 -19.76
CA ARG B 34 -13.06 13.80 -20.17
C ARG B 34 -12.41 14.58 -19.00
N GLN B 35 -13.21 15.49 -18.42
CA GLN B 35 -12.73 16.47 -17.43
C GLN B 35 -12.29 15.79 -16.13
N LEU B 36 -13.14 14.87 -15.64
CA LEU B 36 -12.81 14.10 -14.42
C LEU B 36 -11.58 13.23 -14.66
N SER B 37 -11.41 12.72 -15.91
CA SER B 37 -10.29 11.84 -16.26
C SER B 37 -8.92 12.47 -15.93
N LEU B 38 -8.61 13.65 -16.53
CA LEU B 38 -7.27 14.29 -16.32
C LEU B 38 -7.14 14.89 -14.90
N ASP B 39 -8.28 15.35 -14.31
CA ASP B 39 -8.30 15.89 -12.93
C ASP B 39 -7.99 14.80 -11.87
N ILE B 40 -8.51 13.58 -12.07
CA ILE B 40 -8.25 12.42 -11.20
C ILE B 40 -6.82 11.88 -11.47
N ASN B 41 -6.40 11.98 -12.74
CA ASN B 41 -5.04 11.60 -13.20
C ASN B 41 -3.95 12.44 -12.49
N ARG B 42 -4.31 13.65 -12.04
CA ARG B 42 -3.42 14.53 -11.24
C ARG B 42 -3.19 14.01 -9.79
N LEU B 43 -3.99 13.03 -9.34
CA LEU B 43 -3.78 12.35 -8.03
C LEU B 43 -2.65 11.29 -8.16
N PRO B 44 -1.83 11.04 -7.07
CA PRO B 44 -0.70 10.06 -7.07
C PRO B 44 -1.21 8.57 -7.13
N GLY B 45 -0.67 7.68 -6.25
CA GLY B 45 -1.11 6.26 -6.19
C GLY B 45 -2.60 6.09 -5.86
N GLU B 46 -3.24 7.17 -5.35
CA GLU B 46 -4.69 7.24 -5.08
C GLU B 46 -5.49 7.03 -6.39
N LYS B 47 -5.00 7.64 -7.49
CA LYS B 47 -5.62 7.54 -8.83
C LYS B 47 -5.72 6.07 -9.24
N LEU B 48 -4.58 5.39 -9.11
CA LEU B 48 -4.39 4.00 -9.53
C LEU B 48 -5.40 3.08 -8.80
N GLY B 49 -5.45 3.26 -7.46
CA GLY B 49 -6.27 2.44 -6.58
C GLY B 49 -7.76 2.64 -6.75
N ARG B 50 -8.20 3.92 -6.82
CA ARG B 50 -9.64 4.29 -6.89
C ARG B 50 -10.26 3.85 -8.22
N VAL B 51 -9.53 4.08 -9.32
CA VAL B 51 -10.00 3.78 -10.68
C VAL B 51 -10.15 2.26 -10.87
N VAL B 52 -9.12 1.46 -10.47
CA VAL B 52 -9.19 -0.02 -10.57
C VAL B 52 -10.24 -0.59 -9.60
N HIS B 53 -10.43 0.07 -8.44
CA HIS B 53 -11.44 -0.34 -7.43
C HIS B 53 -12.86 -0.30 -8.03
N ILE B 54 -13.24 0.88 -8.55
CA ILE B 54 -14.60 1.16 -9.01
C ILE B 54 -14.97 0.34 -10.26
N ILE B 55 -14.04 0.22 -11.22
CA ILE B 55 -14.29 -0.58 -12.44
C ILE B 55 -14.55 -2.07 -12.08
N GLN B 56 -13.77 -2.65 -11.12
CA GLN B 56 -13.94 -4.07 -10.70
C GLN B 56 -15.23 -4.26 -9.89
N SER B 57 -15.61 -3.22 -9.13
CA SER B 57 -16.84 -3.22 -8.34
C SER B 57 -18.08 -3.09 -9.25
N ARG B 58 -17.90 -2.48 -10.44
CA ARG B 58 -18.97 -2.31 -11.45
C ARG B 58 -18.96 -3.43 -12.52
N GLU B 59 -17.82 -4.12 -12.66
CA GLU B 59 -17.57 -5.10 -13.74
C GLU B 59 -16.18 -5.77 -13.48
N PRO B 60 -16.13 -7.10 -13.13
CA PRO B 60 -14.86 -7.81 -12.82
C PRO B 60 -13.97 -8.06 -14.08
N SER B 61 -13.28 -6.99 -14.53
CA SER B 61 -12.43 -7.01 -15.73
C SER B 61 -11.13 -7.82 -15.52
N LEU B 62 -10.18 -7.28 -14.71
CA LEU B 62 -8.84 -7.90 -14.53
C LEU B 62 -8.92 -9.25 -13.78
N ARG B 63 -10.06 -9.48 -13.11
CA ARG B 63 -10.38 -10.74 -12.44
C ARG B 63 -10.42 -11.90 -13.47
N ASP B 64 -11.14 -11.63 -14.57
CA ASP B 64 -11.35 -12.59 -15.67
C ASP B 64 -10.04 -12.88 -16.43
N SER B 65 -9.25 -11.81 -16.67
CA SER B 65 -8.07 -11.88 -17.54
C SER B 65 -6.95 -10.96 -17.03
N ASN B 66 -5.84 -11.60 -16.57
CA ASN B 66 -4.58 -10.96 -16.15
C ASN B 66 -4.76 -9.78 -15.15
N PRO B 67 -4.74 -10.07 -13.80
CA PRO B 67 -5.02 -9.06 -12.75
C PRO B 67 -3.98 -7.92 -12.64
N ASP B 68 -2.81 -8.07 -13.30
CA ASP B 68 -1.68 -7.13 -13.18
C ASP B 68 -1.61 -6.15 -14.37
N GLU B 69 -2.53 -6.29 -15.33
CA GLU B 69 -2.75 -5.26 -16.39
C GLU B 69 -4.25 -4.98 -16.47
N ILE B 70 -4.59 -3.71 -16.61
CA ILE B 70 -5.97 -3.26 -16.74
C ILE B 70 -6.00 -1.98 -17.61
N GLU B 71 -6.82 -2.01 -18.65
CA GLU B 71 -7.09 -0.84 -19.50
C GLU B 71 -8.51 -0.38 -19.24
N ILE B 72 -8.64 0.69 -18.43
CA ILE B 72 -9.96 1.22 -18.08
C ILE B 72 -10.36 2.20 -19.17
N ASP B 73 -11.18 1.70 -20.12
CA ASP B 73 -11.71 2.49 -21.23
C ASP B 73 -13.02 3.13 -20.76
N PHE B 74 -12.87 4.28 -20.08
CA PHE B 74 -13.99 5.01 -19.45
C PHE B 74 -15.15 5.28 -20.42
N GLU B 75 -14.81 5.45 -21.70
CA GLU B 75 -15.77 5.79 -22.76
C GLU B 75 -16.77 4.64 -23.02
N THR B 76 -16.33 3.36 -22.86
CA THR B 76 -17.23 2.19 -22.95
C THR B 76 -17.80 1.85 -21.56
N LEU B 77 -17.08 2.25 -20.48
CA LEU B 77 -17.60 2.15 -19.10
C LEU B 77 -18.85 3.04 -18.96
N LYS B 78 -19.79 2.57 -18.13
CA LYS B 78 -21.12 3.19 -18.01
C LYS B 78 -21.04 4.62 -17.43
N PRO B 79 -21.97 5.53 -17.84
CA PRO B 79 -22.00 6.92 -17.31
C PRO B 79 -22.20 6.98 -15.78
N THR B 80 -22.75 5.89 -15.19
CA THR B 80 -22.91 5.75 -13.74
C THR B 80 -21.59 5.31 -13.06
N THR B 81 -20.72 4.57 -13.78
CA THR B 81 -19.35 4.23 -13.29
C THR B 81 -18.54 5.54 -13.13
N LEU B 82 -18.71 6.45 -14.11
CA LEU B 82 -17.99 7.73 -14.18
C LEU B 82 -18.60 8.77 -13.22
N ARG B 83 -19.94 8.75 -13.10
CA ARG B 83 -20.68 9.64 -12.18
C ARG B 83 -20.29 9.29 -10.74
N GLU B 84 -20.14 7.98 -10.48
CA GLU B 84 -19.69 7.46 -9.19
C GLU B 84 -18.22 7.82 -8.95
N LEU B 85 -17.38 7.68 -10.01
CA LEU B 85 -15.93 7.92 -9.93
C LEU B 85 -15.61 9.39 -9.55
N GLU B 86 -16.32 10.36 -10.17
CA GLU B 86 -16.13 11.79 -9.89
C GLU B 86 -16.65 12.15 -8.49
N ARG B 87 -17.87 11.65 -8.12
CA ARG B 87 -18.45 11.84 -6.76
C ARG B 87 -17.46 11.36 -5.67
N TYR B 88 -16.89 10.18 -5.94
CA TYR B 88 -16.02 9.41 -5.04
C TYR B 88 -14.80 10.25 -4.65
N VAL B 89 -14.11 10.76 -5.69
CA VAL B 89 -12.87 11.51 -5.53
C VAL B 89 -13.12 12.94 -5.01
N LYS B 90 -14.12 13.67 -5.57
CA LYS B 90 -14.31 15.11 -5.29
C LYS B 90 -14.83 15.34 -3.86
N SER B 91 -15.61 14.38 -3.35
CA SER B 91 -16.16 14.41 -1.98
C SER B 91 -15.03 14.14 -0.95
N CYS B 92 -13.91 13.56 -1.42
CA CYS B 92 -12.73 13.29 -0.60
C CYS B 92 -11.76 14.48 -0.57
N LEU B 93 -11.41 15.05 -1.76
CA LEU B 93 -10.37 16.11 -1.88
C LEU B 93 -10.95 17.54 -1.79
N GLN B 94 -12.17 17.75 -2.35
CA GLN B 94 -12.83 19.09 -2.46
C GLN B 94 -11.95 20.18 -3.14
N LYS B 95 -10.89 19.75 -3.86
CA LYS B 95 -10.01 20.62 -4.68
C LYS B 95 -10.76 21.21 -5.88
N LYS B 96 -10.23 22.33 -6.36
CA LYS B 96 -10.75 23.04 -7.54
C LYS B 96 -9.54 23.49 -8.40
N HIS A 1 11.51 33.13 22.54
CA HIS A 1 12.38 32.92 21.37
C HIS A 1 13.86 33.14 21.73
N HIS A 2 14.54 32.05 22.16
CA HIS A 2 16.00 32.01 22.40
C HIS A 2 16.50 30.59 22.10
N HIS A 3 17.35 30.46 21.07
CA HIS A 3 18.01 29.17 20.76
C HIS A 3 18.98 28.84 21.90
N HIS A 4 18.84 27.65 22.51
CA HIS A 4 19.75 27.19 23.60
C HIS A 4 21.18 27.10 23.08
N HIS A 5 21.41 26.19 22.12
CA HIS A 5 22.73 25.91 21.54
C HIS A 5 22.64 24.86 20.42
N HIS A 6 23.73 24.76 19.67
CA HIS A 6 23.98 23.66 18.72
C HIS A 6 24.18 22.33 19.48
N SER A 7 23.07 21.59 19.67
CA SER A 7 23.11 20.26 20.30
C SER A 7 23.46 19.18 19.26
N HIS A 8 24.69 18.65 19.35
CA HIS A 8 25.15 17.48 18.56
C HIS A 8 25.19 16.24 19.47
N MET A 9 25.01 15.05 18.87
CA MET A 9 24.99 13.77 19.60
C MET A 9 26.25 12.97 19.27
N VAL A 10 26.80 12.32 20.31
CA VAL A 10 28.00 11.47 20.22
C VAL A 10 27.68 10.17 19.43
N GLY A 11 28.60 9.78 18.54
CA GLY A 11 28.47 8.54 17.76
C GLY A 11 28.22 8.81 16.28
N ASP A 12 27.64 9.99 15.95
CA ASP A 12 27.37 10.39 14.56
C ASP A 12 28.68 10.57 13.76
N THR A 13 28.60 10.30 12.45
CA THR A 13 29.68 10.62 11.51
C THR A 13 29.53 12.08 11.06
N VAL A 14 30.61 12.85 11.15
CA VAL A 14 30.64 14.28 10.79
C VAL A 14 31.87 14.58 9.91
N TRP A 15 31.90 15.78 9.36
CA TRP A 15 32.99 16.30 8.55
C TRP A 15 33.63 17.47 9.32
N VAL A 16 34.96 17.47 9.49
CA VAL A 16 35.66 18.54 10.20
C VAL A 16 36.27 19.52 9.20
N ARG A 17 35.68 20.72 9.13
CA ARG A 17 36.12 21.80 8.24
C ARG A 17 37.45 22.37 8.79
N ARG A 18 38.53 22.13 8.04
CA ARG A 18 39.90 22.51 8.41
C ARG A 18 40.17 24.02 8.22
N HIS A 19 41.22 24.51 8.92
CA HIS A 19 41.80 25.87 8.72
C HIS A 19 40.85 26.98 9.24
N GLN A 20 41.24 27.62 10.36
CA GLN A 20 40.33 28.47 11.19
C GLN A 20 39.78 29.71 10.45
N THR A 21 40.64 30.41 9.69
CA THR A 21 40.37 31.77 9.16
C THR A 21 39.20 31.82 8.14
N LYS A 22 38.79 33.06 7.82
CA LYS A 22 37.63 33.40 6.96
C LYS A 22 37.68 32.75 5.55
N ASN A 23 38.88 32.32 5.12
CA ASN A 23 39.09 31.63 3.82
C ASN A 23 38.21 30.37 3.74
N LEU A 24 37.18 30.45 2.86
CA LEU A 24 36.10 29.44 2.72
C LEU A 24 36.53 28.23 1.88
N GLU A 25 37.70 28.35 1.20
CA GLU A 25 38.22 27.34 0.26
C GLU A 25 38.53 25.97 0.95
N PRO A 26 39.35 25.91 2.08
CA PRO A 26 39.69 24.62 2.78
C PRO A 26 38.45 23.80 3.19
N ARG A 27 38.23 22.70 2.46
CA ARG A 27 37.09 21.80 2.68
C ARG A 27 37.44 20.75 3.72
N TRP A 28 36.38 20.22 4.32
CA TRP A 28 36.46 19.22 5.41
C TRP A 28 37.10 17.90 5.00
N LYS A 29 37.46 17.11 6.04
CA LYS A 29 38.00 15.76 5.87
C LYS A 29 37.32 14.80 6.87
N GLY A 30 37.35 13.50 6.55
CA GLY A 30 36.66 12.48 7.33
C GLY A 30 36.02 11.43 6.39
N PRO A 31 34.75 10.95 6.66
CA PRO A 31 33.94 11.36 7.84
C PRO A 31 34.44 10.67 9.14
N TYR A 32 34.51 11.44 10.22
CA TYR A 32 35.03 10.99 11.52
C TYR A 32 33.87 10.78 12.50
N THR A 33 34.04 9.82 13.41
CA THR A 33 33.02 9.43 14.38
C THR A 33 33.21 10.24 15.68
N VAL A 34 32.15 10.95 16.11
CA VAL A 34 32.17 11.79 17.32
C VAL A 34 32.34 10.91 18.57
N LEU A 35 33.41 11.16 19.34
CA LEU A 35 33.72 10.42 20.58
C LEU A 35 33.34 11.22 21.83
N LEU A 36 33.46 12.56 21.74
CA LEU A 36 33.11 13.49 22.85
C LEU A 36 32.15 14.57 22.35
N THR A 37 31.08 14.85 23.12
CA THR A 37 30.17 15.98 22.87
C THR A 37 30.03 16.84 24.13
N THR A 38 30.36 18.13 24.00
CA THR A 38 30.16 19.15 25.03
C THR A 38 29.12 20.18 24.49
N PRO A 39 28.46 21.02 25.34
CA PRO A 39 27.42 22.00 24.87
C PRO A 39 27.95 23.19 24.02
N THR A 40 29.22 23.10 23.55
CA THR A 40 29.92 24.19 22.87
C THR A 40 30.86 23.65 21.75
N ALA A 41 31.45 22.47 21.96
CA ALA A 41 32.40 21.84 21.01
C ALA A 41 32.21 20.30 20.99
N LEU A 42 32.91 19.61 20.09
CA LEU A 42 32.88 18.14 20.00
C LEU A 42 34.25 17.63 19.59
N LYS A 43 34.66 16.46 20.09
CA LYS A 43 35.90 15.81 19.65
C LYS A 43 35.52 14.54 18.87
N VAL A 44 36.26 14.26 17.79
CA VAL A 44 36.00 13.10 16.91
C VAL A 44 37.26 12.23 16.83
N ASP A 45 37.09 11.03 16.25
CA ASP A 45 38.15 10.03 16.07
C ASP A 45 39.08 10.45 14.91
N GLY A 46 40.36 10.04 14.98
CA GLY A 46 41.32 10.26 13.89
C GLY A 46 42.05 11.59 13.99
N ILE A 47 41.28 12.68 14.09
CA ILE A 47 41.80 14.06 14.04
C ILE A 47 42.71 14.38 15.25
N ALA A 48 42.42 13.71 16.41
CA ALA A 48 43.18 13.87 17.68
C ALA A 48 43.21 15.33 18.19
N ALA A 49 42.07 16.02 18.01
CA ALA A 49 41.91 17.45 18.38
C ALA A 49 40.41 17.77 18.60
N TRP A 50 40.14 18.78 19.43
CA TRP A 50 38.78 19.31 19.65
C TRP A 50 38.36 20.20 18.47
N ILE A 51 37.08 20.11 18.09
CA ILE A 51 36.50 20.82 16.94
C ILE A 51 35.45 21.81 17.45
N HIS A 52 35.52 23.07 16.97
CA HIS A 52 34.47 24.07 17.18
C HIS A 52 33.31 23.81 16.20
N ALA A 53 32.08 24.10 16.65
CA ALA A 53 30.83 23.83 15.90
C ALA A 53 30.75 24.62 14.57
N ALA A 54 31.45 25.76 14.52
CA ALA A 54 31.55 26.60 13.30
C ALA A 54 32.36 25.91 12.19
N HIS A 55 33.10 24.84 12.55
CA HIS A 55 34.00 24.09 11.63
C HIS A 55 33.64 22.58 11.64
N VAL A 56 32.34 22.28 11.66
CA VAL A 56 31.86 20.89 11.55
C VAL A 56 30.55 20.86 10.73
N LYS A 57 30.22 19.67 10.18
CA LYS A 57 28.98 19.47 9.42
C LYS A 57 28.63 17.97 9.43
N ALA A 58 27.42 17.61 9.91
CA ALA A 58 26.99 16.21 10.08
C ALA A 58 26.88 15.49 8.72
N ALA A 59 27.67 14.40 8.56
CA ALA A 59 27.64 13.53 7.37
C ALA A 59 26.31 12.78 7.31
N ASP A 60 25.69 12.76 6.13
CA ASP A 60 24.40 12.10 5.92
C ASP A 60 24.59 10.57 5.89
N PRO A 61 23.99 9.80 6.85
CA PRO A 61 24.07 8.31 6.85
C PRO A 61 23.26 7.70 5.69
N GLY A 62 22.23 8.44 5.25
CA GLY A 62 21.35 8.01 4.18
C GLY A 62 20.44 6.87 4.61
N GLY A 63 20.35 5.87 3.74
CA GLY A 63 19.50 4.70 3.96
C GLY A 63 19.09 4.08 2.63
N GLY A 64 17.79 3.77 2.49
CA GLY A 64 17.25 3.25 1.24
C GLY A 64 15.97 2.44 1.45
N PRO A 65 14.83 3.08 1.88
CA PRO A 65 13.56 2.36 2.06
C PRO A 65 12.90 2.05 0.69
N SER A 66 12.11 0.97 0.65
CA SER A 66 11.37 0.55 -0.54
C SER A 66 9.88 0.50 -0.21
N SER A 67 9.05 0.82 -1.21
CA SER A 67 7.58 0.93 -1.07
C SER A 67 6.90 -0.36 -1.57
N ARG A 68 5.56 -0.34 -1.61
CA ARG A 68 4.74 -1.46 -2.14
C ARG A 68 4.43 -1.22 -3.64
N LEU A 69 4.07 -2.30 -4.35
CA LEU A 69 3.72 -2.28 -5.79
C LEU A 69 2.58 -1.29 -6.09
N THR A 70 2.77 -0.50 -7.14
CA THR A 70 1.87 0.62 -7.52
C THR A 70 1.28 0.36 -8.92
N TRP A 71 0.28 1.17 -9.33
CA TRP A 71 -0.20 1.19 -10.72
C TRP A 71 0.56 2.28 -11.50
N ARG A 72 0.82 2.03 -12.79
CA ARG A 72 1.60 2.94 -13.66
C ARG A 72 0.74 3.30 -14.87
N VAL A 73 0.65 4.60 -15.20
CA VAL A 73 -0.12 5.07 -16.37
C VAL A 73 0.74 4.96 -17.64
N GLN A 74 0.43 3.98 -18.50
CA GLN A 74 1.01 3.89 -19.86
C GLN A 74 -0.08 4.19 -20.89
N ARG A 75 0.35 4.81 -21.99
CA ARG A 75 -0.51 5.15 -23.13
C ARG A 75 -0.86 3.88 -23.94
N SER A 76 -1.97 3.95 -24.65
CA SER A 76 -2.34 3.01 -25.71
C SER A 76 -3.17 3.78 -26.75
N GLN A 77 -3.48 3.13 -27.89
CA GLN A 77 -4.31 3.75 -28.96
C GLN A 77 -5.77 3.90 -28.49
N ASN A 78 -6.04 4.99 -27.76
CA ASN A 78 -7.33 5.25 -27.09
C ASN A 78 -7.66 6.75 -27.05
N PRO A 79 -8.98 7.13 -27.04
CA PRO A 79 -9.41 8.56 -26.92
C PRO A 79 -9.07 9.19 -25.54
N LEU A 80 -9.57 8.58 -24.43
CA LEU A 80 -9.35 9.09 -23.05
C LEU A 80 -9.20 7.95 -22.02
N LYS A 81 -9.06 6.71 -22.50
CA LYS A 81 -8.86 5.50 -21.67
C LYS A 81 -7.37 5.41 -21.24
N ILE A 82 -7.09 4.63 -20.16
CA ILE A 82 -5.70 4.42 -19.67
C ILE A 82 -5.42 2.91 -19.47
N ARG A 83 -4.12 2.54 -19.45
CA ARG A 83 -3.66 1.19 -19.09
C ARG A 83 -2.74 1.28 -17.87
N LEU A 84 -3.21 0.75 -16.74
CA LEU A 84 -2.47 0.74 -15.46
C LEU A 84 -1.77 -0.62 -15.27
N THR A 85 -0.43 -0.60 -15.22
CA THR A 85 0.39 -1.83 -15.03
C THR A 85 0.89 -1.90 -13.57
N ARG A 86 1.10 -3.11 -13.04
CA ARG A 86 1.63 -3.30 -11.68
C ARG A 86 3.15 -3.05 -11.68
N GLU A 87 3.53 -1.81 -11.37
CA GLU A 87 4.91 -1.35 -11.39
C GLU A 87 5.63 -1.65 -10.07
N ALA A 88 6.91 -2.04 -10.18
CA ALA A 88 7.79 -2.23 -9.02
C ALA A 88 8.42 -0.87 -8.64
N PRO A 89 8.21 -0.38 -7.37
CA PRO A 89 8.69 0.96 -6.95
C PRO A 89 10.24 1.04 -6.88
N HIS B 1 -21.47 10.43 40.20
CA HIS B 1 -22.72 9.73 39.85
C HIS B 1 -23.82 10.75 39.46
N HIS B 2 -24.98 10.22 39.01
CA HIS B 2 -26.19 11.01 38.66
C HIS B 2 -25.93 11.93 37.44
N HIS B 3 -25.13 11.43 36.48
CA HIS B 3 -24.86 12.12 35.20
C HIS B 3 -25.02 11.13 34.03
N HIS B 4 -26.25 11.09 33.49
CA HIS B 4 -26.67 10.16 32.41
C HIS B 4 -27.38 10.94 31.32
N HIS B 5 -26.89 10.84 30.07
CA HIS B 5 -27.49 11.52 28.91
C HIS B 5 -27.62 10.52 27.75
N HIS B 6 -28.68 10.71 26.94
CA HIS B 6 -28.90 9.97 25.68
C HIS B 6 -29.26 10.99 24.59
N SER B 7 -28.31 11.26 23.69
CA SER B 7 -28.48 12.22 22.59
C SER B 7 -28.43 11.49 21.23
N HIS B 8 -29.54 11.53 20.48
CA HIS B 8 -29.61 11.04 19.09
C HIS B 8 -30.71 11.80 18.33
N MET B 9 -30.28 12.71 17.44
CA MET B 9 -31.19 13.52 16.60
C MET B 9 -30.36 14.22 15.50
N GLY B 10 -30.98 14.46 14.34
CA GLY B 10 -30.32 15.09 13.19
C GLY B 10 -30.24 14.13 12.01
N LYS B 11 -31.38 13.96 11.31
CA LYS B 11 -31.51 12.99 10.18
C LYS B 11 -31.84 13.71 8.85
N GLN B 12 -31.58 15.03 8.78
CA GLN B 12 -31.98 15.89 7.62
C GLN B 12 -31.30 15.42 6.31
N ALA B 13 -32.05 14.63 5.53
CA ALA B 13 -31.61 14.03 4.26
C ALA B 13 -32.81 13.90 3.31
N SER B 14 -32.94 14.86 2.39
CA SER B 14 -34.04 14.92 1.41
C SER B 14 -33.57 15.68 0.17
N ALA B 15 -33.25 14.94 -0.90
CA ALA B 15 -32.81 15.50 -2.19
C ALA B 15 -33.87 15.23 -3.26
N SER B 16 -34.43 16.30 -3.85
CA SER B 16 -35.40 16.20 -4.96
C SER B 16 -34.70 15.72 -6.24
N TYR B 17 -35.47 15.15 -7.18
CA TYR B 17 -34.94 14.75 -8.50
C TYR B 17 -34.54 16.00 -9.32
N ASP B 18 -33.57 15.83 -10.24
CA ASP B 18 -33.17 16.88 -11.20
C ASP B 18 -34.33 17.14 -12.19
N SER B 19 -34.76 16.04 -12.82
CA SER B 19 -35.91 15.98 -13.73
C SER B 19 -36.58 14.60 -13.55
N GLU B 20 -37.60 14.30 -14.41
CA GLU B 20 -38.17 12.95 -14.56
C GLU B 20 -37.05 11.87 -14.61
N GLU B 21 -36.09 12.09 -15.53
CA GLU B 21 -34.79 11.37 -15.58
C GLU B 21 -35.03 9.85 -15.74
N GLU B 22 -35.85 9.51 -16.74
CA GLU B 22 -36.34 8.14 -17.00
C GLU B 22 -35.19 7.19 -17.37
N GLU B 23 -34.12 7.75 -17.95
CA GLU B 23 -32.93 6.99 -18.35
C GLU B 23 -32.01 6.69 -17.14
N GLU B 24 -30.98 5.86 -17.39
CA GLU B 24 -29.97 5.47 -16.37
C GLU B 24 -29.23 6.71 -15.79
N GLY B 25 -29.02 7.72 -16.66
CA GLY B 25 -28.26 8.91 -16.32
C GLY B 25 -27.09 9.08 -17.26
N LEU B 26 -27.34 9.76 -18.40
CA LEU B 26 -26.30 10.09 -19.41
C LEU B 26 -26.31 11.61 -19.84
N PRO B 27 -26.60 12.63 -18.93
CA PRO B 27 -26.70 14.06 -19.37
C PRO B 27 -25.30 14.69 -19.57
N MET B 28 -24.26 14.00 -19.06
CA MET B 28 -22.86 14.42 -19.16
C MET B 28 -22.35 14.19 -20.61
N SER B 29 -21.85 15.26 -21.24
CA SER B 29 -21.33 15.23 -22.62
C SER B 29 -19.96 14.52 -22.67
N TYR B 30 -19.45 14.35 -23.90
CA TYR B 30 -18.10 13.80 -24.11
C TYR B 30 -17.06 14.76 -23.51
N ASP B 31 -17.28 16.08 -23.69
CA ASP B 31 -16.40 17.13 -23.15
C ASP B 31 -16.29 17.05 -21.61
N GLU B 32 -17.42 16.75 -20.94
CA GLU B 32 -17.46 16.55 -19.48
C GLU B 32 -16.55 15.39 -19.06
N LYS B 33 -16.80 14.19 -19.63
CA LYS B 33 -16.09 12.96 -19.24
C LYS B 33 -14.59 13.01 -19.63
N ARG B 34 -14.25 13.81 -20.67
CA ARG B 34 -12.86 14.11 -21.03
C ARG B 34 -12.18 14.92 -19.90
N GLN B 35 -12.85 16.03 -19.53
CA GLN B 35 -12.31 17.01 -18.58
C GLN B 35 -12.08 16.35 -17.20
N LEU B 36 -13.14 15.72 -16.66
CA LEU B 36 -13.07 15.12 -15.32
C LEU B 36 -12.08 13.95 -15.28
N SER B 37 -12.05 13.08 -16.34
CA SER B 37 -11.16 11.89 -16.36
C SER B 37 -9.68 12.28 -16.29
N LEU B 38 -9.28 13.34 -17.03
CA LEU B 38 -7.88 13.83 -17.05
C LEU B 38 -7.53 14.54 -15.72
N ASP B 39 -8.54 15.26 -15.17
CA ASP B 39 -8.41 16.04 -13.92
C ASP B 39 -8.22 15.09 -12.72
N ILE B 40 -8.87 13.93 -12.81
CA ILE B 40 -8.78 12.88 -11.77
C ILE B 40 -7.51 12.05 -12.01
N ASN B 41 -7.09 11.97 -13.29
CA ASN B 41 -5.79 11.40 -13.71
C ASN B 41 -4.61 12.20 -13.09
N ARG B 42 -4.84 13.51 -12.85
CA ARG B 42 -3.84 14.41 -12.26
C ARG B 42 -3.58 14.15 -10.75
N LEU B 43 -4.41 13.32 -10.12
CA LEU B 43 -4.23 12.92 -8.71
C LEU B 43 -3.07 11.88 -8.60
N PRO B 44 -2.39 11.74 -7.42
CA PRO B 44 -1.29 10.75 -7.22
C PRO B 44 -1.84 9.31 -6.97
N GLY B 45 -1.56 8.71 -5.79
CA GLY B 45 -2.04 7.34 -5.46
C GLY B 45 -3.55 7.28 -5.23
N GLU B 46 -4.18 8.46 -5.05
CA GLU B 46 -5.64 8.59 -4.98
C GLU B 46 -6.29 8.26 -6.34
N LYS B 47 -5.60 8.65 -7.41
CA LYS B 47 -6.02 8.33 -8.79
C LYS B 47 -6.03 6.80 -8.97
N LEU B 48 -4.86 6.21 -8.72
CA LEU B 48 -4.57 4.79 -8.97
C LEU B 48 -5.53 3.89 -8.16
N GLY B 49 -5.54 4.12 -6.84
CA GLY B 49 -6.32 3.34 -5.89
C GLY B 49 -7.82 3.39 -6.13
N ARG B 50 -8.34 4.62 -6.32
CA ARG B 50 -9.80 4.85 -6.48
C ARG B 50 -10.32 4.27 -7.80
N VAL B 51 -9.64 4.57 -8.93
CA VAL B 51 -10.14 4.19 -10.28
C VAL B 51 -10.19 2.65 -10.44
N VAL B 52 -9.16 1.94 -9.92
CA VAL B 52 -9.12 0.46 -9.96
C VAL B 52 -10.15 -0.14 -8.99
N HIS B 53 -10.41 0.57 -7.87
CA HIS B 53 -11.37 0.11 -6.85
C HIS B 53 -12.81 0.22 -7.38
N ILE B 54 -13.08 1.23 -8.25
CA ILE B 54 -14.42 1.43 -8.86
C ILE B 54 -14.74 0.30 -9.86
N ILE B 55 -13.87 0.14 -10.88
CA ILE B 55 -14.09 -0.83 -11.98
C ILE B 55 -14.14 -2.29 -11.44
N GLN B 56 -13.29 -2.63 -10.46
CA GLN B 56 -13.26 -3.98 -9.87
C GLN B 56 -14.38 -4.18 -8.83
N SER B 57 -14.95 -3.06 -8.30
CA SER B 57 -16.18 -3.11 -7.48
C SER B 57 -17.39 -3.47 -8.37
N ARG B 58 -17.29 -3.10 -9.67
CA ARG B 58 -18.34 -3.39 -10.65
C ARG B 58 -18.21 -4.84 -11.13
N GLU B 59 -16.96 -5.25 -11.45
CA GLU B 59 -16.64 -6.61 -11.89
C GLU B 59 -15.11 -6.79 -11.79
N PRO B 60 -14.60 -7.71 -10.91
CA PRO B 60 -13.18 -8.13 -10.90
C PRO B 60 -12.76 -8.75 -12.26
N SER B 61 -12.24 -7.89 -13.16
CA SER B 61 -11.92 -8.26 -14.54
C SER B 61 -10.43 -8.60 -14.72
N LEU B 62 -9.53 -7.93 -13.93
CA LEU B 62 -8.06 -8.11 -14.09
C LEU B 62 -7.64 -9.56 -13.79
N ARG B 63 -8.31 -10.17 -12.80
CA ARG B 63 -8.05 -11.56 -12.35
C ARG B 63 -8.19 -12.57 -13.52
N ASP B 64 -9.03 -12.23 -14.51
CA ASP B 64 -9.29 -13.04 -15.70
C ASP B 64 -8.36 -12.59 -16.84
N SER B 65 -8.51 -11.33 -17.25
CA SER B 65 -7.82 -10.76 -18.42
C SER B 65 -6.50 -10.08 -17.98
N ASN B 66 -5.49 -10.93 -17.67
CA ASN B 66 -4.12 -10.53 -17.29
C ASN B 66 -4.11 -9.69 -15.97
N PRO B 67 -3.86 -10.33 -14.77
CA PRO B 67 -3.87 -9.64 -13.44
C PRO B 67 -2.78 -8.56 -13.26
N ASP B 68 -1.77 -8.59 -14.16
CA ASP B 68 -0.60 -7.67 -14.12
C ASP B 68 -0.99 -6.27 -14.58
N GLU B 69 -2.11 -6.18 -15.34
CA GLU B 69 -2.59 -4.92 -15.95
C GLU B 69 -4.10 -4.78 -15.73
N ILE B 70 -4.59 -3.53 -15.75
CA ILE B 70 -6.01 -3.21 -15.66
C ILE B 70 -6.29 -1.96 -16.50
N GLU B 71 -7.31 -2.03 -17.37
CA GLU B 71 -7.68 -0.93 -18.27
C GLU B 71 -9.13 -0.52 -17.98
N ILE B 72 -9.33 0.79 -17.73
CA ILE B 72 -10.64 1.36 -17.46
C ILE B 72 -11.08 2.15 -18.71
N ASP B 73 -12.00 1.55 -19.48
CA ASP B 73 -12.51 2.10 -20.73
C ASP B 73 -13.76 2.96 -20.43
N PHE B 74 -13.55 4.23 -20.05
CA PHE B 74 -14.63 5.14 -19.61
C PHE B 74 -15.72 5.35 -20.68
N GLU B 75 -15.27 5.50 -21.93
CA GLU B 75 -16.15 5.82 -23.07
C GLU B 75 -17.19 4.70 -23.38
N THR B 76 -16.88 3.44 -23.01
CA THR B 76 -17.83 2.31 -23.17
C THR B 76 -18.48 1.93 -21.81
N LEU B 77 -17.80 2.31 -20.69
CA LEU B 77 -18.36 2.21 -19.33
C LEU B 77 -19.57 3.16 -19.22
N LYS B 78 -20.61 2.71 -18.51
CA LYS B 78 -21.87 3.46 -18.34
C LYS B 78 -21.61 4.87 -17.75
N PRO B 79 -22.20 5.96 -18.33
CA PRO B 79 -21.97 7.37 -17.86
C PRO B 79 -22.30 7.57 -16.36
N THR B 80 -23.15 6.68 -15.83
CA THR B 80 -23.46 6.58 -14.40
C THR B 80 -22.18 6.32 -13.57
N THR B 81 -21.40 5.32 -14.04
CA THR B 81 -20.16 4.85 -13.39
C THR B 81 -19.06 5.94 -13.40
N LEU B 82 -19.02 6.73 -14.50
CA LEU B 82 -18.05 7.82 -14.68
C LEU B 82 -18.37 8.97 -13.72
N ARG B 83 -19.67 9.30 -13.63
CA ARG B 83 -20.15 10.37 -12.75
C ARG B 83 -19.95 9.99 -11.27
N GLU B 84 -20.25 8.73 -10.91
CA GLU B 84 -20.12 8.25 -9.52
C GLU B 84 -18.64 8.05 -9.13
N LEU B 85 -17.77 7.82 -10.12
CA LEU B 85 -16.30 7.77 -9.90
C LEU B 85 -15.82 9.18 -9.54
N GLU B 86 -16.24 10.16 -10.34
CA GLU B 86 -15.95 11.60 -10.13
C GLU B 86 -16.42 12.06 -8.74
N ARG B 87 -17.68 11.74 -8.41
CA ARG B 87 -18.33 12.15 -7.15
C ARG B 87 -17.68 11.45 -5.95
N TYR B 88 -17.24 10.19 -6.16
CA TYR B 88 -16.53 9.41 -5.13
C TYR B 88 -15.20 10.08 -4.78
N VAL B 89 -14.38 10.38 -5.80
CA VAL B 89 -12.99 10.85 -5.61
C VAL B 89 -12.93 12.32 -5.11
N LYS B 90 -13.87 13.17 -5.56
CA LYS B 90 -13.88 14.61 -5.18
C LYS B 90 -14.42 14.79 -3.76
N SER B 91 -15.41 13.95 -3.38
CA SER B 91 -15.91 13.87 -2.00
C SER B 91 -14.92 13.10 -1.09
N CYS B 92 -14.00 12.34 -1.71
CA CYS B 92 -12.97 11.56 -0.98
C CYS B 92 -11.89 12.50 -0.40
N LEU B 93 -11.42 13.48 -1.21
CA LEU B 93 -10.36 14.43 -0.79
C LEU B 93 -10.92 15.82 -0.38
N GLN B 94 -12.03 16.24 -1.02
CA GLN B 94 -12.71 17.54 -0.78
C GLN B 94 -11.73 18.74 -0.77
N LYS B 95 -10.90 18.83 -1.82
CA LYS B 95 -9.79 19.80 -1.89
C LYS B 95 -9.48 20.15 -3.33
N LYS B 96 -8.98 21.37 -3.55
CA LYS B 96 -8.46 21.83 -4.84
C LYS B 96 -6.92 21.72 -4.79
N HIS A 1 39.02 29.79 18.72
CA HIS A 1 38.53 28.41 18.86
C HIS A 1 38.88 27.58 17.61
N HIS A 2 39.73 26.56 17.81
CA HIS A 2 40.10 25.55 16.78
C HIS A 2 40.36 24.22 17.49
N HIS A 3 39.30 23.41 17.69
CA HIS A 3 39.40 22.11 18.38
C HIS A 3 38.50 21.09 17.67
N HIS A 4 39.13 20.08 17.07
CA HIS A 4 38.45 18.97 16.41
C HIS A 4 38.27 17.82 17.41
N HIS A 5 37.07 17.75 18.03
CA HIS A 5 36.67 16.63 18.90
C HIS A 5 36.05 15.52 18.04
N HIS A 6 36.87 14.51 17.69
CA HIS A 6 36.45 13.41 16.82
C HIS A 6 35.78 12.32 17.65
N SER A 7 34.45 12.43 17.81
CA SER A 7 33.68 11.44 18.54
C SER A 7 33.37 10.24 17.62
N HIS A 8 34.10 9.14 17.85
CA HIS A 8 33.83 7.81 17.24
C HIS A 8 33.25 6.86 18.30
N MET A 9 32.48 5.87 17.85
CA MET A 9 31.88 4.85 18.74
C MET A 9 32.84 3.66 18.86
N VAL A 10 32.96 3.11 20.08
CA VAL A 10 33.69 1.85 20.32
C VAL A 10 32.84 0.67 19.81
N GLY A 11 33.47 -0.21 19.00
CA GLY A 11 32.79 -1.34 18.36
C GLY A 11 32.63 -1.15 16.85
N ASP A 12 32.97 0.05 16.35
CA ASP A 12 32.88 0.37 14.91
C ASP A 12 33.86 -0.48 14.09
N THR A 13 33.40 -0.92 12.90
CA THR A 13 34.24 -1.58 11.90
C THR A 13 34.95 -0.48 11.10
N VAL A 14 36.29 -0.46 11.19
CA VAL A 14 37.11 0.62 10.63
C VAL A 14 38.30 0.05 9.84
N TRP A 15 39.08 0.97 9.24
CA TRP A 15 40.30 0.68 8.49
C TRP A 15 41.41 1.57 9.05
N VAL A 16 42.54 0.97 9.42
CA VAL A 16 43.69 1.68 10.01
C VAL A 16 44.75 1.96 8.95
N ARG A 17 45.22 3.22 8.90
CA ARG A 17 46.28 3.66 7.96
C ARG A 17 47.56 2.82 8.14
N ARG A 18 48.19 2.42 7.02
CA ARG A 18 49.58 1.93 7.02
C ARG A 18 50.50 3.08 7.47
N HIS A 19 51.07 2.96 8.69
CA HIS A 19 51.89 4.01 9.32
C HIS A 19 53.18 4.23 8.52
N GLN A 20 53.14 5.21 7.60
CA GLN A 20 54.29 5.61 6.76
C GLN A 20 54.39 7.15 6.76
N THR A 21 55.47 7.67 6.16
CA THR A 21 55.80 9.09 6.16
C THR A 21 54.89 9.89 5.18
N LYS A 22 53.68 10.27 5.68
CA LYS A 22 52.67 11.10 4.96
C LYS A 22 52.16 10.43 3.65
N ASN A 23 52.41 9.11 3.52
CA ASN A 23 52.12 8.34 2.30
C ASN A 23 50.61 8.18 2.06
N LEU A 24 50.14 8.74 0.93
CA LEU A 24 48.71 8.74 0.55
C LEU A 24 48.36 7.56 -0.39
N GLU A 25 49.37 7.08 -1.16
CA GLU A 25 49.22 5.95 -2.11
C GLU A 25 48.94 4.60 -1.39
N PRO A 26 49.71 4.20 -0.30
CA PRO A 26 49.33 3.05 0.57
C PRO A 26 47.97 3.28 1.26
N ARG A 27 47.07 2.29 1.15
CA ARG A 27 45.75 2.36 1.75
C ARG A 27 45.75 1.82 3.19
N TRP A 28 44.59 1.95 3.82
CA TRP A 28 44.29 1.42 5.16
C TRP A 28 43.85 -0.06 5.08
N LYS A 29 44.14 -0.83 6.15
CA LYS A 29 43.85 -2.28 6.22
C LYS A 29 42.86 -2.57 7.36
N GLY A 30 42.27 -3.76 7.29
CA GLY A 30 41.27 -4.21 8.25
C GLY A 30 40.45 -5.37 7.68
N PRO A 31 39.10 -5.48 7.94
CA PRO A 31 38.36 -4.54 8.84
C PRO A 31 38.56 -4.89 10.33
N TYR A 32 38.80 -3.85 11.13
CA TYR A 32 39.11 -3.98 12.56
C TYR A 32 37.93 -3.49 13.41
N THR A 33 37.86 -3.96 14.66
CA THR A 33 36.82 -3.58 15.62
C THR A 33 37.42 -2.68 16.70
N VAL A 34 36.89 -1.45 16.85
CA VAL A 34 37.39 -0.46 17.83
C VAL A 34 37.19 -1.00 19.27
N LEU A 35 38.30 -1.13 20.02
CA LEU A 35 38.29 -1.63 21.42
C LEU A 35 38.32 -0.48 22.43
N LEU A 36 39.05 0.59 22.08
CA LEU A 36 39.30 1.76 22.95
C LEU A 36 39.04 3.06 22.17
N THR A 37 38.45 4.08 22.83
CA THR A 37 38.12 5.38 22.22
C THR A 37 38.53 6.54 23.14
N THR A 38 39.27 7.50 22.57
CA THR A 38 39.65 8.77 23.23
C THR A 38 39.15 9.95 22.34
N PRO A 39 39.09 11.24 22.86
CA PRO A 39 38.58 12.40 22.07
C PRO A 39 39.52 12.90 20.93
N THR A 40 40.52 12.09 20.55
CA THR A 40 41.57 12.45 19.57
C THR A 40 42.13 11.21 18.83
N ALA A 41 42.13 10.05 19.53
CA ALA A 41 42.65 8.77 19.01
C ALA A 41 41.69 7.62 19.36
N LEU A 42 42.00 6.40 18.89
CA LEU A 42 41.25 5.18 19.17
C LEU A 42 42.16 3.97 18.96
N LYS A 43 41.97 2.90 19.74
CA LYS A 43 42.69 1.63 19.53
C LYS A 43 41.69 0.59 19.01
N VAL A 44 42.16 -0.33 18.16
CA VAL A 44 41.30 -1.38 17.53
C VAL A 44 41.97 -2.76 17.67
N ASP A 45 41.20 -3.81 17.40
CA ASP A 45 41.63 -5.22 17.48
C ASP A 45 42.40 -5.61 16.23
N GLY A 46 43.58 -6.24 16.42
CA GLY A 46 44.38 -6.78 15.31
C GLY A 46 45.64 -6.00 15.02
N ILE A 47 45.55 -4.67 15.12
CA ILE A 47 46.66 -3.76 14.73
C ILE A 47 47.69 -3.64 15.88
N ALA A 48 47.23 -3.89 17.13
CA ALA A 48 48.09 -3.93 18.35
C ALA A 48 48.75 -2.57 18.68
N ALA A 49 48.15 -1.47 18.20
CA ALA A 49 48.68 -0.11 18.38
C ALA A 49 47.54 0.91 18.39
N TRP A 50 47.78 2.08 19.00
CA TRP A 50 46.84 3.21 18.97
C TRP A 50 46.94 3.92 17.61
N ILE A 51 45.78 4.38 17.12
CA ILE A 51 45.64 5.07 15.84
C ILE A 51 45.02 6.45 16.11
N HIS A 52 45.47 7.50 15.42
CA HIS A 52 44.86 8.84 15.52
C HIS A 52 43.65 8.91 14.58
N ALA A 53 42.70 9.80 14.90
CA ALA A 53 41.43 9.96 14.16
C ALA A 53 41.64 10.53 12.73
N ALA A 54 42.84 11.07 12.48
CA ALA A 54 43.25 11.56 11.15
C ALA A 54 43.75 10.42 10.25
N HIS A 55 43.88 9.21 10.82
CA HIS A 55 44.50 8.04 10.15
C HIS A 55 43.60 6.79 10.24
N VAL A 56 42.27 6.99 10.25
CA VAL A 56 41.30 5.90 10.38
C VAL A 56 40.07 6.21 9.50
N LYS A 57 39.40 5.16 8.99
CA LYS A 57 38.19 5.33 8.16
C LYS A 57 37.11 4.30 8.56
N ALA A 58 35.89 4.78 8.85
CA ALA A 58 34.76 3.93 9.25
C ALA A 58 34.17 3.18 8.04
N ALA A 59 34.27 1.85 8.06
CA ALA A 59 33.65 0.96 7.05
C ALA A 59 32.12 1.03 7.15
N ASP A 60 31.45 1.14 5.99
CA ASP A 60 29.97 1.19 5.93
C ASP A 60 29.37 -0.17 6.38
N PRO A 61 28.20 -0.19 7.12
CA PRO A 61 27.52 -1.44 7.52
C PRO A 61 26.75 -2.10 6.35
N GLY A 62 26.38 -1.27 5.35
CA GLY A 62 25.53 -1.68 4.24
C GLY A 62 24.07 -1.83 4.62
N GLY A 63 23.25 -2.24 3.64
CA GLY A 63 21.81 -2.47 3.84
C GLY A 63 20.96 -1.42 3.15
N GLY A 64 19.89 -1.86 2.49
CA GLY A 64 18.99 -0.99 1.76
C GLY A 64 17.97 -1.80 0.96
N PRO A 65 16.88 -2.32 1.62
CA PRO A 65 15.82 -3.12 0.94
C PRO A 65 14.88 -2.25 0.07
N SER A 66 14.27 -2.88 -0.96
CA SER A 66 13.32 -2.23 -1.88
C SER A 66 12.40 -3.30 -2.48
N SER A 67 11.11 -3.27 -2.10
CA SER A 67 10.11 -4.25 -2.57
C SER A 67 8.71 -3.63 -2.43
N ARG A 68 7.98 -3.58 -3.56
CA ARG A 68 6.63 -2.99 -3.62
C ARG A 68 5.95 -3.39 -4.95
N LEU A 69 4.64 -3.21 -5.06
CA LEU A 69 3.88 -3.30 -6.33
C LEU A 69 2.85 -2.16 -6.36
N THR A 70 2.79 -1.49 -7.50
CA THR A 70 1.89 -0.35 -7.73
C THR A 70 1.41 -0.40 -9.20
N TRP A 71 0.42 0.41 -9.55
CA TRP A 71 0.01 0.61 -10.95
C TRP A 71 0.83 1.76 -11.55
N ARG A 72 0.86 1.85 -12.90
CA ARG A 72 1.52 2.96 -13.60
C ARG A 72 0.68 3.35 -14.83
N VAL A 73 0.34 4.64 -14.93
CA VAL A 73 -0.42 5.18 -16.08
C VAL A 73 0.52 5.27 -17.29
N GLN A 74 0.40 4.32 -18.23
CA GLN A 74 1.06 4.41 -19.54
C GLN A 74 0.17 5.27 -20.46
N ARG A 75 0.79 6.26 -21.12
CA ARG A 75 0.11 7.05 -22.16
C ARG A 75 -0.19 6.08 -23.31
N SER A 76 -1.46 5.82 -23.53
CA SER A 76 -1.94 4.80 -24.47
C SER A 76 -2.34 5.45 -25.81
N GLN A 77 -2.58 4.60 -26.83
CA GLN A 77 -3.10 5.03 -28.15
C GLN A 77 -4.64 5.22 -28.13
N ASN A 78 -5.22 5.30 -26.92
CA ASN A 78 -6.66 5.46 -26.68
C ASN A 78 -7.04 6.96 -26.63
N PRO A 79 -8.31 7.33 -27.02
CA PRO A 79 -8.75 8.75 -27.06
C PRO A 79 -8.75 9.42 -25.66
N LEU A 80 -9.19 8.67 -24.64
CA LEU A 80 -9.21 9.15 -23.23
C LEU A 80 -9.14 7.99 -22.20
N LYS A 81 -9.12 6.72 -22.68
CA LYS A 81 -8.95 5.53 -21.84
C LYS A 81 -7.44 5.35 -21.53
N ILE A 82 -7.11 4.91 -20.31
CA ILE A 82 -5.69 4.75 -19.88
C ILE A 82 -5.35 3.26 -19.70
N ARG A 83 -4.06 2.97 -19.51
CA ARG A 83 -3.56 1.61 -19.27
C ARG A 83 -2.64 1.57 -18.05
N LEU A 84 -3.11 0.95 -16.96
CA LEU A 84 -2.35 0.76 -15.73
C LEU A 84 -1.62 -0.58 -15.77
N THR A 85 -0.28 -0.56 -15.67
CA THR A 85 0.55 -1.76 -15.67
C THR A 85 1.12 -2.00 -14.27
N ARG A 86 1.45 -3.26 -13.96
CA ARG A 86 2.08 -3.63 -12.68
C ARG A 86 3.54 -3.15 -12.67
N GLU A 87 3.81 -2.04 -11.96
CA GLU A 87 5.16 -1.48 -11.84
C GLU A 87 5.87 -1.98 -10.57
N ALA A 88 7.14 -2.40 -10.75
CA ALA A 88 8.08 -2.73 -9.67
C ALA A 88 8.83 -1.44 -9.21
N PRO A 89 9.28 -1.33 -7.93
CA PRO A 89 10.03 -0.14 -7.42
C PRO A 89 11.47 -0.06 -8.02
N HIS B 1 -45.95 -18.31 38.21
CA HIS B 1 -45.96 -18.20 36.73
C HIS B 1 -45.36 -16.85 36.28
N HIS B 2 -44.19 -16.87 35.63
CA HIS B 2 -43.54 -15.66 35.10
C HIS B 2 -43.12 -15.88 33.64
N HIS B 3 -43.33 -14.86 32.81
CA HIS B 3 -42.99 -14.86 31.38
C HIS B 3 -43.18 -13.43 30.83
N HIS B 4 -42.38 -13.06 29.83
CA HIS B 4 -42.46 -11.74 29.19
C HIS B 4 -41.69 -11.78 27.87
N HIS B 5 -42.43 -11.77 26.75
CA HIS B 5 -41.86 -11.77 25.39
C HIS B 5 -42.88 -11.19 24.40
N HIS B 6 -42.42 -10.22 23.59
CA HIS B 6 -43.15 -9.69 22.42
C HIS B 6 -42.13 -9.39 21.30
N SER B 7 -42.15 -10.19 20.23
CA SER B 7 -41.26 -10.04 19.08
C SER B 7 -42.06 -9.74 17.80
N HIS B 8 -42.08 -8.45 17.41
CA HIS B 8 -42.78 -7.96 16.22
C HIS B 8 -42.23 -6.56 15.86
N MET B 9 -41.26 -6.51 14.95
CA MET B 9 -40.66 -5.24 14.50
C MET B 9 -41.18 -4.88 13.10
N GLY B 10 -41.47 -3.57 12.88
CA GLY B 10 -42.01 -3.08 11.62
C GLY B 10 -43.54 -3.30 11.50
N LYS B 11 -44.27 -2.26 11.07
CA LYS B 11 -45.70 -2.39 10.70
C LYS B 11 -46.04 -1.41 9.57
N GLN B 12 -45.00 -0.88 8.89
CA GLN B 12 -45.16 0.06 7.77
C GLN B 12 -45.16 -0.70 6.42
N ALA B 13 -45.96 -0.20 5.47
CA ALA B 13 -46.09 -0.74 4.11
C ALA B 13 -46.63 0.38 3.20
N SER B 14 -45.70 1.18 2.65
CA SER B 14 -46.00 2.36 1.83
C SER B 14 -44.68 2.89 1.24
N ALA B 15 -44.60 2.96 -0.11
CA ALA B 15 -43.41 3.46 -0.82
C ALA B 15 -43.82 4.12 -2.14
N SER B 16 -42.99 5.05 -2.61
CA SER B 16 -43.21 5.80 -3.85
C SER B 16 -41.85 6.06 -4.51
N TYR B 17 -41.81 6.05 -5.87
CA TYR B 17 -40.54 6.16 -6.63
C TYR B 17 -39.82 7.49 -6.31
N ASP B 18 -38.48 7.42 -6.12
CA ASP B 18 -37.65 8.62 -5.88
C ASP B 18 -37.64 9.52 -7.13
N SER B 19 -37.35 8.87 -8.25
CA SER B 19 -37.39 9.44 -9.59
C SER B 19 -37.77 8.28 -10.53
N GLU B 20 -38.67 8.56 -11.50
CA GLU B 20 -39.06 7.59 -12.55
C GLU B 20 -37.80 7.04 -13.22
N GLU B 21 -36.94 7.97 -13.68
CA GLU B 21 -35.56 7.72 -14.11
C GLU B 21 -35.53 6.69 -15.25
N GLU B 22 -35.73 7.20 -16.47
CA GLU B 22 -35.81 6.38 -17.70
C GLU B 22 -34.40 6.18 -18.29
N GLU B 23 -33.58 7.24 -18.18
CA GLU B 23 -32.15 7.20 -18.50
C GLU B 23 -31.37 6.65 -17.28
N GLU B 24 -30.44 5.72 -17.52
CA GLU B 24 -29.72 5.01 -16.43
C GLU B 24 -28.89 6.00 -15.56
N GLY B 25 -28.31 7.00 -16.24
CA GLY B 25 -27.49 8.00 -15.58
C GLY B 25 -26.39 8.50 -16.51
N LEU B 26 -26.80 9.20 -17.59
CA LEU B 26 -25.87 9.83 -18.58
C LEU B 26 -26.13 11.35 -18.77
N PRO B 27 -26.11 12.20 -17.67
CA PRO B 27 -26.29 13.67 -17.81
C PRO B 27 -24.97 14.36 -18.23
N MET B 28 -23.88 13.58 -18.28
CA MET B 28 -22.52 14.06 -18.55
C MET B 28 -22.12 13.77 -20.00
N SER B 29 -21.62 14.81 -20.68
CA SER B 29 -21.16 14.75 -22.07
C SER B 29 -19.77 14.10 -22.18
N TYR B 30 -19.25 14.02 -23.42
CA TYR B 30 -17.89 13.52 -23.71
C TYR B 30 -16.83 14.45 -23.08
N ASP B 31 -17.12 15.77 -23.11
CA ASP B 31 -16.27 16.83 -22.52
C ASP B 31 -16.11 16.65 -21.00
N GLU B 32 -17.21 16.20 -20.34
CA GLU B 32 -17.21 15.85 -18.90
C GLU B 32 -16.26 14.66 -18.62
N LYS B 33 -16.45 13.59 -19.41
CA LYS B 33 -15.71 12.33 -19.29
C LYS B 33 -14.19 12.56 -19.52
N ARG B 34 -13.88 13.48 -20.45
CA ARG B 34 -12.50 13.91 -20.74
C ARG B 34 -11.88 14.63 -19.53
N GLN B 35 -12.65 15.55 -18.94
CA GLN B 35 -12.17 16.42 -17.84
C GLN B 35 -11.96 15.63 -16.54
N LEU B 36 -12.88 14.69 -16.22
CA LEU B 36 -12.76 13.90 -14.98
C LEU B 36 -11.56 12.95 -15.08
N SER B 37 -11.43 12.20 -16.22
CA SER B 37 -10.32 11.23 -16.43
C SER B 37 -8.94 11.94 -16.39
N LEU B 38 -8.92 13.19 -16.89
CA LEU B 38 -7.76 14.09 -16.83
C LEU B 38 -7.42 14.48 -15.38
N ASP B 39 -8.43 14.99 -14.66
CA ASP B 39 -8.25 15.55 -13.30
C ASP B 39 -7.91 14.43 -12.30
N ILE B 40 -8.29 13.21 -12.67
CA ILE B 40 -7.98 11.99 -11.90
C ILE B 40 -6.54 11.54 -12.22
N ASN B 41 -6.14 11.69 -13.50
CA ASN B 41 -4.76 11.46 -13.97
C ASN B 41 -3.75 12.41 -13.23
N ARG B 42 -4.24 13.60 -12.85
CA ARG B 42 -3.44 14.62 -12.14
C ARG B 42 -3.15 14.24 -10.66
N LEU B 43 -3.98 13.36 -10.09
CA LEU B 43 -3.82 12.86 -8.71
C LEU B 43 -2.61 11.89 -8.62
N PRO B 44 -1.93 11.75 -7.42
CA PRO B 44 -0.76 10.83 -7.24
C PRO B 44 -1.19 9.34 -7.20
N GLY B 45 -0.42 8.48 -6.49
CA GLY B 45 -0.70 7.04 -6.41
C GLY B 45 -2.10 6.70 -5.88
N GLU B 46 -2.74 7.69 -5.20
CA GLU B 46 -4.10 7.57 -4.65
C GLU B 46 -5.13 7.21 -5.74
N LYS B 47 -5.00 7.82 -6.94
CA LYS B 47 -5.94 7.58 -8.05
C LYS B 47 -5.81 6.17 -8.62
N LEU B 48 -4.61 5.56 -8.47
CA LEU B 48 -4.35 4.20 -8.94
C LEU B 48 -5.19 3.22 -8.10
N GLY B 49 -5.04 3.32 -6.77
CA GLY B 49 -5.78 2.45 -5.84
C GLY B 49 -7.29 2.69 -5.90
N ARG B 50 -7.69 3.97 -5.96
CA ARG B 50 -9.12 4.38 -5.98
C ARG B 50 -9.81 3.90 -7.28
N VAL B 51 -9.20 4.18 -8.46
CA VAL B 51 -9.87 3.91 -9.75
C VAL B 51 -10.06 2.40 -9.97
N VAL B 52 -9.02 1.59 -9.63
CA VAL B 52 -9.04 0.12 -9.77
C VAL B 52 -10.07 -0.49 -8.82
N HIS B 53 -10.10 0.02 -7.57
CA HIS B 53 -11.04 -0.46 -6.54
C HIS B 53 -12.51 -0.24 -6.99
N ILE B 54 -12.79 0.95 -7.56
CA ILE B 54 -14.15 1.34 -7.98
C ILE B 54 -14.61 0.53 -9.20
N ILE B 55 -13.78 0.45 -10.27
CA ILE B 55 -14.15 -0.29 -11.50
C ILE B 55 -14.25 -1.82 -11.24
N GLN B 56 -13.35 -2.41 -10.40
CA GLN B 56 -13.39 -3.86 -10.11
C GLN B 56 -14.59 -4.24 -9.23
N SER B 57 -14.94 -3.32 -8.29
CA SER B 57 -16.10 -3.51 -7.39
C SER B 57 -17.42 -3.34 -8.16
N ARG B 58 -17.38 -2.56 -9.26
CA ARG B 58 -18.56 -2.25 -10.08
C ARG B 58 -18.74 -3.32 -11.19
N GLU B 59 -17.60 -3.87 -11.64
CA GLU B 59 -17.53 -4.85 -12.73
C GLU B 59 -16.09 -5.45 -12.77
N PRO B 60 -15.88 -6.72 -12.28
CA PRO B 60 -14.56 -7.40 -12.33
C PRO B 60 -14.05 -7.53 -13.78
N SER B 61 -12.83 -7.04 -14.01
CA SER B 61 -12.27 -6.83 -15.35
C SER B 61 -10.87 -7.49 -15.47
N LEU B 62 -9.88 -6.97 -14.69
CA LEU B 62 -8.47 -7.45 -14.78
C LEU B 62 -8.36 -8.94 -14.49
N ARG B 63 -9.21 -9.41 -13.56
CA ARG B 63 -9.20 -10.79 -13.06
C ARG B 63 -9.55 -11.77 -14.20
N ASP B 64 -10.49 -11.35 -15.07
CA ASP B 64 -10.97 -12.19 -16.19
C ASP B 64 -9.89 -12.35 -17.26
N SER B 65 -9.19 -11.25 -17.57
CA SER B 65 -8.21 -11.19 -18.64
C SER B 65 -7.01 -10.33 -18.21
N ASN B 66 -5.92 -11.04 -17.82
CA ASN B 66 -4.61 -10.44 -17.48
C ASN B 66 -4.70 -9.56 -16.21
N PRO B 67 -4.67 -10.15 -14.97
CA PRO B 67 -4.72 -9.38 -13.68
C PRO B 67 -3.41 -8.62 -13.37
N ASP B 68 -2.41 -8.78 -14.26
CA ASP B 68 -1.13 -8.06 -14.20
C ASP B 68 -1.31 -6.59 -14.62
N GLU B 69 -2.36 -6.32 -15.41
CA GLU B 69 -2.69 -4.98 -15.91
C GLU B 69 -4.19 -4.73 -15.78
N ILE B 70 -4.59 -3.47 -15.77
CA ILE B 70 -5.99 -3.05 -15.79
C ILE B 70 -6.12 -1.79 -16.64
N GLU B 71 -7.06 -1.82 -17.57
CA GLU B 71 -7.38 -0.67 -18.42
C GLU B 71 -8.80 -0.25 -18.07
N ILE B 72 -8.96 1.00 -17.63
CA ILE B 72 -10.28 1.52 -17.27
C ILE B 72 -10.88 2.15 -18.53
N ASP B 73 -11.81 1.40 -19.15
CA ASP B 73 -12.42 1.77 -20.44
C ASP B 73 -13.55 2.78 -20.18
N PHE B 74 -13.20 4.07 -19.99
CA PHE B 74 -14.20 5.12 -19.61
C PHE B 74 -15.30 5.30 -20.67
N GLU B 75 -14.90 5.19 -21.94
CA GLU B 75 -15.78 5.46 -23.08
C GLU B 75 -16.89 4.40 -23.24
N THR B 76 -16.59 3.12 -22.91
CA THR B 76 -17.56 2.02 -23.02
C THR B 76 -18.06 1.56 -21.63
N LEU B 77 -17.48 2.14 -20.55
CA LEU B 77 -17.92 1.91 -19.15
C LEU B 77 -19.33 2.50 -18.99
N LYS B 78 -20.13 1.91 -18.07
CA LYS B 78 -21.48 2.38 -17.79
C LYS B 78 -21.43 3.85 -17.29
N PRO B 79 -22.22 4.79 -17.91
CA PRO B 79 -22.17 6.24 -17.59
C PRO B 79 -22.53 6.54 -16.11
N THR B 80 -23.22 5.58 -15.48
CA THR B 80 -23.50 5.60 -14.05
C THR B 80 -22.17 5.62 -13.25
N THR B 81 -21.26 4.69 -13.59
CA THR B 81 -19.97 4.51 -12.90
C THR B 81 -19.06 5.74 -13.08
N LEU B 82 -19.17 6.39 -14.25
CA LEU B 82 -18.48 7.67 -14.54
C LEU B 82 -18.94 8.76 -13.57
N ARG B 83 -20.28 8.81 -13.34
CA ARG B 83 -20.92 9.83 -12.49
C ARG B 83 -20.66 9.54 -10.99
N GLU B 84 -20.54 8.24 -10.65
CA GLU B 84 -20.25 7.77 -9.28
C GLU B 84 -18.80 8.13 -8.90
N LEU B 85 -17.87 7.91 -9.85
CA LEU B 85 -16.44 8.28 -9.69
C LEU B 85 -16.30 9.80 -9.57
N GLU B 86 -17.03 10.53 -10.43
CA GLU B 86 -17.05 12.00 -10.52
C GLU B 86 -17.41 12.60 -9.15
N ARG B 87 -18.62 12.26 -8.65
CA ARG B 87 -19.16 12.81 -7.40
C ARG B 87 -18.34 12.37 -6.17
N TYR B 88 -17.82 11.11 -6.23
CA TYR B 88 -17.03 10.51 -5.13
C TYR B 88 -15.79 11.35 -4.83
N VAL B 89 -15.00 11.62 -5.87
CA VAL B 89 -13.70 12.28 -5.75
C VAL B 89 -13.83 13.78 -5.39
N LYS B 90 -14.71 14.53 -6.09
CA LYS B 90 -14.81 16.01 -5.92
C LYS B 90 -15.43 16.37 -4.55
N SER B 91 -16.28 15.47 -4.03
CA SER B 91 -16.86 15.60 -2.69
C SER B 91 -15.87 15.13 -1.59
N CYS B 92 -14.89 14.29 -1.97
CA CYS B 92 -13.90 13.73 -1.02
C CYS B 92 -12.73 14.71 -0.76
N LEU B 93 -12.17 15.29 -1.85
CA LEU B 93 -11.02 16.22 -1.72
C LEU B 93 -11.49 17.69 -1.60
N GLN B 94 -12.59 18.05 -2.31
CA GLN B 94 -13.16 19.43 -2.35
C GLN B 94 -12.10 20.54 -2.60
N LYS B 95 -11.00 20.17 -3.26
CA LYS B 95 -9.83 21.06 -3.46
C LYS B 95 -10.00 21.93 -4.70
N LYS B 96 -9.40 23.13 -4.64
CA LYS B 96 -9.38 24.09 -5.73
C LYS B 96 -7.96 24.72 -5.75
#